data_5OAC
#
_entry.id   5OAC
#
_cell.length_a   1.000
_cell.length_b   1.000
_cell.length_c   1.000
_cell.angle_alpha   90.00
_cell.angle_beta   90.00
_cell.angle_gamma   90.00
#
_symmetry.space_group_name_H-M   'P 1'
#
_entity_poly.entity_id   1
_entity_poly.type   'polypeptide(L)'
_entity_poly.pdbx_seq_one_letter_code
;MTIKYLSSETEKLMNQTVSGIDVCFTLIGVDDDSFASGSKNDYISDTPKFLDPSNVHIKATLKRGGKDYVLFSENLALLA
KYSTITQGRDQWEEGVKLAAKEMVHLVYIPFSGNTNWPAHINLKDNDVLEVYVNVVRGAYGAELDANACICDVRTSPSIG
VEKFIPFMTSYSIRANQATDLVNLGNDVTRIALLSMTNDVSNIPNAFTDVTLSSDRLDKNFNSNQLILEHSKCIEDSVRS
HANEVDSYLIHEDIEIDSAKVHLKMNPAKIRENTIYLVRSHFQTSLEILQKAVAMEEKHQSADIAKVPAT
;
_entity_poly.pdbx_strand_id   A,B,C,D,E,F,G,H,I,J
#
# COMPACT_ATOMS: atom_id res chain seq x y z
N MET A 1 60.02 17.25 -19.08
CA MET A 1 61.07 18.22 -19.37
C MET A 1 60.54 19.63 -19.20
N THR A 2 61.45 20.59 -19.01
CA THR A 2 61.12 22.00 -19.05
C THR A 2 62.15 22.70 -19.93
N ILE A 3 61.68 23.48 -20.89
CA ILE A 3 62.55 24.06 -21.91
C ILE A 3 62.46 25.57 -21.82
N LYS A 4 63.62 26.23 -21.80
CA LYS A 4 63.68 27.67 -21.75
C LYS A 4 63.60 28.24 -23.17
N TYR A 5 63.88 29.53 -23.30
CA TYR A 5 63.95 30.18 -24.60
C TYR A 5 65.35 30.04 -25.18
N LEU A 6 65.42 29.98 -26.52
CA LEU A 6 66.64 29.70 -27.27
C LEU A 6 67.30 28.40 -26.83
N SER A 7 66.48 27.38 -26.59
CA SER A 7 66.93 26.18 -25.89
C SER A 7 66.61 24.94 -26.69
N SER A 8 67.51 23.99 -26.67
CA SER A 8 67.31 22.66 -27.25
C SER A 8 67.14 21.64 -26.14
N GLU A 9 66.52 20.52 -26.47
CA GLU A 9 66.26 19.49 -25.47
C GLU A 9 65.97 18.16 -26.15
N THR A 10 66.58 17.10 -25.63
CA THR A 10 66.27 15.75 -26.05
C THR A 10 65.48 15.04 -24.96
N GLU A 11 65.07 13.82 -25.26
CA GLU A 11 64.28 12.98 -24.36
C GLU A 11 64.34 11.56 -24.89
N LYS A 12 64.43 10.59 -23.99
CA LYS A 12 64.40 9.19 -24.38
C LYS A 12 63.37 8.45 -23.56
N LEU A 13 62.92 7.31 -24.09
CA LEU A 13 61.96 6.43 -23.43
C LEU A 13 62.40 5.02 -23.74
N MET A 14 62.81 4.26 -22.73
CA MET A 14 63.36 2.94 -23.01
C MET A 14 62.32 1.83 -22.85
N ASN A 15 61.41 1.97 -21.90
CA ASN A 15 60.35 0.99 -21.69
C ASN A 15 59.10 1.70 -21.21
N GLN A 16 58.09 1.72 -22.07
CA GLN A 16 56.77 2.24 -21.72
C GLN A 16 55.73 1.43 -22.47
N THR A 17 54.49 1.86 -22.34
CA THR A 17 53.45 1.62 -23.33
C THR A 17 52.97 3.03 -23.66
N VAL A 18 53.67 3.67 -24.58
CA VAL A 18 53.59 5.12 -24.76
C VAL A 18 52.82 5.42 -26.04
N SER A 19 51.99 6.47 -25.99
CA SER A 19 51.22 6.89 -27.15
C SER A 19 50.87 8.37 -26.96
N GLY A 20 51.49 9.22 -27.76
CA GLY A 20 51.09 10.61 -27.77
C GLY A 20 52.02 11.50 -26.97
N ILE A 21 52.12 12.74 -27.42
CA ILE A 21 53.00 13.74 -26.81
C ILE A 21 52.13 14.90 -26.35
N ASP A 22 52.20 15.20 -25.06
CA ASP A 22 51.61 16.42 -24.54
C ASP A 22 52.53 17.59 -24.83
N VAL A 23 51.91 18.75 -25.04
CA VAL A 23 52.61 20.03 -25.00
C VAL A 23 51.81 20.95 -24.10
N CYS A 24 52.39 21.34 -22.96
CA CYS A 24 51.85 22.41 -22.13
C CYS A 24 52.67 23.65 -22.43
N PHE A 25 52.15 24.80 -22.07
CA PHE A 25 52.87 26.06 -22.11
C PHE A 25 52.71 26.79 -20.79
N THR A 26 53.43 27.90 -20.65
CA THR A 26 53.25 28.82 -19.55
C THR A 26 53.73 30.19 -20.00
N LEU A 27 52.82 31.15 -20.08
CA LEU A 27 53.14 32.47 -20.56
C LEU A 27 53.10 33.46 -19.42
N ILE A 28 54.13 34.31 -19.34
CA ILE A 28 54.26 35.28 -18.26
C ILE A 28 54.22 36.67 -18.88
N GLY A 29 53.24 37.46 -18.48
CA GLY A 29 53.05 38.78 -19.04
C GLY A 29 53.99 39.82 -18.45
N VAL A 30 54.40 40.75 -19.32
CA VAL A 30 55.15 41.91 -18.86
C VAL A 30 54.23 42.85 -18.09
N ASP A 31 53.01 43.03 -18.57
CA ASP A 31 52.05 43.94 -17.98
C ASP A 31 50.69 43.25 -17.95
N ASP A 32 49.70 43.92 -17.37
CA ASP A 32 48.36 43.36 -17.33
C ASP A 32 47.67 43.40 -18.68
N ASP A 33 47.88 44.47 -19.44
CA ASP A 33 47.26 44.59 -20.76
C ASP A 33 47.90 43.66 -21.79
N SER A 34 49.03 43.04 -21.48
CA SER A 34 49.52 41.92 -22.26
C SER A 34 48.54 40.76 -22.21
N PHE A 35 47.91 40.55 -21.06
CA PHE A 35 46.80 39.61 -20.94
C PHE A 35 45.48 40.30 -20.66
N ALA A 36 45.25 41.45 -21.29
CA ALA A 36 43.91 42.03 -21.30
C ALA A 36 42.92 41.10 -21.98
N SER A 37 43.20 40.71 -23.21
CA SER A 37 42.42 39.71 -23.91
C SER A 37 43.17 38.38 -23.88
N GLY A 38 42.64 37.40 -24.59
CA GLY A 38 43.30 36.11 -24.65
C GLY A 38 44.52 36.13 -25.55
N SER A 39 45.52 35.33 -25.17
CA SER A 39 46.79 35.27 -25.89
C SER A 39 46.59 34.49 -27.17
N LYS A 40 46.08 35.18 -28.19
CA LYS A 40 45.73 34.53 -29.44
C LYS A 40 46.98 34.26 -30.25
N ASN A 41 47.08 33.03 -30.77
CA ASN A 41 48.30 32.55 -31.42
C ASN A 41 48.42 33.17 -32.80
N ASP A 42 49.32 34.15 -32.93
CA ASP A 42 49.63 34.71 -34.22
C ASP A 42 50.52 33.74 -35.00
N TYR A 43 50.55 33.93 -36.32
CA TYR A 43 51.42 33.14 -37.18
C TYR A 43 52.47 33.98 -37.88
N ILE A 44 52.07 35.02 -38.62
CA ILE A 44 52.97 35.62 -39.59
C ILE A 44 53.86 36.66 -38.95
N SER A 45 53.26 37.77 -38.55
CA SER A 45 53.97 39.02 -38.27
C SER A 45 52.95 40.02 -37.77
N ASP A 46 53.44 41.24 -37.51
CA ASP A 46 52.71 42.48 -37.24
C ASP A 46 52.06 42.50 -35.85
N THR A 47 52.05 41.38 -35.16
CA THR A 47 51.96 41.34 -33.70
C THR A 47 53.06 40.42 -33.20
N PRO A 48 54.30 40.90 -33.11
CA PRO A 48 55.31 40.09 -32.39
C PRO A 48 55.26 40.37 -30.90
N LYS A 49 54.12 40.03 -30.30
CA LYS A 49 53.85 40.25 -28.89
C LYS A 49 53.41 38.96 -28.20
N PHE A 50 52.70 38.11 -28.91
CA PHE A 50 52.11 36.91 -28.36
C PHE A 50 52.85 35.69 -28.89
N LEU A 51 52.29 34.53 -28.55
CA LEU A 51 52.94 33.25 -28.79
C LEU A 51 52.96 32.90 -30.26
N ASP A 52 53.99 32.18 -30.68
CA ASP A 52 54.12 31.67 -32.04
C ASP A 52 54.48 30.19 -31.95
N PRO A 53 53.53 29.29 -32.23
CA PRO A 53 53.83 27.86 -32.21
C PRO A 53 54.48 27.34 -33.47
N SER A 54 54.78 28.21 -34.45
CA SER A 54 55.42 27.73 -35.66
C SER A 54 56.90 27.50 -35.47
N ASN A 55 57.47 28.04 -34.39
CA ASN A 55 58.92 28.02 -34.21
C ASN A 55 59.42 26.77 -33.50
N VAL A 56 58.56 26.08 -32.76
CA VAL A 56 58.96 24.87 -32.04
C VAL A 56 58.97 23.71 -33.02
N HIS A 57 60.16 23.22 -33.36
CA HIS A 57 60.30 22.16 -34.36
C HIS A 57 60.56 20.84 -33.65
N ILE A 58 59.47 20.19 -33.24
CA ILE A 58 59.54 18.92 -32.55
C ILE A 58 59.82 17.81 -33.56
N LYS A 59 60.94 17.11 -33.38
CA LYS A 59 61.26 15.94 -34.18
C LYS A 59 61.24 14.71 -33.27
N ALA A 60 60.65 13.63 -33.76
CA ALA A 60 60.71 12.37 -33.03
C ALA A 60 61.42 11.32 -33.87
N THR A 61 61.93 10.30 -33.21
CA THR A 61 62.51 9.17 -33.92
C THR A 61 62.43 7.94 -33.04
N LEU A 62 62.55 6.78 -33.67
CA LEU A 62 62.50 5.50 -32.98
C LEU A 62 63.72 4.68 -33.37
N LYS A 63 64.61 4.47 -32.41
CA LYS A 63 65.69 3.51 -32.57
C LYS A 63 65.16 2.12 -32.26
N ARG A 64 65.34 1.20 -33.19
CA ARG A 64 64.65 -0.09 -33.12
C ARG A 64 65.43 -1.12 -33.92
N GLY A 65 66.09 -2.04 -33.23
CA GLY A 65 66.70 -3.21 -33.86
C GLY A 65 67.80 -2.91 -34.85
N GLY A 66 68.58 -1.86 -34.60
CA GLY A 66 69.56 -1.42 -35.57
C GLY A 66 69.01 -0.54 -36.67
N LYS A 67 67.71 -0.28 -36.67
CA LYS A 67 67.08 0.59 -37.65
C LYS A 67 66.62 1.87 -36.97
N ASP A 68 66.39 2.88 -37.79
CA ASP A 68 65.90 4.17 -37.34
C ASP A 68 64.56 4.44 -38.02
N TYR A 69 63.71 5.23 -37.36
CA TYR A 69 62.40 5.56 -37.91
C TYR A 69 62.06 7.00 -37.56
N VAL A 70 62.16 7.89 -38.55
CA VAL A 70 61.95 9.31 -38.34
C VAL A 70 60.46 9.59 -38.27
N LEU A 71 60.05 10.40 -37.29
CA LEU A 71 58.66 10.79 -37.10
C LEU A 71 58.57 12.29 -36.92
N PHE A 72 57.37 12.82 -37.20
CA PHE A 72 56.95 14.16 -36.78
C PHE A 72 57.84 15.27 -37.34
N SER A 73 57.70 15.59 -38.63
CA SER A 73 58.60 16.53 -39.29
C SER A 73 58.33 17.97 -38.82
N GLU A 74 58.77 18.23 -37.58
CA GLU A 74 59.33 19.50 -37.11
C GLU A 74 58.45 20.72 -37.36
N ASN A 75 57.20 20.67 -36.86
CA ASN A 75 56.44 21.90 -36.63
C ASN A 75 55.34 21.69 -35.61
N LEU A 76 55.41 22.45 -34.51
CA LEU A 76 54.38 22.34 -33.49
C LEU A 76 53.06 22.92 -33.95
N ALA A 77 53.09 23.92 -34.84
CA ALA A 77 51.85 24.47 -35.36
C ALA A 77 51.14 23.48 -36.27
N LEU A 78 51.91 22.72 -37.05
CA LEU A 78 51.34 21.64 -37.85
C LEU A 78 50.73 20.56 -36.98
N LEU A 79 51.45 20.16 -35.94
CA LEU A 79 50.91 19.11 -35.07
C LEU A 79 49.73 19.60 -34.25
N ALA A 80 49.69 20.90 -33.96
CA ALA A 80 48.56 21.45 -33.20
C ALA A 80 47.31 21.51 -34.04
N LYS A 81 47.44 21.94 -35.30
CA LYS A 81 46.28 21.98 -36.18
C LYS A 81 45.80 20.58 -36.52
N TYR A 82 46.73 19.67 -36.80
CA TYR A 82 46.35 18.33 -37.24
C TYR A 82 45.77 17.51 -36.09
N SER A 83 46.20 17.79 -34.86
CA SER A 83 45.54 17.14 -33.73
C SER A 83 44.22 17.82 -33.42
N THR A 84 44.23 19.13 -33.25
CA THR A 84 43.03 19.87 -32.90
C THR A 84 42.29 20.39 -34.13
N ILE A 85 42.03 19.51 -35.10
CA ILE A 85 41.02 19.85 -36.09
C ILE A 85 39.63 19.53 -35.53
N THR A 86 39.57 18.63 -34.54
CA THR A 86 38.34 18.35 -33.82
C THR A 86 38.44 18.72 -32.35
N GLN A 87 39.55 19.32 -31.92
CA GLN A 87 39.73 19.72 -30.53
C GLN A 87 40.15 21.18 -30.44
N GLY A 88 40.53 21.62 -29.25
CA GLY A 88 41.20 22.89 -29.10
C GLY A 88 40.30 24.09 -29.35
N ARG A 89 40.95 25.16 -29.85
CA ARG A 89 40.40 26.46 -30.28
C ARG A 89 39.97 27.30 -29.07
N ASP A 90 39.99 26.72 -27.87
CA ASP A 90 39.67 27.45 -26.66
C ASP A 90 40.78 27.35 -25.61
N GLN A 91 41.43 26.20 -25.51
CA GLN A 91 42.56 26.06 -24.60
C GLN A 91 43.89 26.15 -25.31
N TRP A 92 43.90 26.07 -26.64
CA TRP A 92 45.13 26.21 -27.40
C TRP A 92 45.21 27.55 -28.13
N GLU A 93 44.20 27.87 -28.95
CA GLU A 93 44.24 29.11 -29.71
C GLU A 93 43.93 30.31 -28.85
N GLU A 94 43.29 30.12 -27.70
CA GLU A 94 43.04 31.21 -26.77
C GLU A 94 43.56 30.94 -25.38
N GLY A 95 43.61 29.69 -24.95
CA GLY A 95 44.23 29.34 -23.69
C GLY A 95 43.29 29.45 -22.50
N VAL A 96 43.83 29.10 -21.35
CA VAL A 96 43.10 29.07 -20.09
C VAL A 96 43.73 30.05 -19.13
N LYS A 97 42.94 31.00 -18.63
CA LYS A 97 43.46 31.99 -17.71
C LYS A 97 43.65 31.36 -16.34
N LEU A 98 44.81 31.61 -15.73
CA LEU A 98 45.12 31.15 -14.39
C LEU A 98 45.51 32.27 -13.44
N ALA A 99 45.98 33.40 -13.98
CA ALA A 99 46.27 34.58 -13.18
C ALA A 99 46.11 35.81 -14.08
N ALA A 100 46.49 36.96 -13.55
CA ALA A 100 46.44 38.19 -14.35
C ALA A 100 47.56 38.25 -15.37
N LYS A 101 48.64 37.50 -15.16
CA LYS A 101 49.74 37.45 -16.10
C LYS A 101 50.16 36.03 -16.47
N GLU A 102 49.36 35.03 -16.11
CA GLU A 102 49.70 33.63 -16.35
C GLU A 102 48.59 32.97 -17.14
N MET A 103 48.97 32.33 -18.24
CA MET A 103 48.03 31.63 -19.10
C MET A 103 48.76 30.45 -19.73
N VAL A 104 48.06 29.33 -19.88
CA VAL A 104 48.66 28.11 -20.40
C VAL A 104 47.98 27.73 -21.71
N HIS A 105 48.66 26.88 -22.47
CA HIS A 105 48.15 26.35 -23.72
C HIS A 105 48.48 24.87 -23.79
N LEU A 106 47.52 24.06 -24.21
CA LEU A 106 47.58 22.62 -24.03
C LEU A 106 47.14 21.89 -25.28
N VAL A 107 47.97 20.97 -25.77
CA VAL A 107 47.54 20.04 -26.81
C VAL A 107 48.03 18.64 -26.48
N TYR A 108 47.17 17.66 -26.74
CA TYR A 108 47.55 16.25 -26.78
C TYR A 108 47.69 15.86 -28.24
N ILE A 109 48.89 15.43 -28.61
CA ILE A 109 49.17 15.08 -30.00
C ILE A 109 49.41 13.57 -30.07
N PRO A 110 48.40 12.78 -30.40
CA PRO A 110 48.58 11.33 -30.41
C PRO A 110 49.32 10.86 -31.65
N PHE A 111 49.89 9.66 -31.55
CA PHE A 111 50.78 9.16 -32.59
C PHE A 111 50.00 8.81 -33.86
N SER A 112 48.92 8.04 -33.73
CA SER A 112 48.05 7.82 -34.88
C SER A 112 47.34 9.10 -35.28
N GLY A 113 47.10 10.00 -34.32
CA GLY A 113 46.44 11.24 -34.56
C GLY A 113 44.97 11.23 -34.17
N ASN A 114 44.29 10.12 -34.40
CA ASN A 114 42.89 9.99 -34.02
C ASN A 114 42.79 9.90 -32.50
N THR A 115 42.24 10.93 -31.88
CA THR A 115 42.13 10.98 -30.43
C THR A 115 41.14 9.97 -29.87
N ASN A 116 40.23 9.46 -30.69
CA ASN A 116 39.29 8.44 -30.27
C ASN A 116 39.69 7.05 -30.72
N TRP A 117 40.88 6.89 -31.31
CA TRP A 117 41.39 5.59 -31.73
C TRP A 117 42.91 5.68 -31.87
N PRO A 118 43.65 5.45 -30.78
CA PRO A 118 45.09 5.74 -30.79
C PRO A 118 45.93 4.55 -31.23
N ALA A 119 47.20 4.85 -31.48
CA ALA A 119 48.21 3.81 -31.59
C ALA A 119 48.72 3.49 -30.20
N HIS A 120 49.62 2.49 -30.10
CA HIS A 120 50.21 2.11 -28.81
C HIS A 120 51.61 1.60 -29.07
N ILE A 121 52.60 2.48 -28.95
CA ILE A 121 53.98 2.06 -29.12
C ILE A 121 54.44 1.23 -27.92
N ASN A 122 54.89 0.02 -28.17
CA ASN A 122 55.55 -0.78 -27.16
C ASN A 122 57.06 -0.60 -27.26
N LEU A 123 57.75 -0.95 -26.18
CA LEU A 123 59.19 -0.81 -26.09
C LEU A 123 59.76 -2.02 -25.36
N LYS A 124 60.98 -2.40 -25.72
CA LYS A 124 61.68 -3.52 -25.10
C LYS A 124 63.04 -3.05 -24.60
N ASP A 125 63.88 -4.00 -24.20
CA ASP A 125 65.13 -3.67 -23.52
C ASP A 125 66.28 -3.35 -24.45
N ASN A 126 66.02 -3.13 -25.74
CA ASN A 126 67.06 -2.74 -26.68
C ASN A 126 66.67 -1.56 -27.56
N ASP A 127 65.39 -1.25 -27.66
CA ASP A 127 64.91 -0.15 -28.49
C ASP A 127 64.54 1.04 -27.62
N VAL A 128 64.52 2.22 -28.23
CA VAL A 128 64.31 3.45 -27.48
C VAL A 128 63.59 4.45 -28.37
N LEU A 129 62.61 5.15 -27.78
CA LEU A 129 61.86 6.20 -28.45
C LEU A 129 62.44 7.56 -28.05
N GLU A 130 62.89 8.33 -29.02
CA GLU A 130 63.54 9.60 -28.76
C GLU A 130 62.63 10.74 -29.19
N VAL A 131 62.49 11.73 -28.33
CA VAL A 131 61.72 12.93 -28.61
C VAL A 131 62.63 14.13 -28.45
N TYR A 132 62.74 14.94 -29.50
CA TYR A 132 63.68 16.05 -29.55
C TYR A 132 62.91 17.33 -29.84
N VAL A 133 63.01 18.30 -28.94
CA VAL A 133 62.23 19.54 -29.02
C VAL A 133 63.19 20.72 -28.98
N ASN A 134 63.01 21.68 -29.89
CA ASN A 134 63.75 22.93 -29.88
C ASN A 134 62.79 24.09 -29.69
N VAL A 135 63.30 25.18 -29.12
CA VAL A 135 62.62 26.47 -29.11
C VAL A 135 63.62 27.50 -29.61
N VAL A 136 63.27 28.18 -30.71
CA VAL A 136 64.23 28.98 -31.44
C VAL A 136 63.86 30.46 -31.33
N ARG A 137 64.65 31.31 -31.98
CA ARG A 137 64.52 32.76 -31.86
C ARG A 137 63.20 33.26 -32.39
N GLY A 138 62.51 34.07 -31.59
CA GLY A 138 61.30 34.72 -32.03
C GLY A 138 60.04 33.90 -31.89
N ALA A 139 59.89 33.18 -30.78
CA ALA A 139 58.70 32.37 -30.56
C ALA A 139 57.73 32.97 -29.56
N TYR A 140 58.10 34.07 -28.92
CA TYR A 140 57.25 34.67 -27.88
C TYR A 140 56.98 36.15 -28.11
N GLY A 141 57.92 36.88 -28.68
CA GLY A 141 57.66 38.26 -29.01
C GLY A 141 57.88 39.26 -27.89
N ALA A 142 57.12 40.35 -27.90
CA ALA A 142 57.36 41.48 -27.01
C ALA A 142 56.64 41.35 -25.67
N GLU A 143 55.36 41.01 -25.69
CA GLU A 143 54.57 40.96 -24.45
C GLU A 143 54.76 39.69 -23.65
N LEU A 144 55.70 38.83 -24.03
CA LEU A 144 55.97 37.61 -23.31
C LEU A 144 57.44 37.60 -22.90
N ASP A 145 57.70 37.34 -21.63
CA ASP A 145 59.05 37.32 -21.12
C ASP A 145 59.76 36.02 -21.55
N ALA A 146 61.07 35.98 -21.37
CA ALA A 146 61.89 34.85 -21.78
C ALA A 146 61.97 33.75 -20.72
N ASN A 147 60.98 33.64 -19.83
CA ASN A 147 61.01 32.64 -18.78
C ASN A 147 59.83 31.69 -18.85
N ALA A 148 59.55 31.18 -20.05
CA ALA A 148 58.49 30.22 -20.29
C ALA A 148 59.02 28.78 -20.14
N CYS A 149 58.10 27.85 -19.89
CA CYS A 149 58.44 26.45 -19.72
C CYS A 149 57.41 25.60 -20.43
N ILE A 150 57.88 24.58 -21.16
CA ILE A 150 56.98 23.74 -21.94
C ILE A 150 57.08 22.30 -21.42
N CYS A 151 56.25 21.39 -21.94
CA CYS A 151 56.09 20.06 -21.36
C CYS A 151 56.48 18.94 -22.32
N ASP A 152 56.12 17.72 -21.92
CA ASP A 152 56.75 16.49 -22.38
C ASP A 152 55.73 15.37 -22.61
N VAL A 153 56.25 14.14 -22.69
CA VAL A 153 55.52 13.01 -23.22
C VAL A 153 54.53 12.48 -22.19
N ARG A 154 53.40 11.96 -22.65
CA ARG A 154 52.46 11.22 -21.81
C ARG A 154 52.60 9.73 -22.01
N THR A 155 51.81 8.97 -21.26
CA THR A 155 51.75 7.52 -21.37
C THR A 155 50.35 7.08 -21.74
N SER A 156 50.22 5.79 -22.04
CA SER A 156 48.99 5.18 -22.49
C SER A 156 48.73 3.93 -21.66
N PRO A 157 47.48 3.46 -21.62
CA PRO A 157 47.22 2.16 -20.99
C PRO A 157 47.86 1.03 -21.76
N SER A 158 48.01 -0.12 -21.11
CA SER A 158 48.66 -1.25 -21.75
C SER A 158 47.72 -1.88 -22.76
N ILE A 159 47.51 -1.19 -23.87
CA ILE A 159 46.70 -1.66 -24.98
C ILE A 159 47.74 -1.94 -26.06
N GLY A 160 48.92 -2.34 -25.64
CA GLY A 160 50.01 -2.67 -26.54
C GLY A 160 49.78 -3.99 -27.24
N VAL A 161 48.76 -4.00 -28.09
CA VAL A 161 48.37 -5.12 -28.91
C VAL A 161 48.76 -4.72 -30.32
N GLU A 162 49.83 -3.93 -30.39
CA GLU A 162 50.12 -3.02 -31.48
C GLU A 162 50.33 -3.73 -32.81
N LYS A 163 49.64 -3.23 -33.84
CA LYS A 163 49.73 -3.83 -35.16
C LYS A 163 50.76 -3.19 -36.06
N PHE A 164 51.31 -2.04 -35.70
CA PHE A 164 51.97 -1.20 -36.70
C PHE A 164 52.94 -0.23 -36.06
N ILE A 165 53.44 0.69 -36.88
CA ILE A 165 54.30 1.79 -36.47
C ILE A 165 53.74 3.04 -37.13
N PRO A 166 53.17 3.98 -36.37
CA PRO A 166 52.44 5.10 -36.99
C PRO A 166 53.35 6.20 -37.50
N PHE A 167 53.45 6.32 -38.81
CA PHE A 167 54.17 7.41 -39.44
C PHE A 167 53.23 8.59 -39.68
N MET A 168 53.82 9.76 -39.92
CA MET A 168 53.05 10.98 -40.11
C MET A 168 53.88 11.97 -40.91
N THR A 169 53.27 12.61 -41.90
CA THR A 169 54.03 13.55 -42.71
C THR A 169 53.13 14.64 -43.28
N SER A 170 53.78 15.72 -43.72
CA SER A 170 53.15 16.88 -44.33
C SER A 170 53.54 16.95 -45.80
N TYR A 171 53.05 17.98 -46.49
CA TYR A 171 53.43 18.19 -47.88
C TYR A 171 53.95 19.58 -48.18
N SER A 172 53.37 20.62 -47.56
CA SER A 172 53.79 22.02 -47.69
C SER A 172 53.78 22.54 -49.12
N ILE A 173 52.58 22.69 -49.70
CA ILE A 173 52.44 23.06 -51.12
C ILE A 173 52.99 24.47 -51.36
N ARG A 174 53.22 24.79 -52.64
CA ARG A 174 54.00 25.95 -53.04
C ARG A 174 53.14 27.21 -53.07
N ALA A 175 53.71 28.27 -53.66
CA ALA A 175 53.18 29.61 -53.51
C ALA A 175 51.94 29.83 -54.38
N ASN A 176 52.10 29.69 -55.69
CA ASN A 176 50.98 29.95 -56.59
C ASN A 176 50.66 28.70 -57.39
N GLN A 177 50.59 27.56 -56.70
CA GLN A 177 50.33 26.29 -57.34
C GLN A 177 48.89 26.20 -57.80
N ALA A 178 48.70 25.84 -59.06
CA ALA A 178 47.38 25.71 -59.66
C ALA A 178 46.73 24.37 -59.32
N THR A 179 47.41 23.27 -59.58
CA THR A 179 46.89 21.93 -59.33
C THR A 179 48.05 20.97 -59.17
N ASP A 180 48.05 20.22 -58.08
CA ASP A 180 49.14 19.31 -57.79
C ASP A 180 48.59 17.92 -57.52
N LEU A 181 49.01 16.96 -58.33
CA LEU A 181 48.80 15.54 -58.05
C LEU A 181 49.82 15.13 -57.00
N VAL A 182 49.35 14.77 -55.82
CA VAL A 182 50.24 14.37 -54.74
C VAL A 182 49.97 12.90 -54.45
N ASN A 183 50.87 12.04 -54.90
CA ASN A 183 50.80 10.64 -54.54
C ASN A 183 51.21 10.46 -53.09
N LEU A 184 50.60 9.50 -52.41
CA LEU A 184 50.90 9.30 -51.01
C LEU A 184 51.30 7.84 -50.79
N GLY A 185 51.40 7.44 -49.52
CA GLY A 185 51.99 6.17 -49.14
C GLY A 185 51.12 4.96 -49.37
N ASN A 186 51.38 3.90 -48.60
CA ASN A 186 50.62 2.67 -48.81
C ASN A 186 49.29 2.72 -48.09
N ASP A 187 49.31 2.75 -46.76
CA ASP A 187 48.12 2.50 -45.95
C ASP A 187 48.00 3.64 -44.94
N VAL A 188 46.99 4.49 -45.12
CA VAL A 188 47.08 5.89 -44.71
C VAL A 188 46.18 6.23 -43.51
N THR A 189 44.88 5.89 -43.55
CA THR A 189 43.90 5.91 -42.46
C THR A 189 43.49 7.32 -41.99
N ARG A 190 44.26 8.36 -42.30
CA ARG A 190 43.86 9.74 -42.02
C ARG A 190 44.52 10.69 -42.99
N ILE A 191 43.71 11.55 -43.62
CA ILE A 191 44.14 12.58 -44.55
C ILE A 191 43.49 13.89 -44.13
N ALA A 192 44.27 14.97 -44.04
CA ALA A 192 43.67 16.24 -43.66
C ALA A 192 44.31 17.38 -44.42
N LEU A 193 43.53 18.42 -44.65
CA LEU A 193 43.98 19.62 -45.35
C LEU A 193 43.85 20.81 -44.41
N LEU A 194 44.97 21.44 -44.08
CA LEU A 194 45.05 22.45 -43.06
C LEU A 194 45.38 23.80 -43.66
N SER A 195 45.15 24.85 -42.88
CA SER A 195 45.39 26.22 -43.31
C SER A 195 45.48 27.11 -42.10
N MET A 196 46.25 28.20 -42.22
CA MET A 196 46.60 29.05 -41.09
C MET A 196 46.37 30.52 -41.40
N THR A 197 45.36 30.84 -42.23
CA THR A 197 45.10 32.22 -42.57
C THR A 197 43.63 32.43 -42.85
N ASN A 198 43.18 33.67 -42.64
CA ASN A 198 41.82 34.14 -42.95
C ASN A 198 41.95 35.62 -43.30
N ASP A 199 41.99 35.93 -44.59
CA ASP A 199 42.12 37.33 -45.00
C ASP A 199 40.85 38.12 -44.74
N VAL A 200 39.70 37.48 -44.95
CA VAL A 200 38.38 38.05 -44.72
C VAL A 200 37.65 37.07 -43.83
N SER A 201 36.34 37.27 -43.65
CA SER A 201 35.49 36.27 -43.00
C SER A 201 35.57 34.93 -43.72
N ASN A 202 35.21 33.88 -42.99
CA ASN A 202 35.65 32.52 -43.27
C ASN A 202 34.97 31.96 -44.53
N ILE A 203 35.47 32.41 -45.67
CA ILE A 203 35.14 31.86 -46.97
C ILE A 203 36.36 31.07 -47.44
N PRO A 204 36.19 29.84 -47.95
CA PRO A 204 37.38 29.03 -48.33
C PRO A 204 38.27 29.62 -49.42
N ASN A 205 37.71 30.01 -50.57
CA ASN A 205 38.35 30.83 -51.61
C ASN A 205 39.54 30.20 -52.32
N ALA A 206 39.94 28.99 -51.94
CA ALA A 206 41.11 28.33 -52.53
C ALA A 206 40.74 27.00 -53.16
N PHE A 207 40.01 26.16 -52.43
CA PHE A 207 39.56 24.87 -52.92
C PHE A 207 38.53 25.04 -54.02
N THR A 208 38.68 24.28 -55.10
CA THR A 208 37.60 24.09 -56.06
C THR A 208 37.41 22.64 -56.47
N ASP A 209 38.42 21.79 -56.29
CA ASP A 209 38.25 20.37 -56.51
C ASP A 209 39.30 19.61 -55.72
N VAL A 210 38.88 18.52 -55.10
CA VAL A 210 39.79 17.57 -54.46
C VAL A 210 39.41 16.19 -54.94
N THR A 211 40.34 15.48 -55.55
CA THR A 211 40.08 14.18 -56.14
C THR A 211 40.89 13.15 -55.38
N LEU A 212 40.24 12.46 -54.45
CA LEU A 212 40.88 11.39 -53.70
C LEU A 212 40.56 10.08 -54.38
N SER A 213 41.58 9.42 -54.92
CA SER A 213 41.37 8.16 -55.60
C SER A 213 42.26 7.08 -54.99
N SER A 214 41.71 5.89 -54.88
CA SER A 214 42.34 4.86 -54.07
C SER A 214 42.00 3.48 -54.63
N ASP A 215 42.20 2.45 -53.81
CA ASP A 215 41.76 1.12 -54.17
C ASP A 215 40.30 0.91 -53.81
N ARG A 216 39.97 1.04 -52.53
CA ARG A 216 38.64 0.69 -52.08
C ARG A 216 37.62 1.77 -52.33
N LEU A 217 38.05 2.97 -52.73
CA LEU A 217 37.10 4.05 -52.97
C LEU A 217 37.66 5.06 -53.95
N ASP A 218 36.75 5.74 -54.62
CA ASP A 218 36.98 7.03 -55.24
C ASP A 218 36.04 8.02 -54.58
N LYS A 219 36.55 9.20 -54.21
CA LYS A 219 35.69 10.29 -53.80
C LYS A 219 36.14 11.54 -54.51
N ASN A 220 35.17 12.31 -54.98
CA ASN A 220 35.40 13.54 -55.73
C ASN A 220 34.70 14.67 -54.99
N PHE A 221 35.42 15.76 -54.75
CA PHE A 221 34.97 16.78 -53.81
C PHE A 221 34.91 18.14 -54.48
N ASN A 222 33.73 18.73 -54.47
CA ASN A 222 33.59 20.15 -54.74
C ASN A 222 33.93 20.93 -53.48
N SER A 223 34.05 22.26 -53.62
CA SER A 223 34.33 23.11 -52.47
C SER A 223 33.19 23.09 -51.46
N ASN A 224 31.96 22.93 -51.94
CA ASN A 224 30.83 22.77 -51.03
C ASN A 224 30.87 21.42 -50.34
N GLN A 225 31.19 20.37 -51.09
CA GLN A 225 31.21 19.02 -50.56
C GLN A 225 32.32 18.81 -49.56
N LEU A 226 33.38 19.63 -49.62
CA LEU A 226 34.40 19.59 -48.57
C LEU A 226 33.85 20.13 -47.26
N ILE A 227 33.04 21.20 -47.32
CA ILE A 227 32.44 21.77 -46.12
C ILE A 227 31.46 20.79 -45.51
N LEU A 228 30.77 20.00 -46.34
CA LEU A 228 29.93 18.94 -45.80
C LEU A 228 30.77 17.82 -45.20
N GLU A 229 31.82 17.39 -45.91
CA GLU A 229 32.59 16.22 -45.51
C GLU A 229 33.35 16.47 -44.22
N HIS A 230 33.70 17.73 -43.94
CA HIS A 230 34.31 18.06 -42.65
C HIS A 230 33.34 17.87 -41.49
N SER A 231 32.03 17.95 -41.77
CA SER A 231 31.01 17.86 -40.73
C SER A 231 30.54 16.45 -40.47
N LYS A 232 31.34 15.42 -40.75
CA LYS A 232 30.94 14.07 -40.46
C LYS A 232 31.58 13.52 -39.19
N CYS A 233 32.33 14.32 -38.46
CA CYS A 233 32.90 13.90 -37.20
C CYS A 233 32.44 14.76 -36.03
N ILE A 234 32.27 16.06 -36.25
CA ILE A 234 31.75 16.95 -35.24
C ILE A 234 30.25 16.73 -35.10
N GLU A 235 29.82 16.18 -33.97
CA GLU A 235 28.39 16.03 -33.73
C GLU A 235 27.75 17.33 -33.26
N ASP A 236 28.56 18.32 -32.89
CA ASP A 236 28.03 19.63 -32.59
C ASP A 236 27.58 20.30 -33.89
N SER A 237 26.74 21.33 -33.75
CA SER A 237 26.09 21.92 -34.92
C SER A 237 27.06 22.72 -35.79
N VAL A 238 28.16 23.21 -35.22
CA VAL A 238 29.08 24.06 -35.98
C VAL A 238 29.84 23.19 -36.98
N ARG A 239 30.20 23.79 -38.12
CA ARG A 239 30.85 23.03 -39.18
C ARG A 239 32.34 22.86 -38.96
N SER A 240 32.94 23.55 -38.00
CA SER A 240 34.38 23.47 -37.81
C SER A 240 34.75 23.78 -36.36
N HIS A 241 35.90 23.26 -35.95
CA HIS A 241 36.50 23.52 -34.66
C HIS A 241 37.90 24.11 -34.79
N ALA A 242 38.16 24.82 -35.88
CA ALA A 242 39.45 25.47 -36.10
C ALA A 242 39.22 26.72 -36.94
N ASN A 243 40.28 27.24 -37.52
CA ASN A 243 40.16 28.35 -38.47
C ASN A 243 39.50 27.85 -39.74
N GLU A 244 38.34 28.44 -40.08
CA GLU A 244 37.33 27.76 -40.88
C GLU A 244 37.60 27.84 -42.38
N VAL A 245 38.80 27.41 -42.77
CA VAL A 245 39.15 27.19 -44.17
C VAL A 245 39.80 25.83 -44.32
N ASP A 246 39.64 24.96 -43.32
CA ASP A 246 40.23 23.64 -43.34
C ASP A 246 39.30 22.64 -44.04
N SER A 247 39.75 21.39 -44.07
CA SER A 247 38.92 20.26 -44.46
C SER A 247 39.57 19.00 -43.93
N TYR A 248 38.80 17.92 -43.85
CA TYR A 248 39.22 16.75 -43.12
C TYR A 248 38.66 15.48 -43.73
N LEU A 249 39.43 14.39 -43.59
CA LEU A 249 39.10 13.08 -44.16
C LEU A 249 39.64 11.97 -43.25
N ILE A 250 38.81 11.49 -42.33
CA ILE A 250 39.19 10.32 -41.54
C ILE A 250 38.78 9.08 -42.31
N HIS A 251 39.50 7.99 -42.11
CA HIS A 251 39.28 6.79 -42.91
C HIS A 251 39.45 5.56 -42.02
N GLU A 252 39.37 4.39 -42.67
CA GLU A 252 39.68 3.12 -42.04
C GLU A 252 40.56 2.33 -43.00
N ASP A 253 41.87 2.60 -42.95
CA ASP A 253 42.94 1.75 -43.50
C ASP A 253 42.78 1.51 -45.00
N ILE A 254 42.92 2.60 -45.76
CA ILE A 254 42.80 2.51 -47.21
C ILE A 254 44.12 2.03 -47.81
N GLU A 255 44.06 1.06 -48.72
CA GLU A 255 45.23 0.32 -49.15
C GLU A 255 46.12 1.08 -50.12
N ILE A 256 45.69 2.22 -50.66
CA ILE A 256 46.51 3.07 -51.52
C ILE A 256 45.86 4.44 -51.51
N ASP A 257 46.61 5.49 -51.88
CA ASP A 257 46.01 6.80 -52.03
C ASP A 257 46.81 7.69 -52.97
N SER A 258 46.11 8.33 -53.88
CA SER A 258 46.64 9.44 -54.67
C SER A 258 45.63 10.57 -54.57
N ALA A 259 46.08 11.71 -54.06
CA ALA A 259 45.19 12.85 -53.84
C ALA A 259 45.57 13.95 -54.82
N LYS A 260 44.72 14.18 -55.81
CA LYS A 260 44.92 15.25 -56.77
C LYS A 260 44.21 16.49 -56.24
N VAL A 261 44.99 17.48 -55.83
CA VAL A 261 44.42 18.71 -55.29
C VAL A 261 44.34 19.74 -56.41
N HIS A 262 43.13 20.15 -56.74
CA HIS A 262 42.90 21.11 -57.84
C HIS A 262 42.48 22.43 -57.20
N LEU A 263 43.40 23.40 -57.20
CA LEU A 263 43.21 24.67 -56.53
C LEU A 263 42.83 25.76 -57.53
N LYS A 264 42.40 26.90 -56.98
CA LYS A 264 41.96 27.99 -57.86
C LYS A 264 43.12 28.84 -58.33
N MET A 265 43.77 29.55 -57.41
CA MET A 265 44.43 30.78 -57.81
C MET A 265 45.31 31.28 -56.67
N ASN A 266 45.82 32.51 -56.79
CA ASN A 266 46.58 33.25 -55.79
C ASN A 266 46.03 33.31 -54.36
N PRO A 267 44.69 33.23 -54.09
CA PRO A 267 44.26 33.03 -52.69
C PRO A 267 44.74 31.73 -52.03
N ALA A 268 45.23 30.76 -52.80
CA ALA A 268 46.17 29.81 -52.22
C ALA A 268 47.44 30.58 -51.91
N LYS A 269 47.66 30.87 -50.63
CA LYS A 269 48.61 31.88 -50.20
C LYS A 269 50.04 31.48 -50.50
N ILE A 270 50.92 32.47 -50.40
CA ILE A 270 52.32 32.30 -50.70
C ILE A 270 53.09 32.26 -49.38
N ARG A 271 54.38 31.91 -49.47
CA ARG A 271 55.33 31.94 -48.35
C ARG A 271 54.89 31.00 -47.21
N GLU A 272 54.40 29.83 -47.61
CA GLU A 272 54.01 28.73 -46.71
C GLU A 272 52.88 29.13 -45.77
N ASN A 273 52.05 30.08 -46.19
CA ASN A 273 50.82 30.44 -45.48
C ASN A 273 49.63 29.68 -46.07
N THR A 274 49.88 28.49 -46.56
CA THR A 274 49.03 27.87 -47.55
C THR A 274 48.47 26.56 -47.06
N ILE A 275 47.82 25.85 -47.97
CA ILE A 275 47.15 24.61 -47.69
C ILE A 275 48.18 23.52 -47.47
N TYR A 276 47.98 22.71 -46.43
CA TYR A 276 48.93 21.68 -46.03
C TYR A 276 48.23 20.32 -46.07
N LEU A 277 48.74 19.43 -46.91
CA LEU A 277 48.29 18.05 -46.92
C LEU A 277 49.08 17.29 -45.86
N VAL A 278 48.39 16.80 -44.84
CA VAL A 278 49.01 16.06 -43.75
C VAL A 278 48.32 14.71 -43.63
N ARG A 279 49.11 13.64 -43.66
CA ARG A 279 48.57 12.28 -43.54
C ARG A 279 49.29 11.55 -42.44
N SER A 280 48.63 10.52 -41.88
CA SER A 280 49.23 9.75 -40.79
C SER A 280 49.16 8.25 -41.07
N HIS A 281 50.12 7.77 -41.86
CA HIS A 281 50.07 6.40 -42.36
C HIS A 281 50.79 5.48 -41.37
N PHE A 282 51.06 4.23 -41.76
CA PHE A 282 51.78 3.33 -40.89
C PHE A 282 52.52 2.27 -41.70
N GLN A 283 53.42 1.57 -41.02
CA GLN A 283 54.09 0.39 -41.55
C GLN A 283 53.93 -0.77 -40.58
N THR A 284 53.95 -1.99 -41.11
CA THR A 284 53.65 -3.15 -40.29
C THR A 284 54.39 -4.36 -40.82
N SER A 285 54.33 -5.45 -40.06
CA SER A 285 55.11 -6.64 -40.38
C SER A 285 54.56 -7.84 -39.64
N LEU A 286 55.03 -9.02 -40.05
CA LEU A 286 54.56 -10.26 -39.49
C LEU A 286 55.03 -10.44 -38.05
N GLU A 287 56.26 -10.05 -37.74
CA GLU A 287 56.76 -10.27 -36.38
C GLU A 287 56.14 -9.31 -35.38
N ILE A 288 55.74 -8.12 -35.84
CA ILE A 288 54.98 -7.22 -34.98
C ILE A 288 53.58 -7.78 -34.74
N LEU A 289 53.00 -8.42 -35.76
CA LEU A 289 51.77 -9.17 -35.55
C LEU A 289 51.98 -10.33 -34.58
N GLN A 290 53.16 -10.95 -34.58
CA GLN A 290 53.42 -12.02 -33.63
C GLN A 290 53.53 -11.48 -32.21
N LYS A 291 54.07 -10.26 -32.05
CA LYS A 291 54.07 -9.63 -30.75
C LYS A 291 52.65 -9.31 -30.29
N ALA A 292 51.77 -8.94 -31.23
CA ALA A 292 50.39 -8.66 -30.89
C ALA A 292 49.64 -9.91 -30.48
N VAL A 293 49.90 -11.02 -31.17
CA VAL A 293 49.28 -12.30 -30.81
C VAL A 293 49.79 -12.75 -29.45
N ALA A 294 51.08 -12.54 -29.19
CA ALA A 294 51.65 -12.95 -27.91
C ALA A 294 51.08 -12.13 -26.75
N MET A 295 50.89 -10.83 -26.96
CA MET A 295 50.39 -9.99 -25.89
C MET A 295 48.91 -10.22 -25.65
N GLU A 296 48.14 -10.48 -26.72
CA GLU A 296 46.71 -10.79 -26.54
C GLU A 296 46.51 -12.13 -25.86
N GLU A 297 47.36 -13.11 -26.16
CA GLU A 297 47.21 -14.40 -25.50
C GLU A 297 47.67 -14.36 -24.05
N LYS A 298 48.67 -13.54 -23.74
CA LYS A 298 49.08 -13.37 -22.35
C LYS A 298 47.99 -12.66 -21.54
N HIS A 299 47.43 -11.59 -22.09
CA HIS A 299 46.37 -10.86 -21.39
C HIS A 299 45.12 -11.72 -21.25
N GLN A 300 44.80 -12.54 -22.25
CA GLN A 300 43.63 -13.41 -22.15
C GLN A 300 43.85 -14.51 -21.12
N SER A 301 45.07 -15.03 -21.03
CA SER A 301 45.35 -16.07 -20.04
C SER A 301 45.29 -15.51 -18.62
N ALA A 302 45.74 -14.27 -18.43
CA ALA A 302 45.67 -13.67 -17.10
C ALA A 302 44.23 -13.35 -16.72
N ASP A 303 43.42 -12.88 -17.68
CA ASP A 303 42.04 -12.54 -17.39
C ASP A 303 41.22 -13.77 -17.02
N ILE A 304 41.45 -14.89 -17.71
CA ILE A 304 40.75 -16.12 -17.35
C ILE A 304 41.33 -16.69 -16.05
N ALA A 305 42.56 -16.33 -15.71
CA ALA A 305 43.15 -16.83 -14.47
C ALA A 305 42.52 -16.18 -13.24
N LYS A 306 42.28 -14.87 -13.28
CA LYS A 306 41.94 -14.14 -12.04
C LYS A 306 40.44 -13.99 -11.82
N VAL A 307 39.60 -14.93 -12.26
CA VAL A 307 38.18 -14.84 -11.95
C VAL A 307 37.69 -16.14 -11.31
N PRO A 308 37.64 -16.22 -9.99
CA PRO A 308 37.29 -17.48 -9.32
C PRO A 308 35.86 -17.97 -9.49
N ALA A 309 34.89 -17.23 -8.95
CA ALA A 309 33.48 -17.56 -8.90
C ALA A 309 32.78 -16.39 -8.22
N THR A 310 31.44 -16.45 -8.20
CA THR A 310 30.55 -15.49 -7.54
C THR A 310 30.79 -14.01 -7.88
N MET B 1 25.43 15.49 -60.25
CA MET B 1 24.35 16.09 -61.02
C MET B 1 24.16 17.57 -60.66
N THR B 2 23.55 18.32 -61.56
CA THR B 2 23.11 19.68 -61.29
C THR B 2 21.67 19.79 -61.73
N ILE B 3 20.84 20.45 -60.92
CA ILE B 3 19.41 20.54 -61.16
C ILE B 3 18.99 22.00 -61.14
N LYS B 4 18.30 22.43 -62.19
CA LYS B 4 17.80 23.79 -62.28
C LYS B 4 16.38 23.86 -61.69
N TYR B 5 15.72 24.98 -61.94
CA TYR B 5 14.38 25.18 -61.39
C TYR B 5 13.35 24.45 -62.25
N LEU B 6 12.29 23.96 -61.58
CA LEU B 6 11.20 23.17 -62.19
C LEU B 6 11.72 21.92 -62.89
N SER B 7 12.81 21.36 -62.39
CA SER B 7 13.56 20.36 -63.13
C SER B 7 13.55 19.01 -62.42
N SER B 8 14.13 18.01 -63.06
CA SER B 8 14.20 16.65 -62.55
C SER B 8 15.49 15.98 -63.00
N GLU B 9 15.95 15.03 -62.20
CA GLU B 9 17.17 14.30 -62.54
C GLU B 9 17.21 12.98 -61.81
N THR B 10 17.63 11.93 -62.50
CA THR B 10 17.85 10.62 -61.90
C THR B 10 19.33 10.29 -61.89
N GLU B 11 19.63 9.06 -61.46
CA GLU B 11 20.98 8.65 -61.14
C GLU B 11 21.01 7.13 -61.05
N LYS B 12 22.04 6.51 -61.63
CA LYS B 12 22.20 5.07 -61.55
C LYS B 12 23.55 4.74 -60.92
N LEU B 13 23.57 3.64 -60.17
CA LEU B 13 24.79 3.15 -59.55
C LEU B 13 24.83 1.64 -59.78
N MET B 14 25.94 1.15 -60.34
CA MET B 14 25.96 -0.24 -60.80
C MET B 14 26.95 -1.11 -60.05
N ASN B 15 28.14 -0.59 -59.75
CA ASN B 15 29.11 -1.30 -58.93
C ASN B 15 29.68 -0.32 -57.92
N GLN B 16 29.14 -0.37 -56.70
CA GLN B 16 29.53 0.56 -55.65
C GLN B 16 29.56 -0.21 -54.33
N THR B 17 30.03 0.47 -53.30
CA THR B 17 29.74 0.15 -51.91
C THR B 17 29.32 1.49 -51.32
N VAL B 18 28.04 1.80 -51.45
CA VAL B 18 27.55 3.17 -51.32
C VAL B 18 26.83 3.29 -49.98
N SER B 19 26.87 4.51 -49.41
CA SER B 19 26.19 4.77 -48.14
C SER B 19 25.92 6.28 -48.06
N GLY B 20 24.66 6.66 -48.20
CA GLY B 20 24.29 8.03 -47.93
C GLY B 20 24.19 8.88 -49.19
N ILE B 21 23.52 10.02 -49.04
CA ILE B 21 23.27 10.96 -50.13
C ILE B 21 23.68 12.35 -49.66
N ASP B 22 24.55 13.00 -50.40
CA ASP B 22 24.76 14.42 -50.26
C ASP B 22 23.58 15.19 -50.83
N VAL B 23 23.18 16.24 -50.11
CA VAL B 23 22.33 17.28 -50.69
C VAL B 23 23.00 18.61 -50.39
N CYS B 24 23.57 19.22 -51.43
CA CYS B 24 24.16 20.55 -51.32
C CYS B 24 23.19 21.55 -51.92
N PHE B 25 23.52 22.82 -51.82
CA PHE B 25 22.75 23.88 -52.45
C PHE B 25 23.67 25.03 -52.86
N THR B 26 23.08 25.98 -53.55
CA THR B 26 23.70 27.28 -53.80
C THR B 26 22.56 28.25 -54.04
N LEU B 27 22.45 29.26 -53.19
CA LEU B 27 21.39 30.23 -53.30
C LEU B 27 21.96 31.57 -53.73
N ILE B 28 21.52 32.06 -54.89
CA ILE B 28 22.02 33.28 -55.47
C ILE B 28 20.93 34.33 -55.35
N GLY B 29 21.14 35.29 -54.47
CA GLY B 29 20.12 36.28 -54.18
C GLY B 29 19.98 37.33 -55.26
N VAL B 30 18.83 37.98 -55.27
CA VAL B 30 18.59 39.07 -56.20
C VAL B 30 19.46 40.27 -55.84
N ASP B 31 19.52 40.61 -54.55
CA ASP B 31 20.27 41.77 -54.11
C ASP B 31 20.91 41.42 -52.76
N ASP B 32 21.80 42.30 -52.29
CA ASP B 32 22.56 42.01 -51.07
C ASP B 32 21.68 42.11 -49.83
N ASP B 33 20.73 43.03 -49.82
CA ASP B 33 19.82 43.15 -48.68
C ASP B 33 18.84 42.00 -48.58
N SER B 34 18.73 41.15 -49.61
CA SER B 34 18.03 39.89 -49.46
C SER B 34 18.78 38.96 -48.54
N PHE B 35 20.11 38.98 -48.61
CA PHE B 35 20.95 38.23 -47.67
C PHE B 35 21.54 39.14 -46.60
N ALA B 36 20.83 40.21 -46.25
CA ALA B 36 21.17 40.98 -45.06
C ALA B 36 21.04 40.12 -43.80
N SER B 37 20.06 39.21 -43.79
CA SER B 37 19.87 38.28 -42.70
C SER B 37 20.25 36.87 -43.16
N GLY B 38 19.99 35.88 -42.30
CA GLY B 38 20.33 34.51 -42.64
C GLY B 38 19.19 33.77 -43.30
N SER B 39 19.53 32.96 -44.30
CA SER B 39 18.56 32.24 -45.12
C SER B 39 18.06 31.00 -44.36
N LYS B 40 17.04 31.19 -43.54
CA LYS B 40 16.48 30.07 -42.82
C LYS B 40 15.45 29.35 -43.68
N ASN B 41 15.41 28.03 -43.57
CA ASN B 41 14.49 27.20 -44.35
C ASN B 41 13.08 27.37 -43.80
N ASP B 42 12.29 28.23 -44.44
CA ASP B 42 10.87 28.30 -44.15
C ASP B 42 10.19 27.03 -44.63
N TYR B 43 9.16 26.61 -43.90
CA TYR B 43 8.53 25.34 -44.20
C TYR B 43 7.20 25.48 -44.94
N ILE B 44 6.24 26.23 -44.40
CA ILE B 44 4.94 26.25 -45.06
C ILE B 44 4.84 27.40 -46.04
N SER B 45 4.81 28.62 -45.53
CA SER B 45 4.37 29.77 -46.32
C SER B 45 4.65 31.04 -45.52
N ASP B 46 4.13 32.15 -46.07
CA ASP B 46 3.96 33.48 -45.47
C ASP B 46 5.27 34.25 -45.34
N THR B 47 6.40 33.59 -45.54
CA THR B 47 7.66 34.24 -45.90
C THR B 47 8.28 33.46 -47.05
N PRO B 48 7.71 33.55 -48.28
CA PRO B 48 8.43 32.89 -49.38
C PRO B 48 9.60 33.74 -49.85
N LYS B 49 10.70 33.67 -49.11
CA LYS B 49 11.89 34.46 -49.38
C LYS B 49 13.12 33.60 -49.64
N PHE B 50 13.20 32.44 -49.00
CA PHE B 50 14.37 31.59 -49.08
C PHE B 50 13.96 30.16 -49.40
N LEU B 51 14.90 29.24 -49.23
CA LEU B 51 14.75 27.85 -49.66
C LEU B 51 13.64 27.14 -48.88
N ASP B 52 12.97 26.21 -49.55
CA ASP B 52 11.85 25.48 -48.97
C ASP B 52 12.03 24.00 -49.29
N PRO B 53 12.40 23.18 -48.30
CA PRO B 53 12.60 21.75 -48.55
C PRO B 53 11.31 20.94 -48.54
N SER B 54 10.14 21.58 -48.57
CA SER B 54 8.90 20.83 -48.68
C SER B 54 8.68 20.33 -50.09
N ASN B 55 9.30 20.99 -51.08
CA ASN B 55 8.96 20.74 -52.47
C ASN B 55 9.94 19.80 -53.17
N VAL B 56 11.14 19.63 -52.64
CA VAL B 56 12.12 18.74 -53.26
C VAL B 56 11.77 17.32 -52.87
N HIS B 57 11.59 16.45 -53.86
CA HIS B 57 11.25 15.05 -53.64
C HIS B 57 12.47 14.21 -54.00
N ILE B 58 12.86 13.33 -53.08
CA ILE B 58 13.99 12.45 -53.31
C ILE B 58 13.57 11.02 -53.02
N LYS B 59 13.67 10.15 -54.02
CA LYS B 59 13.31 8.74 -53.89
C LYS B 59 14.49 7.89 -54.32
N ALA B 60 14.79 6.85 -53.54
CA ALA B 60 15.75 5.85 -53.99
C ALA B 60 15.00 4.54 -54.25
N THR B 61 15.55 3.74 -55.15
CA THR B 61 14.98 2.42 -55.38
C THR B 61 16.09 1.48 -55.83
N LEU B 62 15.98 0.23 -55.41
CA LEU B 62 17.04 -0.75 -55.62
C LEU B 62 16.48 -1.90 -56.46
N LYS B 63 16.91 -1.96 -57.72
CA LYS B 63 16.62 -3.10 -58.56
C LYS B 63 17.63 -4.20 -58.23
N ARG B 64 17.17 -5.23 -57.53
CA ARG B 64 18.07 -6.26 -57.01
C ARG B 64 17.47 -7.62 -57.34
N GLY B 65 18.01 -8.28 -58.36
CA GLY B 65 17.55 -9.61 -58.71
C GLY B 65 16.16 -9.66 -59.29
N GLY B 66 15.81 -8.67 -60.11
CA GLY B 66 14.50 -8.64 -60.73
C GLY B 66 13.40 -8.03 -59.89
N LYS B 67 13.60 -7.90 -58.58
CA LYS B 67 12.63 -7.27 -57.70
C LYS B 67 12.83 -5.77 -57.70
N ASP B 68 12.20 -5.12 -56.74
CA ASP B 68 12.33 -3.69 -56.54
C ASP B 68 12.21 -3.38 -55.05
N TYR B 69 13.06 -2.48 -54.56
CA TYR B 69 13.06 -2.12 -53.14
C TYR B 69 13.02 -0.60 -53.03
N VAL B 70 11.91 -0.07 -52.56
CA VAL B 70 11.71 1.38 -52.55
C VAL B 70 12.27 1.95 -51.26
N LEU B 71 13.00 3.04 -51.37
CA LEU B 71 13.59 3.76 -50.25
C LEU B 71 13.17 5.22 -50.33
N PHE B 72 13.16 5.88 -49.17
CA PHE B 72 13.09 7.34 -49.07
C PHE B 72 11.84 7.94 -49.70
N SER B 73 10.68 7.85 -49.06
CA SER B 73 9.43 8.35 -49.66
C SER B 73 9.37 9.89 -49.65
N GLU B 74 10.29 10.50 -50.41
CA GLU B 74 10.17 11.80 -51.08
C GLU B 74 9.72 12.96 -50.18
N ASN B 75 10.59 13.32 -49.23
CA ASN B 75 10.59 14.70 -48.74
C ASN B 75 11.97 15.08 -48.24
N LEU B 76 12.51 16.17 -48.81
CA LEU B 76 13.77 16.71 -48.35
C LEU B 76 13.68 17.24 -46.93
N ALA B 77 12.52 17.77 -46.54
CA ALA B 77 12.37 18.30 -45.18
C ALA B 77 12.34 17.19 -44.14
N LEU B 78 11.63 16.09 -44.43
CA LEU B 78 11.65 14.92 -43.58
C LEU B 78 13.05 14.36 -43.44
N LEU B 79 13.79 14.26 -44.54
CA LEU B 79 15.15 13.74 -44.45
C LEU B 79 16.08 14.77 -43.81
N ALA B 80 15.74 16.05 -43.86
CA ALA B 80 16.59 17.06 -43.24
C ALA B 80 16.53 16.98 -41.73
N LYS B 81 15.32 16.92 -41.17
CA LYS B 81 15.21 16.83 -39.72
C LYS B 81 15.66 15.47 -39.21
N TYR B 82 15.38 14.41 -39.96
CA TYR B 82 15.70 13.08 -39.46
C TYR B 82 17.19 12.78 -39.57
N SER B 83 17.88 13.34 -40.56
CA SER B 83 19.33 13.21 -40.58
C SER B 83 19.98 14.16 -39.59
N THR B 84 19.59 15.43 -39.62
CA THR B 84 20.15 16.42 -38.72
C THR B 84 19.33 16.54 -37.45
N ILE B 85 19.01 15.41 -36.82
CA ILE B 85 18.52 15.48 -35.46
C ILE B 85 19.69 15.61 -34.50
N THR B 86 20.86 15.07 -34.87
CA THR B 86 22.08 15.18 -34.08
C THR B 86 23.22 15.81 -34.86
N GLN B 87 22.96 16.29 -36.08
CA GLN B 87 23.98 16.95 -36.89
C GLN B 87 23.41 18.25 -37.44
N GLY B 88 24.13 18.87 -38.37
CA GLY B 88 23.60 19.98 -39.15
C GLY B 88 23.38 21.24 -38.34
N ARG B 89 22.23 21.88 -38.58
CA ARG B 89 21.62 22.96 -37.80
C ARG B 89 22.36 24.28 -37.94
N ASP B 90 23.55 24.28 -38.55
CA ASP B 90 24.22 25.52 -38.89
C ASP B 90 24.51 25.63 -40.37
N GLN B 91 25.06 24.59 -40.98
CA GLN B 91 25.25 24.64 -42.43
C GLN B 91 24.00 24.21 -43.18
N TRP B 92 22.93 23.85 -42.48
CA TRP B 92 21.67 23.56 -43.12
C TRP B 92 20.61 24.60 -42.81
N GLU B 93 20.51 25.04 -41.56
CA GLU B 93 19.46 26.01 -41.21
C GLU B 93 19.90 27.44 -41.43
N GLU B 94 21.09 27.81 -40.98
CA GLU B 94 21.58 29.18 -41.14
C GLU B 94 22.45 29.35 -42.37
N GLY B 95 22.90 28.26 -42.98
CA GLY B 95 23.67 28.32 -44.20
C GLY B 95 25.09 28.79 -44.00
N VAL B 96 25.87 28.62 -45.07
CA VAL B 96 27.26 29.07 -45.12
C VAL B 96 27.39 30.00 -46.31
N LYS B 97 27.83 31.23 -46.06
CA LYS B 97 28.05 32.19 -47.14
C LYS B 97 29.33 31.85 -47.89
N LEU B 98 29.36 32.20 -49.18
CA LEU B 98 30.57 32.15 -49.97
C LEU B 98 30.86 33.45 -50.70
N ALA B 99 29.86 34.32 -50.84
CA ALA B 99 30.04 35.63 -51.45
C ALA B 99 29.03 36.59 -50.83
N ALA B 100 28.84 37.72 -51.49
CA ALA B 100 27.81 38.66 -51.05
C ALA B 100 26.41 38.13 -51.33
N LYS B 101 26.20 37.50 -52.49
CA LYS B 101 24.90 37.01 -52.87
C LYS B 101 24.79 35.49 -52.79
N GLU B 102 25.80 34.81 -52.25
CA GLU B 102 25.89 33.36 -52.33
C GLU B 102 25.90 32.76 -50.94
N MET B 103 24.88 31.97 -50.65
CA MET B 103 24.85 31.19 -49.42
C MET B 103 24.47 29.76 -49.78
N VAL B 104 25.17 28.79 -49.21
CA VAL B 104 24.92 27.39 -49.53
C VAL B 104 24.26 26.71 -48.34
N HIS B 105 23.78 25.50 -48.58
CA HIS B 105 23.17 24.67 -47.55
C HIS B 105 23.60 23.23 -47.81
N LEU B 106 23.78 22.47 -46.74
CA LEU B 106 24.41 21.15 -46.83
C LEU B 106 23.80 20.19 -45.83
N VAL B 107 23.41 19.00 -46.30
CA VAL B 107 23.15 17.86 -45.42
C VAL B 107 23.77 16.61 -46.01
N TYR B 108 24.14 15.69 -45.13
CA TYR B 108 24.52 14.33 -45.51
C TYR B 108 23.50 13.38 -44.91
N ILE B 109 22.73 12.73 -45.77
CA ILE B 109 21.62 11.90 -45.33
C ILE B 109 22.01 10.43 -45.49
N PRO B 110 22.35 9.74 -44.41
CA PRO B 110 22.78 8.34 -44.53
C PRO B 110 21.59 7.43 -44.78
N PHE B 111 21.90 6.22 -45.26
CA PHE B 111 20.85 5.28 -45.61
C PHE B 111 20.22 4.66 -44.39
N SER B 112 21.04 4.12 -43.47
CA SER B 112 20.50 3.54 -42.25
C SER B 112 19.98 4.61 -41.30
N GLY B 113 20.51 5.84 -41.41
CA GLY B 113 20.06 6.94 -40.61
C GLY B 113 21.06 7.40 -39.57
N ASN B 114 22.02 6.55 -39.21
CA ASN B 114 22.97 6.92 -38.17
C ASN B 114 24.31 7.27 -38.80
N THR B 115 24.73 8.53 -38.63
CA THR B 115 25.98 8.99 -39.24
C THR B 115 27.22 8.38 -38.60
N ASN B 116 27.10 7.88 -37.38
CA ASN B 116 28.19 7.21 -36.70
C ASN B 116 28.15 5.70 -36.87
N TRP B 117 27.03 5.15 -37.31
CA TRP B 117 26.89 3.72 -37.56
C TRP B 117 26.11 3.52 -38.85
N PRO B 118 26.77 3.57 -40.00
CA PRO B 118 26.04 3.50 -41.27
C PRO B 118 25.87 2.07 -41.75
N ALA B 119 25.03 1.94 -42.79
CA ALA B 119 24.98 0.70 -43.56
C ALA B 119 25.89 0.82 -44.77
N HIS B 120 25.92 -0.22 -45.60
CA HIS B 120 26.78 -0.23 -46.78
C HIS B 120 26.08 -1.03 -47.87
N ILE B 121 25.40 -0.34 -48.78
CA ILE B 121 24.74 -1.01 -49.88
C ILE B 121 25.79 -1.51 -50.86
N ASN B 122 25.98 -2.82 -50.90
CA ASN B 122 26.82 -3.42 -51.91
C ASN B 122 26.06 -3.54 -53.22
N LEU B 123 26.81 -3.73 -54.30
CA LEU B 123 26.23 -3.97 -55.61
C LEU B 123 27.02 -5.06 -56.28
N LYS B 124 26.40 -5.71 -57.27
CA LYS B 124 27.03 -6.77 -58.03
C LYS B 124 26.93 -6.47 -59.52
N ASP B 125 27.25 -7.46 -60.34
CA ASP B 125 27.42 -7.26 -61.77
C ASP B 125 26.12 -6.99 -62.53
N ASN B 126 24.95 -7.10 -61.91
CA ASN B 126 23.70 -6.89 -62.62
C ASN B 126 22.70 -6.00 -61.90
N ASP B 127 22.80 -5.84 -60.59
CA ASP B 127 21.85 -5.01 -59.88
C ASP B 127 22.18 -3.53 -60.07
N VAL B 128 21.25 -2.68 -59.69
CA VAL B 128 21.42 -1.24 -59.89
C VAL B 128 20.62 -0.49 -58.84
N LEU B 129 21.15 0.63 -58.38
CA LEU B 129 20.46 1.56 -57.51
C LEU B 129 20.07 2.78 -58.34
N GLU B 130 18.87 3.31 -58.08
CA GLU B 130 18.35 4.44 -58.83
C GLU B 130 17.93 5.54 -57.87
N VAL B 131 18.66 6.65 -57.88
CA VAL B 131 18.40 7.79 -57.03
C VAL B 131 17.72 8.85 -57.89
N TYR B 132 16.60 9.40 -57.41
CA TYR B 132 15.74 10.24 -58.21
C TYR B 132 15.36 11.49 -57.44
N VAL B 133 15.57 12.66 -58.03
CA VAL B 133 15.33 13.94 -57.38
C VAL B 133 14.45 14.81 -58.28
N ASN B 134 13.38 15.36 -57.71
CA ASN B 134 12.56 16.39 -58.35
C ASN B 134 12.75 17.72 -57.66
N VAL B 135 12.61 18.79 -58.42
CA VAL B 135 12.48 20.15 -57.90
C VAL B 135 11.30 20.79 -58.61
N VAL B 136 10.31 21.21 -57.84
CA VAL B 136 9.04 21.65 -58.41
C VAL B 136 8.75 23.10 -58.05
N ARG B 137 7.57 23.57 -58.46
CA ARG B 137 7.19 24.97 -58.36
C ARG B 137 7.12 25.44 -56.90
N GLY B 138 7.63 26.65 -56.66
CA GLY B 138 7.51 27.27 -55.35
C GLY B 138 8.53 26.82 -54.34
N ALA B 139 9.75 26.51 -54.77
CA ALA B 139 10.75 25.97 -53.87
C ALA B 139 11.90 26.94 -53.60
N TYR B 140 11.76 28.21 -53.96
CA TYR B 140 12.81 29.17 -53.63
C TYR B 140 12.28 30.48 -53.08
N GLY B 141 11.03 30.81 -53.34
CA GLY B 141 10.50 32.06 -52.83
C GLY B 141 10.95 33.27 -53.63
N ALA B 142 10.79 34.45 -53.06
CA ALA B 142 10.99 35.69 -53.80
C ALA B 142 12.45 36.04 -53.99
N GLU B 143 13.23 36.06 -52.90
CA GLU B 143 14.54 36.67 -52.89
C GLU B 143 15.64 35.80 -53.49
N LEU B 144 15.29 34.74 -54.21
CA LEU B 144 16.28 33.88 -54.85
C LEU B 144 16.11 33.94 -56.36
N ASP B 145 17.14 33.52 -57.07
CA ASP B 145 17.12 33.54 -58.52
C ASP B 145 16.85 32.12 -59.04
N ALA B 146 16.78 31.99 -60.36
CA ALA B 146 16.52 30.71 -61.00
C ALA B 146 17.79 30.03 -61.48
N ASN B 147 18.90 30.14 -60.74
CA ASN B 147 20.15 29.49 -61.13
C ASN B 147 20.76 28.67 -59.99
N ALA B 148 19.94 28.01 -59.19
CA ALA B 148 20.43 27.21 -58.10
C ALA B 148 20.88 25.84 -58.59
N CYS B 149 21.74 25.20 -57.79
CA CYS B 149 22.31 23.90 -58.15
C CYS B 149 22.38 23.04 -56.90
N ILE B 150 22.15 21.74 -57.06
CA ILE B 150 22.31 20.80 -55.95
C ILE B 150 23.28 19.70 -56.36
N CYS B 151 23.50 18.73 -55.48
CA CYS B 151 24.53 17.72 -55.64
C CYS B 151 23.95 16.31 -55.70
N ASP B 152 24.85 15.32 -55.67
CA ASP B 152 24.55 13.93 -55.97
C ASP B 152 25.12 13.02 -54.87
N VAL B 153 25.11 11.71 -55.15
CA VAL B 153 25.34 10.70 -54.13
C VAL B 153 26.83 10.59 -53.81
N ARG B 154 27.16 10.52 -52.51
CA ARG B 154 28.51 10.24 -52.05
C ARG B 154 28.73 8.74 -51.92
N THR B 155 29.98 8.36 -51.68
CA THR B 155 30.33 6.96 -51.56
C THR B 155 30.79 6.63 -50.14
N SER B 156 31.27 5.42 -49.97
CA SER B 156 31.72 4.88 -48.70
C SER B 156 32.84 3.87 -48.96
N PRO B 157 33.70 3.60 -47.97
CA PRO B 157 34.71 2.55 -48.16
C PRO B 157 34.07 1.18 -48.27
N SER B 158 34.84 0.23 -48.82
CA SER B 158 34.33 -1.13 -49.02
C SER B 158 34.25 -1.83 -47.68
N ILE B 159 33.28 -1.43 -46.87
CA ILE B 159 33.00 -2.01 -45.57
C ILE B 159 31.72 -2.79 -45.82
N GLY B 160 31.60 -3.30 -47.04
CA GLY B 160 30.45 -4.08 -47.44
C GLY B 160 30.48 -5.48 -46.86
N VAL B 161 30.35 -5.53 -45.54
CA VAL B 161 30.22 -6.77 -44.79
C VAL B 161 28.77 -6.75 -44.33
N GLU B 162 27.93 -6.13 -45.15
CA GLU B 162 26.64 -5.61 -44.73
C GLU B 162 25.65 -6.73 -44.49
N LYS B 163 24.92 -6.63 -43.39
CA LYS B 163 24.00 -7.67 -43.00
C LYS B 163 22.59 -7.45 -43.54
N PHE B 164 22.30 -6.29 -44.12
CA PHE B 164 20.90 -5.95 -44.39
C PHE B 164 20.77 -4.90 -45.48
N ILE B 165 19.53 -4.48 -45.71
CA ILE B 165 19.15 -3.45 -46.66
C ILE B 165 18.29 -2.46 -45.90
N PRO B 166 18.79 -1.25 -45.60
CA PRO B 166 18.06 -0.34 -44.72
C PRO B 166 16.90 0.32 -45.44
N PHE B 167 15.72 0.24 -44.83
CA PHE B 167 14.55 0.98 -45.29
C PHE B 167 14.33 2.17 -44.36
N MET B 168 13.56 3.13 -44.83
CA MET B 168 13.26 4.31 -44.03
C MET B 168 11.90 4.83 -44.43
N THR B 169 11.08 5.21 -43.46
CA THR B 169 9.75 5.72 -43.78
C THR B 169 9.29 6.69 -42.70
N SER B 170 8.23 7.42 -43.04
CA SER B 170 7.61 8.41 -42.18
C SER B 170 6.14 8.08 -41.99
N TYR B 171 5.54 8.66 -40.95
CA TYR B 171 4.15 8.34 -40.62
C TYR B 171 3.20 9.52 -40.78
N SER B 172 3.62 10.73 -40.38
CA SER B 172 2.87 11.98 -40.53
C SER B 172 1.51 11.98 -39.84
N ILE B 173 1.51 12.05 -38.50
CA ILE B 173 0.28 12.00 -37.69
C ILE B 173 -0.63 13.18 -38.04
N ARG B 174 -1.90 13.05 -37.65
CA ARG B 174 -3.00 13.87 -38.15
C ARG B 174 -2.95 15.29 -37.60
N ALA B 175 -4.02 16.05 -37.89
CA ALA B 175 -4.06 17.47 -37.58
C ALA B 175 -4.16 17.73 -36.09
N ASN B 176 -5.23 17.26 -35.46
CA ASN B 176 -5.41 17.44 -34.03
C ASN B 176 -5.59 16.09 -33.37
N GLN B 177 -4.80 15.10 -33.77
CA GLN B 177 -4.95 13.76 -33.25
C GLN B 177 -4.42 13.69 -31.83
N ALA B 178 -5.28 13.25 -30.92
CA ALA B 178 -4.91 13.13 -29.51
C ALA B 178 -4.20 11.82 -29.23
N THR B 179 -4.61 10.73 -29.88
CA THR B 179 -4.04 9.42 -29.61
C THR B 179 -3.90 8.67 -30.91
N ASP B 180 -2.75 8.02 -31.10
CA ASP B 180 -2.60 7.15 -32.26
C ASP B 180 -1.74 5.97 -31.88
N LEU B 181 -2.31 4.77 -31.99
CA LEU B 181 -1.58 3.51 -31.82
C LEU B 181 -0.94 3.17 -33.15
N VAL B 182 0.34 3.49 -33.29
CA VAL B 182 1.02 3.34 -34.56
C VAL B 182 1.82 2.05 -34.49
N ASN B 183 1.30 1.00 -35.11
CA ASN B 183 2.05 -0.23 -35.26
C ASN B 183 3.19 0.00 -36.22
N LEU B 184 4.34 -0.59 -35.94
CA LEU B 184 5.49 -0.33 -36.79
C LEU B 184 5.91 -1.63 -37.47
N GLY B 185 7.04 -1.57 -38.15
CA GLY B 185 7.48 -2.67 -38.99
C GLY B 185 8.03 -3.86 -38.23
N ASN B 186 8.83 -4.67 -38.91
CA ASN B 186 9.37 -5.85 -38.28
C ASN B 186 10.56 -5.48 -37.40
N ASP B 187 11.64 -4.98 -38.00
CA ASP B 187 12.88 -4.77 -37.25
C ASP B 187 13.36 -3.35 -37.52
N VAL B 188 13.28 -2.49 -36.50
CA VAL B 188 13.02 -1.07 -36.69
C VAL B 188 14.26 -0.18 -36.47
N THR B 189 15.10 -0.49 -35.48
CA THR B 189 16.46 0.03 -35.26
C THR B 189 16.56 1.52 -34.88
N ARG B 190 15.57 2.33 -35.24
CA ARG B 190 15.54 3.76 -34.91
C ARG B 190 14.12 4.26 -35.02
N ILE B 191 13.69 5.00 -34.00
CA ILE B 191 12.37 5.62 -33.94
C ILE B 191 12.57 7.07 -33.51
N ALA B 192 12.04 8.01 -34.28
CA ALA B 192 12.26 9.42 -33.94
C ALA B 192 10.96 10.18 -33.98
N LEU B 193 10.86 11.18 -33.11
CA LEU B 193 9.70 12.04 -33.01
C LEU B 193 10.10 13.46 -33.39
N LEU B 194 9.62 13.91 -34.55
CA LEU B 194 10.10 15.14 -35.17
C LEU B 194 9.00 16.19 -35.18
N SER B 195 9.42 17.45 -35.16
CA SER B 195 8.51 18.57 -35.32
C SER B 195 9.27 19.72 -35.96
N MET B 196 8.53 20.60 -36.64
CA MET B 196 9.13 21.55 -37.56
C MET B 196 8.65 22.97 -37.29
N THR B 197 8.28 23.28 -36.06
CA THR B 197 7.83 24.63 -35.75
C THR B 197 8.24 25.04 -34.36
N ASN B 198 8.31 26.36 -34.15
CA ASN B 198 8.47 26.97 -32.83
C ASN B 198 7.62 28.24 -32.85
N ASP B 199 6.35 28.11 -32.43
CA ASP B 199 5.46 29.27 -32.42
C ASP B 199 5.75 30.19 -31.24
N VAL B 200 6.23 29.61 -30.14
CA VAL B 200 6.60 30.35 -28.95
C VAL B 200 8.04 29.95 -28.62
N SER B 201 8.53 30.38 -27.45
CA SER B 201 9.83 29.95 -26.98
C SER B 201 9.86 28.44 -26.74
N ASN B 202 11.07 27.91 -26.66
CA ASN B 202 11.30 26.46 -26.74
C ASN B 202 10.81 25.78 -25.46
N ILE B 203 9.50 25.58 -25.42
CA ILE B 203 8.82 24.77 -24.41
C ILE B 203 8.13 23.64 -25.14
N PRO B 204 8.31 22.37 -24.73
CA PRO B 204 7.88 21.24 -25.56
C PRO B 204 6.39 21.16 -25.89
N ASN B 205 5.53 21.08 -24.88
CA ASN B 205 4.07 21.29 -24.97
C ASN B 205 3.32 20.37 -25.92
N ALA B 206 3.96 19.33 -26.45
CA ALA B 206 3.36 18.52 -27.50
C ALA B 206 3.08 17.10 -27.04
N PHE B 207 4.10 16.40 -26.56
CA PHE B 207 3.93 15.03 -26.10
C PHE B 207 3.54 15.03 -24.64
N THR B 208 2.62 14.14 -24.27
CA THR B 208 2.33 13.91 -22.88
C THR B 208 2.52 12.47 -22.44
N ASP B 209 2.49 11.51 -23.38
CA ASP B 209 2.93 10.16 -23.06
C ASP B 209 3.29 9.43 -24.35
N VAL B 210 4.38 8.67 -24.31
CA VAL B 210 4.81 7.85 -25.43
C VAL B 210 5.00 6.42 -24.93
N THR B 211 4.23 5.50 -25.49
CA THR B 211 4.27 4.08 -25.12
C THR B 211 5.11 3.37 -26.19
N LEU B 212 6.08 2.58 -25.74
CA LEU B 212 6.87 1.78 -26.65
C LEU B 212 6.85 0.33 -26.19
N SER B 213 6.14 -0.51 -26.94
CA SER B 213 6.05 -1.93 -26.64
C SER B 213 6.79 -2.73 -27.70
N SER B 214 7.51 -3.75 -27.25
CA SER B 214 8.35 -4.50 -28.18
C SER B 214 8.45 -5.96 -27.72
N ASP B 215 9.38 -6.68 -28.31
CA ASP B 215 9.72 -8.02 -27.82
C ASP B 215 10.88 -7.95 -26.84
N ARG B 216 11.66 -6.88 -26.89
CA ARG B 216 12.85 -6.80 -26.09
C ARG B 216 12.78 -5.75 -24.99
N LEU B 217 11.79 -4.86 -25.04
CA LEU B 217 11.63 -3.82 -24.02
C LEU B 217 10.19 -3.35 -24.01
N ASP B 218 9.86 -2.65 -22.93
CA ASP B 218 8.57 -1.99 -22.76
C ASP B 218 8.82 -0.73 -21.93
N LYS B 219 8.81 0.43 -22.58
CA LYS B 219 9.15 1.67 -21.91
C LYS B 219 8.01 2.65 -22.09
N ASN B 220 7.54 3.21 -20.97
CA ASN B 220 6.47 4.20 -20.98
C ASN B 220 7.07 5.56 -20.69
N PHE B 221 7.47 6.26 -21.74
CA PHE B 221 8.16 7.53 -21.65
C PHE B 221 7.19 8.61 -21.20
N ASN B 222 7.42 9.10 -19.99
CA ASN B 222 6.79 10.33 -19.52
C ASN B 222 7.32 11.52 -20.34
N SER B 223 6.59 12.63 -20.27
CA SER B 223 7.00 13.84 -20.99
C SER B 223 8.30 14.40 -20.45
N ASN B 224 8.57 14.18 -19.16
CA ASN B 224 9.90 14.49 -18.63
C ASN B 224 10.93 13.48 -19.15
N GLN B 225 10.53 12.21 -19.23
CA GLN B 225 11.49 11.16 -19.55
C GLN B 225 11.91 11.21 -21.01
N LEU B 226 11.11 11.83 -21.88
CA LEU B 226 11.58 12.06 -23.25
C LEU B 226 12.69 13.10 -23.28
N ILE B 227 12.55 14.16 -22.47
CA ILE B 227 13.56 15.20 -22.41
C ILE B 227 14.85 14.65 -21.81
N LEU B 228 14.74 13.65 -20.95
CA LEU B 228 15.91 12.86 -20.59
C LEU B 228 16.40 12.04 -21.78
N GLU B 229 15.48 11.43 -22.53
CA GLU B 229 15.84 10.38 -23.47
C GLU B 229 16.58 10.92 -24.69
N HIS B 230 16.27 12.16 -25.11
CA HIS B 230 17.00 12.73 -26.23
C HIS B 230 18.44 13.07 -25.86
N SER B 231 18.72 13.24 -24.58
CA SER B 231 20.06 13.60 -24.13
C SER B 231 20.92 12.41 -23.78
N LYS B 232 20.69 11.25 -24.39
CA LYS B 232 21.58 10.11 -24.21
C LYS B 232 22.68 10.04 -25.25
N CYS B 233 22.46 10.57 -26.45
CA CYS B 233 23.44 10.51 -27.51
C CYS B 233 24.37 11.71 -27.56
N ILE B 234 23.83 12.92 -27.44
CA ILE B 234 24.63 14.13 -27.48
C ILE B 234 25.31 14.33 -26.13
N GLU B 235 26.63 14.45 -26.13
CA GLU B 235 27.31 14.75 -24.88
C GLU B 235 27.66 16.23 -24.73
N ASP B 236 27.12 17.08 -25.59
CA ASP B 236 27.23 18.51 -25.34
C ASP B 236 26.33 18.88 -24.17
N SER B 237 26.68 19.98 -23.50
CA SER B 237 25.92 20.41 -22.34
C SER B 237 24.53 20.91 -22.72
N VAL B 238 24.36 21.40 -23.95
CA VAL B 238 23.02 21.68 -24.45
C VAL B 238 22.31 20.34 -24.67
N ARG B 239 21.01 20.30 -24.38
CA ARG B 239 20.33 19.03 -24.33
C ARG B 239 19.96 18.49 -25.71
N SER B 240 20.02 19.32 -26.76
CA SER B 240 19.57 18.88 -28.07
C SER B 240 20.27 19.64 -29.18
N HIS B 241 20.29 19.04 -30.35
CA HIS B 241 20.87 19.62 -31.56
C HIS B 241 19.84 19.63 -32.69
N ALA B 242 18.64 20.14 -32.39
CA ALA B 242 17.61 20.41 -33.39
C ALA B 242 16.80 21.59 -32.89
N ASN B 243 15.62 21.78 -33.46
CA ASN B 243 14.68 22.76 -32.92
C ASN B 243 13.89 22.13 -31.79
N GLU B 244 14.16 22.58 -30.56
CA GLU B 244 13.94 21.78 -29.35
C GLU B 244 12.46 21.66 -28.97
N VAL B 245 11.74 20.92 -29.82
CA VAL B 245 10.42 20.43 -29.52
C VAL B 245 10.38 18.96 -29.91
N ASP B 246 11.56 18.38 -30.16
CA ASP B 246 11.67 17.03 -30.66
C ASP B 246 12.12 16.06 -29.58
N SER B 247 12.17 14.79 -29.96
CA SER B 247 12.66 13.72 -29.09
C SER B 247 13.04 12.54 -29.97
N TYR B 248 13.77 11.60 -29.38
CA TYR B 248 14.45 10.58 -30.17
C TYR B 248 14.67 9.29 -29.39
N LEU B 249 14.54 8.17 -30.09
CA LEU B 249 14.59 6.83 -29.51
C LEU B 249 15.47 5.94 -30.42
N ILE B 250 16.77 5.92 -30.15
CA ILE B 250 17.68 5.05 -30.88
C ILE B 250 17.58 3.65 -30.31
N HIS B 251 17.73 2.63 -31.16
CA HIS B 251 17.61 1.26 -30.69
C HIS B 251 18.64 0.39 -31.39
N GLU B 252 18.62 -0.90 -31.04
CA GLU B 252 19.46 -1.92 -31.64
C GLU B 252 18.58 -3.16 -31.83
N ASP B 253 17.98 -3.28 -33.01
CA ASP B 253 17.31 -4.49 -33.50
C ASP B 253 16.14 -4.92 -32.60
N ILE B 254 15.11 -4.09 -32.59
CA ILE B 254 13.84 -4.45 -31.94
C ILE B 254 13.04 -5.38 -32.85
N GLU B 255 12.64 -6.54 -32.30
CA GLU B 255 12.18 -7.66 -33.12
C GLU B 255 10.77 -7.48 -33.67
N ILE B 256 9.89 -6.77 -32.95
CA ILE B 256 8.60 -6.29 -33.45
C ILE B 256 8.18 -5.19 -32.49
N ASP B 257 7.31 -4.29 -32.94
CA ASP B 257 7.00 -3.15 -32.09
C ASP B 257 5.66 -2.52 -32.43
N SER B 258 5.02 -1.99 -31.38
CA SER B 258 3.90 -1.06 -31.52
C SER B 258 4.22 0.15 -30.66
N ALA B 259 4.09 1.33 -31.23
CA ALA B 259 4.41 2.57 -30.54
C ALA B 259 3.13 3.40 -30.43
N LYS B 260 2.63 3.55 -29.21
CA LYS B 260 1.39 4.29 -28.98
C LYS B 260 1.73 5.70 -28.55
N VAL B 261 1.47 6.67 -29.41
CA VAL B 261 1.76 8.06 -29.10
C VAL B 261 0.47 8.74 -28.65
N HIS B 262 0.50 9.36 -27.47
CA HIS B 262 -0.60 10.20 -27.03
C HIS B 262 -0.08 11.62 -26.83
N LEU B 263 -0.58 12.54 -27.64
CA LEU B 263 -0.24 13.94 -27.62
C LEU B 263 -1.11 14.68 -26.62
N LYS B 264 -0.75 15.93 -26.34
CA LYS B 264 -1.58 16.72 -25.45
C LYS B 264 -2.88 17.14 -26.12
N MET B 265 -2.79 18.01 -27.13
CA MET B 265 -3.93 18.82 -27.50
C MET B 265 -3.59 19.53 -28.81
N ASN B 266 -4.36 20.55 -29.16
CA ASN B 266 -4.12 21.51 -30.23
C ASN B 266 -2.70 22.04 -30.44
N PRO B 267 -1.81 22.20 -29.39
CA PRO B 267 -0.40 22.48 -29.70
C PRO B 267 0.34 21.40 -30.49
N ALA B 268 -0.25 20.21 -30.66
CA ALA B 268 0.10 19.38 -31.80
C ALA B 268 -0.45 20.06 -33.05
N LYS B 269 0.45 20.63 -33.85
CA LYS B 269 0.06 21.53 -34.92
C LYS B 269 -0.64 20.80 -36.05
N ILE B 270 -1.17 21.58 -36.97
CA ILE B 270 -1.92 21.05 -38.09
C ILE B 270 -1.16 21.40 -39.38
N ARG B 271 -1.68 20.89 -40.50
CA ARG B 271 -1.31 21.31 -41.87
C ARG B 271 0.17 21.07 -42.17
N GLU B 272 0.60 19.81 -42.00
CA GLU B 272 1.93 19.29 -42.35
C GLU B 272 3.05 19.84 -41.47
N ASN B 273 2.74 20.79 -40.58
CA ASN B 273 3.70 21.31 -39.62
C ASN B 273 3.62 20.52 -38.32
N THR B 274 3.04 19.34 -38.41
CA THR B 274 2.68 18.47 -37.31
C THR B 274 3.87 17.62 -36.91
N ILE B 275 3.58 16.63 -36.10
CA ILE B 275 4.61 15.74 -35.60
C ILE B 275 4.79 14.57 -36.55
N TYR B 276 6.04 14.25 -36.84
CA TYR B 276 6.41 13.21 -37.79
C TYR B 276 7.09 12.08 -37.06
N LEU B 277 6.45 10.92 -37.03
CA LEU B 277 7.09 9.69 -36.54
C LEU B 277 7.85 9.07 -37.70
N VAL B 278 9.17 9.05 -37.60
CA VAL B 278 10.03 8.56 -38.68
C VAL B 278 10.87 7.41 -38.14
N ARG B 279 10.85 6.28 -38.85
CA ARG B 279 11.57 5.10 -38.42
C ARG B 279 12.44 4.60 -39.55
N SER B 280 13.48 3.83 -39.20
CA SER B 280 14.45 3.37 -40.19
C SER B 280 14.66 1.85 -40.06
N HIS B 281 13.77 1.07 -40.66
CA HIS B 281 13.80 -0.37 -40.48
C HIS B 281 14.72 -1.01 -41.52
N PHE B 282 14.67 -2.33 -41.66
CA PHE B 282 15.49 -2.98 -42.69
C PHE B 282 14.91 -4.33 -43.10
N GLN B 283 15.55 -4.92 -44.11
CA GLN B 283 15.29 -6.27 -44.59
C GLN B 283 16.61 -7.01 -44.75
N THR B 284 16.58 -8.32 -44.67
CA THR B 284 17.80 -9.12 -44.75
C THR B 284 17.47 -10.55 -45.18
N SER B 285 18.51 -11.30 -45.49
CA SER B 285 18.33 -12.66 -45.98
C SER B 285 19.61 -13.46 -45.85
N LEU B 286 19.50 -14.75 -46.19
CA LEU B 286 20.58 -15.70 -45.98
C LEU B 286 21.74 -15.43 -46.93
N GLU B 287 21.45 -15.18 -48.21
CA GLU B 287 22.56 -14.99 -49.15
C GLU B 287 23.20 -13.63 -48.97
N ILE B 288 22.48 -12.67 -48.36
CA ILE B 288 23.12 -11.44 -47.92
C ILE B 288 24.14 -11.73 -46.83
N LEU B 289 23.78 -12.64 -45.91
CA LEU B 289 24.76 -13.10 -44.92
C LEU B 289 25.89 -13.88 -45.56
N GLN B 290 25.62 -14.62 -46.64
CA GLN B 290 26.69 -15.37 -47.31
C GLN B 290 27.67 -14.43 -48.00
N LYS B 291 27.17 -13.36 -48.61
CA LYS B 291 28.07 -12.37 -49.19
C LYS B 291 28.83 -11.61 -48.12
N ALA B 292 28.24 -11.47 -46.93
CA ALA B 292 28.93 -10.85 -45.81
C ALA B 292 30.10 -11.70 -45.35
N VAL B 293 29.88 -13.02 -45.21
CA VAL B 293 30.95 -13.93 -44.81
C VAL B 293 32.03 -14.00 -45.87
N ALA B 294 31.63 -13.97 -47.14
CA ALA B 294 32.59 -14.02 -48.24
C ALA B 294 33.46 -12.77 -48.26
N MET B 295 32.86 -11.60 -48.06
CA MET B 295 33.64 -10.36 -48.11
C MET B 295 34.54 -10.22 -46.88
N GLU B 296 34.10 -10.75 -45.74
CA GLU B 296 34.94 -10.76 -44.54
C GLU B 296 36.16 -11.65 -44.72
N GLU B 297 35.97 -12.85 -45.26
CA GLU B 297 37.10 -13.76 -45.43
C GLU B 297 38.03 -13.28 -46.54
N LYS B 298 37.48 -12.65 -47.58
CA LYS B 298 38.33 -12.08 -48.63
C LYS B 298 39.21 -10.97 -48.07
N HIS B 299 38.60 -10.00 -47.37
CA HIS B 299 39.37 -8.87 -46.88
C HIS B 299 40.36 -9.27 -45.79
N GLN B 300 39.99 -10.25 -44.97
CA GLN B 300 40.91 -10.69 -43.92
C GLN B 300 42.11 -11.44 -44.51
N SER B 301 41.84 -12.36 -45.45
CA SER B 301 42.93 -13.13 -46.04
C SER B 301 43.82 -12.25 -46.92
N ALA B 302 43.25 -11.21 -47.53
CA ALA B 302 44.05 -10.29 -48.32
C ALA B 302 44.95 -9.42 -47.44
N ASP B 303 44.43 -8.97 -46.30
CA ASP B 303 45.23 -8.14 -45.41
C ASP B 303 46.34 -8.94 -44.76
N ILE B 304 46.09 -10.23 -44.46
CA ILE B 304 47.16 -11.07 -43.95
C ILE B 304 48.11 -11.46 -45.08
N ALA B 305 47.65 -11.41 -46.33
CA ALA B 305 48.54 -11.72 -47.45
C ALA B 305 49.57 -10.62 -47.66
N LYS B 306 49.16 -9.35 -47.58
CA LYS B 306 50.07 -8.25 -47.93
C LYS B 306 50.80 -7.67 -46.73
N VAL B 307 51.49 -8.50 -45.94
CA VAL B 307 52.40 -8.02 -44.89
C VAL B 307 53.72 -8.78 -44.98
N PRO B 308 54.77 -8.20 -45.58
CA PRO B 308 55.99 -8.97 -45.86
C PRO B 308 56.84 -9.40 -44.67
N ALA B 309 57.44 -8.44 -43.98
CA ALA B 309 58.50 -8.63 -42.99
C ALA B 309 58.89 -7.24 -42.50
N THR B 310 59.81 -7.22 -41.53
CA THR B 310 60.52 -6.02 -41.07
C THR B 310 59.63 -4.89 -40.56
N MET C 1 8.00 5.75 -9.92
CA MET C 1 7.52 5.97 -8.56
C MET C 1 7.47 7.46 -8.29
N THR C 2 6.79 7.83 -7.20
CA THR C 2 6.84 9.20 -6.70
C THR C 2 7.08 9.11 -5.21
N ILE C 3 7.91 10.01 -4.68
CA ILE C 3 8.23 10.06 -3.27
C ILE C 3 7.93 11.46 -2.75
N LYS C 4 7.26 11.53 -1.60
CA LYS C 4 7.03 12.80 -0.92
C LYS C 4 8.34 13.40 -0.42
N TYR C 5 8.29 14.69 -0.11
CA TYR C 5 9.33 15.29 0.71
C TYR C 5 9.25 14.71 2.11
N LEU C 6 10.43 14.53 2.72
CA LEU C 6 10.59 13.83 4.00
C LEU C 6 9.98 12.43 3.96
N SER C 7 10.46 11.60 3.05
CA SER C 7 9.85 10.30 2.79
C SER C 7 10.87 9.34 2.19
N SER C 8 10.57 8.05 2.28
CA SER C 8 11.43 7.00 1.75
C SER C 8 10.59 5.99 0.99
N GLU C 9 11.16 5.43 -0.08
CA GLU C 9 10.44 4.41 -0.83
C GLU C 9 11.43 3.49 -1.53
N THR C 10 11.08 2.22 -1.59
CA THR C 10 11.87 1.20 -2.27
C THR C 10 11.40 1.02 -3.70
N GLU C 11 11.95 0.00 -4.35
CA GLU C 11 11.68 -0.36 -5.73
C GLU C 11 12.24 -1.75 -5.96
N LYS C 12 11.48 -2.59 -6.66
CA LYS C 12 11.92 -3.96 -6.93
C LYS C 12 11.79 -4.27 -8.41
N LEU C 13 12.73 -5.07 -8.90
CA LEU C 13 12.77 -5.46 -10.32
C LEU C 13 13.01 -6.96 -10.39
N MET C 14 12.13 -7.67 -11.09
CA MET C 14 12.13 -9.13 -11.09
C MET C 14 12.69 -9.72 -12.38
N ASN C 15 12.20 -9.31 -13.54
CA ASN C 15 12.69 -9.82 -14.82
C ASN C 15 12.83 -8.65 -15.78
N GLN C 16 14.00 -8.01 -15.77
CA GLN C 16 14.27 -6.88 -16.64
C GLN C 16 15.70 -7.00 -17.14
N THR C 17 15.99 -6.25 -18.20
CA THR C 17 17.36 -5.97 -18.61
C THR C 17 17.56 -4.50 -18.23
N VAL C 18 18.01 -4.29 -17.01
CA VAL C 18 17.99 -2.98 -16.38
C VAL C 18 19.35 -2.31 -16.52
N SER C 19 19.33 -1.05 -16.95
CA SER C 19 20.55 -0.25 -17.08
C SER C 19 20.15 1.23 -16.98
N GLY C 20 20.71 1.92 -16.01
CA GLY C 20 20.45 3.34 -15.89
C GLY C 20 19.24 3.64 -15.04
N ILE C 21 19.37 4.67 -14.22
CA ILE C 21 18.31 5.14 -13.35
C ILE C 21 18.02 6.60 -13.68
N ASP C 22 16.80 6.87 -14.11
CA ASP C 22 16.31 8.23 -14.25
C ASP C 22 16.17 8.88 -12.88
N VAL C 23 16.52 10.16 -12.82
CA VAL C 23 16.06 11.02 -11.74
C VAL C 23 15.46 12.26 -12.39
N CYS C 24 14.14 12.40 -12.27
CA CYS C 24 13.44 13.61 -12.67
C CYS C 24 13.06 14.35 -11.41
N PHE C 25 12.93 15.66 -11.50
CA PHE C 25 12.37 16.49 -10.46
C PHE C 25 11.25 17.34 -11.03
N THR C 26 10.47 17.96 -10.15
CA THR C 26 9.46 18.92 -10.57
C THR C 26 9.35 19.96 -9.47
N LEU C 27 9.87 21.15 -9.71
CA LEU C 27 9.91 22.20 -8.72
C LEU C 27 8.72 23.13 -8.92
N ILE C 28 8.05 23.48 -7.84
CA ILE C 28 6.89 24.36 -7.87
C ILE C 28 7.25 25.63 -7.13
N GLY C 29 7.21 26.76 -7.81
CA GLY C 29 7.52 28.02 -7.19
C GLY C 29 6.40 28.52 -6.29
N VAL C 30 6.76 29.44 -5.40
CA VAL C 30 5.75 30.10 -4.60
C VAL C 30 5.16 31.28 -5.35
N ASP C 31 6.01 32.20 -5.80
CA ASP C 31 5.59 33.35 -6.59
C ASP C 31 6.41 33.35 -7.87
N ASP C 32 6.07 34.26 -8.79
CA ASP C 32 6.73 34.28 -10.10
C ASP C 32 8.16 34.77 -10.01
N ASP C 33 8.49 35.54 -8.97
CA ASP C 33 9.88 35.94 -8.78
C ASP C 33 10.74 34.83 -8.20
N SER C 34 10.13 33.74 -7.70
CA SER C 34 10.90 32.59 -7.26
C SER C 34 11.48 31.83 -8.45
N PHE C 35 10.87 32.01 -9.63
CA PHE C 35 11.46 31.53 -10.88
C PHE C 35 11.62 32.66 -11.89
N ALA C 36 11.89 33.87 -11.43
CA ALA C 36 12.32 34.94 -12.33
C ALA C 36 13.69 34.65 -12.90
N SER C 37 14.52 33.94 -12.14
CA SER C 37 15.83 33.52 -12.57
C SER C 37 15.87 31.99 -12.68
N GLY C 38 17.05 31.44 -12.96
CA GLY C 38 17.18 30.01 -13.07
C GLY C 38 17.50 29.36 -11.74
N SER C 39 17.03 28.12 -11.57
CA SER C 39 17.19 27.39 -10.32
C SER C 39 18.59 26.80 -10.25
N LYS C 40 19.55 27.65 -9.90
CA LYS C 40 20.90 27.18 -9.63
C LYS C 40 20.92 26.37 -8.34
N ASN C 41 21.49 25.16 -8.41
CA ASN C 41 21.44 24.23 -7.29
C ASN C 41 22.42 24.67 -6.21
N ASP C 42 21.89 24.97 -5.03
CA ASP C 42 22.74 25.12 -3.86
C ASP C 42 23.25 23.75 -3.43
N TYR C 43 24.46 23.73 -2.89
CA TYR C 43 25.01 22.54 -2.26
C TYR C 43 25.14 22.69 -0.75
N ILE C 44 25.82 23.72 -0.27
CA ILE C 44 26.10 23.77 1.16
C ILE C 44 24.99 24.49 1.88
N SER C 45 24.89 25.80 1.66
CA SER C 45 24.17 26.70 2.54
C SER C 45 24.21 28.09 1.94
N ASP C 46 23.62 29.04 2.68
CA ASP C 46 23.75 30.50 2.58
C ASP C 46 23.06 31.10 1.37
N THR C 47 22.59 30.26 0.45
CA THR C 47 21.60 30.61 -0.56
C THR C 47 20.62 29.45 -0.66
N PRO C 48 19.80 29.21 0.37
CA PRO C 48 18.94 28.01 0.30
C PRO C 48 17.63 28.27 -0.43
N LYS C 49 17.74 28.89 -1.60
CA LYS C 49 16.59 29.35 -2.36
C LYS C 49 16.04 28.30 -3.30
N PHE C 50 16.76 27.20 -3.50
CA PHE C 50 16.40 26.20 -4.49
C PHE C 50 16.81 24.82 -4.02
N LEU C 51 16.90 23.91 -5.00
CA LEU C 51 17.18 22.51 -4.77
C LEU C 51 18.55 22.30 -4.13
N ASP C 52 18.63 21.30 -3.25
CA ASP C 52 19.90 20.87 -2.67
C ASP C 52 20.01 19.36 -2.89
N PRO C 53 20.76 18.92 -3.91
CA PRO C 53 20.77 17.50 -4.26
C PRO C 53 21.60 16.63 -3.34
N SER C 54 22.21 17.19 -2.29
CA SER C 54 23.03 16.37 -1.40
C SER C 54 22.17 15.47 -0.52
N ASN C 55 20.93 15.86 -0.27
CA ASN C 55 20.14 15.20 0.75
C ASN C 55 19.22 14.13 0.18
N VAL C 56 19.62 13.46 -0.89
CA VAL C 56 18.95 12.25 -1.37
C VAL C 56 20.03 11.17 -1.39
N HIS C 57 19.71 9.98 -0.88
CA HIS C 57 20.73 8.94 -0.75
C HIS C 57 20.23 7.66 -1.42
N ILE C 58 20.47 7.58 -2.73
CA ILE C 58 20.03 6.46 -3.53
C ILE C 58 20.96 5.29 -3.31
N LYS C 59 20.44 4.18 -2.81
CA LYS C 59 21.17 2.93 -2.71
C LYS C 59 20.59 1.93 -3.68
N ALA C 60 21.45 1.23 -4.41
CA ALA C 60 20.96 0.10 -5.19
C ALA C 60 21.61 -1.17 -4.68
N THR C 61 20.86 -2.27 -4.72
CA THR C 61 21.46 -3.52 -4.28
C THR C 61 20.88 -4.66 -5.08
N LEU C 62 21.67 -5.73 -5.19
CA LEU C 62 21.32 -6.88 -6.01
C LEU C 62 21.24 -8.10 -5.11
N LYS C 63 20.08 -8.74 -5.09
CA LYS C 63 19.95 -10.06 -4.50
C LYS C 63 20.09 -11.08 -5.61
N ARG C 64 21.05 -11.98 -5.47
CA ARG C 64 21.45 -12.83 -6.59
C ARG C 64 22.04 -14.11 -6.02
N GLY C 65 21.31 -15.21 -6.18
CA GLY C 65 21.80 -16.51 -5.75
C GLY C 65 21.95 -16.65 -4.24
N GLY C 66 21.04 -16.04 -3.50
CA GLY C 66 21.12 -16.08 -2.05
C GLY C 66 22.15 -15.18 -1.45
N LYS C 67 22.76 -14.29 -2.23
CA LYS C 67 23.73 -13.33 -1.72
C LYS C 67 23.27 -11.92 -2.01
N ASP C 68 24.05 -10.96 -1.50
CA ASP C 68 23.77 -9.54 -1.65
C ASP C 68 24.99 -8.86 -2.26
N TYR C 69 24.73 -7.82 -3.05
CA TYR C 69 25.80 -7.02 -3.64
C TYR C 69 25.33 -5.57 -3.60
N VAL C 70 26.26 -4.66 -3.37
CA VAL C 70 25.91 -3.27 -3.08
C VAL C 70 26.35 -2.38 -4.23
N LEU C 71 25.47 -1.48 -4.63
CA LEU C 71 25.73 -0.48 -5.64
C LEU C 71 25.39 0.88 -5.06
N PHE C 72 25.99 1.93 -5.65
CA PHE C 72 25.53 3.32 -5.44
C PHE C 72 25.60 3.80 -4.00
N SER C 73 26.78 4.17 -3.51
CA SER C 73 26.94 4.61 -2.11
C SER C 73 26.38 6.02 -1.88
N GLU C 74 25.10 6.18 -2.23
CA GLU C 74 24.11 7.01 -1.55
C GLU C 74 24.49 8.49 -1.46
N ASN C 75 24.68 9.12 -2.61
CA ASN C 75 24.61 10.58 -2.66
C ASN C 75 24.22 11.03 -4.04
N LEU C 76 23.09 11.72 -4.15
CA LEU C 76 22.57 12.11 -5.45
C LEU C 76 23.44 13.20 -6.09
N ALA C 77 24.07 14.04 -5.28
CA ALA C 77 24.96 15.05 -5.83
C ALA C 77 26.23 14.42 -6.40
N LEU C 78 26.73 13.38 -5.75
CA LEU C 78 27.86 12.63 -6.30
C LEU C 78 27.49 11.90 -7.58
N LEU C 79 26.31 11.30 -7.61
CA LEU C 79 25.90 10.62 -8.83
C LEU C 79 25.57 11.61 -9.93
N ALA C 80 25.20 12.84 -9.58
CA ALA C 80 24.94 13.85 -10.58
C ALA C 80 26.23 14.35 -11.21
N LYS C 81 27.24 14.61 -10.38
CA LYS C 81 28.51 15.07 -10.93
C LYS C 81 29.20 13.96 -11.71
N TYR C 82 29.11 12.73 -11.22
CA TYR C 82 29.81 11.63 -11.87
C TYR C 82 29.12 11.23 -13.17
N SER C 83 27.78 11.32 -13.22
CA SER C 83 27.11 11.06 -14.48
C SER C 83 27.30 12.21 -15.45
N THR C 84 27.09 13.43 -14.99
CA THR C 84 27.25 14.62 -15.83
C THR C 84 28.64 15.20 -15.68
N ILE C 85 29.67 14.38 -15.80
CA ILE C 85 31.00 14.93 -16.00
C ILE C 85 31.24 15.15 -17.49
N THR C 86 30.50 14.45 -18.35
CA THR C 86 30.45 14.73 -19.79
C THR C 86 29.04 15.00 -20.27
N GLN C 87 28.12 15.34 -19.36
CA GLN C 87 26.74 15.62 -19.70
C GLN C 87 26.27 16.80 -18.88
N GLY C 88 24.96 17.04 -18.86
CA GLY C 88 24.39 17.91 -17.86
C GLY C 88 24.60 19.39 -18.15
N ARG C 89 24.63 20.17 -17.07
CA ARG C 89 24.98 21.58 -16.98
C ARG C 89 23.90 22.48 -17.58
N ASP C 90 22.88 21.90 -18.20
CA ASP C 90 21.67 22.60 -18.59
C ASP C 90 20.41 21.89 -18.11
N GLN C 91 20.38 20.57 -18.17
CA GLN C 91 19.17 19.86 -17.79
C GLN C 91 19.21 19.35 -16.37
N TRP C 92 20.33 19.52 -15.67
CA TRP C 92 20.39 19.20 -14.25
C TRP C 92 20.73 20.40 -13.39
N GLU C 93 21.84 21.08 -13.68
CA GLU C 93 22.31 22.11 -12.77
C GLU C 93 21.55 23.41 -12.91
N GLU C 94 20.92 23.67 -14.05
CA GLU C 94 20.10 24.87 -14.19
C GLU C 94 18.71 24.57 -14.71
N GLY C 95 18.44 23.33 -15.10
CA GLY C 95 17.09 22.86 -15.31
C GLY C 95 16.43 23.35 -16.58
N VAL C 96 15.22 22.85 -16.79
CA VAL C 96 14.43 23.12 -18.00
C VAL C 96 13.11 23.72 -17.57
N LYS C 97 12.78 24.89 -18.12
CA LYS C 97 11.49 25.51 -17.83
C LYS C 97 10.38 24.77 -18.55
N LEU C 98 9.21 24.73 -17.93
CA LEU C 98 8.00 24.22 -18.57
C LEU C 98 6.82 25.16 -18.46
N ALA C 99 6.74 25.95 -17.40
CA ALA C 99 5.61 26.83 -17.19
C ALA C 99 6.09 28.05 -16.42
N ALA C 100 5.14 28.80 -15.86
CA ALA C 100 5.49 29.98 -15.08
C ALA C 100 6.15 29.64 -13.76
N LYS C 101 5.70 28.56 -13.10
CA LYS C 101 6.26 28.17 -11.81
C LYS C 101 6.76 26.73 -11.81
N GLU C 102 6.97 26.13 -12.97
CA GLU C 102 7.38 24.73 -13.07
C GLU C 102 8.74 24.66 -13.76
N MET C 103 9.68 23.98 -13.12
CA MET C 103 11.00 23.76 -13.71
C MET C 103 11.48 22.39 -13.24
N VAL C 104 12.07 21.63 -14.15
CA VAL C 104 12.45 20.25 -13.86
C VAL C 104 13.97 20.14 -13.80
N HIS C 105 14.44 18.97 -13.42
CA HIS C 105 15.86 18.62 -13.39
C HIS C 105 15.99 17.14 -13.68
N LEU C 106 16.91 16.80 -14.60
CA LEU C 106 16.92 15.48 -15.21
C LEU C 106 18.33 14.95 -15.27
N VAL C 107 18.56 13.74 -14.76
CA VAL C 107 19.82 13.03 -14.99
C VAL C 107 19.55 11.57 -15.30
N TYR C 108 20.36 11.02 -16.19
CA TYR C 108 20.44 9.60 -16.43
C TYR C 108 21.68 9.07 -15.72
N ILE C 109 21.48 8.12 -14.81
CA ILE C 109 22.60 7.60 -14.02
C ILE C 109 22.83 6.14 -14.42
N PRO C 110 23.73 5.87 -15.35
CA PRO C 110 23.98 4.47 -15.72
C PRO C 110 24.82 3.78 -14.67
N PHE C 111 24.74 2.45 -14.70
CA PHE C 111 25.36 1.64 -13.64
C PHE C 111 26.87 1.60 -13.81
N SER C 112 27.34 1.58 -15.06
CA SER C 112 28.77 1.68 -15.30
C SER C 112 29.24 3.12 -15.20
N GLY C 113 28.32 4.08 -15.31
CA GLY C 113 28.63 5.48 -15.34
C GLY C 113 28.83 6.04 -16.73
N ASN C 114 29.47 5.28 -17.61
CA ASN C 114 29.82 5.79 -18.93
C ASN C 114 28.62 5.68 -19.85
N THR C 115 28.22 6.81 -20.42
CA THR C 115 27.06 6.84 -21.30
C THR C 115 27.26 6.06 -22.59
N ASN C 116 28.48 6.03 -23.10
CA ASN C 116 28.77 5.36 -24.37
C ASN C 116 29.36 3.97 -24.17
N TRP C 117 29.36 3.45 -22.95
CA TRP C 117 29.86 2.10 -22.71
C TRP C 117 29.12 1.48 -21.54
N PRO C 118 27.89 1.02 -21.72
CA PRO C 118 27.05 0.65 -20.57
C PRO C 118 27.12 -0.82 -20.22
N ALA C 119 26.78 -1.11 -18.96
CA ALA C 119 26.48 -2.45 -18.51
C ALA C 119 24.99 -2.71 -18.67
N HIS C 120 24.58 -3.96 -18.55
CA HIS C 120 23.17 -4.32 -18.69
C HIS C 120 22.88 -5.47 -17.73
N ILE C 121 22.42 -5.13 -16.53
CA ILE C 121 22.17 -6.15 -15.51
C ILE C 121 20.99 -7.02 -15.92
N ASN C 122 21.25 -8.31 -16.09
CA ASN C 122 20.20 -9.25 -16.39
C ASN C 122 19.51 -9.73 -15.12
N LEU C 123 18.33 -10.30 -15.30
CA LEU C 123 17.56 -10.84 -14.19
C LEU C 123 16.95 -12.17 -14.61
N LYS C 124 16.66 -13.01 -13.61
CA LYS C 124 16.16 -14.37 -13.82
C LYS C 124 15.08 -14.66 -12.80
N ASP C 125 14.80 -15.96 -12.65
CA ASP C 125 13.67 -16.49 -11.89
C ASP C 125 13.63 -16.08 -10.43
N ASN C 126 14.78 -15.97 -9.75
CA ASN C 126 14.77 -15.73 -8.32
C ASN C 126 15.55 -14.50 -7.87
N ASP C 127 16.33 -13.89 -8.75
CA ASP C 127 17.08 -12.71 -8.37
C ASP C 127 16.20 -11.47 -8.43
N VAL C 128 16.61 -10.43 -7.71
CA VAL C 128 15.80 -9.22 -7.65
C VAL C 128 16.72 -8.04 -7.43
N LEU C 129 16.40 -6.92 -8.06
CA LEU C 129 17.16 -5.69 -7.92
C LEU C 129 16.35 -4.71 -7.08
N GLU C 130 16.97 -4.14 -6.06
CA GLU C 130 16.27 -3.32 -5.08
C GLU C 130 16.85 -1.91 -5.05
N VAL C 131 16.01 -0.92 -5.28
CA VAL C 131 16.43 0.48 -5.32
C VAL C 131 15.76 1.20 -4.16
N TYR C 132 16.56 1.80 -3.28
CA TYR C 132 16.09 2.38 -2.03
C TYR C 132 16.44 3.86 -2.02
N VAL C 133 15.42 4.72 -1.98
CA VAL C 133 15.63 6.16 -2.08
C VAL C 133 15.08 6.83 -0.84
N ASN C 134 15.90 7.66 -0.20
CA ASN C 134 15.50 8.51 0.91
C ASN C 134 15.49 9.97 0.46
N VAL C 135 14.50 10.70 0.95
CA VAL C 135 14.44 12.16 0.81
C VAL C 135 14.32 12.72 2.21
N VAL C 136 15.29 13.54 2.62
CA VAL C 136 15.34 14.03 3.99
C VAL C 136 15.27 15.55 4.01
N ARG C 137 15.39 16.13 5.20
CA ARG C 137 15.13 17.55 5.43
C ARG C 137 16.17 18.41 4.72
N GLY C 138 15.71 19.50 4.13
CA GLY C 138 16.61 20.40 3.43
C GLY C 138 16.85 20.01 2.00
N ALA C 139 15.87 19.41 1.33
CA ALA C 139 16.04 19.01 -0.05
C ALA C 139 15.54 20.04 -1.04
N TYR C 140 14.77 21.02 -0.59
CA TYR C 140 14.21 22.00 -1.53
C TYR C 140 14.40 23.45 -1.09
N GLY C 141 14.61 23.69 0.20
CA GLY C 141 14.92 25.04 0.63
C GLY C 141 13.74 25.99 0.66
N ALA C 142 14.00 27.26 0.38
CA ALA C 142 13.05 28.33 0.67
C ALA C 142 11.96 28.48 -0.39
N GLU C 143 12.35 28.78 -1.62
CA GLU C 143 11.38 29.22 -2.62
C GLU C 143 10.64 28.07 -3.30
N LEU C 144 10.91 26.83 -2.92
CA LEU C 144 10.25 25.67 -3.51
C LEU C 144 9.17 25.19 -2.57
N ASP C 145 8.39 24.22 -3.03
CA ASP C 145 7.23 23.79 -2.27
C ASP C 145 7.29 22.28 -2.02
N ALA C 146 6.46 21.81 -1.10
CA ALA C 146 6.44 20.42 -0.69
C ALA C 146 5.51 19.56 -1.54
N ASN C 147 5.26 19.95 -2.79
CA ASN C 147 4.53 19.10 -3.71
C ASN C 147 5.37 18.72 -4.92
N ALA C 148 6.65 18.48 -4.70
CA ALA C 148 7.56 18.06 -5.75
C ALA C 148 7.38 16.56 -6.04
N CYS C 149 7.84 16.15 -7.22
CA CYS C 149 7.65 14.76 -7.66
C CYS C 149 8.94 14.27 -8.31
N ILE C 150 9.25 12.99 -8.10
CA ILE C 150 10.49 12.40 -8.60
C ILE C 150 10.19 11.20 -9.51
N CYS C 151 11.24 10.55 -10.01
CA CYS C 151 11.10 9.43 -10.95
C CYS C 151 11.92 8.21 -10.51
N ASP C 152 12.01 7.25 -11.42
CA ASP C 152 12.30 5.86 -11.12
C ASP C 152 13.32 5.26 -12.11
N VAL C 153 13.40 3.94 -12.10
CA VAL C 153 14.34 3.20 -12.94
C VAL C 153 13.92 3.31 -14.40
N ARG C 154 14.91 3.39 -15.29
CA ARG C 154 14.70 3.13 -16.71
C ARG C 154 15.28 1.76 -17.07
N THR C 155 14.65 1.11 -18.04
CA THR C 155 15.14 -0.16 -18.53
C THR C 155 16.10 0.05 -19.69
N SER C 156 16.37 -1.03 -20.40
CA SER C 156 17.33 -1.05 -21.50
C SER C 156 16.95 -2.18 -22.43
N PRO C 157 17.37 -2.13 -23.70
CA PRO C 157 17.10 -3.24 -24.61
C PRO C 157 17.88 -4.48 -24.22
N SER C 158 17.56 -5.61 -24.86
CA SER C 158 18.21 -6.87 -24.50
C SER C 158 19.63 -6.88 -25.00
N ILE C 159 20.49 -6.11 -24.35
CA ILE C 159 21.92 -6.08 -24.61
C ILE C 159 22.50 -6.77 -23.39
N GLY C 160 21.72 -7.67 -22.82
CA GLY C 160 22.11 -8.43 -21.65
C GLY C 160 23.11 -9.51 -21.99
N VAL C 161 24.31 -9.06 -22.34
CA VAL C 161 25.43 -9.92 -22.69
C VAL C 161 26.40 -9.76 -21.53
N GLU C 162 25.83 -9.54 -20.34
CA GLU C 162 26.51 -8.94 -19.22
C GLU C 162 27.66 -9.78 -18.69
N LYS C 163 28.83 -9.17 -18.62
CA LYS C 163 30.00 -9.84 -18.08
C LYS C 163 30.13 -9.71 -16.58
N PHE C 164 29.58 -8.64 -15.97
CA PHE C 164 30.08 -8.23 -14.67
C PHE C 164 28.98 -7.56 -13.86
N ILE C 165 29.39 -6.95 -12.75
CA ILE C 165 28.53 -6.27 -11.79
C ILE C 165 29.21 -4.94 -11.46
N PRO C 166 28.71 -3.83 -11.99
CA PRO C 166 29.43 -2.55 -11.86
C PRO C 166 29.24 -1.88 -10.51
N PHE C 167 30.29 -1.85 -9.72
CA PHE C 167 30.31 -1.14 -8.46
C PHE C 167 30.73 0.31 -8.66
N MET C 168 30.35 1.15 -7.70
CA MET C 168 30.58 2.59 -7.82
C MET C 168 30.66 3.16 -6.42
N THR C 169 31.75 3.86 -6.10
CA THR C 169 31.93 4.34 -4.74
C THR C 169 32.77 5.59 -4.70
N SER C 170 32.84 6.18 -3.50
CA SER C 170 33.48 7.47 -3.25
C SER C 170 34.57 7.33 -2.18
N TYR C 171 35.30 8.42 -1.96
CA TYR C 171 36.30 8.47 -0.90
C TYR C 171 36.15 9.67 0.02
N SER C 172 35.77 10.84 -0.51
CA SER C 172 35.44 12.05 0.26
C SER C 172 36.58 12.58 1.12
N ILE C 173 37.63 13.12 0.49
CA ILE C 173 38.81 13.60 1.24
C ILE C 173 38.42 14.78 2.13
N ARG C 174 39.26 15.02 3.15
CA ARG C 174 38.93 15.95 4.21
C ARG C 174 39.27 17.39 3.82
N ALA C 175 39.26 18.27 4.83
CA ALA C 175 39.21 19.71 4.59
C ALA C 175 40.55 20.25 4.11
N ASN C 176 41.58 20.17 4.96
CA ASN C 176 42.83 20.84 4.65
C ASN C 176 43.96 19.83 4.50
N GLN C 177 43.67 18.74 3.82
CA GLN C 177 44.69 17.75 3.48
C GLN C 177 45.71 18.37 2.54
N ALA C 178 46.97 17.95 2.69
CA ALA C 178 48.03 18.41 1.82
C ALA C 178 48.49 17.30 0.88
N THR C 179 48.48 16.06 1.35
CA THR C 179 48.87 14.92 0.54
C THR C 179 48.14 13.70 1.09
N ASP C 180 47.48 12.95 0.21
CA ASP C 180 46.81 11.73 0.63
C ASP C 180 46.92 10.68 -0.47
N LEU C 181 47.52 9.54 -0.12
CA LEU C 181 47.60 8.38 -1.00
C LEU C 181 46.33 7.55 -0.81
N VAL C 182 45.51 7.48 -1.84
CA VAL C 182 44.22 6.82 -1.72
C VAL C 182 44.32 5.51 -2.49
N ASN C 183 44.49 4.41 -1.74
CA ASN C 183 44.54 3.09 -2.35
C ASN C 183 43.15 2.69 -2.82
N LEU C 184 43.07 2.18 -4.05
CA LEU C 184 41.76 1.86 -4.58
C LEU C 184 41.66 0.36 -4.83
N GLY C 185 40.53 -0.08 -5.38
CA GLY C 185 40.16 -1.48 -5.43
C GLY C 185 40.90 -2.27 -6.48
N ASN C 186 40.34 -3.43 -6.84
CA ASN C 186 41.01 -4.34 -7.75
C ASN C 186 40.95 -3.83 -9.19
N ASP C 187 39.75 -3.80 -9.76
CA ASP C 187 39.60 -3.61 -11.21
C ASP C 187 38.70 -2.42 -11.44
N VAL C 188 39.32 -1.24 -11.60
CA VAL C 188 38.71 0.03 -11.22
C VAL C 188 38.09 0.76 -12.41
N THR C 189 38.70 0.66 -13.61
CA THR C 189 38.15 0.97 -14.93
C THR C 189 37.89 2.46 -15.19
N ARG C 190 37.67 3.27 -14.15
CA ARG C 190 37.35 4.69 -14.26
C ARG C 190 37.57 5.36 -12.92
N ILE C 191 38.26 6.50 -12.94
CA ILE C 191 38.59 7.29 -11.75
C ILE C 191 38.28 8.75 -12.06
N ALA C 192 37.58 9.42 -11.15
CA ALA C 192 37.18 10.80 -11.40
C ALA C 192 37.38 11.66 -10.16
N LEU C 193 37.77 12.91 -10.38
CA LEU C 193 38.01 13.88 -9.32
C LEU C 193 37.00 15.01 -9.45
N LEU C 194 36.04 15.04 -8.52
CA LEU C 194 34.87 15.90 -8.61
C LEU C 194 34.93 16.98 -7.55
N SER C 195 34.56 18.20 -7.94
CA SER C 195 34.44 19.29 -6.98
C SER C 195 33.12 20.01 -7.24
N MET C 196 32.56 20.58 -6.19
CA MET C 196 31.18 21.04 -6.20
C MET C 196 31.08 22.52 -5.87
N THR C 197 32.11 23.29 -6.18
CA THR C 197 32.08 24.72 -5.91
C THR C 197 32.98 25.46 -6.89
N ASN C 198 32.70 26.76 -7.03
CA ASN C 198 33.59 27.71 -7.72
C ASN C 198 33.50 28.99 -6.89
N ASP C 199 34.40 29.13 -5.92
CA ASP C 199 34.31 30.25 -4.98
C ASP C 199 34.69 31.57 -5.63
N VAL C 200 35.63 31.52 -6.57
CA VAL C 200 36.14 32.71 -7.25
C VAL C 200 36.00 32.47 -8.73
N SER C 201 36.58 33.37 -9.54
CA SER C 201 36.70 33.15 -10.98
C SER C 201 37.41 31.83 -11.28
N ASN C 202 37.12 31.30 -12.47
CA ASN C 202 37.37 29.88 -12.79
C ASN C 202 38.88 29.63 -12.92
N ILE C 203 39.52 29.56 -11.77
CA ILE C 203 40.93 29.19 -11.63
C ILE C 203 40.97 28.00 -10.68
N PRO C 204 41.66 26.90 -11.05
CA PRO C 204 41.58 25.68 -10.22
C PRO C 204 42.16 25.81 -8.83
N ASN C 205 43.44 26.19 -8.69
CA ASN C 205 44.13 26.45 -7.44
C ASN C 205 44.09 25.31 -6.42
N ALA C 206 43.86 24.08 -6.88
CA ALA C 206 43.59 22.98 -5.97
C ALA C 206 44.65 21.88 -6.04
N PHE C 207 44.91 21.36 -7.22
CA PHE C 207 45.84 20.25 -7.39
C PHE C 207 47.21 20.79 -7.77
N THR C 208 48.26 20.12 -7.31
CA THR C 208 49.60 20.43 -7.78
C THR C 208 50.41 19.18 -8.12
N ASP C 209 49.94 18.00 -7.76
CA ASP C 209 50.41 16.76 -8.37
C ASP C 209 49.33 15.70 -8.19
N VAL C 210 49.20 14.83 -9.19
CA VAL C 210 48.37 13.63 -9.10
C VAL C 210 49.17 12.48 -9.68
N THR C 211 49.31 11.39 -8.91
CA THR C 211 50.08 10.24 -9.35
C THR C 211 49.17 9.00 -9.36
N LEU C 212 48.84 8.55 -10.55
CA LEU C 212 48.08 7.31 -10.72
C LEU C 212 49.06 6.19 -11.02
N SER C 213 49.20 5.26 -10.07
CA SER C 213 50.13 4.17 -10.26
C SER C 213 49.40 2.83 -10.33
N SER C 214 49.92 1.94 -11.16
CA SER C 214 49.29 0.65 -11.39
C SER C 214 50.38 -0.37 -11.71
N ASP C 215 49.95 -1.52 -12.22
CA ASP C 215 50.87 -2.41 -12.93
C ASP C 215 50.84 -2.13 -14.42
N ARG C 216 49.70 -1.68 -14.93
CA ARG C 216 49.58 -1.46 -16.36
C ARG C 216 50.03 -0.07 -16.80
N LEU C 217 49.96 0.92 -15.93
CA LEU C 217 50.34 2.27 -16.34
C LEU C 217 50.79 3.08 -15.13
N ASP C 218 51.67 4.02 -15.40
CA ASP C 218 51.97 5.14 -14.52
C ASP C 218 51.52 6.40 -15.25
N LYS C 219 50.83 7.29 -14.55
CA LYS C 219 50.50 8.59 -15.12
C LYS C 219 50.74 9.66 -14.05
N ASN C 220 51.63 10.59 -14.35
CA ASN C 220 52.00 11.66 -13.43
C ASN C 220 51.46 12.98 -13.97
N PHE C 221 50.85 13.77 -13.12
CA PHE C 221 49.99 14.87 -13.54
C PHE C 221 50.37 16.16 -12.85
N ASN C 222 50.85 17.11 -13.64
CA ASN C 222 50.86 18.52 -13.27
C ASN C 222 49.43 19.05 -13.31
N SER C 223 49.22 20.22 -12.68
CA SER C 223 47.89 20.83 -12.66
C SER C 223 47.44 21.24 -14.05
N ASN C 224 48.38 21.68 -14.89
CA ASN C 224 48.03 22.01 -16.27
C ASN C 224 47.75 20.75 -17.07
N GLN C 225 48.51 19.69 -16.83
CA GLN C 225 48.31 18.44 -17.53
C GLN C 225 46.99 17.78 -17.15
N LEU C 226 46.46 18.10 -15.97
CA LEU C 226 45.11 17.67 -15.64
C LEU C 226 44.07 18.39 -16.48
N ILE C 227 44.27 19.70 -16.70
CA ILE C 227 43.36 20.49 -17.52
C ILE C 227 43.34 19.97 -18.95
N LEU C 228 44.48 19.46 -19.43
CA LEU C 228 44.47 18.77 -20.71
C LEU C 228 43.76 17.42 -20.62
N GLU C 229 44.05 16.64 -19.58
CA GLU C 229 43.62 15.25 -19.52
C GLU C 229 42.11 15.12 -19.35
N HIS C 230 41.47 16.16 -18.82
CA HIS C 230 40.01 16.18 -18.82
C HIS C 230 39.44 16.37 -20.21
N SER C 231 40.23 16.91 -21.15
CA SER C 231 39.74 17.26 -22.47
C SER C 231 40.03 16.22 -23.54
N LYS C 232 39.98 14.93 -23.20
CA LYS C 232 40.11 13.90 -24.22
C LYS C 232 38.79 13.24 -24.57
N CYS C 233 37.85 13.17 -23.64
CA CYS C 233 36.54 12.57 -23.86
C CYS C 233 35.52 13.55 -24.43
N ILE C 234 35.87 14.83 -24.42
CA ILE C 234 35.04 15.87 -25.02
C ILE C 234 35.63 16.25 -26.36
N GLU C 235 34.87 16.07 -27.44
CA GLU C 235 35.33 16.57 -28.73
C GLU C 235 34.61 17.85 -29.14
N ASP C 236 34.00 18.54 -28.19
CA ASP C 236 33.58 19.91 -28.43
C ASP C 236 34.80 20.83 -28.32
N SER C 237 34.68 22.03 -28.87
CA SER C 237 35.78 22.99 -28.79
C SER C 237 36.00 23.48 -27.38
N VAL C 238 34.94 23.58 -26.58
CA VAL C 238 35.09 23.96 -25.19
C VAL C 238 35.74 22.80 -24.44
N ARG C 239 36.51 23.11 -23.39
CA ARG C 239 37.31 22.08 -22.76
C ARG C 239 36.57 21.32 -21.67
N SER C 240 35.48 21.86 -21.14
CA SER C 240 34.81 21.21 -20.03
C SER C 240 33.30 21.25 -20.22
N HIS C 241 32.64 20.23 -19.68
CA HIS C 241 31.19 20.14 -19.66
C HIS C 241 30.67 20.15 -18.22
N ALA C 242 31.51 20.58 -17.30
CA ALA C 242 31.15 20.72 -15.89
C ALA C 242 31.93 21.91 -15.33
N ASN C 243 31.95 22.01 -14.00
CA ASN C 243 32.60 23.14 -13.35
C ASN C 243 34.12 22.97 -13.39
N GLU C 244 34.81 24.04 -13.81
CA GLU C 244 36.20 23.93 -14.27
C GLU C 244 37.21 23.98 -13.11
N VAL C 245 37.00 23.11 -12.14
CA VAL C 245 37.98 22.82 -11.10
C VAL C 245 38.10 21.31 -10.96
N ASP C 246 37.53 20.59 -11.92
CA ASP C 246 37.45 19.14 -11.86
C ASP C 246 38.51 18.49 -12.74
N SER C 247 38.53 17.15 -12.70
CA SER C 247 39.35 16.37 -13.63
C SER C 247 38.78 14.96 -13.70
N TYR C 248 39.29 14.19 -14.66
CA TYR C 248 38.66 12.95 -15.07
C TYR C 248 39.67 12.00 -15.70
N LEU C 249 39.52 10.71 -15.43
CA LEU C 249 40.48 9.66 -15.86
C LEU C 249 39.72 8.39 -16.24
N ILE C 250 39.40 8.23 -17.53
CA ILE C 250 38.78 7.01 -18.03
C ILE C 250 39.88 6.01 -18.38
N HIS C 251 39.60 4.72 -18.17
CA HIS C 251 40.59 3.68 -18.42
C HIS C 251 39.89 2.45 -18.96
N GLU C 252 40.67 1.37 -19.12
CA GLU C 252 40.15 0.07 -19.58
C GLU C 252 40.85 -1.02 -18.75
N ASP C 253 40.21 -1.42 -17.66
CA ASP C 253 40.60 -2.57 -16.83
C ASP C 253 42.01 -2.44 -16.26
N ILE C 254 42.17 -1.47 -15.38
CA ILE C 254 43.37 -1.40 -14.54
C ILE C 254 43.29 -2.54 -13.53
N GLU C 255 44.41 -3.23 -13.31
CA GLU C 255 44.39 -4.43 -12.48
C GLU C 255 44.65 -4.15 -11.00
N ILE C 256 45.22 -2.98 -10.67
CA ILE C 256 45.56 -2.58 -9.31
C ILE C 256 45.87 -1.09 -9.38
N ASP C 257 45.47 -0.33 -8.35
CA ASP C 257 45.79 1.09 -8.43
C ASP C 257 45.93 1.75 -7.08
N SER C 258 46.82 2.74 -7.03
CA SER C 258 46.87 3.70 -5.94
C SER C 258 46.86 5.08 -6.58
N ALA C 259 45.91 5.91 -6.17
CA ALA C 259 45.78 7.27 -6.69
C ALA C 259 46.27 8.23 -5.61
N LYS C 260 47.45 8.80 -5.81
CA LYS C 260 48.01 9.79 -4.89
C LYS C 260 47.50 11.16 -5.29
N VAL C 261 46.81 11.82 -4.37
CA VAL C 261 46.42 13.21 -4.58
C VAL C 261 47.33 14.10 -3.76
N HIS C 262 48.07 14.97 -4.44
CA HIS C 262 49.04 15.84 -3.79
C HIS C 262 48.48 17.26 -3.93
N LEU C 263 47.69 17.66 -2.92
CA LEU C 263 46.92 18.89 -2.90
C LEU C 263 47.82 20.10 -2.71
N LYS C 264 47.24 21.29 -2.94
CA LYS C 264 47.99 22.52 -2.73
C LYS C 264 47.94 22.96 -1.28
N MET C 265 46.76 23.34 -0.80
CA MET C 265 46.70 24.30 0.29
C MET C 265 45.28 24.39 0.82
N ASN C 266 45.02 25.27 1.79
CA ASN C 266 43.72 25.63 2.34
C ASN C 266 42.62 26.01 1.34
N PRO C 267 42.91 26.52 0.10
CA PRO C 267 41.84 26.54 -0.90
C PRO C 267 41.31 25.18 -1.36
N ALA C 268 41.89 24.07 -0.93
CA ALA C 268 41.12 22.83 -0.85
C ALA C 268 40.08 23.03 0.24
N LYS C 269 38.80 23.00 -0.15
CA LYS C 269 37.70 23.52 0.65
C LYS C 269 37.51 22.76 1.95
N ILE C 270 36.72 23.35 2.83
CA ILE C 270 36.43 22.76 4.10
C ILE C 270 34.95 22.38 4.14
N ARG C 271 34.56 21.67 5.20
CA ARG C 271 33.17 21.31 5.51
C ARG C 271 32.51 20.51 4.38
N GLU C 272 33.28 19.57 3.84
CA GLU C 272 32.84 18.57 2.85
C GLU C 272 32.40 19.20 1.53
N ASN C 273 32.81 20.45 1.28
CA ASN C 273 32.67 21.08 -0.02
C ASN C 273 33.70 20.55 -1.00
N THR C 274 34.82 20.08 -0.49
CA THR C 274 36.04 19.87 -1.24
C THR C 274 35.95 18.68 -2.17
N ILE C 275 37.07 18.38 -2.78
CA ILE C 275 37.12 17.48 -3.93
C ILE C 275 36.96 16.05 -3.45
N TYR C 276 36.02 15.35 -4.05
CA TYR C 276 35.75 13.95 -3.73
C TYR C 276 36.41 13.11 -4.81
N LEU C 277 36.80 11.89 -4.46
CA LEU C 277 37.30 10.92 -5.41
C LEU C 277 36.22 9.88 -5.63
N VAL C 278 35.90 9.59 -6.89
CA VAL C 278 34.87 8.61 -7.23
C VAL C 278 35.44 7.61 -8.21
N ARG C 279 35.37 6.33 -7.85
CA ARG C 279 35.85 5.26 -8.71
C ARG C 279 34.70 4.33 -9.03
N SER C 280 34.78 3.65 -10.18
CA SER C 280 33.69 2.78 -10.61
C SER C 280 34.22 1.40 -11.00
N HIS C 281 34.42 0.55 -10.01
CA HIS C 281 35.05 -0.74 -10.26
C HIS C 281 33.97 -1.77 -10.58
N PHE C 282 34.34 -3.05 -10.62
CA PHE C 282 33.36 -4.09 -10.86
C PHE C 282 33.84 -5.41 -10.30
N GLN C 283 32.93 -6.38 -10.30
CA GLN C 283 33.25 -7.77 -10.02
C GLN C 283 32.64 -8.65 -11.09
N THR C 284 33.25 -9.80 -11.34
CA THR C 284 32.71 -10.71 -12.34
C THR C 284 33.08 -12.14 -11.96
N SER C 285 32.49 -13.10 -12.66
CA SER C 285 32.64 -14.49 -12.27
C SER C 285 32.44 -15.40 -13.47
N LEU C 286 32.85 -16.66 -13.29
CA LEU C 286 32.84 -17.61 -14.38
C LEU C 286 31.42 -17.99 -14.78
N GLU C 287 30.51 -18.10 -13.82
CA GLU C 287 29.15 -18.51 -14.16
C GLU C 287 28.39 -17.38 -14.85
N ILE C 288 28.75 -16.13 -14.55
CA ILE C 288 28.16 -15.01 -15.29
C ILE C 288 28.72 -14.97 -16.71
N LEU C 289 29.99 -15.34 -16.87
CA LEU C 289 30.54 -15.50 -18.22
C LEU C 289 29.86 -16.62 -18.99
N GLN C 290 29.51 -17.72 -18.32
CA GLN C 290 28.85 -18.82 -19.01
C GLN C 290 27.41 -18.46 -19.37
N LYS C 291 26.73 -17.72 -18.51
CA LYS C 291 25.39 -17.25 -18.86
C LYS C 291 25.46 -16.21 -19.97
N ALA C 292 26.57 -15.47 -20.06
CA ALA C 292 26.75 -14.54 -21.17
C ALA C 292 26.90 -15.28 -22.48
N VAL C 293 27.66 -16.38 -22.48
CA VAL C 293 27.82 -17.18 -23.69
C VAL C 293 26.50 -17.83 -24.08
N ALA C 294 25.73 -18.30 -23.09
CA ALA C 294 24.45 -18.93 -23.37
C ALA C 294 23.44 -17.94 -23.94
N MET C 295 23.44 -16.71 -23.42
CA MET C 295 22.50 -15.70 -23.90
C MET C 295 22.87 -15.25 -25.30
N GLU C 296 24.16 -15.12 -25.60
CA GLU C 296 24.59 -14.74 -26.95
C GLU C 296 24.26 -15.84 -27.95
N GLU C 297 24.36 -17.10 -27.54
CA GLU C 297 24.02 -18.19 -28.45
C GLU C 297 22.53 -18.30 -28.68
N LYS C 298 21.71 -17.95 -27.68
CA LYS C 298 20.26 -18.01 -27.87
C LYS C 298 19.78 -16.91 -28.80
N HIS C 299 20.28 -15.68 -28.62
CA HIS C 299 19.93 -14.61 -29.54
C HIS C 299 20.47 -14.86 -30.94
N GLN C 300 21.65 -15.47 -31.04
CA GLN C 300 22.23 -15.77 -32.35
C GLN C 300 21.42 -16.83 -33.09
N SER C 301 21.01 -17.88 -32.38
CA SER C 301 20.20 -18.91 -33.01
C SER C 301 18.81 -18.39 -33.39
N ALA C 302 18.30 -17.42 -32.63
CA ALA C 302 17.03 -16.81 -32.98
C ALA C 302 17.15 -15.97 -34.25
N ASP C 303 18.25 -15.23 -34.39
CA ASP C 303 18.42 -14.38 -35.57
C ASP C 303 18.68 -15.21 -36.82
N ILE C 304 19.39 -16.33 -36.69
CA ILE C 304 19.59 -17.19 -37.85
C ILE C 304 18.29 -17.90 -38.23
N ALA C 305 17.48 -18.26 -37.24
CA ALA C 305 16.25 -18.98 -37.55
C ALA C 305 15.18 -18.06 -38.15
N LYS C 306 15.25 -16.76 -37.86
CA LYS C 306 14.18 -15.85 -38.28
C LYS C 306 14.50 -15.06 -39.54
N VAL C 307 15.29 -15.62 -40.47
CA VAL C 307 15.53 -14.97 -41.76
C VAL C 307 15.28 -15.98 -42.89
N PRO C 308 14.21 -15.80 -43.67
CA PRO C 308 13.84 -16.84 -44.63
C PRO C 308 14.78 -17.05 -45.82
N ALA C 309 14.88 -16.05 -46.70
CA ALA C 309 15.59 -16.11 -47.98
C ALA C 309 15.39 -14.75 -48.65
N THR C 310 16.03 -14.57 -49.80
CA THR C 310 15.78 -13.49 -50.78
C THR C 310 15.88 -12.07 -50.22
N MET D 1 -4.48 3.50 -5.00
CA MET D 1 -3.39 4.46 -5.12
C MET D 1 -3.91 5.87 -4.89
N THR D 2 -2.99 6.81 -4.72
CA THR D 2 -3.29 8.24 -4.71
C THR D 2 -2.21 8.93 -5.52
N ILE D 3 -2.60 9.95 -6.28
CA ILE D 3 -1.71 10.63 -7.21
C ILE D 3 -1.81 12.13 -6.99
N LYS D 4 -0.65 12.78 -6.80
CA LYS D 4 -0.59 14.22 -6.64
C LYS D 4 -0.76 14.93 -7.98
N TYR D 5 -0.77 16.26 -7.94
CA TYR D 5 -0.75 17.03 -9.17
C TYR D 5 0.65 17.03 -9.75
N LEU D 6 0.70 17.01 -11.10
CA LEU D 6 1.95 16.85 -11.86
C LEU D 6 2.69 15.58 -11.44
N SER D 7 2.08 14.44 -11.67
CA SER D 7 2.60 13.18 -11.15
C SER D 7 2.25 12.01 -12.05
N SER D 8 2.70 10.83 -11.64
CA SER D 8 2.49 9.58 -12.37
C SER D 8 2.51 8.41 -11.40
N GLU D 9 1.80 7.34 -11.76
CA GLU D 9 1.77 6.13 -10.95
C GLU D 9 1.31 4.96 -11.81
N THR D 10 1.87 3.78 -11.53
CA THR D 10 1.46 2.54 -12.17
C THR D 10 0.68 1.69 -11.19
N GLU D 11 0.30 0.49 -11.65
CA GLU D 11 -0.51 -0.44 -10.89
C GLU D 11 -0.45 -1.80 -11.56
N LYS D 12 -0.42 -2.87 -10.76
CA LYS D 12 -0.43 -4.23 -11.28
C LYS D 12 -1.38 -5.09 -10.48
N LEU D 13 -2.03 -6.04 -11.16
CA LEU D 13 -2.94 -7.00 -10.53
C LEU D 13 -2.68 -8.36 -11.16
N MET D 14 -2.54 -9.40 -10.34
CA MET D 14 -2.04 -10.67 -10.85
C MET D 14 -3.04 -11.82 -10.75
N ASN D 15 -3.81 -11.92 -9.67
CA ASN D 15 -4.82 -12.97 -9.55
C ASN D 15 -6.12 -12.35 -9.08
N GLN D 16 -6.92 -11.85 -10.01
CA GLN D 16 -8.18 -11.20 -9.70
C GLN D 16 -9.22 -11.63 -10.72
N THR D 17 -10.47 -11.35 -10.40
CA THR D 17 -11.54 -11.34 -11.37
C THR D 17 -11.94 -9.86 -11.45
N VAL D 18 -11.28 -9.14 -12.33
CA VAL D 18 -11.31 -7.68 -12.34
C VAL D 18 -12.17 -7.19 -13.49
N SER D 19 -12.98 -6.17 -13.23
CA SER D 19 -13.86 -5.61 -14.24
C SER D 19 -14.17 -4.17 -13.84
N GLY D 20 -13.54 -3.23 -14.53
CA GLY D 20 -13.89 -1.84 -14.31
C GLY D 20 -12.86 -1.12 -13.45
N ILE D 21 -12.76 0.18 -13.70
CA ILE D 21 -11.84 1.05 -12.97
C ILE D 21 -12.65 2.18 -12.35
N ASP D 22 -12.59 2.26 -11.03
CA ASP D 22 -13.09 3.43 -10.32
C ASP D 22 -12.14 4.60 -10.51
N VAL D 23 -12.72 5.79 -10.58
CA VAL D 23 -11.95 7.02 -10.38
C VAL D 23 -12.71 7.89 -9.38
N CYS D 24 -12.06 8.17 -8.26
CA CYS D 24 -12.56 9.15 -7.29
C CYS D 24 -11.74 10.41 -7.45
N PHE D 25 -12.24 11.51 -6.92
CA PHE D 25 -11.50 12.76 -6.75
C PHE D 25 -11.75 13.29 -5.35
N THR D 26 -10.93 14.27 -4.95
CA THR D 26 -11.16 14.97 -3.69
C THR D 26 -10.65 16.38 -3.85
N LEU D 27 -11.54 17.31 -4.16
CA LEU D 27 -11.17 18.69 -4.40
C LEU D 27 -11.24 19.46 -3.10
N ILE D 28 -10.17 20.21 -2.81
CA ILE D 28 -10.12 21.07 -1.63
C ILE D 28 -9.88 22.48 -2.11
N GLY D 29 -10.89 23.34 -1.97
CA GLY D 29 -10.79 24.70 -2.44
C GLY D 29 -9.97 25.57 -1.52
N VAL D 30 -9.60 26.74 -2.04
CA VAL D 30 -8.82 27.68 -1.24
C VAL D 30 -9.68 28.35 -0.20
N ASP D 31 -10.85 28.84 -0.59
CA ASP D 31 -11.74 29.56 0.32
C ASP D 31 -13.16 29.06 0.07
N ASP D 32 -14.09 29.52 0.91
CA ASP D 32 -15.46 29.04 0.82
C ASP D 32 -16.20 29.65 -0.38
N ASP D 33 -15.80 30.84 -0.80
CA ASP D 33 -16.45 31.45 -1.96
C ASP D 33 -16.06 30.77 -3.27
N SER D 34 -14.97 29.98 -3.26
CA SER D 34 -14.67 29.11 -4.40
C SER D 34 -15.77 28.08 -4.58
N PHE D 35 -16.18 27.44 -3.49
CA PHE D 35 -17.31 26.51 -3.52
C PHE D 35 -18.59 27.15 -3.04
N ALA D 36 -18.76 28.45 -3.33
CA ALA D 36 -20.07 29.07 -3.18
C ALA D 36 -21.07 28.44 -4.15
N SER D 37 -20.60 28.05 -5.33
CA SER D 37 -21.36 27.26 -6.27
C SER D 37 -20.71 25.89 -6.39
N GLY D 38 -21.21 25.06 -7.30
CA GLY D 38 -20.64 23.75 -7.50
C GLY D 38 -19.34 23.80 -8.30
N SER D 39 -18.75 22.63 -8.52
CA SER D 39 -17.51 22.53 -9.29
C SER D 39 -17.84 21.98 -10.68
N LYS D 40 -18.21 22.88 -11.57
CA LYS D 40 -18.47 22.49 -12.95
C LYS D 40 -17.18 22.18 -13.67
N ASN D 41 -17.16 21.10 -14.44
CA ASN D 41 -15.95 20.66 -15.13
C ASN D 41 -15.70 21.54 -16.34
N ASP D 42 -14.72 22.44 -16.24
CA ASP D 42 -14.27 23.19 -17.40
C ASP D 42 -13.55 22.24 -18.35
N TYR D 43 -13.67 22.54 -19.65
CA TYR D 43 -13.08 21.67 -20.65
C TYR D 43 -11.79 22.23 -21.23
N ILE D 44 -11.79 23.46 -21.73
CA ILE D 44 -10.54 24.02 -22.22
C ILE D 44 -10.01 25.06 -21.24
N SER D 45 -10.73 26.17 -21.10
CA SER D 45 -10.18 27.34 -20.43
C SER D 45 -11.31 28.33 -20.16
N ASP D 46 -10.89 29.54 -19.79
CA ASP D 46 -11.64 30.79 -19.66
C ASP D 46 -12.50 30.84 -18.40
N THR D 47 -12.62 29.71 -17.70
CA THR D 47 -13.00 29.68 -16.28
C THR D 47 -12.05 28.73 -15.57
N PRO D 48 -10.75 29.06 -15.47
CA PRO D 48 -9.85 28.06 -14.86
C PRO D 48 -9.93 28.09 -13.33
N LYS D 49 -11.05 27.58 -12.81
CA LYS D 49 -11.36 27.68 -11.40
C LYS D 49 -11.57 26.33 -10.74
N PHE D 50 -11.72 25.27 -11.52
CA PHE D 50 -12.07 23.97 -10.98
C PHE D 50 -11.35 22.87 -11.75
N LEU D 51 -11.89 21.66 -11.59
CA LEU D 51 -11.34 20.47 -12.23
C LEU D 51 -11.35 20.57 -13.75
N ASP D 52 -10.31 20.02 -14.37
CA ASP D 52 -10.24 19.85 -15.82
C ASP D 52 -9.86 18.40 -16.08
N PRO D 53 -10.83 17.49 -16.22
CA PRO D 53 -10.52 16.06 -16.32
C PRO D 53 -9.99 15.62 -17.68
N SER D 54 -9.80 16.53 -18.63
CA SER D 54 -9.29 16.14 -19.94
C SER D 54 -7.79 15.89 -19.89
N ASN D 55 -7.12 16.30 -18.82
CA ASN D 55 -5.67 16.24 -18.76
C ASN D 55 -5.16 14.98 -18.08
N VAL D 56 -6.05 14.11 -17.59
CA VAL D 56 -5.65 12.86 -16.95
C VAL D 56 -5.56 11.81 -18.05
N HIS D 57 -4.44 11.10 -18.11
CA HIS D 57 -4.17 10.17 -19.20
C HIS D 57 -4.10 8.76 -18.64
N ILE D 58 -5.25 8.11 -18.58
CA ILE D 58 -5.32 6.75 -18.04
C ILE D 58 -5.16 5.75 -19.17
N LYS D 59 -4.09 4.95 -19.11
CA LYS D 59 -3.82 3.90 -20.07
C LYS D 59 -3.90 2.56 -19.37
N ALA D 60 -4.69 1.65 -19.90
CA ALA D 60 -4.75 0.32 -19.35
C ALA D 60 -4.11 -0.67 -20.32
N THR D 61 -3.48 -1.70 -19.77
CA THR D 61 -2.83 -2.66 -20.64
C THR D 61 -2.82 -4.03 -19.96
N LEU D 62 -2.78 -5.07 -20.79
CA LEU D 62 -2.86 -6.45 -20.32
C LEU D 62 -1.64 -7.21 -20.80
N LYS D 63 -0.84 -7.70 -19.87
CA LYS D 63 0.21 -8.64 -20.21
C LYS D 63 -0.36 -10.05 -20.12
N ARG D 64 -0.17 -10.84 -21.18
CA ARG D 64 -0.90 -12.09 -21.31
C ARG D 64 -0.10 -13.03 -22.20
N GLY D 65 0.59 -13.99 -21.59
CA GLY D 65 1.27 -15.05 -22.33
C GLY D 65 2.41 -14.57 -23.19
N GLY D 66 3.15 -13.56 -22.74
CA GLY D 66 4.23 -13.01 -23.52
C GLY D 66 3.86 -11.85 -24.41
N LYS D 67 2.59 -11.71 -24.77
CA LYS D 67 2.13 -10.60 -25.57
C LYS D 67 1.68 -9.45 -24.68
N ASP D 68 1.08 -8.45 -25.31
CA ASP D 68 0.53 -7.29 -24.64
C ASP D 68 -0.75 -6.89 -25.35
N TYR D 69 -1.61 -6.16 -24.65
CA TYR D 69 -2.87 -5.70 -25.23
C TYR D 69 -3.12 -4.28 -24.74
N VAL D 70 -3.63 -3.44 -25.62
CA VAL D 70 -3.75 -2.01 -25.35
C VAL D 70 -5.21 -1.66 -25.09
N LEU D 71 -5.45 -0.87 -24.05
CA LEU D 71 -6.78 -0.47 -23.63
C LEU D 71 -6.77 1.01 -23.28
N PHE D 72 -7.92 1.65 -23.42
CA PHE D 72 -8.20 2.96 -22.82
C PHE D 72 -7.28 4.09 -23.30
N SER D 73 -7.52 4.62 -24.50
CA SER D 73 -6.61 5.58 -25.14
C SER D 73 -6.63 6.95 -24.45
N GLU D 74 -6.18 6.95 -23.19
CA GLU D 74 -5.70 8.07 -22.38
C GLU D 74 -6.49 9.37 -22.50
N ASN D 75 -7.76 9.30 -22.12
CA ASN D 75 -8.49 10.54 -21.89
C ASN D 75 -9.57 10.29 -20.86
N LEU D 76 -9.40 10.86 -19.67
CA LEU D 76 -10.38 10.67 -18.62
C LEU D 76 -11.69 11.38 -18.95
N ALA D 77 -11.62 12.47 -19.71
CA ALA D 77 -12.85 13.12 -20.18
C ALA D 77 -13.62 12.21 -21.13
N LEU D 78 -12.91 11.55 -22.05
CA LEU D 78 -13.57 10.59 -22.94
C LEU D 78 -14.17 9.42 -22.19
N LEU D 79 -13.44 8.86 -21.23
CA LEU D 79 -13.96 7.71 -20.51
C LEU D 79 -15.10 8.10 -19.59
N ALA D 80 -15.10 9.34 -19.10
CA ALA D 80 -16.20 9.81 -18.27
C ALA D 80 -17.46 10.00 -19.08
N LYS D 81 -17.35 10.61 -20.27
CA LYS D 81 -18.54 10.80 -21.09
C LYS D 81 -19.05 9.48 -21.64
N TYR D 82 -18.14 8.59 -22.02
CA TYR D 82 -18.54 7.34 -22.65
C TYR D 82 -19.15 6.37 -21.63
N SER D 83 -18.61 6.34 -20.42
CA SER D 83 -19.25 5.55 -19.38
C SER D 83 -20.56 6.18 -18.93
N THR D 84 -20.51 7.47 -18.60
CA THR D 84 -21.70 8.17 -18.14
C THR D 84 -22.42 8.90 -19.27
N ILE D 85 -22.74 8.19 -20.34
CA ILE D 85 -23.73 8.74 -21.26
C ILE D 85 -25.13 8.41 -20.76
N THR D 86 -25.26 7.36 -19.95
CA THR D 86 -26.51 7.02 -19.27
C THR D 86 -26.34 6.93 -17.76
N GLN D 87 -25.24 7.47 -17.24
CA GLN D 87 -25.02 7.55 -15.80
C GLN D 87 -24.52 8.95 -15.48
N GLY D 88 -24.04 9.17 -14.26
CA GLY D 88 -23.28 10.38 -13.97
C GLY D 88 -24.12 11.64 -13.94
N ARG D 89 -23.48 12.74 -14.33
CA ARG D 89 -23.99 14.10 -14.54
C ARG D 89 -24.33 14.80 -13.23
N ASP D 90 -24.29 14.07 -12.11
CA ASP D 90 -24.47 14.64 -10.79
C ASP D 90 -23.36 14.25 -9.83
N GLN D 91 -22.88 13.01 -9.91
CA GLN D 91 -21.75 12.59 -9.10
C GLN D 91 -20.43 12.69 -9.85
N TRP D 92 -20.46 13.13 -11.10
CA TRP D 92 -19.24 13.44 -11.83
C TRP D 92 -19.20 14.88 -12.30
N GLU D 93 -20.27 15.36 -12.94
CA GLU D 93 -20.22 16.69 -13.53
C GLU D 93 -20.36 17.81 -12.51
N GLU D 94 -21.18 17.62 -11.49
CA GLU D 94 -21.35 18.66 -10.47
C GLU D 94 -21.00 18.20 -9.07
N GLY D 95 -20.71 16.93 -8.90
CA GLY D 95 -20.07 16.44 -7.69
C GLY D 95 -20.96 16.41 -6.47
N VAL D 96 -20.36 15.96 -5.37
CA VAL D 96 -21.04 15.78 -4.09
C VAL D 96 -20.30 16.60 -3.05
N LYS D 97 -21.00 17.54 -2.41
CA LYS D 97 -20.38 18.33 -1.36
C LYS D 97 -20.25 17.51 -0.10
N LEU D 98 -19.09 17.59 0.54
CA LEU D 98 -18.86 16.96 1.82
C LEU D 98 -18.50 17.94 2.91
N ALA D 99 -17.99 19.11 2.57
CA ALA D 99 -17.67 20.15 3.54
C ALA D 99 -17.76 21.49 2.84
N ALA D 100 -17.30 22.53 3.54
CA ALA D 100 -17.34 23.88 2.99
C ALA D 100 -16.31 24.10 1.90
N LYS D 101 -15.24 23.30 1.87
CA LYS D 101 -14.23 23.40 0.84
C LYS D 101 -14.05 22.09 0.09
N GLU D 102 -14.87 21.08 0.35
CA GLU D 102 -14.64 19.73 -0.13
C GLU D 102 -15.74 19.33 -1.09
N MET D 103 -15.35 18.70 -2.21
CA MET D 103 -16.29 18.13 -3.14
C MET D 103 -15.58 17.02 -3.90
N VAL D 104 -16.27 15.93 -4.17
CA VAL D 104 -15.67 14.78 -4.84
C VAL D 104 -16.29 14.61 -6.22
N HIS D 105 -15.69 13.72 -7.01
CA HIS D 105 -16.19 13.38 -8.34
C HIS D 105 -15.89 11.91 -8.60
N LEU D 106 -16.88 11.20 -9.14
CA LEU D 106 -16.87 9.74 -9.14
C LEU D 106 -17.34 9.21 -10.48
N VAL D 107 -16.56 8.31 -11.09
CA VAL D 107 -17.01 7.54 -12.24
C VAL D 107 -16.57 6.10 -12.09
N TYR D 108 -17.41 5.19 -12.59
CA TYR D 108 -17.05 3.79 -12.77
C TYR D 108 -16.91 3.52 -14.25
N ILE D 109 -15.75 3.03 -14.67
CA ILE D 109 -15.45 2.84 -16.08
C ILE D 109 -15.29 1.34 -16.33
N PRO D 110 -16.34 0.62 -16.68
CA PRO D 110 -16.16 -0.80 -16.97
C PRO D 110 -15.49 -1.02 -18.31
N PHE D 111 -14.87 -2.18 -18.45
CA PHE D 111 -14.00 -2.44 -19.59
C PHE D 111 -14.81 -2.62 -20.86
N SER D 112 -16.07 -3.03 -20.73
CA SER D 112 -16.98 -2.98 -21.86
C SER D 112 -17.67 -1.63 -21.95
N GLY D 113 -17.72 -0.90 -20.85
CA GLY D 113 -18.42 0.35 -20.77
C GLY D 113 -19.89 0.22 -20.41
N ASN D 114 -20.55 -0.82 -20.89
CA ASN D 114 -21.94 -1.07 -20.55
C ASN D 114 -22.03 -1.52 -19.10
N THR D 115 -22.48 -0.61 -18.23
CA THR D 115 -22.53 -0.89 -16.80
C THR D 115 -23.57 -1.93 -16.45
N ASN D 116 -24.61 -2.10 -17.27
CA ASN D 116 -25.66 -3.06 -17.00
C ASN D 116 -25.39 -4.41 -17.64
N TRP D 117 -24.24 -4.57 -18.30
CA TRP D 117 -23.80 -5.83 -18.90
C TRP D 117 -22.28 -5.77 -19.06
N PRO D 118 -21.52 -6.13 -18.04
CA PRO D 118 -20.07 -5.97 -18.12
C PRO D 118 -19.36 -7.24 -18.60
N ALA D 119 -18.09 -7.07 -18.93
CA ALA D 119 -17.17 -8.18 -19.04
C ALA D 119 -16.57 -8.45 -17.67
N HIS D 120 -15.72 -9.48 -17.57
CA HIS D 120 -15.03 -9.82 -16.32
C HIS D 120 -13.68 -10.40 -16.70
N ILE D 121 -12.65 -9.56 -16.72
CA ILE D 121 -11.31 -10.01 -17.07
C ILE D 121 -10.79 -10.96 -16.00
N ASN D 122 -10.58 -12.21 -16.39
CA ASN D 122 -9.92 -13.18 -15.51
C ASN D 122 -8.43 -12.97 -15.52
N LEU D 123 -7.79 -13.42 -14.45
CA LEU D 123 -6.34 -13.44 -14.36
C LEU D 123 -5.90 -14.81 -13.87
N LYS D 124 -4.73 -15.24 -14.33
CA LYS D 124 -4.18 -16.55 -14.00
C LYS D 124 -2.79 -16.37 -13.43
N ASP D 125 -2.07 -17.48 -13.35
CA ASP D 125 -0.79 -17.61 -12.66
C ASP D 125 0.31 -16.68 -13.18
N ASN D 126 0.23 -16.19 -14.41
CA ASN D 126 1.32 -15.39 -14.96
C ASN D 126 0.89 -14.11 -15.63
N ASP D 127 -0.37 -13.98 -16.05
CA ASP D 127 -0.82 -12.75 -16.68
C ASP D 127 -0.99 -11.66 -15.63
N VAL D 128 -0.93 -10.40 -16.08
CA VAL D 128 -1.02 -9.29 -15.15
C VAL D 128 -1.67 -8.11 -15.85
N LEU D 129 -2.65 -7.52 -15.18
CA LEU D 129 -3.34 -6.32 -15.66
C LEU D 129 -2.62 -5.11 -15.09
N GLU D 130 -2.20 -4.20 -15.97
CA GLU D 130 -1.37 -3.07 -15.59
C GLU D 130 -2.06 -1.76 -15.94
N VAL D 131 -2.14 -0.86 -14.98
CA VAL D 131 -2.82 0.42 -15.14
C VAL D 131 -1.80 1.54 -14.91
N TYR D 132 -1.69 2.45 -15.88
CA TYR D 132 -0.77 3.57 -15.81
C TYR D 132 -1.56 4.86 -15.87
N VAL D 133 -1.31 5.78 -14.94
CA VAL D 133 -2.05 7.03 -14.86
C VAL D 133 -1.07 8.19 -14.72
N ASN D 134 -1.15 9.16 -15.64
CA ASN D 134 -0.48 10.44 -15.51
C ASN D 134 -1.49 11.50 -15.11
N VAL D 135 -1.00 12.54 -14.43
CA VAL D 135 -1.73 13.79 -14.26
C VAL D 135 -0.77 14.91 -14.63
N VAL D 136 -1.15 15.72 -15.62
CA VAL D 136 -0.23 16.68 -16.22
C VAL D 136 -0.73 18.10 -15.99
N ARG D 137 0.01 19.06 -16.56
CA ARG D 137 -0.12 20.48 -16.24
C ARG D 137 -1.50 21.03 -16.60
N GLY D 138 -2.08 21.77 -15.66
CA GLY D 138 -3.33 22.48 -15.91
C GLY D 138 -4.58 21.70 -15.62
N ALA D 139 -4.71 21.15 -14.42
CA ALA D 139 -5.86 20.30 -14.12
C ALA D 139 -6.79 20.88 -13.08
N TYR D 140 -6.30 21.69 -12.15
CA TYR D 140 -7.12 22.14 -11.04
C TYR D 140 -7.47 23.62 -11.09
N GLY D 141 -6.86 24.39 -11.98
CA GLY D 141 -7.24 25.77 -12.13
C GLY D 141 -6.70 26.67 -11.04
N ALA D 142 -7.50 27.64 -10.60
CA ALA D 142 -7.01 28.65 -9.67
C ALA D 142 -7.66 28.56 -8.30
N GLU D 143 -8.86 28.01 -8.22
CA GLU D 143 -9.55 27.99 -6.93
C GLU D 143 -9.48 26.65 -6.23
N LEU D 144 -8.38 25.91 -6.38
CA LEU D 144 -8.17 24.65 -5.68
C LEU D 144 -6.77 24.60 -5.11
N ASP D 145 -6.53 23.60 -4.27
CA ASP D 145 -5.23 23.40 -3.65
C ASP D 145 -4.62 22.09 -4.14
N ALA D 146 -3.33 21.92 -3.88
CA ALA D 146 -2.56 20.80 -4.40
C ALA D 146 -2.61 19.57 -3.51
N ASN D 147 -3.68 19.39 -2.74
CA ASN D 147 -3.80 18.22 -1.87
C ASN D 147 -4.95 17.31 -2.30
N ALA D 148 -5.16 17.17 -3.59
CA ALA D 148 -6.21 16.31 -4.08
C ALA D 148 -5.78 14.85 -4.01
N CYS D 149 -6.77 13.96 -4.08
CA CYS D 149 -6.54 12.53 -3.99
C CYS D 149 -7.41 11.82 -5.02
N ILE D 150 -6.81 10.94 -5.82
CA ILE D 150 -7.56 10.21 -6.82
C ILE D 150 -7.49 8.72 -6.48
N CYS D 151 -8.23 7.88 -7.20
CA CYS D 151 -8.37 6.47 -6.84
C CYS D 151 -8.00 5.55 -8.00
N ASP D 152 -8.34 4.27 -7.84
CA ASP D 152 -7.80 3.19 -8.64
C ASP D 152 -8.87 2.12 -8.91
N VAL D 153 -8.40 0.95 -9.34
CA VAL D 153 -9.24 -0.09 -9.91
C VAL D 153 -10.06 -0.78 -8.81
N ARG D 154 -11.26 -1.23 -9.15
CA ARG D 154 -12.04 -2.12 -8.31
C ARG D 154 -12.09 -3.52 -8.91
N THR D 155 -12.60 -4.45 -8.11
CA THR D 155 -12.78 -5.84 -8.51
C THR D 155 -14.21 -6.09 -8.96
N SER D 156 -14.53 -7.37 -9.12
CA SER D 156 -15.82 -7.84 -9.62
C SER D 156 -16.14 -9.18 -8.99
N PRO D 157 -17.40 -9.62 -9.05
CA PRO D 157 -17.71 -11.00 -8.65
C PRO D 157 -17.11 -11.99 -9.62
N SER D 158 -16.99 -13.24 -9.17
CA SER D 158 -16.39 -14.27 -10.01
C SER D 158 -17.40 -14.69 -11.08
N ILE D 159 -17.61 -13.82 -12.05
CA ILE D 159 -18.47 -14.05 -13.20
C ILE D 159 -17.49 -14.16 -14.34
N GLY D 160 -16.28 -14.62 -14.03
CA GLY D 160 -15.23 -14.76 -14.99
C GLY D 160 -15.43 -15.94 -15.91
N VAL D 161 -16.45 -15.83 -16.76
CA VAL D 161 -16.78 -16.82 -17.76
C VAL D 161 -16.41 -16.17 -19.08
N GLU D 162 -15.36 -15.36 -19.01
CA GLU D 162 -15.09 -14.29 -19.96
C GLU D 162 -14.84 -14.79 -21.37
N LYS D 163 -15.56 -14.20 -22.32
CA LYS D 163 -15.44 -14.60 -23.71
C LYS D 163 -14.38 -13.81 -24.46
N PHE D 164 -14.02 -12.62 -24.01
CA PHE D 164 -13.31 -11.70 -24.88
C PHE D 164 -12.41 -10.75 -24.09
N ILE D 165 -11.66 -9.94 -24.81
CA ILE D 165 -10.76 -8.95 -24.24
C ILE D 165 -11.22 -7.59 -24.78
N PRO D 166 -11.98 -6.83 -23.99
CA PRO D 166 -12.71 -5.69 -24.55
C PRO D 166 -11.85 -4.45 -24.75
N PHE D 167 -11.56 -4.13 -26.01
CA PHE D 167 -10.88 -2.90 -26.36
C PHE D 167 -11.85 -1.74 -26.37
N MET D 168 -11.29 -0.53 -26.37
CA MET D 168 -12.10 0.68 -26.39
C MET D 168 -11.25 1.79 -26.99
N THR D 169 -11.77 2.46 -28.02
CA THR D 169 -10.94 3.42 -28.73
C THR D 169 -11.77 4.60 -29.23
N SER D 170 -11.07 5.70 -29.50
CA SER D 170 -11.66 6.97 -29.88
C SER D 170 -11.29 7.33 -31.31
N TYR D 171 -11.88 8.41 -31.82
CA TYR D 171 -11.56 8.90 -33.16
C TYR D 171 -11.16 10.36 -33.18
N SER D 172 -11.83 11.22 -32.41
CA SER D 172 -11.55 12.65 -32.30
C SER D 172 -11.62 13.41 -33.62
N ILE D 173 -12.83 13.57 -34.17
CA ILE D 173 -13.03 14.22 -35.48
C ILE D 173 -12.53 15.66 -35.46
N ARG D 174 -12.22 16.18 -36.64
CA ARG D 174 -11.51 17.45 -36.77
C ARG D 174 -12.45 18.64 -36.62
N ALA D 175 -11.93 19.81 -36.99
CA ALA D 175 -12.57 21.08 -36.67
C ALA D 175 -13.80 21.33 -37.53
N ASN D 176 -13.62 21.47 -38.84
CA ASN D 176 -14.75 21.79 -39.69
C ASN D 176 -14.91 20.78 -40.81
N GLN D 177 -14.68 19.51 -40.50
CA GLN D 177 -14.94 18.44 -41.44
C GLN D 177 -16.44 18.32 -41.69
N ALA D 178 -16.84 18.45 -42.94
CA ALA D 178 -18.25 18.44 -43.30
C ALA D 178 -18.77 17.03 -43.57
N THR D 179 -17.89 16.13 -43.98
CA THR D 179 -18.27 14.77 -44.33
C THR D 179 -17.11 13.85 -43.96
N ASP D 180 -17.39 12.78 -43.24
CA ASP D 180 -16.34 11.91 -42.77
C ASP D 180 -16.81 10.47 -42.73
N LEU D 181 -16.25 9.65 -43.62
CA LEU D 181 -16.41 8.20 -43.54
C LEU D 181 -15.38 7.68 -42.55
N VAL D 182 -15.85 7.03 -41.51
CA VAL D 182 -14.99 6.48 -40.47
C VAL D 182 -15.20 4.97 -40.48
N ASN D 183 -14.24 4.25 -41.07
CA ASN D 183 -14.27 2.79 -41.04
C ASN D 183 -13.77 2.32 -39.69
N LEU D 184 -14.43 1.30 -39.14
CA LEU D 184 -14.06 0.87 -37.81
C LEU D 184 -13.62 -0.58 -37.82
N GLY D 185 -13.43 -1.15 -36.63
CA GLY D 185 -12.80 -2.45 -36.47
C GLY D 185 -13.66 -3.63 -36.85
N ASN D 186 -13.31 -4.79 -36.32
CA ASN D 186 -14.01 -6.01 -36.74
C ASN D 186 -15.33 -6.15 -36.00
N ASP D 187 -15.28 -6.39 -34.69
CA ASP D 187 -16.47 -6.80 -33.96
C ASP D 187 -16.69 -5.84 -32.80
N VAL D 188 -17.64 -4.92 -32.96
CA VAL D 188 -17.59 -3.62 -32.29
C VAL D 188 -18.51 -3.55 -31.05
N THR D 189 -19.75 -4.04 -31.16
CA THR D 189 -20.74 -4.26 -30.10
C THR D 189 -21.32 -2.99 -29.47
N ARG D 190 -20.62 -1.85 -29.56
CA ARG D 190 -21.09 -0.58 -29.00
C ARG D 190 -20.42 0.59 -29.69
N ILE D 191 -21.22 1.56 -30.10
CA ILE D 191 -20.77 2.77 -30.79
C ILE D 191 -21.41 3.96 -30.10
N ALA D 192 -20.66 5.03 -29.92
CA ALA D 192 -21.24 6.23 -29.31
C ALA D 192 -20.71 7.48 -29.98
N LEU D 193 -21.58 8.46 -30.15
CA LEU D 193 -21.23 9.77 -30.68
C LEU D 193 -21.27 10.78 -29.56
N LEU D 194 -20.11 11.09 -29.01
CA LEU D 194 -19.99 11.96 -27.85
C LEU D 194 -19.72 13.39 -28.29
N SER D 195 -20.03 14.32 -27.38
CA SER D 195 -19.72 15.73 -27.55
C SER D 195 -19.61 16.36 -26.17
N MET D 196 -18.74 17.34 -26.05
CA MET D 196 -18.33 17.88 -24.76
C MET D 196 -18.55 19.39 -24.71
N THR D 197 -19.58 19.87 -25.41
CA THR D 197 -19.74 21.30 -25.61
C THR D 197 -21.21 21.66 -25.80
N ASN D 198 -21.53 22.91 -25.49
CA ASN D 198 -22.85 23.50 -25.71
C ASN D 198 -22.63 24.99 -25.94
N ASP D 199 -22.72 25.43 -27.20
CA ASP D 199 -22.58 26.85 -27.49
C ASP D 199 -23.85 27.62 -27.14
N VAL D 200 -25.00 27.03 -27.42
CA VAL D 200 -26.30 27.61 -27.13
C VAL D 200 -27.09 26.57 -26.35
N SER D 201 -28.38 26.83 -26.13
CA SER D 201 -29.28 25.84 -25.57
C SER D 201 -29.32 24.57 -26.43
N ASN D 202 -29.80 23.49 -25.83
CA ASN D 202 -29.56 22.13 -26.33
C ASN D 202 -30.34 21.91 -27.63
N ILE D 203 -29.76 22.40 -28.71
CA ILE D 203 -30.22 22.15 -30.08
C ILE D 203 -29.06 21.49 -30.81
N PRO D 204 -29.26 20.31 -31.43
CA PRO D 204 -28.11 19.48 -31.85
C PRO D 204 -27.20 20.08 -32.90
N ASN D 205 -27.75 20.58 -34.02
CA ASN D 205 -27.10 21.52 -34.94
C ASN D 205 -25.86 20.99 -35.65
N ALA D 206 -25.45 19.75 -35.39
CA ALA D 206 -24.23 19.21 -35.97
C ALA D 206 -24.51 17.99 -36.84
N PHE D 207 -25.18 16.99 -36.29
CA PHE D 207 -25.53 15.79 -37.03
C PHE D 207 -26.72 16.10 -37.93
N THR D 208 -26.55 15.95 -39.23
CA THR D 208 -27.70 15.97 -40.12
C THR D 208 -27.85 14.69 -40.91
N ASP D 209 -26.83 13.82 -40.91
CA ASP D 209 -26.97 12.49 -41.47
C ASP D 209 -25.94 11.60 -40.79
N VAL D 210 -26.38 10.43 -40.34
CA VAL D 210 -25.49 9.41 -39.82
C VAL D 210 -25.87 8.09 -40.45
N THR D 211 -24.93 7.43 -41.13
CA THR D 211 -25.19 6.15 -41.77
C THR D 211 -24.33 5.10 -41.08
N LEU D 212 -24.98 4.24 -40.31
CA LEU D 212 -24.30 3.08 -39.74
C LEU D 212 -24.62 1.88 -40.61
N SER D 213 -23.61 1.31 -41.24
CA SER D 213 -23.86 0.15 -42.09
C SER D 213 -22.85 -0.94 -41.81
N SER D 214 -23.24 -2.17 -42.10
CA SER D 214 -22.60 -3.33 -41.52
C SER D 214 -22.93 -4.56 -42.37
N ASP D 215 -22.57 -5.73 -41.83
CA ASP D 215 -23.22 -6.95 -42.25
C ASP D 215 -24.66 -7.01 -41.73
N ARG D 216 -24.81 -6.99 -40.43
CA ARG D 216 -26.08 -7.37 -39.82
C ARG D 216 -27.15 -6.28 -39.88
N LEU D 217 -26.77 -5.03 -40.14
CA LEU D 217 -27.77 -3.98 -40.21
C LEU D 217 -27.26 -2.82 -41.06
N ASP D 218 -28.22 -2.08 -41.61
CA ASP D 218 -28.02 -0.72 -42.07
C ASP D 218 -29.07 0.15 -41.39
N LYS D 219 -28.64 1.01 -40.48
CA LYS D 219 -29.54 1.98 -39.88
C LYS D 219 -29.11 3.36 -40.35
N ASN D 220 -30.04 4.05 -41.02
CA ASN D 220 -29.83 5.41 -41.48
C ASN D 220 -30.51 6.35 -40.49
N PHE D 221 -29.83 7.44 -40.17
CA PHE D 221 -30.21 8.29 -39.05
C PHE D 221 -30.33 9.73 -39.51
N ASN D 222 -31.56 10.22 -39.57
CA ASN D 222 -31.83 11.63 -39.66
C ASN D 222 -31.59 12.28 -38.30
N SER D 223 -31.53 13.62 -38.28
CA SER D 223 -31.24 14.34 -37.05
C SER D 223 -32.37 14.19 -36.04
N ASN D 224 -33.58 13.91 -36.51
CA ASN D 224 -34.66 13.58 -35.59
C ASN D 224 -34.47 12.19 -35.00
N GLN D 225 -34.11 11.22 -35.84
CA GLN D 225 -34.10 9.84 -35.40
C GLN D 225 -32.90 9.53 -34.51
N LEU D 226 -31.86 10.37 -34.53
CA LEU D 226 -30.81 10.23 -33.53
C LEU D 226 -31.31 10.59 -32.14
N ILE D 227 -32.03 11.71 -32.03
CA ILE D 227 -32.61 12.16 -30.76
C ILE D 227 -33.58 11.12 -30.23
N LEU D 228 -34.27 10.41 -31.12
CA LEU D 228 -35.00 9.23 -30.68
C LEU D 228 -34.07 8.15 -30.18
N GLU D 229 -33.06 7.80 -30.98
CA GLU D 229 -32.28 6.58 -30.77
C GLU D 229 -31.46 6.63 -29.49
N HIS D 230 -31.12 7.83 -29.02
CA HIS D 230 -30.48 7.96 -27.72
C HIS D 230 -31.43 7.58 -26.58
N SER D 231 -32.73 7.67 -26.81
CA SER D 231 -33.72 7.39 -25.78
C SER D 231 -34.26 5.97 -25.83
N LYS D 232 -33.51 5.02 -26.38
CA LYS D 232 -33.91 3.61 -26.29
C LYS D 232 -33.16 2.86 -25.21
N CYS D 233 -32.32 3.54 -24.44
CA CYS D 233 -31.60 2.93 -23.33
C CYS D 233 -32.03 3.49 -22.00
N ILE D 234 -32.20 4.80 -21.92
CA ILE D 234 -32.83 5.45 -20.79
C ILE D 234 -34.32 5.12 -20.84
N GLU D 235 -34.89 4.62 -19.74
CA GLU D 235 -36.33 4.49 -19.69
C GLU D 235 -36.96 5.50 -18.74
N ASP D 236 -36.20 6.51 -18.33
CA ASP D 236 -36.81 7.67 -17.71
C ASP D 236 -37.45 8.54 -18.78
N SER D 237 -38.34 9.44 -18.37
CA SER D 237 -39.09 10.23 -19.33
C SER D 237 -38.23 11.27 -20.03
N VAL D 238 -37.22 11.81 -19.35
CA VAL D 238 -36.34 12.80 -19.98
C VAL D 238 -35.48 12.09 -21.02
N ARG D 239 -35.19 12.79 -22.12
CA ARG D 239 -34.62 12.11 -23.27
C ARG D 239 -33.14 11.81 -23.10
N SER D 240 -32.41 12.56 -22.27
CA SER D 240 -30.97 12.34 -22.15
C SER D 240 -30.53 12.51 -20.70
N HIS D 241 -29.40 11.90 -20.39
CA HIS D 241 -28.79 12.00 -19.06
C HIS D 241 -27.35 12.51 -19.15
N ALA D 242 -27.07 13.33 -20.17
CA ALA D 242 -25.74 13.91 -20.33
C ALA D 242 -25.91 15.28 -20.99
N ASN D 243 -24.81 15.81 -21.53
CA ASN D 243 -24.88 17.06 -22.27
C ASN D 243 -25.58 16.83 -23.60
N GLU D 244 -26.73 17.50 -23.79
CA GLU D 244 -27.75 17.04 -24.72
C GLU D 244 -27.48 17.49 -26.15
N VAL D 245 -26.32 17.09 -26.66
CA VAL D 245 -26.03 17.18 -28.09
C VAL D 245 -25.44 15.85 -28.53
N ASP D 246 -25.54 14.84 -27.68
CA ASP D 246 -24.94 13.55 -27.94
C ASP D 246 -25.90 12.62 -28.67
N SER D 247 -25.41 11.43 -28.99
CA SER D 247 -26.24 10.33 -29.45
C SER D 247 -25.49 9.04 -29.18
N TYR D 248 -26.22 7.92 -29.19
CA TYR D 248 -25.72 6.68 -28.60
C TYR D 248 -26.27 5.47 -29.33
N LEU D 249 -25.44 4.42 -29.44
CA LEU D 249 -25.75 3.24 -30.25
C LEU D 249 -25.21 1.97 -29.57
N ILE D 250 -26.02 1.35 -28.71
CA ILE D 250 -25.59 0.08 -28.12
C ILE D 250 -26.10 -1.05 -29.01
N HIS D 251 -25.34 -2.14 -29.08
CA HIS D 251 -25.64 -3.21 -30.02
C HIS D 251 -25.32 -4.56 -29.40
N GLU D 252 -25.31 -5.58 -30.25
CA GLU D 252 -24.90 -6.93 -29.88
C GLU D 252 -24.06 -7.51 -31.01
N ASP D 253 -22.74 -7.26 -30.94
CA ASP D 253 -21.70 -7.95 -31.72
C ASP D 253 -21.90 -7.77 -33.22
N ILE D 254 -21.75 -6.54 -33.67
CA ILE D 254 -21.79 -6.24 -35.09
C ILE D 254 -20.50 -6.74 -35.73
N GLU D 255 -20.63 -7.57 -36.78
CA GLU D 255 -19.46 -8.30 -37.26
C GLU D 255 -18.54 -7.47 -38.14
N ILE D 256 -18.95 -6.29 -38.58
CA ILE D 256 -18.12 -5.34 -39.34
C ILE D 256 -18.86 -4.02 -39.30
N ASP D 257 -18.13 -2.89 -39.40
CA ASP D 257 -18.85 -1.63 -39.35
C ASP D 257 -18.13 -0.51 -40.10
N SER D 258 -18.93 0.28 -40.80
CA SER D 258 -18.49 1.57 -41.32
C SER D 258 -19.55 2.59 -40.90
N ALA D 259 -19.10 3.72 -40.37
CA ALA D 259 -19.99 4.78 -39.92
C ALA D 259 -19.65 6.04 -40.68
N LYS D 260 -20.59 6.51 -41.50
CA LYS D 260 -20.41 7.75 -42.25
C LYS D 260 -21.15 8.87 -41.56
N VAL D 261 -20.40 9.81 -41.01
CA VAL D 261 -21.00 10.99 -40.39
C VAL D 261 -21.00 12.12 -41.40
N HIS D 262 -22.19 12.67 -41.65
CA HIS D 262 -22.35 13.82 -42.54
C HIS D 262 -22.83 14.99 -41.69
N LEU D 263 -21.92 15.90 -41.40
CA LEU D 263 -22.17 17.02 -40.51
C LEU D 263 -22.77 18.20 -41.28
N LYS D 264 -23.22 19.20 -40.54
CA LYS D 264 -23.79 20.38 -41.19
C LYS D 264 -22.70 21.37 -41.58
N MET D 265 -22.03 21.94 -40.60
CA MET D 265 -21.42 23.25 -40.79
C MET D 265 -20.50 23.54 -39.60
N ASN D 266 -20.04 24.77 -39.47
CA ASN D 266 -19.24 25.28 -38.37
C ASN D 266 -19.71 25.07 -36.90
N PRO D 267 -21.04 24.90 -36.60
CA PRO D 267 -21.39 24.42 -35.26
C PRO D 267 -20.87 23.03 -34.89
N ALA D 268 -20.38 22.26 -35.86
CA ALA D 268 -19.41 21.22 -35.52
C ALA D 268 -18.14 21.91 -35.06
N LYS D 269 -17.85 21.81 -33.76
CA LYS D 269 -16.89 22.68 -33.10
C LYS D 269 -15.48 22.41 -33.56
N ILE D 270 -14.60 23.36 -33.24
CA ILE D 270 -13.23 23.33 -33.65
C ILE D 270 -12.37 23.02 -32.43
N ARG D 271 -11.08 22.79 -32.69
CA ARG D 271 -10.00 22.83 -31.68
C ARG D 271 -10.20 21.79 -30.57
N GLU D 272 -10.61 20.59 -30.98
CA GLU D 272 -10.79 19.42 -30.11
C GLU D 272 -11.82 19.65 -29.02
N ASN D 273 -12.72 20.62 -29.22
CA ASN D 273 -13.85 20.84 -28.33
C ASN D 273 -15.12 20.23 -28.91
N THR D 274 -14.98 19.09 -29.54
CA THR D 274 -15.92 18.70 -30.55
C THR D 274 -16.34 17.24 -30.42
N ILE D 275 -16.98 16.76 -31.47
CA ILE D 275 -17.60 15.44 -31.50
C ILE D 275 -16.53 14.38 -31.54
N TYR D 276 -16.60 13.42 -30.62
CA TYR D 276 -15.63 12.33 -30.57
C TYR D 276 -16.41 11.04 -30.78
N LEU D 277 -15.96 10.22 -31.73
CA LEU D 277 -16.56 8.91 -31.97
C LEU D 277 -15.82 7.87 -31.15
N VAL D 278 -16.54 7.15 -30.30
CA VAL D 278 -15.96 6.16 -29.40
C VAL D 278 -16.63 4.83 -29.67
N ARG D 279 -15.85 3.75 -29.72
CA ARG D 279 -16.39 2.42 -29.88
C ARG D 279 -15.71 1.48 -28.89
N SER D 280 -16.37 0.39 -28.55
CA SER D 280 -15.82 -0.54 -27.55
C SER D 280 -15.85 -1.98 -28.08
N HIS D 281 -14.83 -2.32 -28.86
CA HIS D 281 -14.79 -3.61 -29.54
C HIS D 281 -14.07 -4.63 -28.66
N PHE D 282 -13.67 -5.76 -29.23
CA PHE D 282 -12.98 -6.77 -28.45
C PHE D 282 -12.11 -7.64 -29.34
N GLN D 283 -11.35 -8.52 -28.69
CA GLN D 283 -10.68 -9.63 -29.35
C GLN D 283 -11.05 -10.91 -28.62
N THR D 284 -11.01 -12.03 -29.33
CA THR D 284 -11.38 -13.31 -28.73
C THR D 284 -10.67 -14.43 -29.46
N SER D 285 -10.72 -15.63 -28.86
CA SER D 285 -10.00 -16.77 -29.42
C SER D 285 -10.58 -18.06 -28.90
N LEU D 286 -10.11 -19.16 -29.48
CA LEU D 286 -10.61 -20.48 -29.13
C LEU D 286 -10.24 -20.89 -27.72
N GLU D 287 -8.99 -20.65 -27.31
CA GLU D 287 -8.57 -21.08 -25.99
C GLU D 287 -9.19 -20.25 -24.89
N ILE D 288 -9.54 -18.99 -25.19
CA ILE D 288 -10.32 -18.19 -24.25
C ILE D 288 -11.72 -18.77 -24.11
N LEU D 289 -12.31 -19.21 -25.22
CA LEU D 289 -13.60 -19.91 -25.14
C LEU D 289 -13.48 -21.25 -24.42
N GLN D 290 -12.33 -21.91 -24.53
CA GLN D 290 -12.13 -23.16 -23.80
C GLN D 290 -12.07 -22.92 -22.30
N LYS D 291 -11.38 -21.85 -21.88
CA LYS D 291 -11.33 -21.54 -20.46
C LYS D 291 -12.69 -21.07 -19.95
N ALA D 292 -13.49 -20.49 -20.83
CA ALA D 292 -14.85 -20.12 -20.44
C ALA D 292 -15.70 -21.37 -20.19
N VAL D 293 -15.58 -22.38 -21.06
CA VAL D 293 -16.36 -23.61 -20.88
C VAL D 293 -15.91 -24.35 -19.63
N ALA D 294 -14.59 -24.41 -19.39
CA ALA D 294 -14.07 -25.11 -18.23
C ALA D 294 -14.47 -24.40 -16.93
N MET D 295 -14.51 -23.07 -16.95
CA MET D 295 -14.91 -22.33 -15.77
C MET D 295 -16.40 -22.51 -15.48
N GLU D 296 -17.23 -22.60 -16.54
CA GLU D 296 -18.64 -22.87 -16.34
C GLU D 296 -18.88 -24.26 -15.77
N GLU D 297 -18.10 -25.24 -16.22
CA GLU D 297 -18.27 -26.59 -15.69
C GLU D 297 -17.79 -26.70 -14.25
N LYS D 298 -16.75 -25.95 -13.88
CA LYS D 298 -16.28 -25.97 -12.50
C LYS D 298 -17.29 -25.34 -11.56
N HIS D 299 -17.80 -24.15 -11.90
CA HIS D 299 -18.76 -23.49 -11.03
C HIS D 299 -20.08 -24.25 -10.95
N GLN D 300 -20.50 -24.89 -12.04
CA GLN D 300 -21.76 -25.63 -11.99
C GLN D 300 -21.59 -26.91 -11.19
N SER D 301 -20.42 -27.55 -11.26
CA SER D 301 -20.18 -28.76 -10.48
C SER D 301 -20.15 -28.48 -9.00
N ALA D 302 -19.51 -27.37 -8.60
CA ALA D 302 -19.45 -27.02 -7.19
C ALA D 302 -20.81 -26.61 -6.65
N ASP D 303 -21.56 -25.81 -7.42
CA ASP D 303 -22.84 -25.29 -6.95
C ASP D 303 -23.88 -26.39 -6.83
N ILE D 304 -23.88 -27.35 -7.75
CA ILE D 304 -24.83 -28.46 -7.62
C ILE D 304 -24.40 -29.40 -6.50
N ALA D 305 -23.09 -29.60 -6.31
CA ALA D 305 -22.67 -30.55 -5.30
C ALA D 305 -22.80 -29.99 -3.88
N LYS D 306 -23.02 -28.69 -3.73
CA LYS D 306 -23.10 -28.07 -2.41
C LYS D 306 -24.52 -27.81 -1.94
N VAL D 307 -25.50 -28.66 -2.27
CA VAL D 307 -26.84 -28.55 -1.68
C VAL D 307 -27.28 -29.90 -1.14
N PRO D 308 -27.34 -30.07 0.18
CA PRO D 308 -27.57 -31.41 0.75
C PRO D 308 -28.96 -32.02 0.55
N ALA D 309 -29.97 -31.45 1.19
CA ALA D 309 -31.35 -31.96 1.29
C ALA D 309 -32.11 -30.98 2.16
N THR D 310 -33.42 -31.21 2.28
CA THR D 310 -34.35 -30.49 3.16
C THR D 310 -34.35 -28.97 2.97
N MET E 1 -39.15 8.50 -45.59
CA MET E 1 -40.27 9.10 -46.29
C MET E 1 -40.62 10.47 -45.74
N THR E 2 -41.48 11.18 -46.46
CA THR E 2 -42.14 12.39 -45.97
C THR E 2 -43.60 12.28 -46.35
N ILE E 3 -44.48 12.64 -45.43
CA ILE E 3 -45.92 12.58 -45.66
C ILE E 3 -46.50 13.97 -45.42
N LYS E 4 -47.03 14.57 -46.47
CA LYS E 4 -47.54 15.93 -46.38
C LYS E 4 -48.91 15.94 -45.71
N TYR E 5 -49.51 17.11 -45.62
CA TYR E 5 -50.85 17.22 -45.08
C TYR E 5 -51.86 16.73 -46.10
N LEU E 6 -52.98 16.19 -45.59
CA LEU E 6 -54.08 15.62 -46.39
C LEU E 6 -53.62 14.46 -47.26
N SER E 7 -52.57 13.76 -46.84
CA SER E 7 -51.87 12.83 -47.71
C SER E 7 -51.87 11.43 -47.13
N SER E 8 -51.35 10.48 -47.91
CA SER E 8 -51.31 9.09 -47.54
C SER E 8 -50.06 8.44 -48.11
N GLU E 9 -49.72 7.27 -47.58
CA GLU E 9 -48.43 6.67 -47.88
C GLU E 9 -48.42 5.20 -47.49
N THR E 10 -47.89 4.35 -48.36
CA THR E 10 -47.59 2.97 -48.01
C THR E 10 -46.08 2.78 -47.94
N GLU E 11 -45.69 1.59 -47.50
CA GLU E 11 -44.29 1.23 -47.36
C GLU E 11 -44.19 -0.29 -47.28
N LYS E 12 -43.21 -0.86 -47.96
CA LYS E 12 -42.99 -2.31 -47.91
C LYS E 12 -41.62 -2.63 -47.34
N LEU E 13 -41.50 -3.83 -46.80
CA LEU E 13 -40.24 -4.37 -46.28
C LEU E 13 -40.20 -5.84 -46.67
N MET E 14 -39.20 -6.24 -47.45
CA MET E 14 -39.20 -7.59 -48.00
C MET E 14 -38.19 -8.50 -47.33
N ASN E 15 -36.95 -8.04 -47.15
CA ASN E 15 -35.92 -8.85 -46.52
C ASN E 15 -35.24 -8.00 -45.46
N GLN E 16 -35.70 -8.14 -44.23
CA GLN E 16 -35.16 -7.36 -43.11
C GLN E 16 -35.14 -8.24 -41.87
N THR E 17 -34.73 -7.63 -40.77
CA THR E 17 -34.91 -8.16 -39.42
C THR E 17 -35.44 -6.96 -38.64
N VAL E 18 -36.75 -6.81 -38.64
CA VAL E 18 -37.38 -5.54 -38.30
C VAL E 18 -38.02 -5.65 -36.92
N SER E 19 -38.06 -4.52 -36.20
CA SER E 19 -38.65 -4.48 -34.87
C SER E 19 -39.12 -3.04 -34.61
N GLY E 20 -40.42 -2.83 -34.63
CA GLY E 20 -40.94 -1.55 -34.22
C GLY E 20 -41.01 -0.55 -35.37
N ILE E 21 -41.94 0.38 -35.22
CA ILE E 21 -42.15 1.46 -36.18
C ILE E 21 -41.78 2.77 -35.51
N ASP E 22 -40.81 3.46 -36.08
CA ASP E 22 -40.46 4.79 -35.62
C ASP E 22 -41.40 5.83 -36.21
N VAL E 23 -41.63 6.89 -35.44
CA VAL E 23 -42.38 8.06 -35.89
C VAL E 23 -41.64 9.30 -35.42
N CYS E 24 -41.21 10.13 -36.36
CA CYS E 24 -40.69 11.45 -36.04
C CYS E 24 -41.78 12.46 -36.36
N PHE E 25 -41.48 13.74 -36.19
CA PHE E 25 -42.34 14.85 -36.56
C PHE E 25 -41.50 16.10 -36.80
N THR E 26 -42.09 17.03 -37.55
CA THR E 26 -41.45 18.32 -37.81
C THR E 26 -42.55 19.35 -37.92
N LEU E 27 -42.59 20.31 -36.99
CA LEU E 27 -43.67 21.27 -36.97
C LEU E 27 -43.14 22.67 -37.22
N ILE E 28 -43.57 23.27 -38.31
CA ILE E 28 -43.20 24.63 -38.67
C ILE E 28 -44.41 25.52 -38.40
N GLY E 29 -44.24 26.49 -37.53
CA GLY E 29 -45.34 27.35 -37.13
C GLY E 29 -45.60 28.46 -38.13
N VAL E 30 -46.52 29.35 -37.75
CA VAL E 30 -46.77 30.51 -38.58
C VAL E 30 -45.95 31.70 -38.10
N ASP E 31 -45.91 31.92 -36.79
CA ASP E 31 -45.26 33.08 -36.22
C ASP E 31 -44.46 32.62 -35.00
N ASP E 32 -43.61 33.53 -34.49
CA ASP E 32 -42.74 33.22 -33.36
C ASP E 32 -43.55 33.04 -32.08
N ASP E 33 -44.54 33.90 -31.86
CA ASP E 33 -45.36 33.82 -30.66
C ASP E 33 -46.34 32.66 -30.67
N SER E 34 -46.47 31.94 -31.78
CA SER E 34 -47.15 30.66 -31.76
C SER E 34 -46.37 29.64 -30.95
N PHE E 35 -45.06 29.55 -31.19
CA PHE E 35 -44.17 28.73 -30.37
C PHE E 35 -43.52 29.55 -29.26
N ALA E 36 -44.18 30.61 -28.79
CA ALA E 36 -43.77 31.24 -27.54
C ALA E 36 -43.90 30.26 -26.38
N SER E 37 -45.02 29.55 -26.33
CA SER E 37 -45.19 28.46 -25.39
C SER E 37 -44.64 27.19 -26.00
N GLY E 38 -44.73 26.09 -25.26
CA GLY E 38 -44.40 24.80 -25.82
C GLY E 38 -45.58 24.21 -26.58
N SER E 39 -45.30 23.17 -27.35
CA SER E 39 -46.35 22.50 -28.12
C SER E 39 -46.79 21.25 -27.37
N LYS E 40 -47.61 21.46 -26.35
CA LYS E 40 -48.32 20.35 -25.74
C LYS E 40 -49.43 19.90 -26.68
N ASN E 41 -49.52 18.59 -26.89
CA ASN E 41 -50.42 18.03 -27.90
C ASN E 41 -51.87 18.22 -27.47
N ASP E 42 -52.61 19.01 -28.22
CA ASP E 42 -54.06 19.04 -28.07
C ASP E 42 -54.62 17.70 -28.52
N TYR E 43 -55.70 17.28 -27.86
CA TYR E 43 -56.33 16.03 -28.21
C TYR E 43 -57.72 16.19 -28.81
N ILE E 44 -58.65 16.83 -28.10
CA ILE E 44 -60.02 16.86 -28.61
C ILE E 44 -60.22 18.04 -29.53
N SER E 45 -60.22 19.25 -28.95
CA SER E 45 -60.75 20.43 -29.63
C SER E 45 -60.50 21.66 -28.78
N ASP E 46 -61.08 22.77 -29.24
CA ASP E 46 -61.38 24.02 -28.54
C ASP E 46 -60.16 24.91 -28.29
N THR E 47 -58.96 24.37 -28.47
CA THR E 47 -57.73 25.15 -28.67
C THR E 47 -56.87 24.42 -29.70
N PRO E 48 -57.35 24.28 -30.97
CA PRO E 48 -56.55 23.46 -31.91
C PRO E 48 -55.31 24.18 -32.40
N LYS E 49 -54.31 24.27 -31.52
CA LYS E 49 -53.21 25.19 -31.71
C LYS E 49 -51.93 24.51 -32.15
N PHE E 50 -51.86 23.19 -32.08
CA PHE E 50 -50.66 22.42 -32.38
C PHE E 50 -51.06 21.06 -32.94
N LEU E 51 -50.11 20.13 -32.85
CA LEU E 51 -50.29 18.75 -33.29
C LEU E 51 -51.49 18.09 -32.64
N ASP E 52 -52.31 17.43 -33.45
CA ASP E 52 -53.43 16.62 -32.97
C ASP E 52 -53.21 15.21 -33.49
N PRO E 53 -52.64 14.31 -32.68
CA PRO E 53 -52.28 12.98 -33.17
C PRO E 53 -53.44 12.01 -33.24
N SER E 54 -54.68 12.45 -33.04
CA SER E 54 -55.81 11.54 -33.14
C SER E 54 -56.12 11.19 -34.59
N ASN E 55 -55.77 12.07 -35.53
CA ASN E 55 -56.17 11.91 -36.91
C ASN E 55 -55.29 10.94 -37.70
N VAL E 56 -54.06 10.73 -37.26
CA VAL E 56 -53.09 9.93 -38.03
C VAL E 56 -53.43 8.46 -37.81
N HIS E 57 -53.47 7.68 -38.90
CA HIS E 57 -53.75 6.26 -38.82
C HIS E 57 -52.54 5.48 -39.32
N ILE E 58 -51.97 4.68 -38.45
CA ILE E 58 -50.87 3.80 -38.83
C ILE E 58 -51.37 2.37 -38.73
N LYS E 59 -51.29 1.63 -39.83
CA LYS E 59 -51.70 0.24 -39.90
C LYS E 59 -50.56 -0.60 -40.43
N ALA E 60 -50.27 -1.71 -39.77
CA ALA E 60 -49.25 -2.62 -40.26
C ALA E 60 -49.91 -3.95 -40.64
N THR E 61 -49.32 -4.62 -41.61
CA THR E 61 -49.84 -5.93 -41.98
C THR E 61 -48.71 -6.80 -42.52
N LEU E 62 -48.75 -8.08 -42.17
CA LEU E 62 -47.71 -9.04 -42.53
C LEU E 62 -48.31 -10.06 -43.49
N LYS E 63 -47.88 -10.03 -44.74
CA LYS E 63 -48.27 -11.04 -45.71
C LYS E 63 -47.25 -12.16 -45.67
N ARG E 64 -47.68 -13.33 -45.19
CA ARG E 64 -46.74 -14.39 -44.84
C ARG E 64 -47.17 -15.66 -45.55
N GLY E 65 -46.66 -15.86 -46.77
CA GLY E 65 -46.92 -17.11 -47.49
C GLY E 65 -48.36 -17.31 -47.92
N GLY E 66 -48.97 -16.28 -48.50
CA GLY E 66 -50.34 -16.40 -48.95
C GLY E 66 -51.39 -16.15 -47.90
N LYS E 67 -51.06 -15.41 -46.85
CA LYS E 67 -52.00 -15.09 -45.77
C LYS E 67 -51.83 -13.64 -45.36
N ASP E 68 -52.44 -13.30 -44.22
CA ASP E 68 -52.45 -11.94 -43.71
C ASP E 68 -52.36 -11.96 -42.19
N TYR E 69 -51.75 -10.92 -41.64
CA TYR E 69 -51.73 -10.70 -40.19
C TYR E 69 -51.87 -9.21 -39.95
N VAL E 70 -53.01 -8.79 -39.42
CA VAL E 70 -53.29 -7.37 -39.24
C VAL E 70 -52.70 -6.90 -37.91
N LEU E 71 -51.97 -5.80 -37.96
CA LEU E 71 -51.35 -5.21 -36.79
C LEU E 71 -51.79 -3.76 -36.71
N PHE E 72 -51.87 -3.24 -35.47
CA PHE E 72 -51.96 -1.80 -35.20
C PHE E 72 -53.19 -1.13 -35.81
N SER E 73 -54.38 -1.37 -35.30
CA SER E 73 -55.60 -0.83 -35.94
C SER E 73 -55.75 0.68 -35.73
N GLU E 74 -54.83 1.42 -36.36
CA GLU E 74 -55.03 2.76 -36.91
C GLU E 74 -55.43 3.83 -35.87
N ASN E 75 -54.55 4.04 -34.89
CA ASN E 75 -54.60 5.30 -34.14
C ASN E 75 -53.23 5.65 -33.58
N LEU E 76 -52.72 6.81 -33.99
CA LEU E 76 -51.42 7.27 -33.50
C LEU E 76 -51.47 7.59 -32.02
N ALA E 77 -52.62 8.05 -31.51
CA ALA E 77 -52.74 8.34 -30.09
C ALA E 77 -52.69 7.08 -29.25
N LEU E 78 -53.32 6.00 -29.73
CA LEU E 78 -53.23 4.70 -29.06
C LEU E 78 -51.81 4.18 -29.05
N LEU E 79 -51.14 4.22 -30.20
CA LEU E 79 -49.78 3.69 -30.25
C LEU E 79 -48.80 4.54 -29.47
N ALA E 80 -49.03 5.86 -29.41
CA ALA E 80 -48.12 6.73 -28.67
C ALA E 80 -48.28 6.55 -27.18
N LYS E 81 -49.51 6.42 -26.69
CA LYS E 81 -49.69 6.24 -25.25
C LYS E 81 -49.23 4.86 -24.81
N TYR E 82 -49.49 3.82 -25.61
CA TYR E 82 -49.10 2.48 -25.19
C TYR E 82 -47.59 2.28 -25.32
N SER E 83 -46.95 2.97 -26.26
CA SER E 83 -45.49 2.95 -26.29
C SER E 83 -44.92 3.74 -25.12
N THR E 84 -45.37 4.99 -24.96
CA THR E 84 -44.85 5.87 -23.92
C THR E 84 -45.68 5.78 -22.65
N ILE E 85 -45.96 4.56 -22.19
CA ILE E 85 -46.47 4.43 -20.84
C ILE E 85 -45.31 4.43 -19.84
N THR E 86 -44.11 4.05 -20.29
CA THR E 86 -42.88 4.14 -19.51
C THR E 86 -41.78 4.88 -20.26
N GLN E 87 -42.07 5.43 -21.43
CA GLN E 87 -41.14 6.24 -22.19
C GLN E 87 -41.78 7.60 -22.46
N GLY E 88 -41.15 8.40 -23.31
CA GLY E 88 -41.79 9.60 -23.83
C GLY E 88 -42.01 10.67 -22.78
N ARG E 89 -43.13 11.39 -22.94
CA ARG E 89 -43.70 12.40 -22.05
C ARG E 89 -42.89 13.71 -22.07
N ASP E 90 -41.72 13.70 -22.71
CA ASP E 90 -40.88 14.88 -22.78
C ASP E 90 -40.46 15.21 -24.21
N GLN E 91 -40.30 14.21 -25.06
CA GLN E 91 -40.10 14.47 -26.47
C GLN E 91 -41.36 14.27 -27.27
N TRP E 92 -42.43 13.77 -26.66
CA TRP E 92 -43.70 13.58 -27.33
C TRP E 92 -44.79 14.47 -26.78
N GLU E 93 -44.82 14.68 -25.46
CA GLU E 93 -45.74 15.67 -24.90
C GLU E 93 -45.17 17.08 -24.97
N GLU E 94 -43.93 17.27 -24.54
CA GLU E 94 -43.30 18.58 -24.57
C GLU E 94 -42.53 18.83 -25.86
N GLY E 95 -41.96 17.79 -26.46
CA GLY E 95 -41.23 17.93 -27.71
C GLY E 95 -39.90 18.62 -27.53
N VAL E 96 -39.17 18.72 -28.64
CA VAL E 96 -37.83 19.28 -28.65
C VAL E 96 -37.81 20.45 -29.62
N LYS E 97 -37.38 21.62 -29.15
CA LYS E 97 -37.24 22.77 -30.04
C LYS E 97 -36.01 22.65 -30.91
N LEU E 98 -36.05 23.28 -32.08
CA LEU E 98 -34.87 23.48 -32.90
C LEU E 98 -34.65 24.93 -33.29
N ALA E 99 -35.71 25.71 -33.48
CA ALA E 99 -35.60 27.11 -33.85
C ALA E 99 -36.80 27.85 -33.29
N ALA E 100 -36.95 29.11 -33.70
CA ALA E 100 -38.04 29.94 -33.23
C ALA E 100 -39.38 29.51 -33.80
N LYS E 101 -39.41 29.02 -35.03
CA LYS E 101 -40.63 28.54 -35.65
C LYS E 101 -40.65 27.04 -35.88
N GLU E 102 -39.84 26.28 -35.15
CA GLU E 102 -39.68 24.85 -35.41
C GLU E 102 -39.58 24.08 -34.11
N MET E 103 -40.39 23.04 -33.97
CA MET E 103 -40.32 22.11 -32.85
C MET E 103 -40.60 20.72 -33.39
N VAL E 104 -39.99 19.70 -32.79
CA VAL E 104 -40.16 18.33 -33.26
C VAL E 104 -40.78 17.49 -32.15
N HIS E 105 -41.28 16.32 -32.55
CA HIS E 105 -41.87 15.35 -31.65
C HIS E 105 -41.46 13.95 -32.11
N LEU E 106 -41.28 13.04 -31.17
CA LEU E 106 -40.67 11.74 -31.45
C LEU E 106 -41.31 10.64 -30.61
N VAL E 107 -41.60 9.51 -31.24
CA VAL E 107 -41.94 8.27 -30.53
C VAL E 107 -41.35 7.09 -31.26
N TYR E 108 -40.95 6.09 -30.49
CA TYR E 108 -40.64 4.77 -31.01
C TYR E 108 -41.75 3.82 -30.58
N ILE E 109 -42.29 3.06 -31.53
CA ILE E 109 -43.43 2.19 -31.23
C ILE E 109 -43.01 0.75 -31.49
N PRO E 110 -42.48 0.04 -30.51
CA PRO E 110 -42.05 -1.35 -30.74
C PRO E 110 -43.24 -2.28 -30.86
N PHE E 111 -42.98 -3.44 -31.45
CA PHE E 111 -44.05 -4.33 -31.88
C PHE E 111 -44.73 -5.00 -30.69
N SER E 112 -43.96 -5.55 -29.76
CA SER E 112 -44.56 -6.03 -28.52
C SER E 112 -44.95 -4.88 -27.62
N GLY E 113 -44.23 -3.77 -27.71
CA GLY E 113 -44.42 -2.63 -26.86
C GLY E 113 -43.27 -2.37 -25.91
N ASN E 114 -42.59 -3.43 -25.49
CA ASN E 114 -41.47 -3.27 -24.57
C ASN E 114 -40.19 -3.01 -25.36
N THR E 115 -39.61 -1.83 -25.17
CA THR E 115 -38.32 -1.52 -25.79
C THR E 115 -37.19 -2.33 -25.18
N ASN E 116 -37.37 -2.85 -23.97
CA ASN E 116 -36.36 -3.67 -23.32
C ASN E 116 -36.50 -5.14 -23.66
N TRP E 117 -37.68 -5.57 -24.07
CA TRP E 117 -37.88 -6.93 -24.56
C TRP E 117 -38.77 -6.92 -25.80
N PRO E 118 -38.22 -6.69 -26.97
CA PRO E 118 -39.03 -6.65 -28.19
C PRO E 118 -39.07 -7.99 -28.90
N ALA E 119 -40.02 -8.09 -29.82
CA ALA E 119 -39.99 -9.13 -30.83
C ALA E 119 -39.25 -8.61 -32.05
N HIS E 120 -38.90 -9.50 -32.98
CA HIS E 120 -38.11 -9.11 -34.16
C HIS E 120 -38.65 -9.91 -35.33
N ILE E 121 -39.46 -9.26 -36.17
CA ILE E 121 -40.10 -9.98 -37.29
C ILE E 121 -39.06 -10.36 -38.32
N ASN E 122 -38.82 -11.67 -38.45
CA ASN E 122 -37.94 -12.17 -39.48
C ASN E 122 -38.69 -12.28 -40.80
N LEU E 123 -37.95 -12.12 -41.90
CA LEU E 123 -38.52 -12.15 -43.23
C LEU E 123 -37.75 -13.15 -44.07
N LYS E 124 -38.37 -13.58 -45.17
CA LYS E 124 -37.75 -14.50 -46.13
C LYS E 124 -38.02 -14.00 -47.54
N ASP E 125 -37.76 -14.87 -48.51
CA ASP E 125 -37.72 -14.51 -49.92
C ASP E 125 -39.06 -14.10 -50.51
N ASN E 126 -40.18 -14.36 -49.85
CA ASN E 126 -41.48 -14.04 -50.44
C ASN E 126 -42.41 -13.26 -49.53
N ASP E 127 -42.26 -13.38 -48.21
CA ASP E 127 -43.14 -12.65 -47.30
C ASP E 127 -42.77 -11.17 -47.30
N VAL E 128 -43.72 -10.35 -46.86
CA VAL E 128 -43.54 -8.89 -46.95
C VAL E 128 -44.32 -8.25 -45.82
N LEU E 129 -43.84 -7.10 -45.36
CA LEU E 129 -44.51 -6.35 -44.31
C LEU E 129 -44.87 -4.97 -44.85
N GLU E 130 -46.17 -4.65 -44.83
CA GLU E 130 -46.67 -3.39 -45.35
C GLU E 130 -47.08 -2.48 -44.21
N VAL E 131 -46.53 -1.27 -44.18
CA VAL E 131 -46.87 -0.26 -43.20
C VAL E 131 -47.50 0.92 -43.92
N TYR E 132 -48.67 1.33 -43.47
CA TYR E 132 -49.53 2.26 -44.19
C TYR E 132 -49.96 3.38 -43.27
N VAL E 133 -49.66 4.63 -43.65
CA VAL E 133 -49.88 5.79 -42.81
C VAL E 133 -50.79 6.78 -43.54
N ASN E 134 -51.85 7.22 -42.86
CA ASN E 134 -52.73 8.27 -43.34
C ASN E 134 -52.59 9.52 -42.48
N VAL E 135 -52.64 10.68 -43.13
CA VAL E 135 -52.77 11.95 -42.45
C VAL E 135 -53.92 12.70 -43.09
N VAL E 136 -54.94 13.00 -42.30
CA VAL E 136 -56.22 13.47 -42.84
C VAL E 136 -56.51 14.89 -42.36
N ARG E 137 -57.69 15.39 -42.73
CA ARG E 137 -58.04 16.79 -42.55
C ARG E 137 -58.11 17.18 -41.08
N GLY E 138 -57.29 18.16 -40.70
CA GLY E 138 -57.33 18.68 -39.35
C GLY E 138 -56.30 18.11 -38.40
N ALA E 139 -55.21 17.56 -38.92
CA ALA E 139 -54.21 16.95 -38.07
C ALA E 139 -53.10 17.92 -37.66
N TYR E 140 -53.26 19.21 -37.89
CA TYR E 140 -52.23 20.16 -37.48
C TYR E 140 -52.79 21.40 -36.81
N GLY E 141 -54.10 21.64 -36.89
CA GLY E 141 -54.67 22.74 -36.14
C GLY E 141 -54.35 24.11 -36.70
N ALA E 142 -54.42 25.13 -35.84
CA ALA E 142 -54.37 26.51 -36.32
C ALA E 142 -52.95 26.98 -36.61
N GLU E 143 -52.04 26.85 -35.65
CA GLU E 143 -50.80 27.60 -35.69
C GLU E 143 -49.67 26.87 -36.38
N LEU E 144 -49.95 26.00 -37.34
CA LEU E 144 -48.92 25.27 -38.06
C LEU E 144 -49.02 25.51 -39.56
N ASP E 145 -48.06 24.94 -40.29
CA ASP E 145 -47.98 25.09 -41.73
C ASP E 145 -48.27 23.76 -42.41
N ALA E 146 -48.61 23.82 -43.69
CA ALA E 146 -48.96 22.65 -44.47
C ALA E 146 -47.76 21.96 -45.11
N ASN E 147 -46.56 22.10 -44.53
CA ASN E 147 -45.37 21.46 -45.10
C ASN E 147 -44.59 20.64 -44.07
N ALA E 148 -45.29 19.86 -43.27
CA ALA E 148 -44.66 19.00 -42.28
C ALA E 148 -44.18 17.70 -42.92
N CYS E 149 -43.26 17.03 -42.24
CA CYS E 149 -42.63 15.82 -42.76
C CYS E 149 -42.45 14.83 -41.62
N ILE E 150 -42.99 13.62 -41.82
CA ILE E 150 -42.97 12.61 -40.76
C ILE E 150 -42.13 11.44 -41.24
N CYS E 151 -41.91 10.43 -40.40
CA CYS E 151 -40.91 9.40 -40.66
C CYS E 151 -41.53 8.00 -40.74
N ASP E 152 -40.64 7.01 -40.74
CA ASP E 152 -40.92 5.64 -41.17
C ASP E 152 -40.28 4.61 -40.25
N VAL E 153 -40.22 3.37 -40.74
CA VAL E 153 -39.84 2.22 -39.92
C VAL E 153 -38.33 2.12 -39.79
N ARG E 154 -37.86 1.89 -38.58
CA ARG E 154 -36.46 1.52 -38.34
C ARG E 154 -36.32 0.01 -38.21
N THR E 155 -35.11 -0.47 -38.47
CA THR E 155 -34.80 -1.89 -38.37
C THR E 155 -34.25 -2.21 -36.98
N SER E 156 -33.69 -3.40 -36.88
CA SER E 156 -33.16 -3.94 -35.63
C SER E 156 -31.90 -4.72 -35.91
N PRO E 157 -31.02 -4.87 -34.91
CA PRO E 157 -29.87 -5.77 -35.08
C PRO E 157 -30.28 -7.22 -35.10
N SER E 158 -29.29 -8.10 -35.21
CA SER E 158 -29.57 -9.51 -35.42
C SER E 158 -30.08 -10.19 -34.14
N ILE E 159 -31.29 -9.83 -33.73
CA ILE E 159 -31.97 -10.51 -32.63
C ILE E 159 -33.18 -11.16 -33.28
N GLY E 160 -33.01 -11.55 -34.55
CA GLY E 160 -34.04 -12.27 -35.26
C GLY E 160 -33.99 -13.76 -34.98
N VAL E 161 -34.37 -14.11 -33.76
CA VAL E 161 -34.43 -15.50 -33.32
C VAL E 161 -35.89 -15.79 -33.01
N GLU E 162 -36.77 -15.20 -33.82
CA GLU E 162 -38.14 -14.89 -33.45
C GLU E 162 -39.00 -16.12 -33.16
N LYS E 163 -39.74 -16.05 -32.05
CA LYS E 163 -40.60 -17.14 -31.61
C LYS E 163 -42.07 -16.93 -31.96
N PHE E 164 -42.51 -15.72 -32.23
CA PHE E 164 -43.95 -15.46 -32.30
C PHE E 164 -44.23 -14.29 -33.24
N ILE E 165 -45.51 -13.98 -33.38
CA ILE E 165 -45.98 -12.91 -34.25
C ILE E 165 -46.80 -11.97 -33.38
N PRO E 166 -46.26 -10.83 -32.96
CA PRO E 166 -46.94 -9.98 -31.97
C PRO E 166 -48.09 -9.20 -32.58
N PHE E 167 -49.23 -9.22 -31.92
CA PHE E 167 -50.39 -8.41 -32.27
C PHE E 167 -50.59 -7.36 -31.18
N MET E 168 -51.38 -6.34 -31.51
CA MET E 168 -51.66 -5.29 -30.54
C MET E 168 -53.04 -4.72 -30.84
N THR E 169 -53.88 -4.60 -29.81
CA THR E 169 -55.22 -4.11 -30.06
C THR E 169 -55.73 -3.32 -28.86
N SER E 170 -56.81 -2.59 -29.10
CA SER E 170 -57.45 -1.74 -28.12
C SER E 170 -58.86 -2.25 -27.85
N TYR E 171 -59.53 -1.62 -26.88
CA TYR E 171 -60.91 -1.93 -26.59
C TYR E 171 -61.80 -0.70 -26.57
N SER E 172 -61.29 0.43 -26.07
CA SER E 172 -61.97 1.74 -26.08
C SER E 172 -63.31 1.74 -25.36
N ILE E 173 -63.28 1.69 -24.03
CA ILE E 173 -64.49 1.59 -23.19
C ILE E 173 -65.40 2.81 -23.41
N ARG E 174 -66.66 2.66 -22.99
CA ARG E 174 -67.74 3.59 -23.32
C ARG E 174 -67.58 4.92 -22.59
N ALA E 175 -68.58 5.77 -22.79
CA ALA E 175 -68.53 7.14 -22.28
C ALA E 175 -68.77 7.17 -20.78
N ASN E 176 -69.86 6.57 -20.31
CA ASN E 176 -70.18 6.62 -18.90
C ASN E 176 -70.51 5.23 -18.37
N GLN E 177 -69.84 4.22 -18.90
CA GLN E 177 -70.06 2.84 -18.47
C GLN E 177 -69.49 2.63 -17.08
N ALA E 178 -70.30 2.05 -16.20
CA ALA E 178 -69.88 1.78 -14.83
C ALA E 178 -69.15 0.45 -14.71
N THR E 179 -69.75 -0.63 -15.20
CA THR E 179 -69.14 -1.95 -15.14
C THR E 179 -68.90 -2.43 -16.55
N ASP E 180 -67.73 -2.98 -16.82
CA ASP E 180 -67.49 -3.60 -18.11
C ASP E 180 -66.60 -4.81 -17.94
N LEU E 181 -67.19 -5.99 -18.09
CA LEU E 181 -66.44 -7.24 -18.22
C LEU E 181 -65.87 -7.27 -19.63
N VAL E 182 -64.56 -7.33 -19.74
CA VAL E 182 -63.89 -7.30 -21.03
C VAL E 182 -63.13 -8.61 -21.17
N ASN E 183 -63.71 -9.55 -21.91
CA ASN E 183 -62.97 -10.72 -22.36
C ASN E 183 -61.88 -10.27 -23.32
N LEU E 184 -60.74 -10.94 -23.26
CA LEU E 184 -59.68 -10.60 -24.19
C LEU E 184 -59.26 -11.85 -24.95
N GLY E 185 -58.15 -11.74 -25.68
CA GLY E 185 -57.71 -12.79 -26.57
C GLY E 185 -57.14 -14.00 -25.88
N ASN E 186 -56.34 -14.77 -26.61
CA ASN E 186 -55.85 -16.03 -26.06
C ASN E 186 -54.63 -15.79 -25.19
N ASP E 187 -53.53 -15.33 -25.78
CA ASP E 187 -52.25 -15.32 -25.08
C ASP E 187 -51.67 -13.91 -25.17
N VAL E 188 -51.73 -13.17 -24.07
CA VAL E 188 -51.91 -11.72 -24.10
C VAL E 188 -50.67 -10.94 -23.68
N THR E 189 -49.90 -11.46 -22.71
CA THR E 189 -48.53 -11.05 -22.33
C THR E 189 -48.42 -9.65 -21.70
N ARG E 190 -49.36 -8.74 -21.96
CA ARG E 190 -49.32 -7.37 -21.45
C ARG E 190 -50.68 -6.71 -21.61
N ILE E 191 -51.18 -6.16 -20.51
CA ILE E 191 -52.46 -5.44 -20.49
C ILE E 191 -52.21 -4.08 -19.86
N ALA E 192 -52.70 -3.02 -20.49
CA ALA E 192 -52.49 -1.69 -19.95
C ALA E 192 -53.78 -0.90 -20.00
N LEU E 193 -53.95 -0.02 -19.04
CA LEU E 193 -55.09 0.89 -18.96
C LEU E 193 -54.61 2.31 -19.21
N LEU E 194 -54.86 2.80 -20.41
CA LEU E 194 -54.41 4.11 -20.83
C LEU E 194 -55.54 5.12 -20.66
N SER E 195 -55.17 6.36 -20.43
CA SER E 195 -56.13 7.45 -20.39
C SER E 195 -55.50 8.68 -21.01
N MET E 196 -56.32 9.66 -21.35
CA MET E 196 -55.89 10.81 -22.12
C MET E 196 -56.43 12.11 -21.53
N THR E 197 -56.83 12.07 -20.26
CA THR E 197 -57.50 13.21 -19.66
C THR E 197 -56.83 13.60 -18.35
N ASN E 198 -56.76 14.91 -18.12
CA ASN E 198 -56.49 15.49 -16.80
C ASN E 198 -57.39 16.71 -16.69
N ASP E 199 -58.60 16.50 -16.19
CA ASP E 199 -59.52 17.61 -15.98
C ASP E 199 -59.09 18.47 -14.79
N VAL E 200 -58.51 17.83 -13.79
CA VAL E 200 -58.01 18.48 -12.58
C VAL E 200 -56.57 18.04 -12.41
N SER E 201 -55.97 18.39 -11.27
CA SER E 201 -54.62 17.94 -10.95
C SER E 201 -54.56 16.43 -10.76
N ASN E 202 -53.36 15.93 -10.50
CA ASN E 202 -53.06 14.49 -10.60
C ASN E 202 -53.71 13.73 -9.45
N ILE E 203 -55.02 13.60 -9.55
CA ILE E 203 -55.85 12.80 -8.65
C ILE E 203 -56.60 11.80 -9.50
N PRO E 204 -56.55 10.49 -9.18
CA PRO E 204 -57.05 9.46 -10.12
C PRO E 204 -58.53 9.54 -10.48
N ASN E 205 -59.43 9.39 -9.50
CA ASN E 205 -60.88 9.57 -9.65
C ASN E 205 -61.55 8.74 -10.75
N ALA E 206 -60.91 7.68 -11.24
CA ALA E 206 -61.42 6.95 -12.39
C ALA E 206 -61.75 5.51 -12.06
N PHE E 207 -60.80 4.76 -11.51
CA PHE E 207 -60.95 3.34 -11.27
C PHE E 207 -61.31 3.09 -9.83
N THR E 208 -62.13 2.07 -9.60
CA THR E 208 -62.36 1.59 -8.24
C THR E 208 -62.30 0.08 -8.14
N ASP E 209 -62.30 -0.64 -9.25
CA ASP E 209 -61.89 -2.05 -9.22
C ASP E 209 -61.36 -2.44 -10.59
N VAL E 210 -60.30 -3.23 -10.60
CA VAL E 210 -59.82 -3.92 -11.79
C VAL E 210 -59.57 -5.36 -11.42
N THR E 211 -60.31 -6.27 -12.02
CA THR E 211 -60.22 -7.69 -11.68
C THR E 211 -59.64 -8.43 -12.87
N LEU E 212 -58.49 -9.06 -12.66
CA LEU E 212 -57.81 -9.78 -13.73
C LEU E 212 -57.89 -11.27 -13.45
N SER E 213 -58.73 -11.98 -14.20
CA SER E 213 -58.88 -13.42 -14.04
C SER E 213 -58.18 -14.12 -15.21
N SER E 214 -57.54 -15.24 -14.90
CA SER E 214 -56.78 -15.96 -15.92
C SER E 214 -56.64 -17.42 -15.51
N ASP E 215 -55.94 -18.18 -16.35
CA ASP E 215 -55.58 -19.55 -15.98
C ASP E 215 -54.42 -19.55 -14.99
N ARG E 216 -53.35 -18.84 -15.31
CA ARG E 216 -52.15 -18.88 -14.49
C ARG E 216 -52.23 -18.01 -13.25
N LEU E 217 -53.16 -17.06 -13.20
CA LEU E 217 -53.27 -16.22 -12.01
C LEU E 217 -54.69 -15.70 -11.86
N ASP E 218 -54.91 -15.01 -10.74
CA ASP E 218 -56.16 -14.35 -10.41
C ASP E 218 -55.83 -13.20 -9.47
N LYS E 219 -55.76 -11.99 -10.00
CA LYS E 219 -55.39 -10.83 -9.20
C LYS E 219 -56.56 -9.87 -9.13
N ASN E 220 -56.59 -9.08 -8.06
CA ASN E 220 -57.61 -8.05 -7.87
C ASN E 220 -56.92 -6.75 -7.54
N PHE E 221 -57.49 -5.64 -7.98
CA PHE E 221 -56.85 -4.34 -7.88
C PHE E 221 -57.82 -3.31 -7.37
N ASN E 222 -57.53 -2.78 -6.19
CA ASN E 222 -58.17 -1.58 -5.68
C ASN E 222 -57.54 -0.37 -6.38
N SER E 223 -58.14 0.80 -6.16
CA SER E 223 -57.62 2.04 -6.76
C SER E 223 -56.26 2.41 -6.15
N ASN E 224 -55.99 1.97 -4.93
CA ASN E 224 -54.65 2.16 -4.38
C ASN E 224 -53.68 1.13 -4.95
N GLN E 225 -54.15 -0.10 -5.15
CA GLN E 225 -53.28 -1.16 -5.62
C GLN E 225 -52.90 -0.97 -7.08
N LEU E 226 -53.67 -0.19 -7.84
CA LEU E 226 -53.23 0.17 -9.17
C LEU E 226 -52.06 1.15 -9.13
N ILE E 227 -52.09 2.09 -8.18
CA ILE E 227 -51.00 3.03 -8.05
C ILE E 227 -49.74 2.33 -7.56
N LEU E 228 -49.91 1.26 -6.78
CA LEU E 228 -48.75 0.43 -6.45
C LEU E 228 -48.26 -0.36 -7.66
N GLU E 229 -49.18 -0.96 -8.41
CA GLU E 229 -48.80 -1.89 -9.47
C GLU E 229 -48.14 -1.17 -10.63
N HIS E 230 -48.52 0.09 -10.88
CA HIS E 230 -47.87 0.86 -11.94
C HIS E 230 -46.42 1.16 -11.62
N SER E 231 -46.05 1.18 -10.34
CA SER E 231 -44.68 1.45 -9.94
C SER E 231 -43.85 0.19 -9.72
N LYS E 232 -44.15 -0.90 -10.40
CA LYS E 232 -43.30 -2.08 -10.34
C LYS E 232 -42.31 -2.16 -11.49
N CYS E 233 -42.51 -1.39 -12.56
CA CYS E 233 -41.65 -1.44 -13.72
C CYS E 233 -40.74 -0.23 -13.81
N ILE E 234 -41.24 0.95 -13.44
CA ILE E 234 -40.46 2.16 -13.40
C ILE E 234 -39.46 2.09 -12.26
N GLU E 235 -38.18 2.29 -12.57
CA GLU E 235 -37.15 2.26 -11.53
C GLU E 235 -36.97 3.62 -10.87
N ASP E 236 -37.57 4.66 -11.43
CA ASP E 236 -37.45 5.99 -10.85
C ASP E 236 -38.28 6.09 -9.58
N SER E 237 -37.97 7.09 -8.76
CA SER E 237 -38.69 7.27 -7.52
C SER E 237 -40.10 7.78 -7.75
N VAL E 238 -40.32 8.58 -8.80
CA VAL E 238 -41.66 9.09 -9.07
C VAL E 238 -42.53 7.95 -9.59
N ARG E 239 -43.82 7.98 -9.24
CA ARG E 239 -44.67 6.81 -9.42
C ARG E 239 -45.12 6.61 -10.86
N SER E 240 -44.91 7.57 -11.75
CA SER E 240 -45.46 7.47 -13.09
C SER E 240 -44.62 8.24 -14.08
N HIS E 241 -44.60 7.73 -15.31
CA HIS E 241 -43.94 8.40 -16.44
C HIS E 241 -44.94 8.68 -17.56
N ALA E 242 -46.19 8.95 -17.21
CA ALA E 242 -47.21 9.28 -18.21
C ALA E 242 -48.23 10.20 -17.56
N ASN E 243 -49.38 10.37 -18.22
CA ASN E 243 -50.45 11.18 -17.66
C ASN E 243 -51.16 10.40 -16.56
N GLU E 244 -51.18 10.96 -15.36
CA GLU E 244 -51.24 10.17 -14.12
C GLU E 244 -52.66 9.82 -13.69
N VAL E 245 -53.42 9.26 -14.63
CA VAL E 245 -54.62 8.51 -14.31
C VAL E 245 -54.56 7.17 -15.05
N ASP E 246 -53.34 6.74 -15.37
CA ASP E 246 -53.12 5.48 -16.06
C ASP E 246 -52.79 4.36 -15.08
N SER E 247 -52.69 3.15 -15.62
CA SER E 247 -52.19 2.01 -14.88
C SER E 247 -51.70 0.98 -15.88
N TYR E 248 -51.03 -0.05 -15.37
CA TYR E 248 -50.25 -0.92 -16.23
C TYR E 248 -50.04 -2.28 -15.58
N LEU E 249 -50.12 -3.34 -16.40
CA LEU E 249 -50.09 -4.73 -15.92
C LEU E 249 -49.21 -5.52 -16.89
N ILE E 250 -47.91 -5.62 -16.60
CA ILE E 250 -47.01 -6.43 -17.42
C ILE E 250 -47.14 -7.89 -16.98
N HIS E 251 -47.00 -8.81 -17.93
CA HIS E 251 -47.12 -10.23 -17.65
C HIS E 251 -46.15 -11.00 -18.52
N GLU E 252 -46.22 -12.32 -18.45
CA GLU E 252 -45.52 -13.24 -19.33
C GLU E 252 -46.46 -14.41 -19.60
N ASP E 253 -47.12 -14.38 -20.76
CA ASP E 253 -47.89 -15.49 -21.33
C ASP E 253 -49.04 -15.93 -20.43
N ILE E 254 -50.01 -15.03 -20.30
CA ILE E 254 -51.30 -15.38 -19.71
C ILE E 254 -52.11 -16.19 -20.72
N GLU E 255 -52.62 -17.35 -20.29
CA GLU E 255 -53.14 -18.34 -21.22
C GLU E 255 -54.56 -18.06 -21.69
N ILE E 256 -55.36 -17.36 -20.89
CA ILE E 256 -56.66 -16.82 -21.29
C ILE E 256 -56.98 -15.74 -20.26
N ASP E 257 -57.76 -14.74 -20.65
CA ASP E 257 -57.94 -13.63 -19.72
C ASP E 257 -59.31 -12.99 -19.84
N SER E 258 -59.87 -12.68 -18.68
CA SER E 258 -61.08 -11.87 -18.58
C SER E 258 -60.77 -10.75 -17.60
N ALA E 259 -60.67 -9.53 -18.10
CA ALA E 259 -60.40 -8.37 -17.27
C ALA E 259 -61.71 -7.63 -17.05
N LYS E 260 -62.24 -7.74 -15.84
CA LYS E 260 -63.46 -7.03 -15.46
C LYS E 260 -63.06 -5.68 -14.88
N VAL E 261 -63.23 -4.63 -15.67
CA VAL E 261 -62.89 -3.30 -15.22
C VAL E 261 -64.15 -2.61 -14.72
N HIS E 262 -64.13 -2.15 -13.47
CA HIS E 262 -65.26 -1.42 -12.91
C HIS E 262 -64.82 0.01 -12.62
N LEU E 263 -65.22 0.92 -13.50
CA LEU E 263 -65.04 2.35 -13.37
C LEU E 263 -65.86 2.91 -12.22
N LYS E 264 -65.49 4.10 -11.75
CA LYS E 264 -66.25 4.74 -10.69
C LYS E 264 -67.56 5.31 -11.22
N MET E 265 -67.48 6.32 -12.08
CA MET E 265 -68.63 7.18 -12.29
C MET E 265 -68.39 8.01 -13.55
N ASN E 266 -69.17 9.08 -13.71
CA ASN E 266 -69.03 10.15 -14.69
C ASN E 266 -67.64 10.76 -14.90
N PRO E 267 -66.71 10.81 -13.90
CA PRO E 267 -65.32 11.17 -14.26
C PRO E 267 -64.58 10.18 -15.16
N ALA E 268 -65.19 9.06 -15.53
CA ALA E 268 -64.82 8.39 -16.77
C ALA E 268 -65.31 9.26 -17.92
N LYS E 269 -64.39 9.90 -18.64
CA LYS E 269 -64.72 10.93 -19.60
C LYS E 269 -65.45 10.35 -20.81
N ILE E 270 -66.09 11.23 -21.55
CA ILE E 270 -66.92 10.86 -22.67
C ILE E 270 -66.18 11.21 -23.96
N ARG E 271 -66.67 10.66 -25.08
CA ARG E 271 -66.36 11.13 -26.43
C ARG E 271 -64.87 11.01 -26.78
N GLU E 272 -64.35 9.78 -26.69
CA GLU E 272 -62.97 9.41 -27.01
C GLU E 272 -61.93 10.07 -26.09
N ASN E 273 -62.36 10.81 -25.06
CA ASN E 273 -61.49 11.25 -23.98
C ASN E 273 -61.43 10.20 -22.89
N THR E 274 -61.99 9.05 -23.16
CA THR E 274 -62.23 7.97 -22.24
C THR E 274 -60.98 7.15 -22.03
N ILE E 275 -61.15 6.06 -21.33
CA ILE E 275 -60.04 5.18 -20.96
C ILE E 275 -59.97 4.04 -21.95
N TYR E 276 -58.81 3.87 -22.57
CA TYR E 276 -58.60 2.85 -23.59
C TYR E 276 -57.93 1.66 -22.91
N LEU E 277 -58.42 0.46 -23.19
CA LEU E 277 -57.82 -0.76 -22.69
C LEU E 277 -57.03 -1.42 -23.81
N VAL E 278 -55.70 -1.47 -23.66
CA VAL E 278 -54.80 -1.84 -24.74
C VAL E 278 -54.01 -3.06 -24.31
N ARG E 279 -53.96 -4.07 -25.17
CA ARG E 279 -53.22 -5.28 -24.88
C ARG E 279 -52.34 -5.64 -26.07
N SER E 280 -51.34 -6.49 -25.81
CA SER E 280 -50.37 -6.84 -26.85
C SER E 280 -50.19 -8.36 -26.93
N HIS E 281 -51.09 -9.04 -27.65
CA HIS E 281 -51.09 -10.50 -27.65
C HIS E 281 -50.24 -11.00 -28.81
N PHE E 282 -50.32 -12.29 -29.14
CA PHE E 282 -49.51 -12.82 -30.23
C PHE E 282 -50.10 -14.11 -30.78
N GLN E 283 -49.50 -14.58 -31.88
CA GLN E 283 -49.77 -15.87 -32.48
C GLN E 283 -48.45 -16.55 -32.82
N THR E 284 -48.37 -17.86 -32.59
CA THR E 284 -47.11 -18.56 -32.78
C THR E 284 -47.37 -19.99 -33.24
N SER E 285 -46.31 -20.65 -33.73
CA SER E 285 -46.47 -21.97 -34.33
C SER E 285 -45.15 -22.71 -34.36
N LEU E 286 -45.26 -23.99 -34.74
CA LEU E 286 -44.15 -24.93 -34.62
C LEU E 286 -43.04 -24.64 -35.62
N GLU E 287 -43.39 -24.31 -36.87
CA GLU E 287 -42.33 -24.06 -37.84
C GLU E 287 -41.68 -22.70 -37.62
N ILE E 288 -42.39 -21.78 -36.95
CA ILE E 288 -41.74 -20.56 -36.48
C ILE E 288 -40.68 -20.90 -35.45
N LEU E 289 -40.99 -21.86 -34.57
CA LEU E 289 -39.97 -22.36 -33.63
C LEU E 289 -38.83 -23.06 -34.36
N GLN E 290 -39.12 -23.74 -35.48
CA GLN E 290 -38.07 -24.40 -36.25
C GLN E 290 -37.14 -23.40 -36.89
N LYS E 291 -37.69 -22.31 -37.44
CA LYS E 291 -36.85 -21.27 -38.03
C LYS E 291 -36.06 -20.54 -36.97
N ALA E 292 -36.59 -20.48 -35.75
CA ALA E 292 -35.82 -19.93 -34.64
C ALA E 292 -34.62 -20.80 -34.30
N VAL E 293 -34.82 -22.13 -34.28
CA VAL E 293 -33.72 -23.04 -33.98
C VAL E 293 -32.68 -23.02 -35.09
N ALA E 294 -33.13 -22.97 -36.35
CA ALA E 294 -32.21 -22.97 -37.47
C ALA E 294 -31.39 -21.69 -37.54
N MET E 295 -32.02 -20.55 -37.25
CA MET E 295 -31.28 -19.29 -37.26
C MET E 295 -30.27 -19.23 -36.12
N GLU E 296 -30.63 -19.80 -34.96
CA GLU E 296 -29.69 -19.86 -33.85
C GLU E 296 -28.50 -20.75 -34.17
N GLU E 297 -28.74 -21.91 -34.79
CA GLU E 297 -27.64 -22.82 -35.07
C GLU E 297 -26.73 -22.31 -36.19
N LYS E 298 -27.30 -21.59 -37.16
CA LYS E 298 -26.47 -21.02 -38.23
C LYS E 298 -25.57 -19.90 -37.70
N HIS E 299 -26.14 -19.00 -36.88
CA HIS E 299 -25.31 -17.93 -36.32
C HIS E 299 -24.30 -18.47 -35.33
N GLN E 300 -24.65 -19.53 -34.59
CA GLN E 300 -23.73 -20.09 -33.61
C GLN E 300 -22.56 -20.80 -34.27
N SER E 301 -22.84 -21.60 -35.31
CA SER E 301 -21.77 -22.31 -36.00
C SER E 301 -20.89 -21.36 -36.79
N ALA E 302 -21.46 -20.25 -37.26
CA ALA E 302 -20.63 -19.23 -37.91
C ALA E 302 -19.70 -18.55 -36.91
N ASP E 303 -20.21 -18.23 -35.72
CA ASP E 303 -19.39 -17.54 -34.73
C ASP E 303 -18.29 -18.44 -34.18
N ILE E 304 -18.55 -19.75 -34.10
CA ILE E 304 -17.50 -20.65 -33.68
C ILE E 304 -16.48 -20.86 -34.80
N ALA E 305 -16.93 -20.83 -36.06
CA ALA E 305 -16.00 -21.09 -37.15
C ALA E 305 -15.19 -19.84 -37.52
N LYS E 306 -15.47 -18.70 -36.90
CA LYS E 306 -14.72 -17.48 -37.23
C LYS E 306 -13.91 -16.95 -36.05
N VAL E 307 -13.28 -17.80 -35.25
CA VAL E 307 -12.38 -17.34 -34.20
C VAL E 307 -11.05 -18.08 -34.31
N PRO E 308 -9.99 -17.45 -34.81
CA PRO E 308 -8.76 -18.19 -35.14
C PRO E 308 -7.95 -18.74 -33.97
N ALA E 309 -7.35 -17.85 -33.17
CA ALA E 309 -6.37 -18.16 -32.11
C ALA E 309 -5.97 -16.83 -31.48
N THR E 310 -5.18 -16.93 -30.40
CA THR E 310 -4.60 -15.81 -29.65
C THR E 310 -5.61 -14.75 -29.20
N MET F 1 -57.33 -7.38 3.43
CA MET F 1 -57.71 -7.08 4.80
C MET F 1 -57.44 -5.62 5.09
N THR F 2 -58.01 -5.13 6.18
CA THR F 2 -57.59 -3.86 6.79
C THR F 2 -57.44 -4.12 8.28
N ILE F 3 -56.44 -3.49 8.89
CA ILE F 3 -56.09 -3.74 10.28
C ILE F 3 -56.18 -2.43 11.05
N LYS F 4 -56.86 -2.46 12.20
CA LYS F 4 -57.05 -1.29 13.04
C LYS F 4 -55.73 -0.77 13.61
N TYR F 5 -55.79 0.45 14.14
CA TYR F 5 -54.80 0.91 15.09
C TYR F 5 -54.98 0.18 16.41
N LEU F 6 -53.85 -0.13 17.05
CA LEU F 6 -53.78 -1.03 18.21
C LEU F 6 -54.45 -2.37 17.91
N SER F 7 -53.88 -3.11 16.97
CA SER F 7 -54.49 -4.35 16.50
C SER F 7 -53.46 -5.35 16.04
N SER F 8 -53.94 -6.50 15.57
CA SER F 8 -53.14 -7.61 15.10
C SER F 8 -53.99 -8.53 14.24
N GLU F 9 -53.39 -9.04 13.16
CA GLU F 9 -54.14 -9.88 12.24
C GLU F 9 -53.19 -10.78 11.46
N THR F 10 -53.58 -12.04 11.30
CA THR F 10 -52.86 -13.03 10.53
C THR F 10 -53.51 -13.21 9.16
N GLU F 11 -52.93 -14.13 8.37
CA GLU F 11 -53.43 -14.47 7.04
C GLU F 11 -52.79 -15.78 6.60
N LYS F 12 -53.60 -16.66 6.02
CA LYS F 12 -53.10 -17.96 5.56
C LYS F 12 -53.34 -18.11 4.06
N LEU F 13 -52.37 -18.75 3.39
CA LEU F 13 -52.43 -18.98 1.95
C LEU F 13 -52.02 -20.42 1.70
N MET F 14 -52.80 -21.15 0.89
CA MET F 14 -52.54 -22.58 0.75
C MET F 14 -52.31 -23.03 -0.69
N ASN F 15 -52.99 -22.44 -1.66
CA ASN F 15 -52.76 -22.79 -3.06
C ASN F 15 -52.65 -21.49 -3.86
N GLN F 16 -51.45 -20.95 -3.92
CA GLN F 16 -51.17 -19.74 -4.68
C GLN F 16 -49.84 -19.93 -5.39
N THR F 17 -49.32 -18.85 -5.94
CA THR F 17 -47.92 -18.73 -6.32
C THR F 17 -47.57 -17.30 -5.97
N VAL F 18 -47.08 -17.12 -4.76
CA VAL F 18 -47.05 -15.81 -4.11
C VAL F 18 -45.64 -15.27 -4.14
N SER F 19 -45.52 -13.98 -4.45
CA SER F 19 -44.21 -13.32 -4.47
C SER F 19 -44.45 -11.84 -4.21
N GLY F 20 -44.18 -11.40 -2.99
CA GLY F 20 -44.35 -10.01 -2.67
C GLY F 20 -45.52 -9.76 -1.74
N ILE F 21 -45.43 -8.66 -0.99
CA ILE F 21 -46.44 -8.26 -0.04
C ILE F 21 -46.74 -6.78 -0.26
N ASP F 22 -47.99 -6.47 -0.61
CA ASP F 22 -48.45 -5.09 -0.60
C ASP F 22 -48.51 -4.57 0.83
N VAL F 23 -48.14 -3.30 0.98
CA VAL F 23 -48.44 -2.54 2.18
C VAL F 23 -48.98 -1.19 1.72
N CYS F 24 -50.21 -0.88 2.09
CA CYS F 24 -50.82 0.39 1.74
C CYS F 24 -51.17 1.10 3.03
N PHE F 25 -51.48 2.39 2.92
CA PHE F 25 -52.06 3.16 4.01
C PHE F 25 -53.09 4.11 3.45
N THR F 26 -53.98 4.58 4.33
CA THR F 26 -54.94 5.61 3.95
C THR F 26 -55.08 6.53 5.16
N LEU F 27 -54.28 7.57 5.20
CA LEU F 27 -54.22 8.47 6.34
C LEU F 27 -55.33 9.51 6.23
N ILE F 28 -55.98 9.79 7.36
CA ILE F 28 -57.01 10.82 7.44
C ILE F 28 -56.59 11.82 8.49
N GLY F 29 -56.50 13.09 8.10
CA GLY F 29 -56.21 14.14 9.04
C GLY F 29 -57.47 14.82 9.52
N VAL F 30 -57.37 15.47 10.67
CA VAL F 30 -58.55 16.05 11.29
C VAL F 30 -58.93 17.35 10.60
N ASP F 31 -57.94 18.08 10.08
CA ASP F 31 -58.19 19.37 9.47
C ASP F 31 -57.43 19.43 8.15
N ASP F 32 -57.72 20.48 7.37
CA ASP F 32 -57.11 20.61 6.05
C ASP F 32 -55.66 21.05 6.14
N ASP F 33 -55.34 21.92 7.10
CA ASP F 33 -53.96 22.34 7.28
C ASP F 33 -53.09 21.26 7.87
N SER F 34 -53.68 20.17 8.39
CA SER F 34 -52.88 19.02 8.78
C SER F 34 -52.28 18.33 7.56
N PHE F 35 -52.91 18.48 6.40
CA PHE F 35 -52.30 18.12 5.12
C PHE F 35 -52.14 19.32 4.21
N ALA F 36 -51.82 20.49 4.78
CA ALA F 36 -51.31 21.59 3.97
C ALA F 36 -49.99 21.20 3.32
N SER F 37 -49.14 20.49 4.07
CA SER F 37 -47.94 19.88 3.54
C SER F 37 -48.19 18.40 3.31
N GLY F 38 -47.14 17.67 2.97
CA GLY F 38 -47.26 16.23 2.78
C GLY F 38 -47.06 15.48 4.08
N SER F 39 -47.51 14.22 4.09
CA SER F 39 -47.31 13.34 5.23
C SER F 39 -45.94 12.71 5.14
N LYS F 40 -44.92 13.50 5.45
CA LYS F 40 -43.57 13.01 5.49
C LYS F 40 -43.42 12.05 6.66
N ASN F 41 -42.76 10.92 6.42
CA ASN F 41 -42.65 9.85 7.42
C ASN F 41 -41.69 10.28 8.51
N ASP F 42 -42.20 10.37 9.74
CA ASP F 42 -41.33 10.57 10.89
C ASP F 42 -40.87 9.22 11.41
N TYR F 43 -39.69 9.21 12.04
CA TYR F 43 -39.10 7.97 12.48
C TYR F 43 -39.09 7.82 14.00
N ILE F 44 -38.52 8.77 14.76
CA ILE F 44 -38.50 8.55 16.20
C ILE F 44 -39.60 9.33 16.89
N SER F 45 -39.47 10.66 16.89
CA SER F 45 -40.19 11.51 17.83
C SER F 45 -39.94 12.97 17.49
N ASP F 46 -40.44 13.84 18.38
CA ASP F 46 -40.27 15.29 18.49
C ASP F 46 -41.02 16.07 17.41
N THR F 47 -41.54 15.38 16.40
CA THR F 47 -42.59 15.89 15.53
C THR F 47 -43.62 14.78 15.32
N PRO F 48 -44.29 14.30 16.39
CA PRO F 48 -45.16 13.12 16.18
C PRO F 48 -46.47 13.49 15.50
N LYS F 49 -46.38 13.77 14.20
CA LYS F 49 -47.51 14.24 13.42
C LYS F 49 -48.14 13.15 12.58
N PHE F 50 -47.36 12.53 11.71
CA PHE F 50 -47.86 11.65 10.67
C PHE F 50 -47.47 10.21 10.96
N LEU F 51 -47.70 9.35 9.97
CA LEU F 51 -47.45 7.92 10.10
C LEU F 51 -46.00 7.60 10.43
N ASP F 52 -45.82 6.77 11.45
CA ASP F 52 -44.51 6.23 11.81
C ASP F 52 -44.51 4.76 11.42
N PRO F 53 -43.78 4.38 10.38
CA PRO F 53 -43.72 2.97 9.98
C PRO F 53 -42.79 2.12 10.80
N SER F 54 -42.27 2.63 11.92
CA SER F 54 -41.38 1.83 12.76
C SER F 54 -42.16 0.85 13.62
N ASN F 55 -43.42 1.13 13.89
CA ASN F 55 -44.17 0.37 14.89
C ASN F 55 -44.92 -0.81 14.30
N VAL F 56 -44.99 -0.93 12.99
CA VAL F 56 -45.69 -2.04 12.33
C VAL F 56 -44.69 -3.16 12.15
N HIS F 57 -44.99 -4.34 12.70
CA HIS F 57 -44.02 -5.44 12.73
C HIS F 57 -44.59 -6.64 11.99
N ILE F 58 -44.26 -6.73 10.71
CA ILE F 58 -44.74 -7.81 9.86
C ILE F 58 -43.78 -8.99 9.92
N LYS F 59 -44.27 -10.14 10.34
CA LYS F 59 -43.53 -11.39 10.30
C LYS F 59 -44.15 -12.28 9.24
N ALA F 60 -43.33 -12.99 8.48
CA ALA F 60 -43.85 -14.06 7.66
C ALA F 60 -43.32 -15.39 8.18
N THR F 61 -44.04 -16.46 7.88
CA THR F 61 -43.58 -17.79 8.23
C THR F 61 -44.17 -18.80 7.27
N LEU F 62 -43.40 -19.84 7.00
CA LEU F 62 -43.78 -20.87 6.03
C LEU F 62 -43.84 -22.21 6.75
N LYS F 63 -45.03 -22.78 6.83
CA LYS F 63 -45.17 -24.16 7.28
C LYS F 63 -45.12 -25.06 6.06
N ARG F 64 -44.14 -25.96 6.03
CA ARG F 64 -43.78 -26.64 4.79
C ARG F 64 -43.15 -27.98 5.15
N GLY F 65 -43.87 -29.07 4.92
CA GLY F 65 -43.35 -30.39 5.24
C GLY F 65 -43.20 -30.63 6.73
N GLY F 66 -44.06 -30.03 7.54
CA GLY F 66 -43.97 -30.14 8.97
C GLY F 66 -42.93 -29.25 9.62
N LYS F 67 -42.21 -28.46 8.83
CA LYS F 67 -41.15 -27.59 9.34
C LYS F 67 -41.58 -26.13 9.25
N ASP F 68 -40.87 -25.29 9.99
CA ASP F 68 -41.14 -23.87 10.03
C ASP F 68 -39.99 -23.12 9.35
N TYR F 69 -40.34 -22.02 8.67
CA TYR F 69 -39.35 -21.19 8.02
C TYR F 69 -39.72 -19.74 8.28
N VAL F 70 -39.06 -19.13 9.25
CA VAL F 70 -39.41 -17.78 9.68
C VAL F 70 -38.78 -16.78 8.73
N LEU F 71 -39.59 -15.85 8.23
CA LEU F 71 -39.15 -14.84 7.29
C LEU F 71 -39.43 -13.48 7.92
N PHE F 72 -38.74 -12.45 7.42
CA PHE F 72 -39.12 -11.05 7.62
C PHE F 72 -39.14 -10.60 9.07
N SER F 73 -37.97 -10.38 9.67
CA SER F 73 -37.89 -10.06 11.10
C SER F 73 -38.40 -8.65 11.41
N GLU F 74 -39.69 -8.46 11.14
CA GLU F 74 -40.61 -7.66 11.96
C GLU F 74 -40.25 -6.18 12.08
N ASN F 75 -40.10 -5.51 10.94
CA ASN F 75 -40.15 -4.06 10.98
C ASN F 75 -40.58 -3.52 9.62
N LEU F 76 -41.67 -2.76 9.59
CA LEU F 76 -42.10 -2.17 8.33
C LEU F 76 -41.17 -1.05 7.91
N ALA F 77 -40.49 -0.41 8.87
CA ALA F 77 -39.49 0.59 8.51
C ALA F 77 -38.30 -0.04 7.82
N LEU F 78 -37.83 -1.19 8.33
CA LEU F 78 -36.78 -1.95 7.67
C LEU F 78 -37.19 -2.43 6.29
N LEU F 79 -38.40 -3.00 6.18
CA LEU F 79 -38.80 -3.56 4.90
C LEU F 79 -39.11 -2.47 3.88
N ALA F 80 -39.56 -1.30 4.33
CA ALA F 80 -39.79 -0.21 3.39
C ALA F 80 -38.48 0.36 2.87
N LYS F 81 -37.49 0.55 3.76
CA LYS F 81 -36.21 1.09 3.30
C LYS F 81 -35.47 0.07 2.44
N TYR F 82 -35.55 -1.21 2.79
CA TYR F 82 -34.80 -2.22 2.06
C TYR F 82 -35.41 -2.49 0.70
N SER F 83 -36.75 -2.55 0.62
CA SER F 83 -37.37 -2.76 -0.68
C SER F 83 -37.27 -1.50 -1.53
N THR F 84 -37.60 -0.36 -0.96
CA THR F 84 -37.50 0.92 -1.69
C THR F 84 -36.17 1.61 -1.41
N ILE F 85 -35.06 0.89 -1.56
CA ILE F 85 -33.77 1.57 -1.63
C ILE F 85 -33.53 2.06 -3.06
N THR F 86 -34.07 1.35 -4.06
CA THR F 86 -34.01 1.76 -5.45
C THR F 86 -35.37 2.20 -5.96
N GLN F 87 -36.41 2.03 -5.15
CA GLN F 87 -37.77 2.37 -5.53
C GLN F 87 -38.35 3.34 -4.50
N GLY F 88 -39.66 3.56 -4.56
CA GLY F 88 -40.34 4.31 -3.53
C GLY F 88 -39.97 5.78 -3.53
N ARG F 89 -39.80 6.32 -2.32
CA ARG F 89 -39.21 7.62 -1.99
C ARG F 89 -40.10 8.79 -2.40
N ASP F 90 -41.16 8.53 -3.16
CA ASP F 90 -42.12 9.57 -3.53
C ASP F 90 -43.55 9.15 -3.22
N GLN F 91 -43.90 7.89 -3.40
CA GLN F 91 -45.20 7.43 -2.94
C GLN F 91 -45.13 6.81 -1.56
N TRP F 92 -43.95 6.76 -0.96
CA TRP F 92 -43.80 6.27 0.41
C TRP F 92 -43.27 7.34 1.36
N GLU F 93 -42.16 7.99 1.01
CA GLU F 93 -41.62 9.02 1.88
C GLU F 93 -42.46 10.29 1.87
N GLU F 94 -43.24 10.51 0.82
CA GLU F 94 -44.16 11.63 0.77
C GLU F 94 -45.59 11.19 0.52
N GLY F 95 -45.80 10.16 -0.29
CA GLY F 95 -47.12 9.65 -0.56
C GLY F 95 -47.90 10.48 -1.56
N VAL F 96 -49.09 9.99 -1.88
CA VAL F 96 -49.93 10.55 -2.92
C VAL F 96 -51.15 11.15 -2.28
N LYS F 97 -51.43 12.41 -2.59
CA LYS F 97 -52.68 13.03 -2.16
C LYS F 97 -53.86 12.42 -2.90
N LEU F 98 -55.01 12.38 -2.24
CA LEU F 98 -56.26 12.04 -2.89
C LEU F 98 -57.36 13.06 -2.64
N ALA F 99 -57.37 13.69 -1.47
CA ALA F 99 -58.36 14.71 -1.15
C ALA F 99 -57.72 15.72 -0.22
N ALA F 100 -58.57 16.55 0.40
CA ALA F 100 -58.07 17.56 1.31
C ALA F 100 -57.51 16.97 2.60
N LYS F 101 -58.13 15.93 3.12
CA LYS F 101 -57.70 15.31 4.37
C LYS F 101 -57.17 13.91 4.19
N GLU F 102 -56.90 13.49 2.96
CA GLU F 102 -56.57 12.10 2.65
C GLU F 102 -55.22 12.05 1.97
N MET F 103 -54.40 11.07 2.35
CA MET F 103 -53.15 10.81 1.67
C MET F 103 -52.79 9.34 1.90
N VAL F 104 -52.19 8.71 0.90
CA VAL F 104 -51.86 7.29 0.98
C VAL F 104 -50.36 7.13 1.02
N HIS F 105 -49.91 5.91 1.32
CA HIS F 105 -48.52 5.52 1.27
C HIS F 105 -48.42 4.06 0.85
N LEU F 106 -47.61 3.80 -0.16
CA LEU F 106 -47.69 2.55 -0.91
C LEU F 106 -46.31 1.95 -1.10
N VAL F 107 -46.09 0.74 -0.61
CA VAL F 107 -44.84 0.01 -0.87
C VAL F 107 -45.16 -1.43 -1.22
N TYR F 108 -44.36 -1.97 -2.13
CA TYR F 108 -44.40 -3.38 -2.49
C TYR F 108 -43.12 -4.04 -2.01
N ILE F 109 -43.26 -5.12 -1.25
CA ILE F 109 -42.11 -5.76 -0.62
C ILE F 109 -41.94 -7.17 -1.19
N PRO F 110 -41.11 -7.35 -2.21
CA PRO F 110 -40.86 -8.70 -2.70
C PRO F 110 -39.98 -9.49 -1.74
N PHE F 111 -39.96 -10.80 -1.96
CA PHE F 111 -39.41 -11.71 -0.95
C PHE F 111 -37.90 -11.67 -0.93
N SER F 112 -37.27 -11.55 -2.10
CA SER F 112 -35.83 -11.32 -2.11
C SER F 112 -35.54 -9.83 -2.01
N GLY F 113 -36.54 -8.99 -2.23
CA GLY F 113 -36.40 -7.56 -2.22
C GLY F 113 -36.08 -6.98 -3.59
N ASN F 114 -35.44 -7.76 -4.46
CA ASN F 114 -35.10 -7.27 -5.79
C ASN F 114 -36.35 -7.29 -6.66
N THR F 115 -36.74 -6.11 -7.15
CA THR F 115 -37.90 -5.99 -8.02
C THR F 115 -37.63 -6.53 -9.41
N ASN F 116 -36.37 -6.64 -9.81
CA ASN F 116 -36.00 -7.07 -11.14
C ASN F 116 -35.77 -8.57 -11.25
N TRP F 117 -35.67 -9.28 -10.12
CA TRP F 117 -35.39 -10.70 -10.14
C TRP F 117 -35.96 -11.35 -8.87
N PRO F 118 -37.24 -11.71 -8.86
CA PRO F 118 -37.86 -12.19 -7.63
C PRO F 118 -37.78 -13.71 -7.49
N ALA F 119 -38.03 -14.17 -6.27
CA ALA F 119 -38.37 -15.56 -6.05
C ALA F 119 -39.88 -15.72 -6.16
N HIS F 120 -40.38 -16.94 -6.07
CA HIS F 120 -41.81 -17.20 -6.18
C HIS F 120 -42.12 -18.39 -5.26
N ILE F 121 -42.78 -18.13 -4.15
CA ILE F 121 -43.12 -19.22 -3.24
C ILE F 121 -44.21 -20.08 -3.87
N ASN F 122 -43.91 -21.36 -4.05
CA ASN F 122 -44.89 -22.32 -4.54
C ASN F 122 -45.59 -23.01 -3.39
N LEU F 123 -46.90 -23.17 -3.54
CA LEU F 123 -47.73 -23.71 -2.48
C LEU F 123 -48.47 -24.93 -3.01
N LYS F 124 -48.57 -25.95 -2.16
CA LYS F 124 -49.08 -27.26 -2.52
C LYS F 124 -50.23 -27.62 -1.60
N ASP F 125 -50.62 -28.89 -1.64
CA ASP F 125 -51.76 -29.45 -0.94
C ASP F 125 -51.72 -29.27 0.58
N ASN F 126 -50.55 -29.24 1.20
CA ASN F 126 -50.48 -29.23 2.65
C ASN F 126 -49.79 -28.01 3.24
N ASP F 127 -48.86 -27.39 2.51
CA ASP F 127 -48.10 -26.28 3.06
C ASP F 127 -48.97 -25.03 3.17
N VAL F 128 -48.50 -24.07 3.95
CA VAL F 128 -49.25 -22.83 4.13
C VAL F 128 -48.27 -21.71 4.41
N LEU F 129 -48.49 -20.58 3.74
CA LEU F 129 -47.76 -19.34 4.00
C LEU F 129 -48.59 -18.49 4.93
N GLU F 130 -48.00 -18.04 6.02
CA GLU F 130 -48.70 -17.29 7.06
C GLU F 130 -48.05 -15.93 7.22
N VAL F 131 -48.86 -14.88 7.13
CA VAL F 131 -48.40 -13.51 7.27
C VAL F 131 -49.05 -12.91 8.51
N TYR F 132 -48.24 -12.38 9.42
CA TYR F 132 -48.70 -11.89 10.70
C TYR F 132 -48.31 -10.42 10.84
N VAL F 133 -49.28 -9.57 11.16
CA VAL F 133 -49.06 -8.13 11.21
C VAL F 133 -49.55 -7.60 12.57
N ASN F 134 -48.68 -6.86 13.26
CA ASN F 134 -49.04 -6.10 14.45
C ASN F 134 -49.02 -4.61 14.13
N VAL F 135 -49.93 -3.86 14.76
CA VAL F 135 -49.86 -2.41 14.81
C VAL F 135 -50.01 -2.01 16.27
N VAL F 136 -49.01 -1.31 16.80
CA VAL F 136 -48.94 -1.05 18.23
C VAL F 136 -49.03 0.45 18.49
N ARG F 137 -48.92 0.82 19.77
CA ARG F 137 -49.17 2.17 20.24
C ARG F 137 -48.19 3.18 19.64
N GLY F 138 -48.72 4.32 19.22
CA GLY F 138 -47.89 5.39 18.71
C GLY F 138 -47.55 5.28 17.25
N ALA F 139 -48.44 4.71 16.45
CA ALA F 139 -48.17 4.48 15.04
C ALA F 139 -48.64 5.61 14.14
N TYR F 140 -49.34 6.61 14.66
CA TYR F 140 -49.89 7.64 13.77
C TYR F 140 -49.60 9.06 14.21
N GLY F 141 -49.33 9.29 15.49
CA GLY F 141 -49.00 10.65 15.89
C GLY F 141 -50.20 11.55 16.05
N ALA F 142 -49.95 12.87 16.09
CA ALA F 142 -50.97 13.80 16.55
C ALA F 142 -51.95 14.23 15.47
N GLU F 143 -51.47 14.44 14.24
CA GLU F 143 -52.34 15.03 13.22
C GLU F 143 -53.05 13.99 12.37
N LEU F 144 -53.35 12.82 12.89
CA LEU F 144 -54.10 11.80 12.17
C LEU F 144 -55.30 11.34 12.98
N ASP F 145 -56.16 10.57 12.34
CA ASP F 145 -57.34 9.99 12.97
C ASP F 145 -57.18 8.47 13.05
N ALA F 146 -58.04 7.83 13.83
CA ALA F 146 -57.93 6.40 14.10
C ALA F 146 -58.64 5.54 13.06
N ASN F 147 -58.86 6.04 11.84
CA ASN F 147 -59.51 5.22 10.83
C ASN F 147 -58.64 4.97 9.61
N ALA F 148 -57.34 4.77 9.82
CA ALA F 148 -56.47 4.44 8.72
C ALA F 148 -56.52 2.94 8.44
N CYS F 149 -56.31 2.59 7.17
CA CYS F 149 -56.52 1.22 6.70
C CYS F 149 -55.30 0.76 5.93
N ILE F 150 -54.88 -0.49 6.17
CA ILE F 150 -53.69 -1.05 5.54
C ILE F 150 -54.10 -2.23 4.68
N CYS F 151 -53.12 -2.92 4.06
CA CYS F 151 -53.41 -3.89 3.00
C CYS F 151 -52.72 -5.23 3.25
N ASP F 152 -52.75 -6.05 2.21
CA ASP F 152 -52.65 -7.50 2.26
C ASP F 152 -51.55 -8.04 1.35
N VAL F 153 -51.58 -9.35 1.11
CA VAL F 153 -50.59 -10.01 0.27
C VAL F 153 -51.03 -9.95 -1.19
N ARG F 154 -50.08 -9.76 -2.08
CA ARG F 154 -50.31 -9.90 -3.52
C ARG F 154 -49.81 -11.23 -4.02
N THR F 155 -50.16 -11.56 -5.25
CA THR F 155 -49.70 -12.79 -5.89
C THR F 155 -48.78 -12.49 -7.05
N SER F 156 -48.43 -13.55 -7.77
CA SER F 156 -47.48 -13.50 -8.88
C SER F 156 -47.93 -14.43 -9.98
N PRO F 157 -47.49 -14.20 -11.22
CA PRO F 157 -47.76 -15.18 -12.28
C PRO F 157 -47.02 -16.48 -12.05
N SER F 158 -47.42 -17.52 -12.80
CA SER F 158 -46.84 -18.84 -12.58
C SER F 158 -45.43 -18.90 -13.14
N ILE F 159 -44.51 -18.15 -12.53
CA ILE F 159 -43.08 -18.26 -12.76
C ILE F 159 -42.58 -18.94 -11.50
N GLY F 160 -43.50 -19.60 -10.80
CA GLY F 160 -43.17 -20.44 -9.67
C GLY F 160 -42.53 -21.73 -10.10
N VAL F 161 -41.32 -21.63 -10.60
CA VAL F 161 -40.50 -22.72 -11.07
C VAL F 161 -39.40 -22.83 -10.04
N GLU F 162 -39.78 -22.53 -8.81
CA GLU F 162 -38.93 -21.96 -7.76
C GLU F 162 -37.69 -22.78 -7.45
N LYS F 163 -36.58 -22.08 -7.26
CA LYS F 163 -35.29 -22.72 -7.03
C LYS F 163 -34.91 -22.80 -5.56
N PHE F 164 -35.51 -21.98 -4.69
CA PHE F 164 -35.00 -21.84 -3.33
C PHE F 164 -36.09 -21.33 -2.40
N ILE F 165 -35.68 -20.91 -1.22
CA ILE F 165 -36.56 -20.36 -0.20
C ILE F 165 -35.91 -19.08 0.32
N PRO F 166 -36.41 -17.91 -0.05
CA PRO F 166 -35.70 -16.65 0.27
C PRO F 166 -35.88 -16.27 1.72
N PHE F 167 -34.79 -15.86 2.35
CA PHE F 167 -34.78 -15.34 3.71
C PHE F 167 -34.36 -13.87 3.69
N MET F 168 -34.63 -13.18 4.78
CA MET F 168 -34.23 -11.79 4.90
C MET F 168 -34.05 -11.47 6.38
N THR F 169 -32.98 -10.75 6.71
CA THR F 169 -32.71 -10.44 8.11
C THR F 169 -31.92 -9.15 8.24
N SER F 170 -31.88 -8.65 9.46
CA SER F 170 -31.20 -7.41 9.82
C SER F 170 -30.04 -7.72 10.75
N TYR F 171 -29.33 -6.68 11.19
CA TYR F 171 -28.27 -6.85 12.18
C TYR F 171 -28.40 -5.91 13.37
N SER F 172 -28.83 -4.67 13.15
CA SER F 172 -29.02 -3.65 14.19
C SER F 172 -27.77 -3.34 14.99
N ILE F 173 -26.78 -2.70 14.34
CA ILE F 173 -25.50 -2.35 14.97
C ILE F 173 -25.71 -1.37 16.12
N ARG F 174 -24.68 -1.22 16.96
CA ARG F 174 -24.81 -0.60 18.27
C ARG F 174 -25.02 0.90 18.20
N ALA F 175 -24.99 1.53 19.37
CA ALA F 175 -25.29 2.95 19.49
C ALA F 175 -24.17 3.81 18.96
N ASN F 176 -22.94 3.52 19.37
CA ASN F 176 -21.80 4.28 18.88
C ASN F 176 -20.66 3.34 18.53
N GLN F 177 -20.99 2.30 17.77
CA GLN F 177 -20.04 1.32 17.26
C GLN F 177 -18.96 2.01 16.42
N ALA F 178 -17.75 1.50 16.50
CA ALA F 178 -16.67 1.95 15.63
C ALA F 178 -16.20 0.86 14.68
N THR F 179 -16.19 -0.38 15.14
CA THR F 179 -15.63 -1.49 14.38
C THR F 179 -16.44 -2.74 14.65
N ASP F 180 -16.92 -3.40 13.60
CA ASP F 180 -17.59 -4.68 13.79
C ASP F 180 -17.42 -5.56 12.58
N LEU F 181 -16.82 -6.72 12.80
CA LEU F 181 -16.80 -7.82 11.84
C LEU F 181 -18.11 -8.58 11.98
N VAL F 182 -19.02 -8.37 11.04
CA VAL F 182 -20.34 -8.98 11.10
C VAL F 182 -20.32 -10.16 10.14
N ASN F 183 -20.24 -11.36 10.70
CA ASN F 183 -20.24 -12.58 9.91
C ASN F 183 -21.65 -12.85 9.40
N LEU F 184 -21.77 -13.17 8.12
CA LEU F 184 -23.10 -13.34 7.57
C LEU F 184 -23.31 -14.78 7.14
N GLY F 185 -24.44 -15.04 6.51
CA GLY F 185 -24.91 -16.40 6.28
C GLY F 185 -24.14 -17.16 5.23
N ASN F 186 -24.71 -18.29 4.81
CA ASN F 186 -24.06 -19.13 3.82
C ASN F 186 -24.13 -18.47 2.45
N ASP F 187 -25.34 -18.31 1.91
CA ASP F 187 -25.52 -17.88 0.54
C ASP F 187 -26.41 -16.66 0.54
N VAL F 188 -25.81 -15.47 0.41
CA VAL F 188 -26.40 -14.24 0.91
C VAL F 188 -27.01 -13.38 -0.21
N THR F 189 -26.37 -13.32 -1.38
CA THR F 189 -26.87 -12.84 -2.67
C THR F 189 -27.14 -11.32 -2.74
N ARG F 190 -27.36 -10.66 -1.60
CA ARG F 190 -27.68 -9.23 -1.57
C ARG F 190 -27.43 -8.68 -0.17
N ILE F 191 -26.63 -7.62 -0.10
CA ILE F 191 -26.28 -6.96 1.14
C ILE F 191 -26.59 -5.49 0.98
N ALA F 192 -27.18 -4.88 1.99
CA ALA F 192 -27.43 -3.44 1.93
C ALA F 192 -27.14 -2.80 3.27
N LEU F 193 -26.70 -1.55 3.21
CA LEU F 193 -26.38 -0.77 4.40
C LEU F 193 -27.35 0.40 4.47
N LEU F 194 -28.33 0.28 5.36
CA LEU F 194 -29.40 1.26 5.47
C LEU F 194 -29.14 2.21 6.63
N SER F 195 -29.67 3.41 6.50
CA SER F 195 -29.59 4.43 7.53
C SER F 195 -30.82 5.31 7.41
N MET F 196 -31.39 5.67 8.55
CA MET F 196 -32.76 6.15 8.58
C MET F 196 -32.86 7.55 9.18
N THR F 197 -31.89 8.41 8.89
CA THR F 197 -31.92 9.77 9.42
C THR F 197 -31.14 10.70 8.50
N ASN F 198 -31.37 12.00 8.67
CA ASN F 198 -30.62 13.06 7.99
C ASN F 198 -30.44 14.19 9.00
N ASP F 199 -29.30 14.18 9.70
CA ASP F 199 -29.09 15.12 10.80
C ASP F 199 -28.81 16.53 10.30
N VAL F 200 -28.02 16.66 9.24
CA VAL F 200 -27.71 17.93 8.61
C VAL F 200 -28.01 17.75 7.13
N SER F 201 -27.61 18.74 6.32
CA SER F 201 -27.59 18.55 4.87
C SER F 201 -26.76 17.32 4.53
N ASN F 202 -27.20 16.60 3.49
CA ASN F 202 -26.97 15.16 3.36
C ASN F 202 -25.50 14.87 3.07
N ILE F 203 -24.69 15.03 4.10
CA ILE F 203 -23.31 14.56 4.13
C ILE F 203 -23.32 13.20 4.82
N PRO F 204 -22.64 12.18 4.27
CA PRO F 204 -22.74 10.84 4.88
C PRO F 204 -22.19 10.72 6.30
N ASN F 205 -20.91 11.03 6.51
CA ASN F 205 -20.26 11.13 7.82
C ASN F 205 -20.31 9.87 8.68
N ALA F 206 -20.73 8.74 8.12
CA ALA F 206 -21.00 7.55 8.93
C ALA F 206 -20.02 6.43 8.62
N PHE F 207 -19.93 6.01 7.37
CA PHE F 207 -19.05 4.94 6.97
C PHE F 207 -17.68 5.52 6.66
N THR F 208 -16.63 4.78 6.99
CA THR F 208 -15.32 5.09 6.45
C THR F 208 -14.53 3.88 6.01
N ASP F 209 -14.96 2.68 6.40
CA ASP F 209 -14.37 1.49 5.81
C ASP F 209 -15.41 0.38 5.79
N VAL F 210 -15.64 -0.20 4.61
CA VAL F 210 -16.44 -1.41 4.51
C VAL F 210 -15.59 -2.48 3.84
N THR F 211 -15.24 -3.52 4.58
CA THR F 211 -14.34 -4.55 4.09
C THR F 211 -15.16 -5.83 3.93
N LEU F 212 -15.48 -6.16 2.70
CA LEU F 212 -16.25 -7.38 2.42
C LEU F 212 -15.29 -8.48 2.01
N SER F 213 -15.37 -9.62 2.70
CA SER F 213 -14.54 -10.77 2.40
C SER F 213 -15.41 -11.97 2.11
N SER F 214 -15.10 -12.67 1.01
CA SER F 214 -15.95 -13.78 0.58
C SER F 214 -15.08 -14.83 -0.10
N ASP F 215 -15.72 -15.87 -0.63
CA ASP F 215 -15.03 -16.87 -1.43
C ASP F 215 -14.78 -16.36 -2.84
N ARG F 216 -15.76 -15.68 -3.40
CA ARG F 216 -15.71 -15.28 -4.79
C ARG F 216 -15.15 -13.89 -5.00
N LEU F 217 -15.19 -13.03 -3.98
CA LEU F 217 -14.71 -11.68 -4.15
C LEU F 217 -14.20 -11.16 -2.82
N ASP F 218 -13.39 -10.11 -2.91
CA ASP F 218 -12.82 -9.42 -1.76
C ASP F 218 -12.75 -7.95 -2.12
N LYS F 219 -13.62 -7.15 -1.50
CA LYS F 219 -13.73 -5.75 -1.90
C LYS F 219 -13.46 -4.86 -0.68
N ASN F 220 -12.77 -3.75 -0.92
CA ASN F 220 -12.44 -2.80 0.11
C ASN F 220 -13.03 -1.45 -0.26
N PHE F 221 -13.85 -0.89 0.63
CA PHE F 221 -14.71 0.23 0.28
C PHE F 221 -14.30 1.46 1.08
N ASN F 222 -13.74 2.43 0.38
CA ASN F 222 -13.54 3.78 0.87
C ASN F 222 -14.88 4.49 0.94
N SER F 223 -14.90 5.62 1.66
CA SER F 223 -16.13 6.40 1.82
C SER F 223 -16.59 6.98 0.49
N ASN F 224 -15.65 7.30 -0.40
CA ASN F 224 -16.04 7.71 -1.75
C ASN F 224 -16.51 6.51 -2.57
N GLN F 225 -15.87 5.36 -2.37
CA GLN F 225 -16.15 4.20 -3.20
C GLN F 225 -17.51 3.59 -2.88
N LEU F 226 -18.04 3.84 -1.68
CA LEU F 226 -19.43 3.45 -1.41
C LEU F 226 -20.40 4.31 -2.18
N ILE F 227 -20.13 5.62 -2.27
CA ILE F 227 -20.99 6.53 -3.00
C ILE F 227 -20.96 6.19 -4.49
N LEU F 228 -19.83 5.69 -4.98
CA LEU F 228 -19.81 5.18 -6.34
C LEU F 228 -20.62 3.89 -6.45
N GLU F 229 -20.41 2.96 -5.52
CA GLU F 229 -20.96 1.61 -5.65
C GLU F 229 -22.48 1.59 -5.55
N HIS F 230 -23.07 2.55 -4.83
CA HIS F 230 -24.53 2.66 -4.82
C HIS F 230 -25.06 3.09 -6.18
N SER F 231 -24.25 3.77 -6.99
CA SER F 231 -24.68 4.27 -8.27
C SER F 231 -24.45 3.28 -9.41
N LYS F 232 -24.45 1.97 -9.12
CA LYS F 232 -24.42 0.97 -10.18
C LYS F 232 -25.76 0.27 -10.36
N CYS F 233 -26.82 0.78 -9.75
CA CYS F 233 -28.15 0.21 -9.90
C CYS F 233 -29.16 1.23 -10.36
N ILE F 234 -28.86 2.51 -10.20
CA ILE F 234 -29.71 3.59 -10.67
C ILE F 234 -29.17 4.13 -11.98
N GLU F 235 -29.92 3.98 -13.06
CA GLU F 235 -29.50 4.56 -14.33
C GLU F 235 -30.14 5.91 -14.59
N ASP F 236 -30.64 6.57 -13.55
CA ASP F 236 -30.96 7.98 -13.65
C ASP F 236 -29.72 8.80 -13.32
N SER F 237 -29.77 10.09 -13.58
CA SER F 237 -28.61 10.95 -13.32
C SER F 237 -28.40 11.18 -11.84
N VAL F 238 -29.45 11.04 -11.03
CA VAL F 238 -29.31 11.21 -9.59
C VAL F 238 -28.55 10.01 -9.01
N ARG F 239 -27.79 10.25 -7.94
CA ARG F 239 -26.97 9.19 -7.38
C ARG F 239 -27.71 8.37 -6.33
N SER F 240 -28.96 8.71 -6.02
CA SER F 240 -29.65 8.07 -4.91
C SER F 240 -31.14 8.10 -5.13
N HIS F 241 -31.80 7.04 -4.69
CA HIS F 241 -33.25 6.97 -4.64
C HIS F 241 -33.72 6.78 -3.21
N ALA F 242 -32.94 7.24 -2.25
CA ALA F 242 -33.30 7.13 -0.84
C ALA F 242 -32.63 8.28 -0.09
N ASN F 243 -32.63 8.18 1.24
CA ASN F 243 -31.97 9.19 2.06
C ASN F 243 -30.47 9.01 1.97
N GLU F 244 -29.74 10.11 1.71
CA GLU F 244 -28.37 10.04 1.19
C GLU F 244 -27.33 9.82 2.29
N VAL F 245 -27.55 8.77 3.08
CA VAL F 245 -26.54 8.24 3.99
C VAL F 245 -26.50 6.73 3.83
N ASP F 246 -27.10 6.21 2.77
CA ASP F 246 -27.21 4.78 2.53
C ASP F 246 -26.07 4.28 1.64
N SER F 247 -26.06 2.97 1.42
CA SER F 247 -25.27 2.33 0.37
C SER F 247 -25.84 0.95 0.13
N TYR F 248 -25.45 0.34 -0.99
CA TYR F 248 -26.12 -0.84 -1.48
C TYR F 248 -25.16 -1.74 -2.26
N LEU F 249 -25.33 -3.06 -2.07
CA LEU F 249 -24.41 -4.07 -2.62
C LEU F 249 -25.21 -5.25 -3.18
N ILE F 250 -25.57 -5.17 -4.47
CA ILE F 250 -26.23 -6.29 -5.15
C ILE F 250 -25.18 -7.32 -5.52
N HIS F 251 -25.51 -8.60 -5.38
CA HIS F 251 -24.54 -9.65 -5.69
C HIS F 251 -25.25 -10.83 -6.35
N GLU F 252 -24.47 -11.88 -6.61
CA GLU F 252 -24.94 -13.10 -7.28
C GLU F 252 -24.31 -14.30 -6.57
N ASP F 253 -24.99 -14.80 -5.53
CA ASP F 253 -24.69 -16.07 -4.86
C ASP F 253 -23.27 -16.09 -4.27
N ILE F 254 -23.07 -15.24 -3.27
CA ILE F 254 -21.84 -15.26 -2.50
C ILE F 254 -21.82 -16.50 -1.61
N GLU F 255 -20.73 -17.27 -1.70
CA GLU F 255 -20.73 -18.63 -1.15
C GLU F 255 -20.50 -18.65 0.36
N ILE F 256 -19.79 -17.67 0.92
CA ILE F 256 -19.75 -17.39 2.36
C ILE F 256 -19.21 -15.97 2.47
N ASP F 257 -19.52 -15.29 3.58
CA ASP F 257 -19.08 -13.90 3.67
C ASP F 257 -18.92 -13.45 5.11
N SER F 258 -18.00 -12.51 5.30
CA SER F 258 -17.93 -11.68 6.49
C SER F 258 -17.90 -10.23 6.02
N ALA F 259 -18.93 -9.48 6.37
CA ALA F 259 -19.00 -8.05 6.04
C ALA F 259 -18.49 -7.29 7.25
N LYS F 260 -17.32 -6.68 7.10
CA LYS F 260 -16.65 -6.01 8.22
C LYS F 260 -16.89 -4.51 8.10
N VAL F 261 -17.90 -4.03 8.80
CA VAL F 261 -18.26 -2.62 8.75
C VAL F 261 -17.46 -1.87 9.79
N HIS F 262 -16.79 -0.79 9.36
CA HIS F 262 -16.10 0.10 10.28
C HIS F 262 -16.70 1.49 10.17
N LEU F 263 -17.48 1.87 11.18
CA LEU F 263 -18.08 3.19 11.27
C LEU F 263 -17.04 4.22 11.65
N LYS F 264 -17.41 5.50 11.57
CA LYS F 264 -16.46 6.53 11.97
C LYS F 264 -16.44 6.72 13.47
N MET F 265 -17.53 7.26 14.03
CA MET F 265 -17.36 8.06 15.23
C MET F 265 -18.73 8.37 15.81
N ASN F 266 -18.79 9.35 16.71
CA ASN F 266 -19.96 9.99 17.30
C ASN F 266 -21.17 10.27 16.40
N PRO F 267 -21.04 10.66 15.09
CA PRO F 267 -22.26 10.81 14.28
C PRO F 267 -22.97 9.51 13.91
N ALA F 268 -22.44 8.35 14.30
CA ALA F 268 -23.23 7.14 14.23
C ALA F 268 -24.35 7.23 15.26
N LYS F 269 -25.59 7.24 14.79
CA LYS F 269 -26.73 7.55 15.64
C LYS F 269 -27.02 6.42 16.60
N ILE F 270 -27.79 6.75 17.64
CA ILE F 270 -28.05 5.84 18.72
C ILE F 270 -29.54 5.50 18.74
N ARG F 271 -29.89 4.49 19.55
CA ARG F 271 -31.27 4.24 20.02
C ARG F 271 -32.22 3.91 18.85
N GLU F 272 -31.86 2.86 18.10
CA GLU F 272 -32.67 2.28 17.00
C GLU F 272 -32.84 3.23 15.82
N ASN F 273 -32.15 4.37 15.84
CA ASN F 273 -32.02 5.26 14.70
C ASN F 273 -30.74 4.96 13.94
N THR F 274 -30.03 3.94 14.37
CA THR F 274 -28.70 3.62 13.93
C THR F 274 -28.71 3.00 12.55
N ILE F 275 -27.54 2.60 12.11
CA ILE F 275 -27.35 1.99 10.81
C ILE F 275 -27.74 0.53 10.89
N TYR F 276 -28.48 0.05 9.89
CA TYR F 276 -28.95 -1.32 9.87
C TYR F 276 -28.32 -2.06 8.70
N LEU F 277 -27.50 -3.05 9.01
CA LEU F 277 -26.97 -3.97 8.01
C LEU F 277 -28.02 -5.02 7.70
N VAL F 278 -28.55 -5.00 6.49
CA VAL F 278 -29.66 -5.87 6.09
C VAL F 278 -29.16 -6.76 4.97
N ARG F 279 -29.56 -8.02 4.99
CA ARG F 279 -29.18 -8.94 3.92
C ARG F 279 -30.36 -9.83 3.58
N SER F 280 -30.35 -10.37 2.35
CA SER F 280 -31.46 -11.20 1.87
C SER F 280 -30.93 -12.52 1.35
N HIS F 281 -30.70 -13.47 2.26
CA HIS F 281 -30.08 -14.73 1.91
C HIS F 281 -31.15 -15.73 1.50
N PHE F 282 -30.80 -17.01 1.40
CA PHE F 282 -31.79 -18.03 1.12
C PHE F 282 -31.28 -19.39 1.61
N GLN F 283 -32.16 -20.39 1.47
CA GLN F 283 -31.81 -21.80 1.58
C GLN F 283 -32.44 -22.54 0.40
N THR F 284 -31.88 -23.71 0.09
CA THR F 284 -32.39 -24.51 -1.01
C THR F 284 -31.97 -25.96 -0.79
N SER F 285 -32.46 -26.84 -1.66
CA SER F 285 -32.20 -28.26 -1.50
C SER F 285 -32.44 -28.99 -2.81
N LEU F 286 -32.08 -30.27 -2.83
CA LEU F 286 -32.15 -31.08 -4.04
C LEU F 286 -33.59 -31.33 -4.45
N GLU F 287 -34.47 -31.65 -3.50
CA GLU F 287 -35.83 -32.01 -3.88
C GLU F 287 -36.63 -30.77 -4.27
N ILE F 288 -36.25 -29.60 -3.77
CA ILE F 288 -36.85 -28.37 -4.26
C ILE F 288 -36.43 -28.13 -5.69
N LEU F 289 -35.17 -28.47 -6.03
CA LEU F 289 -34.76 -28.41 -7.42
C LEU F 289 -35.46 -29.48 -8.26
N GLN F 290 -35.82 -30.61 -7.65
CA GLN F 290 -36.60 -31.62 -8.37
C GLN F 290 -38.00 -31.11 -8.69
N LYS F 291 -38.61 -30.38 -7.75
CA LYS F 291 -39.91 -29.79 -8.01
C LYS F 291 -39.82 -28.70 -9.06
N ALA F 292 -38.67 -28.02 -9.14
CA ALA F 292 -38.44 -27.08 -10.23
C ALA F 292 -38.38 -27.79 -11.57
N VAL F 293 -37.76 -28.97 -11.62
CA VAL F 293 -37.69 -29.73 -12.86
C VAL F 293 -39.07 -30.19 -13.30
N ALA F 294 -39.87 -30.71 -12.35
CA ALA F 294 -41.20 -31.23 -12.70
C ALA F 294 -42.15 -30.12 -13.09
N MET F 295 -42.06 -28.97 -12.43
CA MET F 295 -42.92 -27.84 -12.79
C MET F 295 -42.57 -27.28 -14.16
N GLU F 296 -41.27 -27.15 -14.46
CA GLU F 296 -40.86 -26.66 -15.78
C GLU F 296 -41.22 -27.64 -16.89
N GLU F 297 -41.14 -28.94 -16.61
CA GLU F 297 -41.50 -29.91 -17.63
C GLU F 297 -43.00 -29.94 -17.89
N LYS F 298 -43.83 -29.67 -16.87
CA LYS F 298 -45.26 -29.58 -17.10
C LYS F 298 -45.61 -28.37 -17.96
N HIS F 299 -45.07 -27.20 -17.62
CA HIS F 299 -45.36 -26.00 -18.41
C HIS F 299 -44.80 -26.10 -19.82
N GLN F 300 -43.62 -26.72 -19.97
CA GLN F 300 -43.03 -26.81 -21.29
C GLN F 300 -43.78 -27.80 -22.17
N SER F 301 -44.23 -28.92 -21.60
CA SER F 301 -44.98 -29.90 -22.38
C SER F 301 -46.33 -29.36 -22.79
N ALA F 302 -46.94 -28.52 -21.95
CA ALA F 302 -48.18 -27.87 -22.34
C ALA F 302 -47.96 -26.88 -23.48
N ASP F 303 -46.86 -26.11 -23.42
CA ASP F 303 -46.58 -25.13 -24.46
C ASP F 303 -46.23 -25.80 -25.79
N ILE F 304 -45.61 -26.98 -25.73
CA ILE F 304 -45.40 -27.73 -26.97
C ILE F 304 -46.73 -28.27 -27.48
N ALA F 305 -47.65 -28.61 -26.58
CA ALA F 305 -48.88 -29.27 -27.01
C ALA F 305 -49.85 -28.28 -27.66
N LYS F 306 -49.82 -27.00 -27.27
CA LYS F 306 -50.89 -26.08 -27.63
C LYS F 306 -50.71 -25.40 -28.99
N VAL F 307 -49.56 -25.51 -29.65
CA VAL F 307 -49.35 -24.71 -30.85
C VAL F 307 -49.43 -25.59 -32.11
N PRO F 308 -50.49 -25.45 -32.91
CA PRO F 308 -50.71 -26.40 -34.02
C PRO F 308 -49.74 -26.32 -35.19
N ALA F 309 -49.77 -25.21 -35.93
CA ALA F 309 -49.01 -24.92 -37.15
C ALA F 309 -49.43 -23.51 -37.57
N THR F 310 -48.75 -23.00 -38.60
CA THR F 310 -49.03 -21.71 -39.25
C THR F 310 -49.07 -20.51 -38.29
N MET G 1 42.33 -6.35 43.10
CA MET G 1 43.54 -5.54 43.03
C MET G 1 43.18 -4.07 43.17
N THR G 2 44.18 -3.22 43.39
CA THR G 2 44.05 -1.78 43.35
C THR G 2 45.23 -1.24 42.55
N ILE G 3 44.98 -0.26 41.68
CA ILE G 3 45.98 0.24 40.75
C ILE G 3 46.10 1.74 40.94
N LYS G 4 47.33 2.21 41.19
CA LYS G 4 47.57 3.62 41.41
C LYS G 4 47.52 4.39 40.10
N TYR G 5 47.38 5.71 40.21
CA TYR G 5 47.49 6.59 39.05
C TYR G 5 48.93 6.62 38.55
N LEU G 6 49.05 6.73 37.21
CA LEU G 6 50.33 6.60 36.49
C LEU G 6 51.04 5.29 36.83
N SER G 7 50.37 4.18 36.58
CA SER G 7 50.91 2.88 36.96
C SER G 7 50.40 1.78 36.05
N SER G 8 51.12 0.67 36.04
CA SER G 8 50.74 -0.55 35.34
C SER G 8 50.34 -1.62 36.33
N GLU G 9 49.62 -2.62 35.81
CA GLU G 9 49.25 -3.79 36.61
C GLU G 9 48.83 -4.90 35.67
N THR G 10 49.27 -6.12 35.95
CA THR G 10 48.77 -7.27 35.22
C THR G 10 48.10 -8.24 36.17
N GLU G 11 47.65 -9.36 35.62
CA GLU G 11 46.78 -10.29 36.32
C GLU G 11 46.77 -11.60 35.57
N LYS G 12 46.81 -12.70 36.31
CA LYS G 12 46.74 -14.02 35.71
C LYS G 12 45.71 -14.86 36.46
N LEU G 13 44.89 -15.60 35.71
CA LEU G 13 43.93 -16.52 36.29
C LEU G 13 44.23 -17.90 35.73
N MET G 14 44.40 -18.88 36.62
CA MET G 14 44.94 -20.17 36.24
C MET G 14 43.90 -21.28 36.24
N ASN G 15 43.02 -21.30 37.24
CA ASN G 15 41.94 -22.29 37.28
C ASN G 15 40.70 -21.60 37.81
N GLN G 16 39.87 -21.11 36.89
CA GLN G 16 38.57 -20.55 37.22
C GLN G 16 37.58 -21.00 36.16
N THR G 17 36.35 -20.54 36.31
CA THR G 17 35.37 -20.53 35.23
C THR G 17 34.86 -19.10 35.25
N VAL G 18 35.46 -18.26 34.42
CA VAL G 18 35.42 -16.82 34.61
C VAL G 18 34.50 -16.20 33.57
N SER G 19 33.82 -15.11 33.95
CA SER G 19 32.94 -14.39 33.04
C SER G 19 32.81 -12.96 33.55
N GLY G 20 33.42 -12.01 32.84
CA GLY G 20 33.18 -10.62 33.13
C GLY G 20 34.27 -10.00 33.99
N ILE G 21 34.40 -8.68 33.85
CA ILE G 21 35.41 -7.91 34.56
C ILE G 21 34.73 -6.72 35.22
N ASP G 22 34.85 -6.65 36.54
CA ASP G 22 34.50 -5.44 37.28
C ASP G 22 35.51 -4.35 37.01
N VAL G 23 35.02 -3.11 36.93
CA VAL G 23 35.86 -1.94 37.02
C VAL G 23 35.22 -1.00 38.03
N CYS G 24 35.88 -0.80 39.17
CA CYS G 24 35.40 0.10 40.20
C CYS G 24 36.25 1.35 40.17
N PHE G 25 35.82 2.39 40.88
CA PHE G 25 36.63 3.56 41.12
C PHE G 25 36.40 4.07 42.53
N THR G 26 37.24 5.01 42.95
CA THR G 26 37.05 5.67 44.24
C THR G 26 37.66 7.07 44.12
N LEU G 27 36.81 8.05 43.90
CA LEU G 27 37.25 9.42 43.67
C LEU G 27 37.33 10.15 45.00
N ILE G 28 38.47 10.78 45.25
CA ILE G 28 38.71 11.56 46.46
C ILE G 28 38.88 13.01 46.04
N GLY G 29 37.87 13.82 46.32
CA GLY G 29 37.88 15.20 45.88
C GLY G 29 38.75 16.09 46.74
N VAL G 30 39.26 17.16 46.12
CA VAL G 30 40.08 18.12 46.84
C VAL G 30 39.21 18.95 47.78
N ASP G 31 38.07 19.43 47.29
CA ASP G 31 37.19 20.29 48.07
C ASP G 31 35.75 19.80 47.87
N ASP G 32 34.84 20.27 48.71
CA ASP G 32 33.45 19.85 48.61
C ASP G 32 32.76 20.43 47.39
N ASP G 33 33.20 21.60 46.93
CA ASP G 33 32.59 22.16 45.74
C ASP G 33 33.02 21.45 44.46
N SER G 34 34.03 20.58 44.54
CA SER G 34 34.30 19.66 43.44
C SER G 34 33.18 18.65 43.29
N PHE G 35 32.47 18.35 44.38
CA PHE G 35 31.28 17.52 44.36
C PHE G 35 30.02 18.30 44.67
N ALA G 36 30.03 19.62 44.45
CA ALA G 36 28.81 20.41 44.54
C ALA G 36 27.81 19.97 43.49
N SER G 37 28.31 19.61 42.31
CA SER G 37 27.50 18.96 41.29
C SER G 37 27.77 17.45 41.34
N GLY G 38 27.19 16.72 40.40
CA GLY G 38 27.54 15.33 40.25
C GLY G 38 28.88 15.16 39.55
N SER G 39 29.36 13.92 39.53
CA SER G 39 30.63 13.60 38.87
C SER G 39 30.33 13.08 37.46
N LYS G 40 29.78 13.97 36.63
CA LYS G 40 29.51 13.62 35.24
C LYS G 40 30.81 13.53 34.47
N ASN G 41 30.98 12.45 33.72
CA ASN G 41 32.28 12.10 33.13
C ASN G 41 32.55 12.95 31.91
N ASP G 42 33.69 13.66 31.93
CA ASP G 42 34.20 14.30 30.74
C ASP G 42 34.81 13.25 29.82
N TYR G 43 34.76 13.52 28.52
CA TYR G 43 35.37 12.64 27.53
C TYR G 43 36.55 13.28 26.82
N ILE G 44 36.38 14.45 26.20
CA ILE G 44 37.47 14.97 25.41
C ILE G 44 38.37 15.84 26.27
N SER G 45 37.86 17.00 26.68
CA SER G 45 38.70 18.07 27.20
C SER G 45 37.81 19.18 27.73
N ASP G 46 38.46 20.29 28.08
CA ASP G 46 37.95 21.63 28.35
C ASP G 46 37.23 21.74 29.69
N THR G 47 36.97 20.59 30.34
CA THR G 47 36.68 20.50 31.77
C THR G 47 37.38 19.27 32.32
N PRO G 48 38.73 19.27 32.40
CA PRO G 48 39.36 18.07 32.99
C PRO G 48 39.20 18.06 34.51
N LYS G 49 38.02 17.66 34.94
CA LYS G 49 37.57 17.87 36.31
C LYS G 49 37.10 16.60 36.99
N PHE G 50 36.69 15.60 36.22
CA PHE G 50 36.31 14.32 36.78
C PHE G 50 37.01 13.20 36.02
N LEU G 51 36.54 11.98 36.29
CA LEU G 51 37.14 10.79 35.72
C LEU G 51 36.90 10.70 34.22
N ASP G 52 37.99 10.47 33.48
CA ASP G 52 37.93 10.21 32.05
C ASP G 52 38.39 8.78 31.81
N PRO G 53 37.50 7.89 31.38
CA PRO G 53 37.89 6.51 31.11
C PRO G 53 38.49 6.30 29.73
N SER G 54 38.82 7.37 29.00
CA SER G 54 39.43 7.19 27.69
C SER G 54 40.93 6.92 27.80
N ASN G 55 41.47 6.93 29.01
CA ASN G 55 42.89 6.72 29.21
C ASN G 55 43.23 5.37 29.81
N VAL G 56 42.25 4.66 30.37
CA VAL G 56 42.50 3.34 30.92
C VAL G 56 42.45 2.34 29.78
N HIS G 57 43.50 1.53 29.64
CA HIS G 57 43.62 0.61 28.50
C HIS G 57 43.66 -0.83 29.01
N ILE G 58 42.48 -1.41 29.17
CA ILE G 58 42.37 -2.82 29.51
C ILE G 58 42.64 -3.64 28.27
N LYS G 59 43.63 -4.51 28.33
CA LYS G 59 43.85 -5.53 27.31
C LYS G 59 43.83 -6.90 27.97
N ALA G 60 42.95 -7.78 27.50
CA ALA G 60 42.90 -9.14 28.02
C ALA G 60 43.41 -10.09 26.96
N THR G 61 43.88 -11.26 27.40
CA THR G 61 44.29 -12.27 26.44
C THR G 61 44.19 -13.63 27.08
N LEU G 62 44.11 -14.65 26.23
CA LEU G 62 44.01 -16.04 26.66
C LEU G 62 45.17 -16.80 26.05
N LYS G 63 46.07 -17.28 26.90
CA LYS G 63 47.09 -18.21 26.46
C LYS G 63 46.51 -19.61 26.58
N ARG G 64 46.33 -20.26 25.44
CA ARG G 64 45.51 -21.48 25.38
C ARG G 64 46.14 -22.42 24.36
N GLY G 65 46.67 -23.55 24.84
CA GLY G 65 47.26 -24.53 23.96
C GLY G 65 48.53 -24.05 23.28
N GLY G 66 49.26 -23.15 23.94
CA GLY G 66 50.46 -22.58 23.37
C GLY G 66 50.24 -21.46 22.38
N LYS G 67 49.00 -21.24 21.95
CA LYS G 67 48.67 -20.13 21.09
C LYS G 67 48.24 -18.94 21.95
N ASP G 68 47.69 -17.93 21.28
CA ASP G 68 47.26 -16.72 21.94
C ASP G 68 45.93 -16.27 21.35
N TYR G 69 45.12 -15.60 22.17
CA TYR G 69 43.84 -15.06 21.71
C TYR G 69 43.66 -13.69 22.36
N VAL G 70 43.72 -12.64 21.56
CA VAL G 70 43.70 -11.28 22.07
C VAL G 70 42.26 -10.83 22.26
N LEU G 71 41.99 -10.21 23.42
CA LEU G 71 40.67 -9.76 23.79
C LEU G 71 40.72 -8.29 24.19
N PHE G 72 39.58 -7.62 24.01
CA PHE G 72 39.31 -6.30 24.59
C PHE G 72 40.30 -5.23 24.14
N SER G 73 40.21 -4.77 22.89
CA SER G 73 41.22 -3.86 22.34
C SER G 73 41.11 -2.45 22.93
N GLU G 74 41.43 -2.37 24.23
CA GLU G 74 42.09 -1.24 24.88
C GLU G 74 41.35 0.10 24.77
N ASN G 75 40.15 0.15 25.34
CA ASN G 75 39.59 1.41 25.83
C ASN G 75 38.51 1.13 26.84
N LEU G 76 38.68 1.65 28.06
CA LEU G 76 37.68 1.45 29.10
C LEU G 76 36.38 2.18 28.77
N ALA G 77 36.46 3.31 28.09
CA ALA G 77 35.25 4.00 27.67
C ALA G 77 34.48 3.21 26.62
N LEU G 78 35.21 2.57 25.69
CA LEU G 78 34.57 1.68 24.72
C LEU G 78 33.87 0.52 25.40
N LEU G 79 34.55 -0.14 26.34
CA LEU G 79 33.93 -1.29 26.96
C LEU G 79 32.81 -0.89 27.91
N ALA G 80 32.87 0.32 28.47
CA ALA G 80 31.81 0.77 29.37
C ALA G 80 30.57 1.14 28.58
N LYS G 81 30.73 1.78 27.43
CA LYS G 81 29.57 2.11 26.61
C LYS G 81 28.95 0.85 26.01
N TYR G 82 29.79 -0.07 25.54
CA TYR G 82 29.27 -1.26 24.87
C TYR G 82 28.63 -2.22 25.85
N SER G 83 29.18 -2.36 27.05
CA SER G 83 28.51 -3.17 28.06
C SER G 83 27.26 -2.48 28.57
N THR G 84 27.41 -1.24 29.04
CA THR G 84 26.29 -0.51 29.62
C THR G 84 25.60 0.37 28.59
N ILE G 85 25.25 -0.20 27.43
CA ILE G 85 24.28 0.49 26.59
C ILE G 85 22.86 0.19 27.08
N THR G 86 22.66 -0.94 27.75
CA THR G 86 21.38 -1.31 28.33
C THR G 86 21.42 -1.30 29.85
N GLN G 87 22.61 -1.28 30.44
CA GLN G 87 22.76 -1.24 31.89
C GLN G 87 23.41 0.08 32.24
N GLY G 88 23.79 0.26 33.51
CA GLY G 88 24.59 1.41 33.87
C GLY G 88 23.80 2.71 33.86
N ARG G 89 24.44 3.75 33.29
CA ARG G 89 23.93 5.09 33.01
C ARG G 89 23.74 5.92 34.29
N ASP G 90 23.83 5.29 35.46
CA ASP G 90 23.80 6.03 36.72
C ASP G 90 25.07 5.82 37.53
N GLN G 91 25.45 4.57 37.80
CA GLN G 91 26.67 4.34 38.56
C GLN G 91 27.91 4.41 37.70
N TRP G 92 27.80 4.79 36.43
CA TRP G 92 28.94 5.05 35.58
C TRP G 92 28.93 6.45 35.01
N GLU G 93 27.78 6.92 34.53
CA GLU G 93 27.70 8.27 34.01
C GLU G 93 27.70 9.31 35.12
N GLU G 94 27.17 8.99 36.29
CA GLU G 94 27.02 9.96 37.36
C GLU G 94 27.86 9.65 38.59
N GLY G 95 27.68 8.47 39.17
CA GLY G 95 28.40 8.09 40.36
C GLY G 95 27.49 7.84 41.55
N VAL G 96 28.06 7.20 42.56
CA VAL G 96 27.35 6.83 43.78
C VAL G 96 28.05 7.48 44.96
N LYS G 97 27.32 8.31 45.70
CA LYS G 97 27.92 9.05 46.81
C LYS G 97 28.24 8.11 47.96
N LEU G 98 29.34 8.41 48.64
CA LEU G 98 29.67 7.76 49.91
C LEU G 98 30.00 8.76 51.01
N ALA G 99 30.54 9.91 50.67
CA ALA G 99 30.84 10.95 51.65
C ALA G 99 30.78 12.30 50.95
N ALA G 100 31.27 13.34 51.64
CA ALA G 100 31.33 14.65 51.03
C ALA G 100 32.39 14.73 49.95
N LYS G 101 33.46 13.95 50.07
CA LYS G 101 34.53 13.92 49.10
C LYS G 101 34.79 12.56 48.49
N GLU G 102 33.80 11.65 48.55
CA GLU G 102 33.97 10.29 48.08
C GLU G 102 32.82 9.93 47.15
N MET G 103 33.14 9.39 45.98
CA MET G 103 32.15 8.92 45.03
C MET G 103 32.79 7.89 44.13
N VAL G 104 32.04 6.86 43.76
CA VAL G 104 32.58 5.73 43.02
C VAL G 104 31.99 5.69 41.62
N HIS G 105 32.52 4.78 40.80
CA HIS G 105 32.03 4.52 39.45
C HIS G 105 32.25 3.05 39.13
N LEU G 106 31.18 2.39 38.66
CA LEU G 106 31.11 0.94 38.64
C LEU G 106 30.57 0.45 37.31
N VAL G 107 31.30 -0.43 36.63
CA VAL G 107 30.77 -1.14 35.48
C VAL G 107 31.13 -2.61 35.55
N TYR G 108 30.24 -3.44 35.02
CA TYR G 108 30.50 -4.84 34.78
C TYR G 108 30.59 -5.07 33.27
N ILE G 109 31.71 -5.63 32.82
CA ILE G 109 31.94 -5.82 31.40
C ILE G 109 32.00 -7.32 31.15
N PRO G 110 30.91 -7.96 30.76
CA PRO G 110 30.96 -9.40 30.48
C PRO G 110 31.66 -9.69 29.17
N PHE G 111 32.11 -10.93 29.05
CA PHE G 111 32.98 -11.32 27.94
C PHE G 111 32.22 -11.35 26.63
N SER G 112 30.96 -11.79 26.67
CA SER G 112 30.11 -11.64 25.49
C SER G 112 29.52 -10.24 25.42
N GLY G 113 29.53 -9.52 26.54
CA GLY G 113 28.95 -8.21 26.64
C GLY G 113 27.49 -8.22 27.01
N ASN G 114 26.79 -9.32 26.78
CA ASN G 114 25.37 -9.41 27.11
C ASN G 114 25.22 -9.99 28.51
N THR G 115 24.72 -9.16 29.43
CA THR G 115 24.53 -9.61 30.81
C THR G 115 23.38 -10.58 30.95
N ASN G 116 22.48 -10.66 29.97
CA ASN G 116 21.37 -11.60 29.99
C ASN G 116 21.71 -12.91 29.29
N TRP G 117 22.87 -12.99 28.65
CA TRP G 117 23.26 -14.17 27.89
C TRP G 117 24.79 -14.23 27.81
N PRO G 118 25.46 -14.69 28.86
CA PRO G 118 26.92 -14.62 28.89
C PRO G 118 27.59 -15.88 28.37
N ALA G 119 28.89 -15.75 28.13
CA ALA G 119 29.77 -16.90 27.94
C ALA G 119 30.56 -17.14 29.21
N HIS G 120 31.21 -18.30 29.31
CA HIS G 120 31.92 -18.66 30.53
C HIS G 120 33.22 -19.33 30.12
N ILE G 121 34.31 -18.58 30.21
CA ILE G 121 35.62 -19.11 29.83
C ILE G 121 36.04 -20.17 30.83
N ASN G 122 36.12 -21.42 30.38
CA ASN G 122 36.70 -22.49 31.18
C ASN G 122 38.21 -22.42 31.13
N LEU G 123 38.84 -22.92 32.19
CA LEU G 123 40.29 -22.96 32.29
C LEU G 123 40.70 -24.36 32.72
N LYS G 124 41.92 -24.74 32.38
CA LYS G 124 42.51 -26.00 32.79
C LYS G 124 43.85 -25.73 33.44
N ASP G 125 44.62 -26.80 33.65
CA ASP G 125 45.87 -26.71 34.40
C ASP G 125 46.96 -25.94 33.67
N ASN G 126 46.90 -25.80 32.35
CA ASN G 126 47.95 -25.12 31.61
C ASN G 126 47.57 -23.75 31.08
N ASP G 127 46.33 -23.56 30.65
CA ASP G 127 45.92 -22.30 30.06
C ASP G 127 45.77 -21.22 31.11
N VAL G 128 45.87 -19.97 30.69
CA VAL G 128 45.87 -18.87 31.64
C VAL G 128 45.22 -17.65 30.99
N LEU G 129 44.36 -16.98 31.75
CA LEU G 129 43.74 -15.74 31.33
C LEU G 129 44.59 -14.59 31.85
N GLU G 130 45.25 -13.88 30.95
CA GLU G 130 46.13 -12.77 31.33
C GLU G 130 45.43 -11.46 31.07
N VAL G 131 45.03 -10.79 32.14
CA VAL G 131 44.37 -9.48 32.08
C VAL G 131 45.42 -8.44 32.38
N TYR G 132 45.37 -7.32 31.67
CA TYR G 132 46.39 -6.29 31.80
C TYR G 132 45.74 -4.91 31.78
N VAL G 133 45.97 -4.12 32.83
CA VAL G 133 45.34 -2.81 32.98
C VAL G 133 46.42 -1.77 33.17
N ASN G 134 46.38 -0.71 32.35
CA ASN G 134 47.18 0.48 32.53
C ASN G 134 46.32 1.61 33.04
N VAL G 135 46.93 2.52 33.79
CA VAL G 135 46.35 3.83 34.09
C VAL G 135 47.41 4.86 33.76
N VAL G 136 47.11 5.75 32.81
CA VAL G 136 48.12 6.61 32.23
C VAL G 136 47.82 8.06 32.52
N ARG G 137 48.65 8.96 31.99
CA ARG G 137 48.61 10.39 32.30
C ARG G 137 47.30 11.03 31.88
N GLY G 138 46.74 11.85 32.77
CA GLY G 138 45.59 12.65 32.42
C GLY G 138 44.25 11.94 32.51
N ALA G 139 44.08 11.08 33.52
CA ALA G 139 42.84 10.33 33.64
C ALA G 139 41.99 10.77 34.83
N TYR G 140 42.45 11.70 35.66
CA TYR G 140 41.64 12.17 36.77
C TYR G 140 41.34 13.66 36.72
N GLY G 141 42.32 14.50 36.46
CA GLY G 141 42.02 15.90 36.22
C GLY G 141 42.28 16.84 37.38
N ALA G 142 41.59 17.99 37.36
CA ALA G 142 41.94 19.11 38.24
C ALA G 142 41.29 19.02 39.61
N GLU G 143 40.04 18.57 39.68
CA GLU G 143 39.32 18.54 40.94
C GLU G 143 39.70 17.36 41.81
N LEU G 144 40.47 16.41 41.31
CA LEU G 144 40.67 15.13 41.97
C LEU G 144 42.13 14.98 42.38
N ASP G 145 42.39 14.00 43.24
CA ASP G 145 43.72 13.75 43.75
C ASP G 145 44.24 12.41 43.17
N ALA G 146 45.50 12.10 43.44
CA ALA G 146 46.14 10.91 42.92
C ALA G 146 46.04 9.71 43.85
N ASN G 147 44.97 9.60 44.64
CA ASN G 147 44.82 8.47 45.55
C ASN G 147 43.54 7.66 45.28
N ALA G 148 43.28 7.37 44.02
CA ALA G 148 42.13 6.56 43.64
C ALA G 148 42.52 5.08 43.53
N CYS G 149 41.51 4.23 43.49
CA CYS G 149 41.72 2.78 43.44
C CYS G 149 40.70 2.17 42.49
N ILE G 150 41.17 1.28 41.61
CA ILE G 150 40.29 0.61 40.65
C ILE G 150 40.35 -0.90 40.91
N CYS G 151 39.60 -1.68 40.14
CA CYS G 151 39.32 -3.07 40.51
C CYS G 151 39.59 -4.06 39.38
N ASP G 152 39.09 -5.28 39.58
CA ASP G 152 39.63 -6.51 39.01
C ASP G 152 38.54 -7.41 38.44
N VAL G 153 38.92 -8.66 38.15
CA VAL G 153 38.06 -9.57 37.40
C VAL G 153 37.16 -10.35 38.35
N ARG G 154 35.91 -10.53 37.96
CA ARG G 154 34.96 -11.32 38.72
C ARG G 154 34.72 -12.68 38.08
N THR G 155 34.36 -13.65 38.91
CA THR G 155 34.16 -15.02 38.48
C THR G 155 32.70 -15.27 38.11
N SER G 156 32.36 -16.55 37.99
CA SER G 156 31.07 -17.03 37.53
C SER G 156 30.89 -18.45 38.04
N PRO G 157 29.64 -18.94 38.11
CA PRO G 157 29.43 -20.33 38.53
C PRO G 157 29.92 -21.32 37.51
N SER G 158 29.76 -22.61 37.81
CA SER G 158 30.15 -23.64 36.85
C SER G 158 29.12 -23.71 35.75
N ILE G 159 29.07 -22.67 34.92
CA ILE G 159 28.19 -22.59 33.77
C ILE G 159 29.16 -22.73 32.59
N GLY G 160 30.32 -23.31 32.89
CA GLY G 160 31.31 -23.63 31.88
C GLY G 160 30.89 -24.83 31.08
N VAL G 161 29.85 -24.64 30.28
CA VAL G 161 29.33 -25.63 29.35
C VAL G 161 29.71 -25.07 27.99
N GLU G 162 30.85 -24.39 27.99
CA GLU G 162 31.15 -23.33 27.03
C GLU G 162 31.30 -23.83 25.62
N LYS G 163 30.71 -23.11 24.68
CA LYS G 163 30.78 -23.49 23.28
C LYS G 163 31.85 -22.76 22.49
N PHE G 164 32.40 -21.66 23.01
CA PHE G 164 33.14 -20.75 22.16
C PHE G 164 34.07 -19.86 22.97
N ILE G 165 34.80 -19.01 22.26
CA ILE G 165 35.70 -18.05 22.89
C ILE G 165 35.32 -16.67 22.37
N PRO G 166 34.70 -15.82 23.19
CA PRO G 166 34.10 -14.58 22.68
C PRO G 166 35.11 -13.45 22.55
N PHE G 167 35.28 -12.96 21.33
CA PHE G 167 36.13 -11.81 21.06
C PHE G 167 35.27 -10.56 21.00
N MET G 168 35.91 -9.41 21.16
CA MET G 168 35.20 -8.14 21.24
C MET G 168 36.09 -7.05 20.70
N THR G 169 35.60 -6.30 19.71
CA THR G 169 36.44 -5.28 19.09
C THR G 169 35.59 -4.16 18.53
N SER G 170 36.27 -3.10 18.09
CA SER G 170 35.66 -1.88 17.59
C SER G 170 36.16 -1.57 16.18
N TYR G 171 35.62 -0.51 15.59
CA TYR G 171 36.03 -0.07 14.26
C TYR G 171 36.39 1.41 14.21
N SER G 172 35.67 2.26 14.96
CA SER G 172 35.94 3.69 15.10
C SER G 172 35.94 4.46 13.80
N ILE G 173 34.75 4.66 13.21
CA ILE G 173 34.58 5.32 11.91
C ILE G 173 35.17 6.74 11.94
N ARG G 174 35.46 7.25 10.74
CA ARG G 174 36.35 8.39 10.55
C ARG G 174 35.70 9.70 10.97
N ALA G 175 36.40 10.80 10.68
CA ALA G 175 36.01 12.11 11.21
C ALA G 175 34.83 12.68 10.46
N ASN G 176 34.99 12.96 9.17
CA ASN G 176 33.87 13.46 8.38
C ASN G 176 33.52 12.47 7.28
N GLN G 177 33.66 11.19 7.58
CA GLN G 177 33.26 10.15 6.64
C GLN G 177 31.74 10.15 6.50
N ALA G 178 31.27 10.06 5.26
CA ALA G 178 29.85 10.09 4.98
C ALA G 178 29.31 8.70 4.69
N THR G 179 30.15 7.79 4.23
CA THR G 179 29.72 6.45 3.83
C THR G 179 30.86 5.48 4.10
N ASP G 180 30.55 4.36 4.74
CA ASP G 180 31.57 3.33 4.92
C ASP G 180 30.93 1.95 4.87
N LEU G 181 31.29 1.19 3.84
CA LEU G 181 30.90 -0.21 3.69
C LEU G 181 31.82 -1.02 4.60
N VAL G 182 31.40 -1.22 5.84
CA VAL G 182 32.25 -1.85 6.84
C VAL G 182 32.06 -3.35 6.71
N ASN G 183 33.14 -4.04 6.35
CA ASN G 183 33.15 -5.49 6.41
C ASN G 183 33.29 -5.92 7.87
N LEU G 184 32.49 -6.90 8.28
CA LEU G 184 32.63 -7.37 9.65
C LEU G 184 33.03 -8.84 9.64
N GLY G 185 33.10 -9.42 10.83
CA GLY G 185 33.71 -10.72 11.03
C GLY G 185 32.90 -11.88 10.50
N ASN G 186 33.33 -13.08 10.88
CA ASN G 186 32.66 -14.27 10.39
C ASN G 186 31.35 -14.51 11.14
N ASP G 187 31.44 -14.79 12.44
CA ASP G 187 30.26 -15.11 13.24
C ASP G 187 30.18 -14.09 14.37
N VAL G 188 29.33 -13.09 14.21
CA VAL G 188 29.49 -11.80 14.88
C VAL G 188 28.52 -11.63 16.06
N THR G 189 27.25 -12.01 15.91
CA THR G 189 26.25 -12.28 16.95
C THR G 189 25.76 -11.04 17.73
N ARG G 190 26.52 -9.95 17.74
CA ARG G 190 26.10 -8.70 18.38
C ARG G 190 26.85 -7.53 17.75
N ILE G 191 26.09 -6.54 17.31
CA ILE G 191 26.61 -5.34 16.68
C ILE G 191 26.00 -4.14 17.37
N ALA G 192 26.82 -3.16 17.75
CA ALA G 192 26.30 -1.97 18.40
C ALA G 192 26.90 -0.73 17.78
N LEU G 193 26.10 0.33 17.72
CA LEU G 193 26.52 1.63 17.23
C LEU G 193 26.57 2.60 18.40
N LEU G 194 27.77 2.91 18.85
CA LEU G 194 27.99 3.75 20.01
C LEU G 194 28.32 5.17 19.56
N SER G 195 28.03 6.13 20.44
CA SER G 195 28.36 7.53 20.21
C SER G 195 28.33 8.23 21.55
N MET G 196 29.22 9.21 21.70
CA MET G 196 29.57 9.76 23.01
C MET G 196 29.37 11.27 23.02
N THR G 197 28.42 11.78 22.26
CA THR G 197 28.30 13.22 22.09
C THR G 197 26.86 13.67 22.06
N ASN G 198 26.64 14.90 22.53
CA ASN G 198 25.38 15.64 22.39
C ASN G 198 25.77 17.11 22.27
N ASP G 199 25.95 17.60 21.04
CA ASP G 199 26.22 19.02 20.83
C ASP G 199 24.94 19.83 20.95
N VAL G 200 23.80 19.20 20.66
CA VAL G 200 22.49 19.82 20.69
C VAL G 200 21.62 18.94 21.57
N SER G 201 20.31 19.22 21.61
CA SER G 201 19.37 18.38 22.32
C SER G 201 19.30 16.98 21.72
N ASN G 202 18.56 16.10 22.40
CA ASN G 202 18.61 14.66 22.13
C ASN G 202 17.91 14.33 20.81
N ILE G 203 18.59 14.71 19.74
CA ILE G 203 18.18 14.41 18.37
C ILE G 203 19.30 13.61 17.75
N PRO G 204 19.02 12.54 16.99
CA PRO G 204 20.11 11.72 16.42
C PRO G 204 21.07 12.46 15.48
N ASN G 205 20.56 13.02 14.37
CA ASN G 205 21.28 13.89 13.44
C ASN G 205 22.51 13.27 12.76
N ALA G 206 22.80 12.00 13.01
CA ALA G 206 24.03 11.39 12.52
C ALA G 206 23.75 10.26 11.54
N PHE G 207 22.98 9.26 11.95
CA PHE G 207 22.63 8.16 11.10
C PHE G 207 21.51 8.60 10.16
N THR G 208 21.62 8.22 8.89
CA THR G 208 20.53 8.43 7.96
C THR G 208 20.22 7.23 7.11
N ASP G 209 21.15 6.29 6.95
CA ASP G 209 20.82 5.01 6.36
C ASP G 209 21.80 3.96 6.84
N VAL G 210 21.28 2.87 7.40
CA VAL G 210 22.11 1.76 7.87
C VAL G 210 21.64 0.50 7.17
N THR G 211 22.56 -0.23 6.57
CA THR G 211 22.22 -1.47 5.87
C THR G 211 22.97 -2.62 6.52
N LEU G 212 22.23 -3.53 7.14
CA LEU G 212 22.85 -4.73 7.69
C LEU G 212 22.58 -5.90 6.74
N SER G 213 23.60 -6.34 6.04
CA SER G 213 23.47 -7.42 5.07
C SER G 213 24.17 -8.66 5.57
N SER G 214 23.47 -9.79 5.52
CA SER G 214 24.05 -11.04 6.01
C SER G 214 23.57 -12.19 5.14
N ASP G 215 23.86 -13.41 5.59
CA ASP G 215 23.35 -14.59 4.90
C ASP G 215 21.95 -14.94 5.38
N ARG G 216 21.74 -14.92 6.69
CA ARG G 216 20.48 -15.36 7.27
C ARG G 216 19.46 -14.23 7.40
N LEU G 217 19.88 -12.98 7.28
CA LEU G 217 18.94 -11.88 7.34
C LEU G 217 19.48 -10.71 6.53
N ASP G 218 18.56 -9.89 6.04
CA ASP G 218 18.88 -8.58 5.52
C ASP G 218 17.92 -7.59 6.14
N LYS G 219 18.44 -6.58 6.81
CA LYS G 219 17.60 -5.55 7.40
C LYS G 219 18.12 -4.19 7.00
N ASN G 220 17.26 -3.39 6.38
CA ASN G 220 17.56 -2.01 6.03
C ASN G 220 16.95 -1.12 7.10
N PHE G 221 17.68 -0.08 7.49
CA PHE G 221 17.33 0.72 8.64
C PHE G 221 17.28 2.18 8.27
N ASN G 222 16.06 2.72 8.25
CA ASN G 222 15.82 4.15 8.26
C ASN G 222 16.19 4.71 9.64
N SER G 223 16.39 6.03 9.69
CA SER G 223 16.85 6.68 10.91
C SER G 223 15.80 6.61 12.01
N ASN G 224 14.51 6.55 11.64
CA ASN G 224 13.50 6.28 12.64
C ASN G 224 13.52 4.81 13.05
N GLN G 225 13.82 3.93 12.10
CA GLN G 225 13.79 2.50 12.37
C GLN G 225 14.89 2.07 13.32
N LEU G 226 15.99 2.83 13.37
CA LEU G 226 16.99 2.58 14.40
C LEU G 226 16.45 2.90 15.78
N ILE G 227 15.68 3.98 15.90
CA ILE G 227 15.12 4.36 17.19
C ILE G 227 14.09 3.33 17.63
N LEU G 228 13.40 2.70 16.67
CA LEU G 228 12.55 1.58 17.03
C LEU G 228 13.36 0.38 17.48
N GLU G 229 14.40 0.02 16.72
CA GLU G 229 15.13 -1.22 16.97
C GLU G 229 15.88 -1.18 18.29
N HIS G 230 16.30 0.00 18.73
CA HIS G 230 16.90 0.11 20.05
C HIS G 230 15.87 -0.07 21.15
N SER G 231 14.59 0.17 20.85
CA SER G 231 13.54 0.05 21.85
C SER G 231 12.99 -1.36 21.99
N LYS G 232 13.53 -2.33 21.26
CA LYS G 232 13.13 -3.72 21.42
C LYS G 232 13.83 -4.42 22.56
N CYS G 233 15.09 -4.12 22.78
CA CYS G 233 15.90 -4.83 23.77
C CYS G 233 15.67 -4.31 25.18
N ILE G 234 15.15 -3.10 25.30
CA ILE G 234 14.81 -2.50 26.58
C ILE G 234 13.31 -2.56 26.77
N GLU G 235 12.84 -3.32 27.74
CA GLU G 235 11.41 -3.41 28.01
C GLU G 235 10.92 -2.32 28.95
N ASP G 236 11.77 -1.36 29.29
CA ASP G 236 11.30 -0.18 29.99
C ASP G 236 10.55 0.73 29.03
N SER G 237 9.73 1.63 29.58
CA SER G 237 8.95 2.52 28.73
C SER G 237 9.80 3.63 28.13
N VAL G 238 10.94 3.96 28.74
CA VAL G 238 11.83 4.94 28.13
C VAL G 238 12.50 4.28 26.92
N ARG G 239 12.80 5.08 25.90
CA ARG G 239 13.23 4.47 24.64
C ARG G 239 14.72 4.12 24.62
N SER G 240 15.49 4.52 25.63
CA SER G 240 16.91 4.23 25.61
C SER G 240 17.47 4.23 27.02
N HIS G 241 18.59 3.52 27.19
CA HIS G 241 19.36 3.48 28.42
C HIS G 241 20.81 3.89 28.19
N ALA G 242 21.03 4.89 27.35
CA ALA G 242 22.37 5.43 27.11
C ALA G 242 22.23 6.86 26.61
N ASN G 243 23.33 7.40 26.08
CA ASN G 243 23.31 8.72 25.47
C ASN G 243 22.64 8.63 24.10
N GLU G 244 21.63 9.46 23.89
CA GLU G 244 20.56 9.18 22.92
C GLU G 244 20.92 9.59 21.50
N VAL G 245 22.03 9.04 21.01
CA VAL G 245 22.32 9.00 19.58
C VAL G 245 22.77 7.60 19.20
N ASP G 246 22.77 6.70 20.19
CA ASP G 246 23.23 5.33 19.98
C ASP G 246 22.15 4.50 19.30
N SER G 247 22.51 3.27 18.97
CA SER G 247 21.57 2.25 18.53
C SER G 247 22.20 0.89 18.76
N TYR G 248 21.37 -0.15 18.77
CA TYR G 248 21.80 -1.44 19.26
C TYR G 248 21.15 -2.57 18.47
N LEU G 249 21.98 -3.54 18.06
CA LEU G 249 21.55 -4.57 17.10
C LEU G 249 22.02 -5.93 17.63
N ILE G 250 21.19 -6.58 18.45
CA ILE G 250 21.53 -7.91 18.97
C ILE G 250 21.06 -8.95 17.97
N HIS G 251 21.82 -10.04 17.84
CA HIS G 251 21.53 -11.06 16.86
C HIS G 251 21.84 -12.43 17.45
N GLU G 252 21.73 -13.47 16.61
CA GLU G 252 22.09 -14.84 16.97
C GLU G 252 22.69 -15.50 15.74
N ASP G 253 24.02 -15.63 15.73
CA ASP G 253 24.79 -16.45 14.78
C ASP G 253 24.58 -16.00 13.32
N ILE G 254 25.06 -14.80 13.06
CA ILE G 254 25.16 -14.29 11.69
C ILE G 254 26.35 -14.95 10.99
N GLU G 255 26.10 -15.55 9.83
CA GLU G 255 27.11 -16.37 9.16
C GLU G 255 28.23 -15.55 8.53
N ILE G 256 27.92 -14.36 8.00
CA ILE G 256 28.90 -13.39 7.51
C ILE G 256 28.11 -12.09 7.37
N ASP G 257 28.79 -10.95 7.46
CA ASP G 257 28.05 -9.70 7.34
C ASP G 257 28.88 -8.57 6.76
N SER G 258 28.22 -7.78 5.91
CA SER G 258 28.70 -6.46 5.53
C SER G 258 27.70 -5.46 6.07
N ALA G 259 28.13 -4.67 7.03
CA ALA G 259 27.31 -3.60 7.59
C ALA G 259 27.74 -2.30 6.93
N LYS G 260 26.87 -1.76 6.08
CA LYS G 260 27.18 -0.52 5.38
C LYS G 260 26.52 0.63 6.14
N VAL G 261 27.34 1.40 6.84
CA VAL G 261 26.82 2.53 7.60
C VAL G 261 26.97 3.79 6.75
N HIS G 262 25.86 4.50 6.57
CA HIS G 262 25.86 5.75 5.82
C HIS G 262 25.41 6.89 6.72
N LEU G 263 26.36 7.75 7.08
CA LEU G 263 26.15 8.92 7.91
C LEU G 263 25.58 10.07 7.07
N LYS G 264 25.25 11.17 7.74
CA LYS G 264 24.80 12.34 7.00
C LYS G 264 25.98 13.16 6.50
N MET G 265 26.73 13.76 7.41
CA MET G 265 27.53 14.93 7.06
C MET G 265 28.44 15.24 8.24
N ASN G 266 29.02 16.43 8.24
CA ASN G 266 29.79 17.07 9.30
C ASN G 266 29.23 17.01 10.74
N PRO G 267 27.88 16.97 11.01
CA PRO G 267 27.45 16.71 12.39
C PRO G 267 27.85 15.36 12.97
N ALA G 268 28.29 14.41 12.13
CA ALA G 268 29.11 13.32 12.63
C ALA G 268 30.44 13.90 13.08
N LYS G 269 30.72 13.79 14.38
CA LYS G 269 31.80 14.53 15.00
C LYS G 269 33.17 14.08 14.52
N ILE G 270 34.17 14.89 14.82
CA ILE G 270 35.55 14.56 14.57
C ILE G 270 36.22 14.29 15.91
N ARG G 271 37.48 13.85 15.87
CA ARG G 271 38.38 13.78 17.02
C ARG G 271 37.87 12.85 18.11
N GLU G 272 37.58 11.60 17.71
CA GLU G 272 37.25 10.47 18.61
C GLU G 272 35.96 10.65 19.38
N ASN G 273 35.23 11.74 19.19
CA ASN G 273 33.89 11.92 19.74
C ASN G 273 32.85 11.35 18.80
N THR G 274 33.31 10.74 17.72
CA THR G 274 32.54 10.22 16.63
C THR G 274 31.90 8.89 16.99
N ILE G 275 31.38 8.23 15.99
CA ILE G 275 30.60 7.03 16.17
C ILE G 275 31.52 5.82 16.12
N TYR G 276 31.33 4.90 17.05
CA TYR G 276 32.14 3.69 17.16
C TYR G 276 31.25 2.50 16.80
N LEU G 277 31.74 1.64 15.93
CA LEU G 277 31.04 0.41 15.57
C LEU G 277 31.69 -0.76 16.29
N VAL G 278 30.96 -1.38 17.21
CA VAL G 278 31.52 -2.38 18.11
C VAL G 278 30.82 -3.70 17.85
N ARG G 279 31.61 -4.75 17.67
CA ARG G 279 31.10 -6.09 17.39
C ARG G 279 31.69 -7.07 18.40
N SER G 280 30.96 -8.16 18.66
CA SER G 280 31.40 -9.14 19.64
C SER G 280 31.32 -10.55 19.06
N HIS G 281 32.35 -10.93 18.31
CA HIS G 281 32.30 -12.20 17.58
C HIS G 281 32.89 -13.29 18.45
N PHE G 282 33.13 -14.47 17.87
CA PHE G 282 33.76 -15.55 18.63
C PHE G 282 34.43 -16.56 17.70
N GLN G 283 35.29 -17.38 18.29
CA GLN G 283 35.84 -18.56 17.64
C GLN G 283 35.32 -19.80 18.36
N THR G 284 35.35 -20.94 17.67
CA THR G 284 34.94 -22.21 18.26
C THR G 284 35.60 -23.35 17.51
N SER G 285 35.50 -24.55 18.08
CA SER G 285 36.15 -25.71 17.50
C SER G 285 35.48 -26.99 18.01
N LEU G 286 35.84 -28.09 17.35
CA LEU G 286 35.23 -29.38 17.67
C LEU G 286 35.62 -29.87 19.06
N GLU G 287 36.88 -29.67 19.45
CA GLU G 287 37.30 -30.19 20.75
C GLU G 287 36.72 -29.35 21.89
N ILE G 288 36.43 -28.08 21.64
CA ILE G 288 35.74 -27.28 22.64
C ILE G 288 34.30 -27.73 22.76
N LEU G 289 33.69 -28.14 21.64
CA LEU G 289 32.38 -28.78 21.71
C LEU G 289 32.42 -30.10 22.46
N GLN G 290 33.52 -30.84 22.34
CA GLN G 290 33.67 -32.09 23.10
C GLN G 290 33.82 -31.80 24.59
N LYS G 291 34.52 -30.72 24.94
CA LYS G 291 34.64 -30.35 26.34
C LYS G 291 33.30 -29.88 26.89
N ALA G 292 32.47 -29.27 26.06
CA ALA G 292 31.15 -28.84 26.51
C ALA G 292 30.24 -30.03 26.78
N VAL G 293 30.22 -31.00 25.86
CA VAL G 293 29.38 -32.18 26.04
C VAL G 293 29.86 -33.02 27.22
N ALA G 294 31.17 -33.16 27.38
CA ALA G 294 31.71 -33.96 28.48
C ALA G 294 31.47 -33.29 29.82
N MET G 295 31.57 -31.96 29.88
CA MET G 295 31.33 -31.25 31.13
C MET G 295 29.86 -31.32 31.53
N GLU G 296 28.95 -31.25 30.55
CA GLU G 296 27.53 -31.40 30.87
C GLU G 296 27.21 -32.82 31.32
N GLU G 297 27.92 -33.81 30.79
CA GLU G 297 27.72 -35.17 31.26
C GLU G 297 28.26 -35.38 32.66
N LYS G 298 29.34 -34.67 33.02
CA LYS G 298 29.86 -34.74 34.39
C LYS G 298 28.89 -34.15 35.38
N HIS G 299 28.34 -32.97 35.05
CA HIS G 299 27.39 -32.32 35.96
C HIS G 299 26.08 -33.10 36.06
N GLN G 300 25.64 -33.69 34.94
CA GLN G 300 24.36 -34.39 34.97
C GLN G 300 24.49 -35.73 35.68
N SER G 301 25.63 -36.41 35.52
CA SER G 301 25.86 -37.64 36.26
C SER G 301 26.02 -37.36 37.75
N ALA G 302 26.57 -36.20 38.10
CA ALA G 302 26.66 -35.81 39.50
C ALA G 302 25.28 -35.57 40.10
N ASP G 303 24.43 -34.83 39.40
CA ASP G 303 23.11 -34.49 39.95
C ASP G 303 22.19 -35.70 39.98
N ILE G 304 22.42 -36.70 39.11
CA ILE G 304 21.65 -37.93 39.25
C ILE G 304 22.16 -38.74 40.43
N ALA G 305 23.48 -38.82 40.62
CA ALA G 305 24.01 -39.72 41.65
C ALA G 305 23.86 -39.14 43.05
N LYS G 306 23.64 -37.83 43.19
CA LYS G 306 23.66 -37.20 44.50
C LYS G 306 22.27 -36.86 45.04
N VAL G 307 21.25 -37.66 44.75
CA VAL G 307 19.92 -37.41 45.31
C VAL G 307 19.33 -38.70 45.86
N PRO G 308 19.32 -38.88 47.18
CA PRO G 308 18.95 -40.19 47.74
C PRO G 308 17.49 -40.62 47.59
N ALA G 309 16.58 -39.94 48.29
CA ALA G 309 15.16 -40.28 48.39
C ALA G 309 14.49 -39.22 49.27
N THR G 310 13.17 -39.12 49.14
CA THR G 310 12.28 -38.16 49.82
C THR G 310 12.78 -36.70 49.82
N MET H 1 7.79 1.33 2.85
CA MET H 1 6.81 2.02 2.00
C MET H 1 6.23 3.20 2.77
N THR H 2 5.51 4.06 2.07
CA THR H 2 4.75 5.13 2.72
C THR H 2 3.32 5.08 2.19
N ILE H 3 2.38 5.50 3.01
CA ILE H 3 0.98 5.58 2.62
C ILE H 3 0.50 7.01 2.87
N LYS H 4 -0.12 7.60 1.84
CA LYS H 4 -0.53 8.99 1.87
C LYS H 4 -1.86 9.11 2.61
N TYR H 5 -2.47 10.29 2.53
CA TYR H 5 -3.72 10.52 3.23
C TYR H 5 -4.89 10.04 2.40
N LEU H 6 -5.91 9.49 3.08
CA LEU H 6 -7.07 8.82 2.48
C LEU H 6 -6.65 7.74 1.49
N SER H 7 -5.60 7.00 1.83
CA SER H 7 -4.94 6.13 0.89
C SER H 7 -4.98 4.69 1.40
N SER H 8 -4.46 3.79 0.58
CA SER H 8 -4.41 2.38 0.89
C SER H 8 -3.31 1.72 0.09
N GLU H 9 -2.61 0.77 0.70
CA GLU H 9 -1.57 0.05 0.01
C GLU H 9 -1.36 -1.30 0.65
N THR H 10 -1.16 -2.31 -0.17
CA THR H 10 -0.83 -3.65 0.28
C THR H 10 0.66 -3.92 0.08
N GLU H 11 1.08 -5.12 0.46
CA GLU H 11 2.47 -5.51 0.35
C GLU H 11 2.55 -7.02 0.34
N LYS H 12 3.34 -7.58 -0.57
CA LYS H 12 3.49 -9.01 -0.69
C LYS H 12 4.94 -9.40 -0.45
N LEU H 13 5.12 -10.43 0.38
CA LEU H 13 6.45 -10.96 0.67
C LEU H 13 6.45 -12.45 0.33
N MET H 14 7.47 -12.88 -0.43
CA MET H 14 7.45 -14.18 -1.07
C MET H 14 8.41 -15.18 -0.42
N ASN H 15 9.64 -14.79 -0.15
CA ASN H 15 10.63 -15.68 0.44
C ASN H 15 11.42 -14.91 1.49
N GLN H 16 10.96 -14.96 2.73
CA GLN H 16 11.64 -14.30 3.83
C GLN H 16 11.57 -15.23 5.03
N THR H 17 11.89 -14.68 6.19
CA THR H 17 11.51 -15.24 7.48
C THR H 17 11.02 -14.03 8.25
N VAL H 18 9.73 -13.80 8.17
CA VAL H 18 9.13 -12.52 8.56
C VAL H 18 8.51 -12.64 9.94
N SER H 19 8.73 -11.61 10.76
CA SER H 19 8.17 -11.56 12.11
C SER H 19 8.12 -10.10 12.51
N GLY H 20 6.94 -9.62 12.87
CA GLY H 20 6.83 -8.27 13.40
C GLY H 20 6.68 -7.22 12.32
N ILE H 21 5.87 -6.22 12.63
CA ILE H 21 5.58 -5.12 11.71
C ILE H 21 5.95 -3.82 12.39
N ASP H 22 6.93 -3.13 11.84
CA ASP H 22 7.22 -1.76 12.23
C ASP H 22 6.07 -0.86 11.79
N VAL H 23 5.80 0.15 12.61
CA VAL H 23 4.99 1.30 12.19
C VAL H 23 5.73 2.54 12.67
N CYS H 24 6.22 3.34 11.72
CA CYS H 24 6.79 4.64 12.03
C CYS H 24 5.81 5.69 11.55
N PHE H 25 5.99 6.92 12.01
CA PHE H 25 5.18 8.06 11.60
C PHE H 25 6.06 9.29 11.42
N THR H 26 5.50 10.30 10.78
CA THR H 26 6.17 11.59 10.65
C THR H 26 5.10 12.65 10.61
N LEU H 27 5.09 13.53 11.60
CA LEU H 27 4.06 14.55 11.72
C LEU H 27 4.66 15.92 11.41
N ILE H 28 4.00 16.66 10.53
CA ILE H 28 4.47 17.96 10.10
C ILE H 28 3.48 19.00 10.62
N GLY H 29 3.92 19.77 11.61
CA GLY H 29 3.08 20.82 12.16
C GLY H 29 2.99 22.01 11.23
N VAL H 30 1.90 22.76 11.39
CA VAL H 30 1.74 23.98 10.60
C VAL H 30 2.68 25.06 11.09
N ASP H 31 2.67 25.33 12.39
CA ASP H 31 3.55 26.33 12.97
C ASP H 31 4.30 25.69 14.14
N ASP H 32 5.28 26.41 14.70
CA ASP H 32 6.12 25.85 15.74
C ASP H 32 5.36 25.66 17.05
N ASP H 33 4.33 26.49 17.28
CA ASP H 33 3.60 26.39 18.54
C ASP H 33 2.69 25.16 18.62
N SER H 34 2.47 24.46 17.51
CA SER H 34 1.75 23.20 17.56
C SER H 34 2.57 22.14 18.27
N PHE H 35 3.83 21.96 17.87
CA PHE H 35 4.74 21.04 18.53
C PHE H 35 5.58 21.71 19.61
N ALA H 36 5.14 22.87 20.07
CA ALA H 36 5.64 23.38 21.35
C ALA H 36 5.21 22.45 22.49
N SER H 37 4.03 21.84 22.36
CA SER H 37 3.55 20.83 23.28
C SER H 37 3.76 19.45 22.66
N GLY H 38 3.70 18.42 23.49
CA GLY H 38 3.87 17.07 23.01
C GLY H 38 2.66 16.56 22.27
N SER H 39 2.91 15.79 21.21
CA SER H 39 1.85 15.26 20.35
C SER H 39 1.17 14.07 21.04
N LYS H 40 0.34 14.39 22.02
CA LYS H 40 -0.40 13.36 22.72
C LYS H 40 -1.52 12.85 21.82
N ASN H 41 -1.68 11.52 21.77
CA ASN H 41 -2.62 10.90 20.85
C ASN H 41 -4.05 11.10 21.34
N ASP H 42 -4.88 11.71 20.50
CA ASP H 42 -6.31 11.77 20.74
C ASP H 42 -6.95 10.43 20.38
N TYR H 43 -8.12 10.16 20.96
CA TYR H 43 -8.84 8.94 20.67
C TYR H 43 -10.21 9.19 20.05
N ILE H 44 -11.06 10.02 20.66
CA ILE H 44 -12.41 10.17 20.12
C ILE H 44 -12.56 11.45 19.31
N SER H 45 -12.51 12.60 19.99
CA SER H 45 -13.01 13.83 19.40
C SER H 45 -12.69 15.00 20.31
N ASP H 46 -13.17 16.18 19.89
CA ASP H 46 -13.35 17.43 20.61
C ASP H 46 -12.05 18.18 20.88
N THR H 47 -10.92 17.52 20.69
CA THR H 47 -9.61 18.16 20.50
C THR H 47 -8.83 17.33 19.49
N PRO H 48 -9.27 17.27 18.21
CA PRO H 48 -8.49 16.41 17.29
C PRO H 48 -7.22 17.11 16.80
N LYS H 49 -6.31 17.34 17.72
CA LYS H 49 -5.11 18.12 17.47
C LYS H 49 -4.04 17.32 16.76
N PHE H 50 -3.73 16.14 17.28
CA PHE H 50 -2.64 15.33 16.78
C PHE H 50 -3.20 14.00 16.27
N LEU H 51 -2.27 13.07 16.06
CA LEU H 51 -2.56 11.73 15.54
C LEU H 51 -3.69 11.03 16.29
N ASP H 52 -4.64 10.51 15.52
CA ASP H 52 -5.75 9.73 16.04
C ASP H 52 -5.62 8.33 15.47
N PRO H 53 -4.84 7.45 16.12
CA PRO H 53 -4.49 6.17 15.51
C PRO H 53 -5.56 5.09 15.64
N SER H 54 -6.80 5.45 15.96
CA SER H 54 -7.86 4.45 15.98
C SER H 54 -8.46 4.26 14.59
N ASN H 55 -7.96 4.97 13.59
CA ASN H 55 -8.56 4.94 12.26
C ASN H 55 -7.73 4.17 11.26
N VAL H 56 -6.45 3.96 11.52
CA VAL H 56 -5.58 3.25 10.59
C VAL H 56 -5.86 1.76 10.73
N HIS H 57 -6.15 1.10 9.61
CA HIS H 57 -6.47 -0.31 9.61
C HIS H 57 -5.28 -1.08 9.07
N ILE H 58 -4.89 -2.12 9.80
CA ILE H 58 -3.82 -3.01 9.37
C ILE H 58 -4.35 -4.43 9.38
N LYS H 59 -4.49 -5.03 8.20
CA LYS H 59 -4.91 -6.41 8.08
C LYS H 59 -3.76 -7.25 7.54
N ALA H 60 -3.45 -8.35 8.20
CA ALA H 60 -2.47 -9.26 7.68
C ALA H 60 -3.16 -10.53 7.21
N THR H 61 -2.69 -11.09 6.11
CA THR H 61 -3.26 -12.36 5.69
C THR H 61 -2.16 -13.22 5.08
N LEU H 62 -2.35 -14.53 5.18
CA LEU H 62 -1.35 -15.50 4.81
C LEU H 62 -1.97 -16.44 3.78
N LYS H 63 -1.46 -16.39 2.56
CA LYS H 63 -1.85 -17.36 1.56
C LYS H 63 -0.88 -18.54 1.61
N ARG H 64 -1.43 -19.74 1.77
CA ARG H 64 -0.61 -20.90 2.11
C ARG H 64 -1.34 -22.15 1.63
N GLY H 65 -0.80 -22.79 0.60
CA GLY H 65 -1.44 -23.96 0.03
C GLY H 65 -2.75 -23.67 -0.65
N GLY H 66 -2.90 -22.46 -1.19
CA GLY H 66 -4.15 -22.05 -1.78
C GLY H 66 -5.20 -21.55 -0.81
N LYS H 67 -5.04 -21.82 0.48
CA LYS H 67 -5.98 -21.42 1.50
C LYS H 67 -5.72 -19.97 1.91
N ASP H 68 -6.36 -19.57 3.01
CA ASP H 68 -6.21 -18.23 3.54
C ASP H 68 -6.18 -18.30 5.06
N TYR H 69 -5.45 -17.38 5.67
CA TYR H 69 -5.40 -17.27 7.13
C TYR H 69 -5.37 -15.80 7.48
N VAL H 70 -6.35 -15.36 8.26
CA VAL H 70 -6.55 -13.93 8.49
C VAL H 70 -5.99 -13.55 9.86
N LEU H 71 -5.21 -12.47 9.88
CA LEU H 71 -4.57 -11.97 11.08
C LEU H 71 -4.94 -10.51 11.23
N PHE H 72 -4.77 -9.99 12.45
CA PHE H 72 -4.75 -8.55 12.71
C PHE H 72 -6.05 -7.83 12.34
N SER H 73 -7.09 -7.94 13.15
CA SER H 73 -8.39 -7.38 12.81
C SER H 73 -8.37 -5.84 12.86
N GLU H 74 -7.60 -5.26 11.94
CA GLU H 74 -7.77 -3.93 11.33
C GLU H 74 -7.99 -2.78 12.31
N ASN H 75 -7.10 -2.66 13.30
CA ASN H 75 -7.13 -1.45 14.11
C ASN H 75 -5.76 -1.14 14.69
N LEU H 76 -5.24 0.05 14.38
CA LEU H 76 -3.89 0.41 14.84
C LEU H 76 -3.86 0.69 16.33
N ALA H 77 -4.92 1.28 16.89
CA ALA H 77 -4.93 1.55 18.32
C ALA H 77 -4.99 0.26 19.13
N LEU H 78 -5.72 -0.74 18.63
CA LEU H 78 -5.67 -2.08 19.20
C LEU H 78 -4.27 -2.66 19.17
N LEU H 79 -3.62 -2.61 18.01
CA LEU H 79 -2.30 -3.22 17.92
C LEU H 79 -1.25 -2.41 18.65
N ALA H 80 -1.48 -1.12 18.84
CA ALA H 80 -0.51 -0.29 19.56
C ALA H 80 -0.58 -0.55 21.05
N LYS H 81 -1.80 -0.64 21.61
CA LYS H 81 -1.92 -0.95 23.02
C LYS H 81 -1.47 -2.38 23.32
N TYR H 82 -1.85 -3.32 22.45
CA TYR H 82 -1.54 -4.72 22.73
C TYR H 82 -0.07 -5.02 22.50
N SER H 83 0.61 -4.23 21.67
CA SER H 83 2.06 -4.33 21.63
C SER H 83 2.68 -3.64 22.83
N THR H 84 2.28 -2.39 23.08
CA THR H 84 2.87 -1.58 24.14
C THR H 84 2.05 -1.68 25.42
N ILE H 85 1.76 -2.90 25.87
CA ILE H 85 1.28 -3.05 27.24
C ILE H 85 2.46 -3.21 28.18
N THR H 86 3.63 -3.62 27.66
CA THR H 86 4.86 -3.68 28.41
C THR H 86 6.03 -3.02 27.67
N GLN H 87 5.78 -2.42 26.52
CA GLN H 87 6.82 -1.75 25.75
C GLN H 87 6.36 -0.33 25.47
N GLY H 88 7.11 0.41 24.65
CA GLY H 88 6.65 1.65 24.04
C GLY H 88 6.37 2.77 25.02
N ARG H 89 5.24 3.44 24.79
CA ARG H 89 4.58 4.46 25.63
C ARG H 89 5.32 5.80 25.60
N ASP H 90 6.51 5.85 25.01
CA ASP H 90 7.20 7.12 24.82
C ASP H 90 7.46 7.43 23.37
N GLN H 91 7.93 6.46 22.60
CA GLN H 91 8.07 6.63 21.16
C GLN H 91 6.77 6.39 20.42
N TRP H 92 5.68 6.11 21.12
CA TRP H 92 4.37 6.04 20.50
C TRP H 92 3.40 7.06 21.09
N GLU H 93 3.22 7.05 22.41
CA GLU H 93 2.21 7.92 23.00
C GLU H 93 2.68 9.36 23.13
N GLU H 94 3.98 9.59 23.24
CA GLU H 94 4.49 10.93 23.47
C GLU H 94 5.24 11.50 22.29
N GLY H 95 5.84 10.65 21.47
CA GLY H 95 6.55 11.12 20.29
C GLY H 95 7.97 11.58 20.59
N VAL H 96 8.80 11.50 19.56
CA VAL H 96 10.21 11.86 19.65
C VAL H 96 10.46 12.97 18.65
N LYS H 97 11.02 14.08 19.12
CA LYS H 97 11.27 15.20 18.24
C LYS H 97 12.47 14.96 17.35
N LEU H 98 12.36 15.38 16.09
CA LEU H 98 13.49 15.52 15.20
C LEU H 98 13.75 16.95 14.78
N ALA H 99 12.72 17.79 14.75
CA ALA H 99 12.86 19.20 14.41
C ALA H 99 11.77 19.98 15.12
N ALA H 100 11.69 21.27 14.79
CA ALA H 100 10.70 22.13 15.41
C ALA H 100 9.28 21.82 14.93
N LYS H 101 9.14 21.30 13.73
CA LYS H 101 7.83 20.93 13.20
C LYS H 101 7.71 19.44 12.91
N GLU H 102 8.69 18.64 13.32
CA GLU H 102 8.79 17.25 12.91
C GLU H 102 8.90 16.36 14.14
N MET H 103 7.92 15.50 14.35
CA MET H 103 7.92 14.55 15.44
C MET H 103 7.45 13.21 14.91
N VAL H 104 8.01 12.12 15.43
CA VAL H 104 7.73 10.78 14.94
C VAL H 104 6.92 10.01 15.97
N HIS H 105 6.47 8.83 15.57
CA HIS H 105 5.77 7.89 16.44
C HIS H 105 6.09 6.47 15.99
N LEU H 106 6.46 5.63 16.95
CA LEU H 106 7.04 4.33 16.63
C LEU H 106 6.37 3.24 17.46
N VAL H 107 5.99 2.14 16.82
CA VAL H 107 5.66 0.90 17.50
C VAL H 107 6.23 -0.26 16.72
N TYR H 108 6.62 -1.31 17.44
CA TYR H 108 6.91 -2.60 16.86
C TYR H 108 5.80 -3.56 17.25
N ILE H 109 5.18 -4.19 16.26
CA ILE H 109 4.04 -5.08 16.51
C ILE H 109 4.44 -6.49 16.12
N PRO H 110 4.95 -7.30 17.04
CA PRO H 110 5.29 -8.67 16.68
C PRO H 110 4.05 -9.53 16.53
N PHE H 111 4.21 -10.60 15.74
CA PHE H 111 3.08 -11.46 15.39
C PHE H 111 2.55 -12.21 16.59
N SER H 112 3.42 -12.56 17.53
CA SER H 112 2.94 -13.07 18.80
C SER H 112 2.47 -11.94 19.70
N GLY H 113 2.97 -10.73 19.47
CA GLY H 113 2.76 -9.62 20.35
C GLY H 113 3.78 -9.54 21.47
N ASN H 114 4.22 -10.67 21.99
CA ASN H 114 5.32 -10.70 22.94
C ASN H 114 6.62 -10.42 22.20
N THR H 115 7.23 -9.27 22.47
CA THR H 115 8.50 -8.91 21.86
C THR H 115 9.63 -9.83 22.31
N ASN H 116 9.54 -10.38 23.52
CA ASN H 116 10.56 -11.25 24.07
C ASN H 116 10.42 -12.69 23.62
N TRP H 117 9.30 -13.06 23.03
CA TRP H 117 9.13 -14.42 22.53
C TRP H 117 8.27 -14.41 21.28
N PRO H 118 8.85 -14.19 20.11
CA PRO H 118 8.05 -14.10 18.88
C PRO H 118 7.95 -15.43 18.16
N ALA H 119 6.89 -15.53 17.35
CA ALA H 119 6.81 -16.54 16.31
C ALA H 119 7.52 -15.99 15.06
N HIS H 120 7.74 -16.85 14.07
CA HIS H 120 8.46 -16.41 12.87
C HIS H 120 7.81 -17.10 11.68
N ILE H 121 7.06 -16.34 10.90
CA ILE H 121 6.39 -16.90 9.73
C ILE H 121 7.45 -17.21 8.66
N ASN H 122 7.56 -18.48 8.31
CA ASN H 122 8.42 -18.87 7.21
C ASN H 122 7.67 -18.75 5.89
N LEU H 123 8.45 -18.76 4.81
CA LEU H 123 7.91 -18.67 3.46
C LEU H 123 8.68 -19.61 2.56
N LYS H 124 8.00 -20.12 1.53
CA LYS H 124 8.56 -21.06 0.57
C LYS H 124 8.09 -20.68 -0.83
N ASP H 125 8.22 -21.62 -1.76
CA ASP H 125 8.05 -21.41 -3.19
C ASP H 125 6.65 -20.97 -3.61
N ASN H 126 5.62 -21.13 -2.78
CA ASN H 126 4.28 -20.77 -3.19
C ASN H 126 3.53 -19.87 -2.23
N ASP H 127 3.83 -19.92 -0.95
CA ASP H 127 3.11 -19.13 0.03
C ASP H 127 3.56 -17.68 -0.02
N VAL H 128 2.69 -16.79 0.45
CA VAL H 128 2.95 -15.37 0.36
C VAL H 128 2.25 -14.67 1.52
N LEU H 129 2.93 -13.70 2.11
CA LEU H 129 2.37 -12.88 3.18
C LEU H 129 1.88 -11.58 2.57
N GLU H 130 0.63 -11.22 2.85
CA GLU H 130 0.03 -10.03 2.27
C GLU H 130 -0.45 -9.10 3.38
N VAL H 131 0.22 -7.97 3.53
CA VAL H 131 -0.09 -6.99 4.56
C VAL H 131 -0.79 -5.81 3.89
N TYR H 132 -2.05 -5.60 4.25
CA TYR H 132 -2.90 -4.60 3.62
C TYR H 132 -3.23 -3.52 4.62
N VAL H 133 -2.78 -2.29 4.35
CA VAL H 133 -2.89 -1.19 5.29
C VAL H 133 -3.75 -0.09 4.69
N ASN H 134 -4.72 0.40 5.45
CA ASN H 134 -5.57 1.51 5.05
C ASN H 134 -5.31 2.70 5.96
N VAL H 135 -5.41 3.90 5.40
CA VAL H 135 -5.41 5.14 6.16
C VAL H 135 -6.60 5.96 5.70
N VAL H 136 -7.49 6.30 6.63
CA VAL H 136 -8.81 6.80 6.28
C VAL H 136 -9.02 8.21 6.81
N ARG H 137 -10.22 8.75 6.60
CA ARG H 137 -10.56 10.12 6.91
C ARG H 137 -10.49 10.38 8.42
N GLY H 138 -10.03 11.57 8.79
CA GLY H 138 -10.00 11.96 10.18
C GLY H 138 -8.97 11.23 11.01
N ALA H 139 -7.77 11.05 10.48
CA ALA H 139 -6.71 10.37 11.21
C ALA H 139 -5.66 11.31 11.75
N TYR H 140 -5.63 12.56 11.30
CA TYR H 140 -4.63 13.51 11.74
C TYR H 140 -5.21 14.74 12.40
N GLY H 141 -6.21 15.36 11.79
CA GLY H 141 -6.91 16.41 12.47
C GLY H 141 -6.33 17.80 12.33
N ALA H 142 -6.60 18.64 13.33
CA ALA H 142 -6.46 20.09 13.24
C ALA H 142 -5.01 20.55 13.15
N GLU H 143 -4.18 20.20 14.13
CA GLU H 143 -2.86 20.80 14.24
C GLU H 143 -1.80 20.09 13.42
N LEU H 144 -2.17 19.36 12.37
CA LEU H 144 -1.22 18.68 11.51
C LEU H 144 -1.46 19.07 10.06
N ASP H 145 -0.82 18.34 9.16
CA ASP H 145 -0.97 18.60 7.73
C ASP H 145 -1.40 17.31 7.02
N ALA H 146 -1.54 17.40 5.70
CA ALA H 146 -1.91 16.25 4.89
C ALA H 146 -0.73 15.59 4.21
N ASN H 147 0.44 15.56 4.86
CA ASN H 147 1.64 15.01 4.25
C ASN H 147 2.46 14.13 5.19
N ALA H 148 1.81 13.23 5.90
CA ALA H 148 2.49 12.33 6.81
C ALA H 148 2.96 11.06 6.08
N CYS H 149 3.71 10.23 6.78
CA CYS H 149 4.30 9.03 6.19
C CYS H 149 4.24 7.88 7.20
N ILE H 150 4.39 6.65 6.69
CA ILE H 150 4.45 5.45 7.52
C ILE H 150 5.69 4.64 7.17
N CYS H 151 5.82 3.45 7.78
CA CYS H 151 6.86 2.49 7.47
C CYS H 151 6.26 1.12 7.17
N ASP H 152 7.14 0.13 7.09
CA ASP H 152 6.86 -1.18 6.49
C ASP H 152 7.07 -2.31 7.49
N VAL H 153 7.03 -3.54 6.97
CA VAL H 153 7.21 -4.71 7.81
C VAL H 153 8.69 -5.03 7.95
N ARG H 154 9.12 -5.31 9.17
CA ARG H 154 10.49 -5.76 9.43
C ARG H 154 10.62 -7.25 9.18
N THR H 155 11.85 -7.68 8.91
CA THR H 155 12.14 -9.09 8.82
C THR H 155 12.69 -9.59 10.16
N SER H 156 13.20 -10.81 10.14
CA SER H 156 13.66 -11.49 11.34
C SER H 156 14.84 -12.37 11.00
N PRO H 157 15.66 -12.72 12.00
CA PRO H 157 16.71 -13.74 11.76
C PRO H 157 16.11 -15.10 11.52
N SER H 158 16.94 -16.04 11.11
CA SER H 158 16.45 -17.38 10.80
C SER H 158 16.12 -18.14 12.08
N ILE H 159 15.06 -17.70 12.75
CA ILE H 159 14.51 -18.37 13.92
C ILE H 159 13.21 -18.97 13.40
N GLY H 160 13.14 -19.11 12.08
CA GLY H 160 12.01 -19.74 11.43
C GLY H 160 12.06 -21.25 11.59
N VAL H 161 11.86 -21.69 12.82
CA VAL H 161 11.85 -23.09 13.20
C VAL H 161 10.41 -23.38 13.55
N GLU H 162 9.51 -22.71 12.83
CA GLU H 162 8.22 -22.29 13.37
C GLU H 162 7.30 -23.45 13.67
N LYS H 163 6.81 -23.49 14.91
CA LYS H 163 5.91 -24.53 15.35
C LYS H 163 4.45 -24.23 15.03
N PHE H 164 4.10 -22.96 14.77
CA PHE H 164 2.70 -22.58 14.82
C PHE H 164 2.46 -21.28 14.06
N ILE H 165 1.31 -21.21 13.40
CA ILE H 165 0.86 -19.97 12.76
C ILE H 165 0.06 -19.19 13.79
N PRO H 166 0.51 -18.01 14.21
CA PRO H 166 -0.18 -17.28 15.28
C PRO H 166 -1.33 -16.45 14.74
N PHE H 167 -2.46 -16.49 15.43
CA PHE H 167 -3.60 -15.64 15.15
C PHE H 167 -3.74 -14.59 16.26
N MET H 168 -4.47 -13.52 15.96
CA MET H 168 -4.66 -12.47 16.94
C MET H 168 -6.01 -11.83 16.72
N THR H 169 -6.79 -11.66 17.78
CA THR H 169 -8.13 -11.10 17.62
C THR H 169 -8.55 -10.38 18.90
N SER H 170 -9.61 -9.60 18.76
CA SER H 170 -10.16 -8.77 19.82
C SER H 170 -11.63 -9.08 20.03
N TYR H 171 -12.23 -8.42 21.02
CA TYR H 171 -13.61 -8.69 21.38
C TYR H 171 -14.49 -7.45 21.44
N SER H 172 -13.95 -6.33 21.91
CA SER H 172 -14.60 -5.02 21.95
C SER H 172 -15.91 -5.00 22.74
N ILE H 173 -15.82 -5.12 24.07
CA ILE H 173 -17.01 -5.19 24.94
C ILE H 173 -17.82 -3.89 24.85
N ARG H 174 -19.10 -3.98 25.24
CA ARG H 174 -20.11 -2.99 24.92
C ARG H 174 -19.95 -1.70 25.73
N ALA H 175 -20.92 -0.81 25.58
CA ALA H 175 -20.84 0.50 26.19
C ALA H 175 -21.16 0.44 27.68
N ASN H 176 -22.21 -0.28 28.06
CA ASN H 176 -22.53 -0.39 29.48
C ASN H 176 -22.84 -1.84 29.84
N GLN H 177 -22.14 -2.76 29.20
CA GLN H 177 -22.14 -4.16 29.62
C GLN H 177 -21.51 -4.25 31.00
N ALA H 178 -22.00 -5.18 31.82
CA ALA H 178 -21.44 -5.38 33.14
C ALA H 178 -21.22 -6.86 33.46
N THR H 179 -21.71 -7.76 32.62
CA THR H 179 -21.52 -9.19 32.84
C THR H 179 -21.41 -9.87 31.50
N ASP H 180 -20.34 -10.63 31.29
CA ASP H 180 -20.13 -11.24 29.99
C ASP H 180 -19.29 -12.49 30.12
N LEU H 181 -19.70 -13.56 29.44
CA LEU H 181 -18.94 -14.79 29.33
C LEU H 181 -18.41 -14.89 27.90
N VAL H 182 -17.10 -14.84 27.75
CA VAL H 182 -16.48 -14.85 26.43
C VAL H 182 -15.79 -16.19 26.26
N ASN H 183 -16.39 -17.05 25.45
CA ASN H 183 -15.78 -18.32 25.11
C ASN H 183 -14.61 -18.09 24.16
N LEU H 184 -13.42 -18.52 24.57
CA LEU H 184 -12.26 -18.23 23.75
C LEU H 184 -12.03 -19.39 22.79
N GLY H 185 -10.97 -19.27 22.01
CA GLY H 185 -10.63 -20.27 21.01
C GLY H 185 -10.02 -21.52 21.60
N ASN H 186 -9.34 -22.29 20.76
CA ASN H 186 -8.82 -23.57 21.22
C ASN H 186 -7.56 -23.36 22.05
N ASP H 187 -6.49 -22.88 21.43
CA ASP H 187 -5.18 -22.81 22.09
C ASP H 187 -4.71 -21.36 22.02
N VAL H 188 -4.74 -20.68 23.16
CA VAL H 188 -4.87 -19.23 23.18
C VAL H 188 -3.60 -18.50 23.63
N THR H 189 -2.95 -18.98 24.70
CA THR H 189 -1.57 -18.69 25.10
C THR H 189 -1.31 -17.25 25.58
N ARG H 190 -2.16 -16.28 25.23
CA ARG H 190 -2.01 -14.90 25.71
C ARG H 190 -3.35 -14.20 25.73
N ILE H 191 -3.68 -13.62 26.88
CA ILE H 191 -4.94 -12.91 27.11
C ILE H 191 -4.60 -11.56 27.71
N ALA H 192 -5.20 -10.50 27.19
CA ALA H 192 -4.93 -9.19 27.76
C ALA H 192 -6.20 -8.37 27.81
N LEU H 193 -6.23 -7.40 28.72
CA LEU H 193 -7.38 -6.55 28.95
C LEU H 193 -6.95 -5.10 28.84
N LEU H 194 -7.27 -4.49 27.71
CA LEU H 194 -6.83 -3.15 27.37
C LEU H 194 -7.92 -2.15 27.71
N SER H 195 -7.52 -0.89 27.85
CA SER H 195 -8.47 0.19 28.07
C SER H 195 -7.84 1.47 27.54
N MET H 196 -8.64 2.26 26.83
CA MET H 196 -8.11 3.31 25.98
C MET H 196 -8.58 4.70 26.42
N THR H 197 -8.75 4.89 27.72
CA THR H 197 -9.11 6.21 28.24
C THR H 197 -8.61 6.36 29.66
N ASN H 198 -8.63 7.61 30.13
CA ASN H 198 -8.38 7.98 31.53
C ASN H 198 -9.26 9.19 31.81
N ASP H 199 -10.44 8.95 32.38
CA ASP H 199 -11.39 10.04 32.60
C ASP H 199 -10.98 10.94 33.76
N VAL H 200 -10.52 10.34 34.84
CA VAL H 200 -10.18 11.03 36.08
C VAL H 200 -8.77 10.63 36.45
N SER H 201 -8.35 11.02 37.66
CA SER H 201 -7.15 10.46 38.27
C SER H 201 -7.21 8.93 38.23
N ASN H 202 -6.08 8.32 37.90
CA ASN H 202 -6.04 6.97 37.35
C ASN H 202 -6.29 5.93 38.44
N ILE H 203 -7.52 5.95 38.96
CA ILE H 203 -8.08 4.90 39.78
C ILE H 203 -8.70 3.89 38.84
N PRO H 204 -8.45 2.58 39.00
CA PRO H 204 -8.90 1.60 38.00
C PRO H 204 -10.40 1.53 37.76
N ASN H 205 -11.20 1.23 38.79
CA ASN H 205 -12.66 1.36 38.80
C ASN H 205 -13.42 0.53 37.77
N ALA H 206 -12.72 -0.28 36.98
CA ALA H 206 -13.29 -0.83 35.76
C ALA H 206 -13.66 -2.29 35.90
N PHE H 207 -12.71 -3.12 36.31
CA PHE H 207 -12.98 -4.53 36.56
C PHE H 207 -13.41 -4.71 38.00
N THR H 208 -14.24 -5.71 38.25
CA THR H 208 -14.46 -6.16 39.61
C THR H 208 -14.53 -7.67 39.74
N ASP H 209 -14.65 -8.39 38.63
CA ASP H 209 -14.55 -9.84 38.69
C ASP H 209 -14.08 -10.36 37.34
N VAL H 210 -12.90 -10.99 37.32
CA VAL H 210 -12.42 -11.64 36.12
C VAL H 210 -12.22 -13.11 36.44
N THR H 211 -12.93 -13.97 35.73
CA THR H 211 -12.91 -15.41 36.03
C THR H 211 -12.34 -16.15 34.83
N LEU H 212 -11.12 -16.64 34.95
CA LEU H 212 -10.48 -17.38 33.88
C LEU H 212 -10.60 -18.86 34.16
N SER H 213 -11.41 -19.55 33.36
CA SER H 213 -11.63 -20.97 33.52
C SER H 213 -11.07 -21.72 32.32
N SER H 214 -10.21 -22.69 32.59
CA SER H 214 -9.51 -23.38 31.52
C SER H 214 -9.36 -24.85 31.87
N ASP H 215 -8.62 -25.58 31.03
CA ASP H 215 -8.25 -26.95 31.36
C ASP H 215 -7.14 -26.98 32.39
N ARG H 216 -5.99 -26.40 32.04
CA ARG H 216 -4.80 -26.50 32.87
C ARG H 216 -4.85 -25.60 34.09
N LEU H 217 -5.63 -24.53 34.06
CA LEU H 217 -5.78 -23.70 35.25
C LEU H 217 -7.23 -23.32 35.43
N ASP H 218 -7.52 -22.75 36.60
CA ASP H 218 -8.78 -22.10 36.87
C ASP H 218 -8.50 -20.99 37.88
N LYS H 219 -8.25 -19.79 37.38
CA LYS H 219 -7.90 -18.67 38.26
C LYS H 219 -9.08 -17.73 38.38
N ASN H 220 -9.21 -17.12 39.55
CA ASN H 220 -10.17 -16.07 39.81
C ASN H 220 -9.40 -14.78 40.05
N PHE H 221 -10.05 -13.65 39.85
CA PHE H 221 -9.38 -12.36 39.96
C PHE H 221 -10.33 -11.34 40.56
N ASN H 222 -10.02 -10.90 41.77
CA ASN H 222 -10.54 -9.66 42.30
C ASN H 222 -9.75 -8.50 41.70
N SER H 223 -10.33 -7.30 41.80
CA SER H 223 -9.75 -6.12 41.16
C SER H 223 -8.40 -5.75 41.76
N ASN H 224 -8.17 -6.11 43.03
CA ASN H 224 -6.84 -5.94 43.59
C ASN H 224 -5.87 -6.95 43.02
N GLN H 225 -6.35 -8.18 42.81
CA GLN H 225 -5.49 -9.25 42.33
C GLN H 225 -5.06 -9.02 40.88
N LEU H 226 -5.85 -8.26 40.12
CA LEU H 226 -5.43 -7.90 38.78
C LEU H 226 -4.27 -6.93 38.80
N ILE H 227 -4.32 -5.94 39.69
CA ILE H 227 -3.25 -4.96 39.81
C ILE H 227 -1.98 -5.63 40.32
N LEU H 228 -2.13 -6.71 41.09
CA LEU H 228 -0.99 -7.57 41.34
C LEU H 228 -0.51 -8.24 40.06
N GLU H 229 -1.45 -8.76 39.26
CA GLU H 229 -1.12 -9.68 38.19
C GLU H 229 -0.37 -9.00 37.05
N HIS H 230 -0.66 -7.72 36.80
CA HIS H 230 0.08 -7.00 35.77
C HIS H 230 1.52 -6.73 36.20
N SER H 231 1.80 -6.77 37.50
CA SER H 231 3.13 -6.51 38.03
C SER H 231 3.99 -7.76 38.12
N LYS H 232 3.73 -8.78 37.32
CA LYS H 232 4.59 -9.96 37.29
C LYS H 232 5.48 -10.01 36.06
N CYS H 233 5.10 -9.35 34.98
CA CYS H 233 5.87 -9.35 33.75
C CYS H 233 6.85 -8.19 33.70
N ILE H 234 6.61 -7.15 34.49
CA ILE H 234 7.48 -5.99 34.60
C ILE H 234 8.43 -6.21 35.76
N GLU H 235 9.70 -5.87 35.61
CA GLU H 235 10.58 -5.84 36.76
C GLU H 235 11.10 -4.44 37.07
N ASP H 236 10.47 -3.41 36.51
CA ASP H 236 10.67 -2.07 37.04
C ASP H 236 9.83 -1.92 38.30
N SER H 237 10.19 -0.94 39.13
CA SER H 237 9.47 -0.74 40.38
C SER H 237 8.11 -0.11 40.14
N VAL H 238 7.91 0.57 39.01
CA VAL H 238 6.59 1.10 38.71
C VAL H 238 5.67 -0.06 38.36
N ARG H 239 4.40 0.05 38.75
CA ARG H 239 3.52 -1.12 38.66
C ARG H 239 2.99 -1.37 37.26
N SER H 240 3.12 -0.40 36.35
CA SER H 240 2.59 -0.59 35.01
C SER H 240 3.43 0.20 34.02
N HIS H 241 3.41 -0.26 32.77
CA HIS H 241 4.06 0.41 31.66
C HIS H 241 3.04 0.80 30.59
N ALA H 242 1.86 1.20 31.02
CA ALA H 242 0.81 1.64 30.10
C ALA H 242 -0.02 2.70 30.82
N ASN H 243 -1.19 3.00 30.27
CA ASN H 243 -2.14 3.84 30.98
C ASN H 243 -2.88 3.00 32.01
N GLU H 244 -2.76 3.37 33.28
CA GLU H 244 -2.95 2.45 34.39
C GLU H 244 -4.43 2.15 34.66
N VAL H 245 -5.08 1.56 33.66
CA VAL H 245 -6.43 1.03 33.79
C VAL H 245 -6.50 -0.34 33.16
N ASP H 246 -5.34 -0.95 32.91
CA ASP H 246 -5.28 -2.20 32.16
C ASP H 246 -4.98 -3.38 33.08
N SER H 247 -4.95 -4.56 32.47
CA SER H 247 -4.45 -5.76 33.12
C SER H 247 -4.02 -6.73 32.02
N TYR H 248 -3.36 -7.80 32.43
CA TYR H 248 -2.59 -8.61 31.49
C TYR H 248 -2.40 -10.02 32.03
N LEU H 249 -2.38 -10.99 31.12
CA LEU H 249 -2.35 -12.43 31.46
C LEU H 249 -1.58 -13.19 30.38
N ILE H 250 -0.28 -13.36 30.58
CA ILE H 250 0.51 -14.14 29.63
C ILE H 250 0.56 -15.59 30.10
N HIS H 251 0.53 -16.53 29.17
CA HIS H 251 0.41 -17.94 29.51
C HIS H 251 1.25 -18.77 28.54
N GLU H 252 1.08 -20.09 28.64
CA GLU H 252 1.80 -21.06 27.81
C GLU H 252 0.84 -22.22 27.53
N ASP H 253 0.19 -22.16 26.36
CA ASP H 253 -0.58 -23.26 25.76
C ASP H 253 -1.75 -23.70 26.66
N ILE H 254 -2.68 -22.77 26.82
CA ILE H 254 -3.96 -23.10 27.44
C ILE H 254 -4.78 -23.94 26.47
N GLU H 255 -5.20 -25.12 26.92
CA GLU H 255 -5.71 -26.13 26.00
C GLU H 255 -7.12 -25.82 25.49
N ILE H 256 -7.99 -25.25 26.33
CA ILE H 256 -9.23 -24.58 25.92
C ILE H 256 -9.66 -23.76 27.13
N ASP H 257 -10.38 -22.67 26.88
CA ASP H 257 -10.80 -21.81 27.99
C ASP H 257 -11.97 -20.91 27.63
N SER H 258 -12.60 -20.38 28.67
CA SER H 258 -13.56 -19.28 28.58
C SER H 258 -13.21 -18.28 29.67
N ALA H 259 -13.12 -17.01 29.30
CA ALA H 259 -12.84 -15.93 30.24
C ALA H 259 -14.13 -15.17 30.48
N LYS H 260 -14.48 -14.97 31.74
CA LYS H 260 -15.74 -14.35 32.10
C LYS H 260 -15.44 -12.99 32.72
N VAL H 261 -15.65 -11.94 31.94
CA VAL H 261 -15.36 -10.58 32.38
C VAL H 261 -16.62 -9.99 33.01
N HIS H 262 -16.50 -9.50 34.24
CA HIS H 262 -17.63 -8.87 34.93
C HIS H 262 -17.24 -7.46 35.34
N LEU H 263 -17.81 -6.48 34.63
CA LEU H 263 -17.61 -5.07 34.86
C LEU H 263 -18.53 -4.57 35.97
N LYS H 264 -18.28 -3.33 36.42
CA LYS H 264 -19.10 -2.79 37.50
C LYS H 264 -20.38 -2.15 36.97
N MET H 265 -20.23 -1.03 36.25
CA MET H 265 -21.25 0.00 36.26
C MET H 265 -20.86 1.03 35.21
N ASN H 266 -21.38 2.25 35.34
CA ASN H 266 -21.05 3.49 34.65
C ASN H 266 -19.60 3.70 34.23
N PRO H 267 -18.53 3.38 35.06
CA PRO H 267 -17.16 3.58 34.52
C PRO H 267 -16.75 2.63 33.41
N ALA H 268 -17.57 1.63 33.07
CA ALA H 268 -17.44 0.99 31.77
C ALA H 268 -17.84 2.00 30.71
N LYS H 269 -16.87 2.47 29.92
CA LYS H 269 -17.08 3.64 29.09
C LYS H 269 -17.91 3.31 27.86
N ILE H 270 -18.44 4.36 27.26
CA ILE H 270 -19.31 4.25 26.13
C ILE H 270 -18.53 4.63 24.87
N ARG H 271 -19.18 4.46 23.71
CA ARG H 271 -18.70 4.93 22.40
C ARG H 271 -17.46 4.17 21.95
N GLU H 272 -17.31 2.95 22.50
CA GLU H 272 -16.10 2.13 22.41
C GLU H 272 -14.85 2.91 22.79
N ASN H 273 -14.96 3.72 23.84
CA ASN H 273 -13.82 4.27 24.57
C ASN H 273 -13.46 3.35 25.72
N THR H 274 -13.70 2.08 25.55
CA THR H 274 -13.90 1.17 26.64
C THR H 274 -12.88 0.05 26.60
N ILE H 275 -13.09 -0.90 27.47
CA ILE H 275 -12.23 -2.05 27.64
C ILE H 275 -12.35 -2.97 26.43
N TYR H 276 -11.21 -3.43 25.93
CA TYR H 276 -11.18 -4.43 24.86
C TYR H 276 -10.50 -5.67 25.43
N LEU H 277 -11.08 -6.83 25.15
CA LEU H 277 -10.44 -8.11 25.46
C LEU H 277 -9.72 -8.58 24.21
N VAL H 278 -8.41 -8.79 24.32
CA VAL H 278 -7.57 -9.16 23.18
C VAL H 278 -6.88 -10.47 23.51
N ARG H 279 -6.96 -11.44 22.60
CA ARG H 279 -6.26 -12.69 22.76
C ARG H 279 -5.42 -12.96 21.53
N SER H 280 -4.37 -13.76 21.68
CA SER H 280 -3.48 -14.06 20.56
C SER H 280 -3.27 -15.57 20.45
N HIS H 281 -4.21 -16.24 19.80
CA HIS H 281 -4.22 -17.70 19.78
C HIS H 281 -3.34 -18.20 18.63
N PHE H 282 -3.37 -19.49 18.33
CA PHE H 282 -2.65 -20.00 17.17
C PHE H 282 -3.29 -21.27 16.65
N GLN H 283 -2.87 -21.65 15.45
CA GLN H 283 -3.20 -22.93 14.84
C GLN H 283 -1.91 -23.58 14.36
N THR H 284 -1.85 -24.90 14.42
CA THR H 284 -0.67 -25.62 13.98
C THR H 284 -1.06 -27.01 13.52
N SER H 285 -0.08 -27.73 12.98
CA SER H 285 -0.36 -29.02 12.36
C SER H 285 0.91 -29.86 12.35
N LEU H 286 0.74 -31.11 11.95
CA LEU H 286 1.85 -32.06 11.99
C LEU H 286 2.87 -31.77 10.92
N GLU H 287 2.44 -31.36 9.72
CA GLU H 287 3.41 -31.11 8.66
C GLU H 287 4.17 -29.81 8.91
N ILE H 288 3.58 -28.86 9.63
CA ILE H 288 4.32 -27.69 10.07
C ILE H 288 5.34 -28.08 11.13
N LEU H 289 4.98 -29.04 11.99
CA LEU H 289 5.97 -29.58 12.93
C LEU H 289 7.07 -30.34 12.21
N GLN H 290 6.75 -31.04 11.11
CA GLN H 290 7.77 -31.79 10.39
C GLN H 290 8.74 -30.85 9.69
N LYS H 291 8.24 -29.74 9.15
CA LYS H 291 9.15 -28.76 8.58
C LYS H 291 9.93 -28.05 9.67
N ALA H 292 9.39 -27.96 10.88
CA ALA H 292 10.13 -27.39 11.98
C ALA H 292 11.29 -28.27 12.40
N VAL H 293 11.05 -29.58 12.50
CA VAL H 293 12.10 -30.52 12.89
C VAL H 293 13.16 -30.62 11.80
N ALA H 294 12.74 -30.63 10.54
CA ALA H 294 13.69 -30.71 9.44
C ALA H 294 14.53 -29.44 9.32
N MET H 295 13.94 -28.29 9.63
CA MET H 295 14.70 -27.05 9.57
C MET H 295 15.71 -26.98 10.71
N GLU H 296 15.32 -27.44 11.90
CA GLU H 296 16.26 -27.46 13.03
C GLU H 296 17.40 -28.43 12.80
N GLU H 297 17.13 -29.56 12.15
CA GLU H 297 18.21 -30.48 11.85
C GLU H 297 19.10 -29.97 10.72
N LYS H 298 18.55 -29.15 9.82
CA LYS H 298 19.38 -28.50 8.81
C LYS H 298 20.37 -27.53 9.44
N HIS H 299 19.88 -26.59 10.25
CA HIS H 299 20.76 -25.60 10.84
C HIS H 299 21.72 -26.22 11.86
N GLN H 300 21.30 -27.31 12.50
CA GLN H 300 22.24 -28.02 13.37
C GLN H 300 23.34 -28.70 12.56
N SER H 301 22.98 -29.27 11.41
CA SER H 301 23.98 -29.91 10.56
C SER H 301 24.96 -28.90 9.98
N ALA H 302 24.48 -27.69 9.67
CA ALA H 302 25.38 -26.66 9.16
C ALA H 302 26.31 -26.15 10.25
N ASP H 303 25.80 -26.04 11.49
CA ASP H 303 26.65 -25.54 12.57
C ASP H 303 27.71 -26.54 12.96
N ILE H 304 27.44 -27.84 12.83
CA ILE H 304 28.50 -28.81 13.07
C ILE H 304 29.37 -28.93 11.82
N ALA H 305 28.88 -28.49 10.67
CA ALA H 305 29.69 -28.55 9.46
C ALA H 305 30.81 -27.52 9.46
N LYS H 306 30.50 -26.28 9.84
CA LYS H 306 31.44 -25.18 9.63
C LYS H 306 32.25 -24.84 10.86
N VAL H 307 32.66 -25.84 11.64
CA VAL H 307 33.52 -25.60 12.79
C VAL H 307 34.85 -26.33 12.58
N PRO H 308 35.91 -25.63 12.13
CA PRO H 308 37.07 -26.32 11.56
C PRO H 308 37.93 -27.15 12.51
N ALA H 309 38.58 -26.51 13.48
CA ALA H 309 39.59 -27.10 14.36
C ALA H 309 40.05 -26.02 15.32
N THR H 310 40.91 -26.42 16.27
CA THR H 310 41.69 -25.54 17.15
C THR H 310 40.89 -24.52 17.94
N MET I 1 -9.04 -15.96 51.25
CA MET I 1 -9.48 -15.82 52.62
C MET I 1 -9.35 -14.35 53.04
N THR I 2 -9.95 -14.00 54.17
CA THR I 2 -9.78 -12.69 54.78
C THR I 2 -9.55 -12.89 56.27
N ILE I 3 -8.75 -12.02 56.87
CA ILE I 3 -8.40 -12.11 58.28
C ILE I 3 -8.65 -10.77 58.93
N LYS I 4 -9.37 -10.76 60.06
CA LYS I 4 -9.58 -9.55 60.81
C LYS I 4 -8.31 -9.16 61.57
N TYR I 5 -8.33 -7.96 62.14
CA TYR I 5 -7.27 -7.58 63.06
C TYR I 5 -7.43 -8.32 64.37
N LEU I 6 -6.27 -8.67 64.96
CA LEU I 6 -6.18 -9.58 66.12
C LEU I 6 -6.90 -10.89 65.84
N SER I 7 -6.39 -11.63 64.86
CA SER I 7 -7.05 -12.85 64.41
C SER I 7 -6.05 -13.80 63.78
N SER I 8 -6.56 -14.96 63.35
CA SER I 8 -5.77 -15.99 62.70
C SER I 8 -6.63 -16.75 61.71
N GLU I 9 -6.00 -17.38 60.73
CA GLU I 9 -6.72 -18.21 59.78
C GLU I 9 -5.78 -19.22 59.15
N THR I 10 -6.25 -20.46 59.04
CA THR I 10 -5.56 -21.52 58.34
C THR I 10 -6.17 -21.69 56.95
N GLU I 11 -5.61 -22.64 56.20
CA GLU I 11 -5.97 -22.84 54.81
C GLU I 11 -5.45 -24.21 54.38
N LYS I 12 -6.23 -24.90 53.55
CA LYS I 12 -5.79 -26.16 52.97
C LYS I 12 -6.05 -26.15 51.47
N LEU I 13 -5.14 -26.77 50.72
CA LEU I 13 -5.25 -26.86 49.27
C LEU I 13 -4.92 -28.29 48.88
N MET I 14 -5.82 -28.96 48.16
CA MET I 14 -5.71 -30.41 48.04
C MET I 14 -5.33 -30.89 46.64
N ASN I 15 -5.90 -30.30 45.58
CA ASN I 15 -5.55 -30.71 44.23
C ASN I 15 -5.43 -29.47 43.36
N GLN I 16 -4.22 -28.91 43.32
CA GLN I 16 -3.92 -27.74 42.50
C GLN I 16 -2.54 -27.93 41.92
N THR I 17 -2.11 -26.97 41.13
CA THR I 17 -0.70 -26.78 40.81
C THR I 17 -0.40 -25.35 41.23
N VAL I 18 0.22 -25.22 42.38
CA VAL I 18 0.28 -23.96 43.11
C VAL I 18 1.69 -23.40 43.10
N SER I 19 1.80 -22.10 42.81
CA SER I 19 3.11 -21.45 42.73
C SER I 19 2.99 -20.07 43.36
N GLY I 20 3.27 -19.98 44.65
CA GLY I 20 3.37 -18.69 45.28
C GLY I 20 2.09 -18.27 45.99
N ILE I 21 2.21 -17.22 46.78
CA ILE I 21 1.13 -16.73 47.63
C ILE I 21 0.95 -15.24 47.37
N ASP I 22 -0.27 -14.85 47.02
CA ASP I 22 -0.64 -13.45 46.98
C ASP I 22 -0.80 -12.91 48.39
N VAL I 23 -0.41 -11.65 48.57
CA VAL I 23 -0.80 -10.89 49.75
C VAL I 23 -1.30 -9.53 49.28
N CYS I 24 -2.56 -9.22 49.56
CA CYS I 24 -3.12 -7.92 49.30
C CYS I 24 -3.55 -7.30 50.62
N PHE I 25 -3.84 -6.01 50.60
CA PHE I 25 -4.41 -5.28 51.72
C PHE I 25 -5.49 -4.33 51.21
N THR I 26 -6.26 -3.79 52.15
CA THR I 26 -7.21 -2.74 51.83
C THR I 26 -7.30 -1.82 53.03
N LEU I 27 -6.49 -0.77 53.05
CA LEU I 27 -6.45 0.14 54.18
C LEU I 27 -7.58 1.16 54.05
N ILE I 28 -8.42 1.23 55.07
CA ILE I 28 -9.48 2.23 55.14
C ILE I 28 -9.11 3.19 56.25
N GLY I 29 -8.81 4.43 55.88
CA GLY I 29 -8.40 5.42 56.83
C GLY I 29 -9.53 5.94 57.68
N VAL I 30 -9.16 6.60 58.78
CA VAL I 30 -10.15 7.26 59.61
C VAL I 30 -10.63 8.55 58.94
N ASP I 31 -9.70 9.40 58.54
CA ASP I 31 -10.02 10.71 57.99
C ASP I 31 -9.24 10.89 56.69
N ASP I 32 -9.66 11.88 55.91
CA ASP I 32 -9.03 12.12 54.61
C ASP I 32 -7.61 12.65 54.76
N ASP I 33 -7.36 13.46 55.79
CA ASP I 33 -6.02 14.00 55.98
C ASP I 33 -5.03 12.97 56.51
N SER I 34 -5.50 11.81 56.95
CA SER I 34 -4.60 10.69 57.18
C SER I 34 -3.96 10.25 55.86
N PHE I 35 -4.77 10.12 54.81
CA PHE I 35 -4.28 9.81 53.48
C PHE I 35 -4.16 11.05 52.61
N ALA I 36 -3.88 12.20 53.22
CA ALA I 36 -3.43 13.35 52.45
C ALA I 36 -2.09 13.08 51.81
N SER I 37 -1.24 12.33 52.50
CA SER I 37 -0.03 11.77 51.94
C SER I 37 -0.21 10.27 51.73
N GLY I 38 0.70 9.66 51.00
CA GLY I 38 0.64 8.23 50.79
C GLY I 38 1.04 7.47 52.04
N SER I 39 0.52 6.25 52.16
CA SER I 39 0.78 5.42 53.33
C SER I 39 2.17 4.82 53.20
N LYS I 40 3.17 5.59 53.62
CA LYS I 40 4.52 5.07 53.75
C LYS I 40 4.55 4.05 54.88
N ASN I 41 4.83 2.80 54.54
CA ASN I 41 4.69 1.68 55.48
C ASN I 41 5.76 1.77 56.54
N ASP I 42 5.35 2.06 57.77
CA ASP I 42 6.27 2.10 58.89
C ASP I 42 6.67 0.68 59.28
N TYR I 43 7.93 0.56 59.72
CA TYR I 43 8.46 -0.71 60.21
C TYR I 43 8.79 -0.65 61.70
N ILE I 44 9.63 0.29 62.12
CA ILE I 44 10.33 0.15 63.38
C ILE I 44 9.45 0.59 64.54
N SER I 45 9.24 1.89 64.63
CA SER I 45 8.70 2.55 65.82
C SER I 45 8.58 4.04 65.53
N ASP I 46 8.09 4.77 66.53
CA ASP I 46 8.22 6.22 66.72
C ASP I 46 7.37 7.06 65.78
N THR I 47 6.76 6.44 64.77
CA THR I 47 5.72 7.05 63.95
C THR I 47 4.62 6.03 63.71
N PRO I 48 3.99 5.50 64.79
CA PRO I 48 3.15 4.30 64.58
C PRO I 48 1.78 4.62 64.00
N LYS I 49 1.78 5.22 62.82
CA LYS I 49 0.56 5.69 62.20
C LYS I 49 -0.06 4.65 61.28
N PHE I 50 0.65 4.28 60.22
CA PHE I 50 0.13 3.51 59.12
C PHE I 50 0.41 2.03 59.34
N LEU I 51 0.26 1.29 58.24
CA LEU I 51 0.49 -0.15 58.21
C LEU I 51 1.90 -0.51 58.66
N ASP I 52 1.99 -1.56 59.48
CA ASP I 52 3.27 -2.16 59.83
C ASP I 52 3.17 -3.64 59.46
N PRO I 53 3.82 -4.06 58.37
CA PRO I 53 3.79 -5.48 57.99
C PRO I 53 4.80 -6.35 58.73
N SER I 54 5.40 -5.85 59.81
CA SER I 54 6.29 -6.68 60.60
C SER I 54 5.53 -7.66 61.46
N ASN I 55 4.23 -7.43 61.65
CA ASN I 55 3.46 -8.21 62.61
C ASN I 55 2.50 -9.18 61.95
N VAL I 56 2.85 -9.71 60.79
CA VAL I 56 2.07 -10.76 60.16
C VAL I 56 3.01 -11.95 59.98
N HIS I 57 2.56 -13.13 60.41
CA HIS I 57 3.44 -14.29 60.49
C HIS I 57 2.89 -15.40 59.60
N ILE I 58 3.22 -15.33 58.31
CA ILE I 58 2.77 -16.33 57.35
C ILE I 58 3.66 -17.56 57.48
N LYS I 59 3.05 -18.67 57.88
CA LYS I 59 3.73 -19.96 57.92
C LYS I 59 3.08 -20.90 56.92
N ALA I 60 3.86 -21.46 56.02
CA ALA I 60 3.33 -22.44 55.10
C ALA I 60 3.86 -23.81 55.48
N THR I 61 3.10 -24.84 55.13
CA THR I 61 3.58 -26.19 55.38
C THR I 61 2.99 -27.13 54.35
N LEU I 62 3.76 -28.17 54.02
CA LEU I 62 3.39 -29.14 53.01
C LEU I 62 3.30 -30.50 53.66
N LYS I 63 2.07 -30.98 53.85
CA LYS I 63 1.83 -32.33 54.31
C LYS I 63 1.89 -33.26 53.12
N ARG I 64 3.00 -33.97 52.95
CA ARG I 64 3.29 -34.63 51.69
C ARG I 64 3.72 -36.07 51.95
N GLY I 65 2.95 -37.02 51.42
CA GLY I 65 3.31 -38.43 51.47
C GLY I 65 3.44 -39.00 52.87
N GLY I 66 2.57 -38.56 53.78
CA GLY I 66 2.72 -38.95 55.17
C GLY I 66 3.83 -38.23 55.91
N LYS I 67 4.41 -37.19 55.33
CA LYS I 67 5.44 -36.42 55.98
C LYS I 67 5.08 -34.93 55.97
N ASP I 68 5.76 -34.20 56.83
CA ASP I 68 5.57 -32.76 56.98
C ASP I 68 6.80 -32.03 56.46
N TYR I 69 6.58 -30.85 55.89
CA TYR I 69 7.68 -30.01 55.43
C TYR I 69 7.32 -28.57 55.80
N VAL I 70 8.24 -27.88 56.45
CA VAL I 70 7.97 -26.56 56.98
C VAL I 70 8.48 -25.50 56.01
N LEU I 71 7.68 -24.46 55.79
CA LEU I 71 7.99 -23.42 54.83
C LEU I 71 7.74 -22.05 55.45
N PHE I 72 8.44 -21.05 54.89
CA PHE I 72 8.11 -19.63 55.11
C PHE I 72 8.19 -19.20 56.57
N SER I 73 9.40 -18.96 57.07
CA SER I 73 9.61 -18.58 58.47
C SER I 73 9.11 -17.16 58.75
N GLU I 74 7.78 -17.02 58.67
CA GLU I 74 6.92 -16.08 59.41
C GLU I 74 7.46 -14.67 59.61
N ASN I 75 7.67 -13.96 58.52
CA ASN I 75 7.53 -12.51 58.58
C ASN I 75 7.08 -11.99 57.23
N LEU I 76 5.94 -11.29 57.20
CA LEU I 76 5.46 -10.74 55.95
C LEU I 76 6.35 -9.62 55.46
N ALA I 77 6.99 -8.89 56.37
CA ALA I 77 7.94 -7.86 55.94
C ALA I 77 9.17 -8.48 55.31
N LEU I 78 9.64 -9.61 55.87
CA LEU I 78 10.77 -10.32 55.27
C LEU I 78 10.42 -10.89 53.90
N LEU I 79 9.24 -11.48 53.77
CA LEU I 79 8.87 -12.02 52.47
C LEU I 79 8.59 -10.92 51.47
N ALA I 80 8.17 -9.74 51.95
CA ALA I 80 7.94 -8.63 51.04
C ALA I 80 9.26 -8.06 50.53
N LYS I 81 10.24 -7.87 51.42
CA LYS I 81 11.53 -7.35 50.99
C LYS I 81 12.27 -8.35 50.12
N TYR I 82 12.22 -9.63 50.48
CA TYR I 82 12.97 -10.64 49.74
C TYR I 82 12.34 -10.91 48.37
N SER I 83 11.02 -10.95 48.29
CA SER I 83 10.39 -11.09 46.98
C SER I 83 10.54 -9.82 46.17
N THR I 84 10.09 -8.69 46.71
CA THR I 84 10.17 -7.41 46.00
C THR I 84 11.45 -6.68 46.33
N ILE I 85 12.59 -7.35 46.18
CA ILE I 85 13.85 -6.61 46.15
C ILE I 85 14.07 -6.01 44.77
N THR I 86 13.49 -6.61 43.73
CA THR I 86 13.51 -6.06 42.38
C THR I 86 12.11 -5.72 41.91
N GLN I 87 11.10 -6.00 42.72
CA GLN I 87 9.72 -5.70 42.38
C GLN I 87 9.19 -4.68 43.38
N GLY I 88 7.90 -4.38 43.32
CA GLY I 88 7.28 -3.64 44.39
C GLY I 88 7.68 -2.18 44.44
N ARG I 89 7.76 -1.65 45.66
CA ARG I 89 8.23 -0.33 46.08
C ARG I 89 7.24 0.77 45.70
N ASP I 90 6.20 0.42 44.94
CA ASP I 90 5.11 1.35 44.63
C ASP I 90 3.75 0.74 44.96
N GLN I 91 3.54 -0.54 44.67
CA GLN I 91 2.31 -1.18 45.06
C GLN I 91 2.43 -1.85 46.41
N TRP I 92 3.61 -1.82 47.04
CA TRP I 92 3.77 -2.27 48.40
C TRP I 92 4.26 -1.19 49.34
N GLU I 93 5.37 -0.52 48.99
CA GLU I 93 5.97 0.42 49.93
C GLU I 93 5.27 1.77 49.91
N GLU I 94 4.49 2.07 48.89
CA GLU I 94 3.86 3.38 48.79
C GLU I 94 2.36 3.32 48.55
N GLY I 95 1.85 2.19 48.10
CA GLY I 95 0.41 2.00 48.02
C GLY I 95 -0.20 2.58 46.75
N VAL I 96 -1.38 2.06 46.44
CA VAL I 96 -2.15 2.45 45.26
C VAL I 96 -3.50 2.98 45.74
N LYS I 97 -3.85 4.20 45.34
CA LYS I 97 -5.09 4.81 45.79
C LYS I 97 -6.29 4.19 45.09
N LEU I 98 -7.41 4.15 45.79
CA LEU I 98 -8.70 3.83 45.19
C LEU I 98 -9.79 4.82 45.55
N ALA I 99 -9.72 5.45 46.72
CA ALA I 99 -10.71 6.43 47.13
C ALA I 99 -10.02 7.50 47.98
N ALA I 100 -10.84 8.37 48.56
CA ALA I 100 -10.30 9.39 49.45
C ALA I 100 -9.87 8.80 50.80
N LYS I 101 -10.34 7.60 51.13
CA LYS I 101 -9.93 6.91 52.34
C LYS I 101 -9.34 5.54 52.08
N GLU I 102 -9.36 5.06 50.84
CA GLU I 102 -8.97 3.69 50.53
C GLU I 102 -7.66 3.69 49.77
N MET I 103 -6.67 2.99 50.31
CA MET I 103 -5.40 2.74 49.64
C MET I 103 -5.02 1.29 49.88
N VAL I 104 -4.52 0.62 48.86
CA VAL I 104 -4.24 -0.81 48.96
C VAL I 104 -2.75 -1.05 48.90
N HIS I 105 -2.35 -2.29 49.16
CA HIS I 105 -0.96 -2.72 49.11
C HIS I 105 -0.91 -4.13 48.54
N LEU I 106 0.14 -4.43 47.79
CA LEU I 106 0.20 -5.67 47.03
C LEU I 106 1.63 -6.21 47.00
N VAL I 107 1.78 -7.50 47.29
CA VAL I 107 2.99 -8.26 46.95
C VAL I 107 2.58 -9.63 46.45
N TYR I 108 3.44 -10.20 45.61
CA TYR I 108 3.35 -11.58 45.21
C TYR I 108 4.58 -12.30 45.70
N ILE I 109 4.38 -13.42 46.40
CA ILE I 109 5.48 -14.10 47.08
C ILE I 109 5.62 -15.48 46.47
N PRO I 110 6.43 -15.66 45.43
CA PRO I 110 6.61 -17.00 44.87
C PRO I 110 7.48 -17.87 45.77
N PHE I 111 7.37 -19.18 45.53
CA PHE I 111 7.97 -20.15 46.43
C PHE I 111 9.49 -20.14 46.33
N SER I 112 10.03 -20.09 45.12
CA SER I 112 11.46 -19.87 44.98
C SER I 112 11.82 -18.44 45.28
N GLY I 113 10.89 -17.52 45.05
CA GLY I 113 11.11 -16.11 45.21
C GLY I 113 11.47 -15.40 43.92
N ASN I 114 12.17 -16.07 43.02
CA ASN I 114 12.48 -15.48 41.72
C ASN I 114 11.23 -15.50 40.86
N THR I 115 10.71 -14.30 40.56
CA THR I 115 9.44 -14.20 39.84
C THR I 115 9.56 -14.63 38.39
N ASN I 116 10.75 -14.61 37.81
CA ASN I 116 10.96 -15.05 36.44
C ASN I 116 11.41 -16.50 36.36
N TRP I 117 11.73 -17.13 37.48
CA TRP I 117 12.07 -18.54 37.49
C TRP I 117 11.40 -19.21 38.68
N PRO I 118 10.10 -19.51 38.61
CA PRO I 118 9.38 -19.98 39.79
C PRO I 118 9.44 -21.49 39.95
N ALA I 119 8.91 -21.96 41.07
CA ALA I 119 8.71 -23.37 41.32
C ALA I 119 7.23 -23.66 41.52
N HIS I 120 6.78 -24.84 41.10
CA HIS I 120 5.35 -25.12 41.02
C HIS I 120 5.05 -26.37 41.84
N ILE I 121 4.51 -26.19 43.03
CA ILE I 121 4.16 -27.32 43.89
C ILE I 121 2.98 -28.07 43.28
N ASN I 122 3.18 -29.35 43.00
CA ASN I 122 2.10 -30.22 42.58
C ASN I 122 1.45 -30.87 43.79
N LEU I 123 0.31 -31.49 43.53
CA LEU I 123 -0.46 -32.17 44.57
C LEU I 123 -1.04 -33.46 44.01
N LYS I 124 -1.36 -34.37 44.90
CA LYS I 124 -1.93 -35.66 44.56
C LYS I 124 -3.15 -35.93 45.44
N ASP I 125 -3.62 -37.17 45.41
CA ASP I 125 -4.84 -37.60 46.09
C ASP I 125 -4.81 -37.41 47.60
N ASN I 126 -3.64 -37.46 48.23
CA ASN I 126 -3.58 -37.44 49.69
C ASN I 126 -2.87 -36.23 50.28
N ASP I 127 -1.89 -35.67 49.58
CA ASP I 127 -1.13 -34.56 50.14
C ASP I 127 -1.96 -33.28 50.18
N VAL I 128 -1.48 -32.33 50.95
CA VAL I 128 -2.19 -31.06 51.11
C VAL I 128 -1.19 -29.97 51.47
N LEU I 129 -1.33 -28.83 50.80
CA LEU I 129 -0.53 -27.66 51.10
C LEU I 129 -1.34 -26.76 52.03
N GLU I 130 -0.82 -26.52 53.22
CA GLU I 130 -1.51 -25.72 54.22
C GLU I 130 -0.84 -24.36 54.36
N VAL I 131 -1.65 -23.34 54.64
CA VAL I 131 -1.15 -21.99 54.88
C VAL I 131 -1.80 -21.46 56.14
N TYR I 132 -0.98 -21.10 57.13
CA TYR I 132 -1.43 -20.57 58.40
C TYR I 132 -0.91 -19.15 58.53
N VAL I 133 -1.81 -18.19 58.73
CA VAL I 133 -1.44 -16.78 58.81
C VAL I 133 -2.03 -16.19 60.09
N ASN I 134 -1.17 -15.54 60.88
CA ASN I 134 -1.60 -14.76 62.03
C ASN I 134 -1.57 -13.28 61.69
N VAL I 135 -2.44 -12.52 62.33
CA VAL I 135 -2.36 -11.06 62.35
C VAL I 135 -2.48 -10.64 63.79
N VAL I 136 -1.43 -10.01 64.31
CA VAL I 136 -1.31 -9.81 65.75
C VAL I 136 -1.35 -8.32 66.09
N ARG I 137 -1.18 -8.00 67.37
CA ARG I 137 -1.32 -6.65 67.89
C ARG I 137 -0.32 -5.69 67.26
N GLY I 138 -0.81 -4.55 66.80
CA GLY I 138 0.06 -3.54 66.23
C GLY I 138 0.27 -3.68 64.75
N ALA I 139 -0.75 -4.10 64.00
CA ALA I 139 -0.61 -4.26 62.57
C ALA I 139 -1.11 -3.06 61.79
N TYR I 140 -1.83 -2.13 62.41
CA TYR I 140 -2.39 -1.01 61.67
C TYR I 140 -2.04 0.34 62.24
N GLY I 141 -1.80 0.44 63.54
CA GLY I 141 -1.36 1.69 64.12
C GLY I 141 -2.45 2.73 64.28
N ALA I 142 -2.05 4.00 64.32
CA ALA I 142 -2.92 5.08 64.73
C ALA I 142 -3.95 5.46 63.68
N GLU I 143 -3.49 5.86 62.50
CA GLU I 143 -4.37 6.51 61.53
C GLU I 143 -5.11 5.54 60.63
N LEU I 144 -5.32 4.30 61.07
CA LEU I 144 -6.02 3.30 60.27
C LEU I 144 -7.11 2.63 61.09
N ASP I 145 -8.21 2.30 60.42
CA ASP I 145 -9.31 1.57 61.03
C ASP I 145 -8.97 0.08 61.07
N ALA I 146 -9.79 -0.68 61.78
CA ALA I 146 -9.57 -2.10 62.00
C ALA I 146 -10.33 -2.98 61.02
N ASN I 147 -10.48 -2.56 59.77
CA ASN I 147 -11.34 -3.28 58.83
C ASN I 147 -10.67 -3.51 57.47
N ALA I 148 -9.45 -4.01 57.48
CA ALA I 148 -8.76 -4.34 56.23
C ALA I 148 -9.04 -5.78 55.81
N CYS I 149 -8.83 -6.05 54.53
CA CYS I 149 -9.14 -7.36 53.95
C CYS I 149 -7.94 -7.82 53.14
N ILE I 150 -7.50 -9.05 53.40
CA ILE I 150 -6.26 -9.55 52.83
C ILE I 150 -6.57 -10.65 51.83
N CYS I 151 -5.54 -11.19 51.17
CA CYS I 151 -5.72 -12.18 50.13
C CYS I 151 -5.10 -13.53 50.50
N ASP I 152 -5.14 -14.45 49.54
CA ASP I 152 -4.91 -15.86 49.71
C ASP I 152 -3.87 -16.38 48.73
N VAL I 153 -3.79 -17.71 48.62
CA VAL I 153 -2.80 -18.35 47.77
C VAL I 153 -3.25 -18.28 46.31
N ARG I 154 -2.30 -18.06 45.41
CA ARG I 154 -2.59 -18.14 43.98
C ARG I 154 -2.31 -19.52 43.44
N THR I 155 -2.66 -19.72 42.18
CA THR I 155 -2.42 -20.96 41.48
C THR I 155 -1.54 -20.71 40.26
N SER I 156 -1.35 -21.75 39.46
CA SER I 156 -0.47 -21.75 38.32
C SER I 156 -0.98 -22.76 37.32
N PRO I 157 -0.56 -22.69 36.05
CA PRO I 157 -0.95 -23.73 35.09
C PRO I 157 -0.29 -25.06 35.42
N SER I 158 -0.64 -26.09 34.64
CA SER I 158 0.04 -27.37 34.81
C SER I 158 1.43 -27.30 34.20
N ILE I 159 2.29 -26.48 34.80
CA ILE I 159 3.71 -26.36 34.49
C ILE I 159 4.35 -27.00 35.70
N GLY I 160 3.55 -27.77 36.43
CA GLY I 160 4.02 -28.56 37.54
C GLY I 160 4.77 -29.77 37.04
N VAL I 161 5.96 -29.51 36.54
CA VAL I 161 6.88 -30.51 36.02
C VAL I 161 7.93 -30.65 37.10
N GLU I 162 7.49 -30.47 38.35
CA GLU I 162 8.29 -29.98 39.45
C GLU I 162 9.47 -30.88 39.81
N LYS I 163 10.64 -30.26 39.97
CA LYS I 163 11.87 -30.99 40.22
C LYS I 163 12.21 -31.09 41.70
N PHE I 164 11.67 -30.23 42.55
CA PHE I 164 12.17 -30.11 43.91
C PHE I 164 11.10 -29.58 44.84
N ILE I 165 11.47 -29.37 46.09
CA ILE I 165 10.56 -28.76 47.06
C ILE I 165 11.25 -27.53 47.62
N PRO I 166 10.84 -26.33 47.20
CA PRO I 166 11.61 -25.12 47.49
C PRO I 166 11.35 -24.60 48.90
N PHE I 167 12.42 -24.43 49.67
CA PHE I 167 12.36 -23.90 51.03
C PHE I 167 12.88 -22.47 51.03
N MET I 168 12.61 -21.75 52.12
CA MET I 168 13.04 -20.37 52.24
C MET I 168 13.21 -20.03 53.71
N THR I 169 14.28 -19.32 54.05
CA THR I 169 14.52 -18.99 55.46
C THR I 169 15.38 -17.74 55.58
N SER I 170 15.51 -17.27 56.83
CA SER I 170 16.19 -16.03 57.17
C SER I 170 17.24 -16.28 58.26
N TYR I 171 18.01 -15.25 58.59
CA TYR I 171 19.04 -15.38 59.61
C TYR I 171 18.90 -14.42 60.78
N SER I 172 18.60 -13.15 60.52
CA SER I 172 18.46 -12.08 61.53
C SER I 172 19.72 -11.86 62.37
N ILE I 173 20.76 -11.28 61.77
CA ILE I 173 22.04 -10.99 62.44
C ILE I 173 21.81 -10.08 63.66
N ARG I 174 22.79 -10.08 64.57
CA ARG I 174 22.65 -9.40 65.84
C ARG I 174 22.98 -7.91 65.72
N ALA I 175 23.14 -7.27 66.88
CA ALA I 175 23.02 -5.83 66.99
C ALA I 175 24.26 -5.11 66.47
N ASN I 176 25.39 -5.31 67.13
CA ASN I 176 26.62 -4.62 66.72
C ASN I 176 27.71 -5.63 66.42
N GLN I 177 27.33 -6.70 65.73
CA GLN I 177 28.29 -7.68 65.25
C GLN I 177 29.22 -7.03 64.24
N ALA I 178 30.50 -7.37 64.32
CA ALA I 178 31.48 -6.87 63.37
C ALA I 178 31.87 -7.93 62.37
N THR I 179 31.77 -9.20 62.75
CA THR I 179 32.20 -10.33 61.93
C THR I 179 31.32 -11.52 62.24
N ASP I 180 30.62 -12.02 61.23
CA ASP I 180 29.73 -13.15 61.46
C ASP I 180 29.85 -14.12 60.29
N LEU I 181 30.38 -15.30 60.57
CA LEU I 181 30.44 -16.39 59.61
C LEU I 181 29.14 -17.16 59.72
N VAL I 182 28.30 -17.06 58.70
CA VAL I 182 26.99 -17.70 58.73
C VAL I 182 27.06 -18.91 57.81
N ASN I 183 27.18 -20.08 58.42
CA ASN I 183 27.17 -21.33 57.67
C ASN I 183 25.75 -21.66 57.23
N LEU I 184 25.59 -22.06 55.97
CA LEU I 184 24.25 -22.26 55.47
C LEU I 184 24.05 -23.70 55.05
N GLY I 185 22.92 -23.95 54.40
CA GLY I 185 22.45 -25.30 54.12
C GLY I 185 23.17 -25.98 52.98
N ASN I 186 22.50 -26.97 52.40
CA ASN I 186 23.16 -27.77 51.36
C ASN I 186 23.06 -27.10 50.01
N ASP I 187 21.86 -26.97 49.44
CA ASP I 187 21.70 -26.59 48.05
C ASP I 187 20.83 -25.34 47.99
N VAL I 188 21.48 -24.18 47.93
CA VAL I 188 20.88 -22.92 48.39
C VAL I 188 20.27 -22.09 47.26
N THR I 189 20.97 -21.97 46.12
CA THR I 189 20.53 -21.44 44.82
C THR I 189 20.26 -19.92 44.79
N ARG I 190 20.00 -19.30 45.94
CA ARG I 190 19.72 -17.86 46.00
C ARG I 190 20.01 -17.33 47.39
N ILE I 191 20.72 -16.20 47.44
CA ILE I 191 21.13 -15.54 48.66
C ILE I 191 20.85 -14.05 48.51
N ALA I 192 20.27 -13.42 49.53
CA ALA I 192 20.07 -11.99 49.46
C ALA I 192 20.37 -11.35 50.81
N LEU I 193 20.77 -10.08 50.78
CA LEU I 193 21.01 -9.31 51.98
C LEU I 193 20.05 -8.14 52.03
N LEU I 194 19.07 -8.23 52.92
CA LEU I 194 18.03 -7.23 53.08
C LEU I 194 18.41 -6.30 54.21
N SER I 195 17.75 -5.14 54.23
CA SER I 195 17.90 -4.18 55.31
C SER I 195 16.68 -3.28 55.30
N MET I 196 16.27 -2.85 56.49
CA MET I 196 14.92 -2.33 56.69
C MET I 196 14.94 -0.94 57.29
N THR I 197 16.02 -0.19 57.09
CA THR I 197 16.11 1.17 57.61
C THR I 197 17.07 1.99 56.76
N ASN I 198 16.92 3.31 56.85
CA ASN I 198 17.81 4.26 56.17
C ASN I 198 17.97 5.45 57.12
N ASP I 199 19.07 5.46 57.87
CA ASP I 199 19.26 6.46 58.92
C ASP I 199 19.55 7.84 58.34
N VAL I 200 20.29 7.90 57.24
CA VAL I 200 20.63 9.14 56.55
C VAL I 200 20.21 8.96 55.11
N SER I 201 20.59 9.90 54.25
CA SER I 201 20.37 9.75 52.82
C SER I 201 21.14 8.54 52.27
N ASN I 202 20.88 8.22 51.01
CA ASN I 202 21.16 6.90 50.45
C ASN I 202 22.67 6.68 50.31
N ILE I 203 23.29 6.43 51.44
CA ILE I 203 24.69 6.01 51.54
C ILE I 203 24.71 4.70 52.28
N PRO I 204 25.42 3.66 51.80
CA PRO I 204 25.29 2.31 52.38
C PRO I 204 25.71 2.17 53.83
N ASN I 205 26.97 2.49 54.16
CA ASN I 205 27.50 2.57 55.53
C ASN I 205 27.35 1.29 56.36
N ALA I 206 27.18 0.14 55.70
CA ALA I 206 26.81 -1.08 56.42
C ALA I 206 27.75 -2.24 56.09
N PHE I 207 28.39 -2.21 54.93
CA PHE I 207 29.14 -3.36 54.45
C PHE I 207 30.56 -2.96 54.11
N THR I 208 31.53 -3.73 54.58
CA THR I 208 32.90 -3.57 54.15
C THR I 208 33.52 -4.84 53.58
N ASP I 209 32.90 -6.00 53.80
CA ASP I 209 33.31 -7.23 53.13
C ASP I 209 32.15 -8.22 53.17
N VAL I 210 31.97 -8.95 52.07
CA VAL I 210 31.09 -10.11 52.02
C VAL I 210 31.87 -11.23 51.34
N THR I 211 32.01 -12.36 52.02
CA THR I 211 32.77 -13.49 51.51
C THR I 211 31.81 -14.65 51.29
N LEU I 212 31.77 -15.19 50.07
CA LEU I 212 30.92 -16.32 49.77
C LEU I 212 31.77 -17.46 49.25
N SER I 213 31.59 -18.66 49.81
CA SER I 213 32.37 -19.80 49.38
C SER I 213 31.52 -21.05 49.20
N SER I 214 31.92 -21.88 48.26
CA SER I 214 31.21 -23.10 47.92
C SER I 214 32.22 -24.15 47.46
N ASP I 215 31.69 -25.29 47.00
CA ASP I 215 32.47 -26.19 46.16
C ASP I 215 32.45 -25.70 44.72
N ARG I 216 31.34 -25.09 44.31
CA ARG I 216 31.13 -24.75 42.91
C ARG I 216 31.68 -23.39 42.52
N LEU I 217 31.48 -22.36 43.35
CA LEU I 217 32.06 -21.06 43.06
C LEU I 217 32.66 -20.49 44.33
N ASP I 218 33.21 -19.29 44.19
CA ASP I 218 34.00 -18.64 45.23
C ASP I 218 34.09 -17.18 44.87
N LYS I 219 33.45 -16.31 45.65
CA LYS I 219 33.42 -14.89 45.32
C LYS I 219 33.72 -14.06 46.55
N ASN I 220 34.48 -12.98 46.35
CA ASN I 220 34.78 -12.02 47.40
C ASN I 220 34.23 -10.67 46.96
N PHE I 221 33.64 -9.94 47.91
CA PHE I 221 32.84 -8.76 47.62
C PHE I 221 33.34 -7.59 48.44
N ASN I 222 33.94 -6.63 47.76
CA ASN I 222 34.21 -5.32 48.32
C ASN I 222 32.89 -4.55 48.42
N SER I 223 32.92 -3.43 49.15
CA SER I 223 31.73 -2.63 49.37
C SER I 223 31.20 -2.04 48.06
N ASN I 224 32.10 -1.73 47.13
CA ASN I 224 31.67 -1.24 45.84
C ASN I 224 31.17 -2.39 44.97
N GLN I 225 31.81 -3.55 45.10
CA GLN I 225 31.47 -4.69 44.26
C GLN I 225 30.11 -5.26 44.60
N LEU I 226 29.62 -5.01 45.81
CA LEU I 226 28.24 -5.35 46.13
C LEU I 226 27.26 -4.52 45.32
N ILE I 227 27.55 -3.23 45.15
CA ILE I 227 26.68 -2.35 44.39
C ILE I 227 26.70 -2.74 42.91
N LEU I 228 27.84 -3.22 42.42
CA LEU I 228 27.87 -3.73 41.06
C LEU I 228 27.09 -5.03 40.93
N GLU I 229 27.31 -5.96 41.87
CA GLU I 229 26.71 -7.30 41.76
C GLU I 229 25.20 -7.27 41.93
N HIS I 230 24.67 -6.26 42.62
CA HIS I 230 23.23 -6.09 42.67
C HIS I 230 22.67 -5.67 41.32
N SER I 231 23.45 -4.97 40.52
CA SER I 231 22.97 -4.40 39.27
C SER I 231 23.10 -5.34 38.08
N LYS I 232 23.13 -6.66 38.30
CA LYS I 232 23.12 -7.61 37.21
C LYS I 232 21.76 -8.25 36.98
N CYS I 233 20.76 -7.88 37.77
CA CYS I 233 19.41 -8.39 37.60
C CYS I 233 18.45 -7.35 37.10
N ILE I 234 18.69 -6.09 37.43
CA ILE I 234 17.83 -4.99 37.04
C ILE I 234 18.37 -4.33 35.78
N GLU I 235 17.58 -4.32 34.71
CA GLU I 235 18.02 -3.70 33.47
C GLU I 235 17.81 -2.20 33.48
N ASP I 236 17.13 -1.66 34.48
CA ASP I 236 16.91 -0.23 34.57
C ASP I 236 18.22 0.45 34.93
N SER I 237 18.29 1.75 34.64
CA SER I 237 19.52 2.49 34.91
C SER I 237 19.74 2.73 36.40
N VAL I 238 18.65 2.80 37.17
CA VAL I 238 18.78 2.95 38.61
C VAL I 238 19.28 1.64 39.20
N ARG I 239 20.12 1.73 40.23
CA ARG I 239 20.88 0.57 40.66
C ARG I 239 20.10 -0.37 41.58
N SER I 240 19.03 0.10 42.23
CA SER I 240 18.32 -0.76 43.16
C SER I 240 16.86 -0.36 43.26
N HIS I 241 16.05 -1.26 43.79
CA HIS I 241 14.60 -1.11 43.86
C HIS I 241 14.07 -1.29 45.27
N ALA I 242 14.80 -0.79 46.27
CA ALA I 242 14.41 -0.97 47.67
C ALA I 242 15.07 0.13 48.48
N ASN I 243 15.12 -0.07 49.80
CA ASN I 243 16.06 0.65 50.64
C ASN I 243 17.48 0.45 50.11
N GLU I 244 18.16 1.56 49.81
CA GLU I 244 19.42 1.47 49.05
C GLU I 244 20.61 1.21 49.97
N VAL I 245 20.46 0.18 50.80
CA VAL I 245 21.51 -0.40 51.62
C VAL I 245 21.45 -1.92 51.47
N ASP I 246 20.73 -2.38 50.45
CA ASP I 246 20.53 -3.81 50.22
C ASP I 246 21.52 -4.35 49.18
N SER I 247 21.45 -5.66 48.97
CA SER I 247 22.22 -6.34 47.93
C SER I 247 21.60 -7.70 47.67
N TYR I 248 22.03 -8.33 46.59
CA TYR I 248 21.33 -9.49 46.05
C TYR I 248 22.27 -10.38 45.24
N LEU I 249 22.18 -11.70 45.49
CA LEU I 249 23.15 -12.68 44.97
C LEU I 249 22.39 -13.91 44.47
N ILE I 250 21.98 -13.90 43.20
CA ILE I 250 21.22 -15.01 42.63
C ILE I 250 22.19 -15.95 41.92
N HIS I 251 21.92 -17.27 42.00
CA HIS I 251 22.84 -18.27 41.48
C HIS I 251 22.06 -19.40 40.84
N GLU I 252 22.75 -20.51 40.58
CA GLU I 252 22.14 -21.75 40.11
C GLU I 252 22.75 -22.91 40.88
N ASP I 253 22.11 -23.26 41.99
CA ASP I 253 22.32 -24.52 42.72
C ASP I 253 23.75 -24.63 43.25
N ILE I 254 24.07 -23.69 44.14
CA ILE I 254 25.32 -23.74 44.89
C ILE I 254 25.29 -24.96 45.82
N GLU I 255 26.32 -25.79 45.72
CA GLU I 255 26.28 -27.15 46.25
C GLU I 255 26.49 -27.23 47.75
N ILE I 256 27.12 -26.22 48.34
CA ILE I 256 27.36 -26.09 49.78
C ILE I 256 27.77 -24.65 49.99
N ASP I 257 27.49 -24.04 51.14
CA ASP I 257 27.88 -22.64 51.25
C ASP I 257 28.19 -22.20 52.67
N SER I 258 29.16 -21.30 52.77
CA SER I 258 29.37 -20.51 53.97
C SER I 258 29.49 -19.06 53.53
N ALA I 259 28.80 -18.16 54.23
CA ALA I 259 28.82 -16.74 53.90
C ALA I 259 29.36 -15.97 55.08
N LYS I 260 30.60 -15.50 54.98
CA LYS I 260 31.19 -14.64 56.01
C LYS I 260 30.79 -13.21 55.74
N VAL I 261 29.82 -12.72 56.50
CA VAL I 261 29.46 -11.31 56.44
C VAL I 261 30.35 -10.55 57.38
N HIS I 262 31.06 -9.55 56.85
CA HIS I 262 32.04 -8.80 57.62
C HIS I 262 31.62 -7.33 57.58
N LEU I 263 31.00 -6.87 58.67
CA LEU I 263 30.31 -5.59 58.67
C LEU I 263 31.27 -4.44 58.90
N LYS I 264 30.82 -3.23 58.55
CA LYS I 264 31.60 -2.03 58.83
C LYS I 264 31.74 -1.77 60.31
N MET I 265 30.62 -1.45 60.98
CA MET I 265 30.73 -0.72 62.24
C MET I 265 29.37 -0.75 62.93
N ASN I 266 29.23 -0.01 64.03
CA ASN I 266 28.00 0.24 64.76
C ASN I 266 26.78 0.75 63.98
N PRO I 267 26.90 1.46 62.81
CA PRO I 267 25.68 1.69 61.99
C PRO I 267 25.00 0.44 61.44
N ALA I 268 25.58 -0.75 61.58
CA ALA I 268 24.77 -1.96 61.57
C ALA I 268 23.84 -1.88 62.75
N LYS I 269 22.55 -1.69 62.48
CA LYS I 269 21.60 -1.25 63.50
C LYS I 269 21.32 -2.34 64.51
N ILE I 270 20.85 -1.91 65.67
CA ILE I 270 20.60 -2.80 66.78
C ILE I 270 19.11 -3.15 66.79
N ARG I 271 18.77 -4.21 67.54
CA ARG I 271 17.40 -4.55 67.93
C ARG I 271 16.51 -4.82 66.73
N GLU I 272 16.94 -5.79 65.92
CA GLU I 272 16.18 -6.35 64.78
C GLU I 272 15.89 -5.33 63.69
N ASN I 273 16.55 -4.17 63.75
CA ASN I 273 16.45 -3.10 62.76
C ASN I 273 17.52 -3.27 61.69
N THR I 274 17.94 -4.50 61.45
CA THR I 274 19.26 -4.76 60.93
C THR I 274 19.21 -5.60 59.67
N ILE I 275 20.37 -6.05 59.27
CA ILE I 275 20.59 -6.69 57.99
C ILE I 275 20.22 -8.16 58.09
N TYR I 276 19.35 -8.62 57.19
CA TYR I 276 18.81 -9.96 57.26
C TYR I 276 19.31 -10.76 56.07
N LEU I 277 20.09 -11.81 56.35
CA LEU I 277 20.53 -12.76 55.34
C LEU I 277 19.39 -13.74 55.07
N VAL I 278 18.87 -13.74 53.85
CA VAL I 278 17.71 -14.55 53.49
C VAL I 278 18.09 -15.41 52.30
N ARG I 279 17.84 -16.71 52.40
CA ARG I 279 18.22 -17.67 51.37
C ARG I 279 17.01 -18.52 51.00
N SER I 280 17.03 -19.08 49.78
CA SER I 280 15.88 -19.86 49.29
C SER I 280 16.34 -21.20 48.72
N HIS I 281 16.52 -22.19 49.58
CA HIS I 281 17.10 -23.46 49.17
C HIS I 281 16.00 -24.41 48.70
N PHE I 282 16.32 -25.69 48.54
CA PHE I 282 15.31 -26.71 48.28
C PHE I 282 15.79 -28.08 48.71
N GLN I 283 14.88 -29.05 48.59
CA GLN I 283 15.19 -30.46 48.79
C GLN I 283 14.52 -31.27 47.68
N THR I 284 15.31 -32.11 47.00
CA THR I 284 14.79 -32.90 45.89
C THR I 284 15.18 -34.35 46.07
N SER I 285 14.64 -35.21 45.22
CA SER I 285 14.78 -36.65 45.38
C SER I 285 14.35 -37.38 44.12
N LEU I 286 14.58 -38.70 44.13
CA LEU I 286 14.43 -39.50 42.92
C LEU I 286 12.98 -39.66 42.53
N GLU I 287 12.09 -39.96 43.48
CA GLU I 287 10.71 -40.22 43.09
C GLU I 287 9.98 -38.94 42.72
N ILE I 288 10.43 -37.80 43.24
CA ILE I 288 9.92 -36.52 42.76
C ILE I 288 10.36 -36.31 41.32
N LEU I 289 11.60 -36.69 40.99
CA LEU I 289 12.05 -36.61 39.61
C LEU I 289 11.30 -37.58 38.69
N GLN I 290 10.89 -38.74 39.21
CA GLN I 290 10.13 -39.68 38.40
C GLN I 290 8.73 -39.16 38.12
N LYS I 291 8.12 -38.51 39.11
CA LYS I 291 6.84 -37.82 38.87
C LYS I 291 7.00 -36.71 37.84
N ALA I 292 8.16 -36.05 37.85
CA ALA I 292 8.40 -34.95 36.91
C ALA I 292 8.51 -35.46 35.47
N VAL I 293 9.27 -36.54 35.26
CA VAL I 293 9.47 -37.04 33.91
C VAL I 293 8.20 -37.65 33.36
N ALA I 294 7.44 -38.37 34.21
CA ALA I 294 6.19 -38.96 33.75
C ALA I 294 5.15 -37.89 33.44
N MET I 295 5.15 -36.79 34.21
CA MET I 295 4.23 -35.70 33.93
C MET I 295 4.59 -35.00 32.63
N GLU I 296 5.89 -34.84 32.36
CA GLU I 296 6.31 -34.23 31.09
C GLU I 296 5.94 -35.09 29.91
N GLU I 297 6.04 -36.41 30.04
CA GLU I 297 5.71 -37.26 28.91
C GLU I 297 4.21 -37.35 28.69
N LYS I 298 3.39 -37.22 29.73
CA LYS I 298 1.95 -37.22 29.52
C LYS I 298 1.48 -35.93 28.86
N HIS I 299 2.05 -34.78 29.28
CA HIS I 299 1.73 -33.52 28.62
C HIS I 299 2.22 -33.50 27.18
N GLN I 300 3.40 -34.07 26.93
CA GLN I 300 3.92 -34.09 25.57
C GLN I 300 3.12 -35.03 24.68
N SER I 301 2.62 -36.13 25.24
CA SER I 301 1.80 -37.05 24.47
C SER I 301 0.44 -36.44 24.13
N ALA I 302 -0.10 -35.63 25.05
CA ALA I 302 -1.37 -34.95 24.74
C ALA I 302 -1.17 -33.89 23.68
N ASP I 303 -0.06 -33.13 23.75
CA ASP I 303 0.19 -32.07 22.78
C ASP I 303 0.46 -32.64 21.40
N ILE I 304 1.11 -33.81 21.32
CA ILE I 304 1.28 -34.45 20.02
C ILE I 304 -0.06 -34.99 19.53
N ALA I 305 -0.92 -35.46 20.43
CA ALA I 305 -2.16 -36.11 20.00
C ALA I 305 -3.18 -35.12 19.45
N LYS I 306 -3.23 -33.91 20.00
CA LYS I 306 -4.33 -33.00 19.68
C LYS I 306 -4.00 -32.02 18.55
N VAL I 307 -3.17 -32.39 17.58
CA VAL I 307 -2.89 -31.51 16.45
C VAL I 307 -3.06 -32.25 15.14
N PRO I 308 -4.26 -32.19 14.53
CA PRO I 308 -4.60 -33.14 13.45
C PRO I 308 -3.84 -33.01 12.13
N ALA I 309 -3.99 -31.89 11.43
CA ALA I 309 -3.43 -31.61 10.10
C ALA I 309 -3.85 -30.19 9.73
N THR I 310 -3.31 -29.73 8.61
CA THR I 310 -3.58 -28.41 8.01
C THR I 310 -3.39 -27.23 8.96
N MET J 1 -22.50 -19.86 55.82
CA MET J 1 -21.08 -19.80 56.10
C MET J 1 -20.64 -18.36 56.35
N THR J 2 -19.33 -18.16 56.57
CA THR J 2 -18.80 -16.85 56.91
C THR J 2 -18.17 -16.23 55.68
N ILE J 3 -18.92 -15.37 55.01
CA ILE J 3 -18.42 -14.62 53.86
C ILE J 3 -18.54 -13.14 54.18
N LYS J 4 -17.44 -12.42 54.02
CA LYS J 4 -17.31 -11.06 54.50
C LYS J 4 -17.45 -10.07 53.35
N TYR J 5 -17.21 -8.80 53.65
CA TYR J 5 -17.08 -7.79 52.62
C TYR J 5 -15.75 -7.99 51.90
N LEU J 6 -15.78 -7.77 50.56
CA LEU J 6 -14.62 -7.94 49.67
C LEU J 6 -14.02 -9.35 49.75
N SER J 7 -14.87 -10.34 50.00
CA SER J 7 -14.42 -11.67 50.37
C SER J 7 -14.76 -12.69 49.31
N SER J 8 -14.20 -13.88 49.46
CA SER J 8 -14.43 -15.01 48.57
C SER J 8 -14.36 -16.30 49.37
N GLU J 9 -15.21 -17.27 49.02
CA GLU J 9 -15.27 -18.51 49.76
C GLU J 9 -15.91 -19.60 48.91
N THR J 10 -15.34 -20.79 48.95
CA THR J 10 -15.89 -21.96 48.29
C THR J 10 -16.71 -22.80 49.27
N GLU J 11 -17.18 -23.94 48.77
CA GLU J 11 -17.97 -24.89 49.54
C GLU J 11 -18.04 -26.18 48.75
N LYS J 12 -17.88 -27.32 49.44
CA LYS J 12 -18.05 -28.61 48.80
C LYS J 12 -18.96 -29.49 49.65
N LEU J 13 -19.74 -30.33 48.97
CA LEU J 13 -20.62 -31.30 49.62
C LEU J 13 -20.36 -32.64 48.97
N MET J 14 -20.21 -33.68 49.80
CA MET J 14 -19.66 -34.96 49.35
C MET J 14 -20.74 -36.02 49.15
N ASN J 15 -21.65 -36.19 50.11
CA ASN J 15 -22.76 -37.13 49.97
C ASN J 15 -24.01 -36.45 50.50
N GLN J 16 -24.71 -35.74 49.62
CA GLN J 16 -25.90 -34.99 50.00
C GLN J 16 -26.95 -35.19 48.92
N THR J 17 -28.17 -35.50 49.34
CA THR J 17 -29.32 -35.44 48.46
C THR J 17 -29.68 -33.97 48.41
N VAL J 18 -29.07 -33.25 47.48
CA VAL J 18 -28.97 -31.81 47.55
C VAL J 18 -29.83 -31.17 46.47
N SER J 19 -30.57 -30.14 46.87
CA SER J 19 -31.42 -29.38 45.96
C SER J 19 -31.68 -28.02 46.60
N GLY J 20 -31.13 -26.98 46.03
CA GLY J 20 -31.46 -25.65 46.50
C GLY J 20 -30.32 -24.99 47.25
N ILE J 21 -30.23 -23.68 47.07
CA ILE J 21 -29.21 -22.86 47.71
C ILE J 21 -29.93 -21.75 48.46
N ASP J 22 -29.78 -21.75 49.78
CA ASP J 22 -30.17 -20.60 50.57
C ASP J 22 -29.21 -19.45 50.28
N VAL J 23 -29.78 -18.26 50.14
CA VAL J 23 -29.01 -17.03 50.30
C VAL J 23 -29.77 -16.16 51.28
N CYS J 24 -29.20 -15.98 52.46
CA CYS J 24 -29.74 -15.08 53.46
C CYS J 24 -28.88 -13.83 53.50
N PHE J 25 -29.36 -12.81 54.19
CA PHE J 25 -28.68 -11.55 54.35
C PHE J 25 -28.86 -11.01 55.75
N THR J 26 -28.01 -10.08 56.14
CA THR J 26 -28.11 -9.39 57.41
C THR J 26 -27.46 -8.04 57.25
N LEU J 27 -28.21 -6.97 57.45
CA LEU J 27 -27.70 -5.64 57.24
C LEU J 27 -27.58 -4.92 58.59
N ILE J 28 -26.51 -4.16 58.75
CA ILE J 28 -26.16 -3.53 60.02
C ILE J 28 -26.37 -2.03 59.87
N GLY J 29 -27.21 -1.47 60.72
CA GLY J 29 -27.51 -0.05 60.64
C GLY J 29 -26.46 0.81 61.32
N VAL J 30 -26.17 1.94 60.70
CA VAL J 30 -25.24 2.89 61.30
C VAL J 30 -25.99 3.88 62.18
N ASP J 31 -26.97 4.58 61.62
CA ASP J 31 -27.77 5.54 62.37
C ASP J 31 -29.23 5.09 62.30
N ASP J 32 -30.07 5.71 63.13
CA ASP J 32 -31.47 5.29 63.20
C ASP J 32 -32.26 5.77 61.99
N ASP J 33 -31.89 6.91 61.42
CA ASP J 33 -32.57 7.36 60.21
C ASP J 33 -32.12 6.59 58.97
N SER J 34 -31.10 5.75 59.07
CA SER J 34 -30.80 4.80 58.00
C SER J 34 -31.91 3.77 57.87
N PHE J 35 -32.40 3.26 59.00
CA PHE J 35 -33.56 2.38 59.01
C PHE J 35 -34.84 3.11 59.35
N ALA J 36 -34.89 4.42 59.14
CA ALA J 36 -36.18 5.11 59.05
C ALA J 36 -36.97 4.60 57.86
N SER J 37 -36.30 4.42 56.72
CA SER J 37 -36.84 3.72 55.57
C SER J 37 -36.23 2.34 55.49
N GLY J 38 -36.93 1.41 54.85
CA GLY J 38 -36.43 0.06 54.75
C GLY J 38 -35.27 -0.05 53.78
N SER J 39 -34.53 -1.15 53.88
CA SER J 39 -33.36 -1.38 53.05
C SER J 39 -33.83 -1.94 51.70
N LYS J 40 -34.11 -1.03 50.78
CA LYS J 40 -34.39 -1.41 49.39
C LYS J 40 -33.13 -1.99 48.76
N ASN J 41 -33.31 -3.04 47.96
CA ASN J 41 -32.20 -3.61 47.21
C ASN J 41 -31.81 -2.60 46.14
N ASP J 42 -30.79 -1.80 46.43
CA ASP J 42 -30.22 -0.85 45.50
C ASP J 42 -29.68 -1.59 44.27
N TYR J 43 -30.07 -1.11 43.09
CA TYR J 43 -29.55 -1.68 41.85
C TYR J 43 -28.86 -0.66 40.97
N ILE J 44 -29.48 0.49 40.71
CA ILE J 44 -29.05 1.28 39.56
C ILE J 44 -27.95 2.26 39.95
N SER J 45 -28.33 3.29 40.71
CA SER J 45 -27.48 4.43 41.03
C SER J 45 -28.25 5.36 41.94
N ASP J 46 -27.58 6.44 42.36
CA ASP J 46 -28.14 7.67 42.91
C ASP J 46 -28.73 7.55 44.31
N THR J 47 -28.86 6.32 44.83
CA THR J 47 -29.08 6.08 46.25
C THR J 47 -28.11 5.01 46.74
N PRO J 48 -26.78 5.28 46.72
CA PRO J 48 -25.85 4.18 47.07
C PRO J 48 -25.68 4.03 48.57
N LYS J 49 -26.77 3.72 49.26
CA LYS J 49 -26.82 3.73 50.71
C LYS J 49 -27.19 2.38 51.30
N PHE J 50 -27.54 1.41 50.47
CA PHE J 50 -28.11 0.15 50.93
C PHE J 50 -27.56 -1.02 50.13
N LEU J 51 -28.25 -2.15 50.26
CA LEU J 51 -27.74 -3.42 49.75
C LEU J 51 -27.84 -3.50 48.23
N ASP J 52 -26.87 -4.15 47.61
CA ASP J 52 -26.82 -4.34 46.17
C ASP J 52 -26.62 -5.82 45.88
N PRO J 53 -27.65 -6.51 45.39
CA PRO J 53 -27.55 -7.95 45.16
C PRO J 53 -26.94 -8.35 43.83
N SER J 54 -26.40 -7.40 43.06
CA SER J 54 -25.76 -7.78 41.80
C SER J 54 -24.26 -7.95 41.96
N ASN J 55 -23.75 -7.76 43.17
CA ASN J 55 -22.31 -7.90 43.42
C ASN J 55 -21.95 -9.30 43.89
N VAL J 56 -22.93 -10.17 44.12
CA VAL J 56 -22.67 -11.51 44.59
C VAL J 56 -22.68 -12.44 43.39
N HIS J 57 -21.68 -13.31 43.28
CA HIS J 57 -21.48 -14.08 42.06
C HIS J 57 -21.26 -15.54 42.44
N ILE J 58 -22.36 -16.28 42.51
CA ILE J 58 -22.33 -17.65 43.00
C ILE J 58 -22.14 -18.59 41.84
N LYS J 59 -20.88 -18.83 41.47
CA LYS J 59 -20.54 -19.79 40.43
C LYS J 59 -20.57 -21.18 41.02
N ALA J 60 -21.64 -21.92 40.73
CA ALA J 60 -21.75 -23.27 41.24
C ALA J 60 -21.28 -24.24 40.17
N THR J 61 -20.88 -25.44 40.60
CA THR J 61 -20.56 -26.47 39.62
C THR J 61 -20.74 -27.85 40.22
N LEU J 62 -20.80 -28.84 39.33
CA LEU J 62 -20.82 -30.24 39.71
C LEU J 62 -19.58 -30.91 39.15
N LYS J 63 -18.77 -31.48 40.05
CA LYS J 63 -17.72 -32.39 39.63
C LYS J 63 -18.26 -33.81 39.67
N ARG J 64 -18.29 -34.45 38.51
CA ARG J 64 -19.02 -35.71 38.34
C ARG J 64 -18.27 -36.58 37.36
N GLY J 65 -17.65 -37.64 37.87
CA GLY J 65 -16.92 -38.58 37.01
C GLY J 65 -15.71 -37.99 36.33
N GLY J 66 -15.10 -36.98 36.94
CA GLY J 66 -13.99 -36.27 36.33
C GLY J 66 -14.39 -35.17 35.38
N LYS J 67 -15.67 -34.79 35.35
CA LYS J 67 -16.16 -33.76 34.46
C LYS J 67 -16.60 -32.54 35.26
N ASP J 68 -16.83 -31.45 34.53
CA ASP J 68 -17.28 -30.20 35.10
C ASP J 68 -18.64 -29.85 34.53
N TYR J 69 -19.52 -29.30 35.38
CA TYR J 69 -20.83 -28.85 34.94
C TYR J 69 -21.13 -27.51 35.61
N VAL J 70 -20.88 -26.42 34.89
CA VAL J 70 -20.96 -25.07 35.44
C VAL J 70 -22.43 -24.69 35.60
N LEU J 71 -22.74 -23.94 36.66
CA LEU J 71 -24.09 -23.54 36.98
C LEU J 71 -24.11 -22.09 37.44
N PHE J 72 -25.29 -21.48 37.26
CA PHE J 72 -25.74 -20.30 38.00
C PHE J 72 -24.86 -19.07 37.76
N SER J 73 -24.94 -18.51 36.54
CA SER J 73 -23.89 -17.64 36.01
C SER J 73 -23.85 -16.29 36.72
N GLU J 74 -23.37 -16.34 37.96
CA GLU J 74 -22.65 -15.27 38.67
C GLU J 74 -23.37 -13.93 38.69
N ASN J 75 -24.68 -13.99 38.92
CA ASN J 75 -25.38 -12.77 39.29
C ASN J 75 -26.55 -13.13 40.20
N LEU J 76 -26.43 -12.74 41.46
CA LEU J 76 -27.43 -13.11 42.45
C LEU J 76 -28.77 -12.41 42.20
N ALA J 77 -28.74 -11.20 41.65
CA ALA J 77 -29.99 -10.50 41.37
C ALA J 77 -30.75 -11.16 40.23
N LEU J 78 -30.03 -11.76 39.26
CA LEU J 78 -30.65 -12.64 38.29
C LEU J 78 -31.29 -13.83 38.97
N LEU J 79 -30.55 -14.50 39.85
CA LEU J 79 -31.10 -15.68 40.49
C LEU J 79 -32.20 -15.34 41.49
N ALA J 80 -32.20 -14.11 42.00
CA ALA J 80 -33.24 -13.69 42.93
C ALA J 80 -34.55 -13.41 42.21
N LYS J 81 -34.49 -12.70 41.08
CA LYS J 81 -35.70 -12.45 40.33
C LYS J 81 -36.22 -13.72 39.68
N TYR J 82 -35.31 -14.63 39.30
CA TYR J 82 -35.74 -15.84 38.62
C TYR J 82 -36.31 -16.86 39.59
N SER J 83 -35.78 -16.93 40.81
CA SER J 83 -36.39 -17.80 41.81
C SER J 83 -37.64 -17.17 42.38
N THR J 84 -37.55 -15.92 42.82
CA THR J 84 -38.70 -15.19 43.36
C THR J 84 -39.40 -14.39 42.27
N ILE J 85 -39.72 -15.04 41.16
CA ILE J 85 -40.78 -14.52 40.30
C ILE J 85 -42.13 -14.93 40.88
N THR J 86 -42.14 -15.93 41.77
CA THR J 86 -43.34 -16.37 42.46
C THR J 86 -43.26 -16.16 43.97
N GLN J 87 -42.21 -15.52 44.47
CA GLN J 87 -42.04 -15.33 45.91
C GLN J 87 -41.62 -13.89 46.21
N GLY J 88 -41.23 -13.63 47.45
CA GLY J 88 -40.53 -12.41 47.76
C GLY J 88 -41.43 -11.19 47.82
N ARG J 89 -40.89 -10.08 47.26
CA ARG J 89 -41.55 -8.81 46.96
C ARG J 89 -41.85 -7.98 48.22
N ASP J 90 -41.73 -8.59 49.40
CA ASP J 90 -41.81 -7.88 50.67
C ASP J 90 -40.58 -8.09 51.53
N GLN J 91 -40.16 -9.34 51.72
CA GLN J 91 -39.06 -9.68 52.59
C GLN J 91 -37.72 -9.71 51.86
N TRP J 92 -37.74 -9.62 50.55
CA TRP J 92 -36.52 -9.57 49.75
C TRP J 92 -36.21 -8.15 49.30
N GLU J 93 -37.23 -7.31 49.17
CA GLU J 93 -36.98 -5.91 48.84
C GLU J 93 -37.07 -5.02 50.07
N GLU J 94 -37.93 -5.35 51.03
CA GLU J 94 -38.05 -4.52 52.21
C GLU J 94 -37.84 -5.28 53.50
N GLY J 95 -37.53 -6.58 53.41
CA GLY J 95 -36.91 -7.30 54.50
C GLY J 95 -37.82 -7.58 55.68
N VAL J 96 -37.19 -8.13 56.73
CA VAL J 96 -37.83 -8.39 58.02
C VAL J 96 -37.01 -7.66 59.07
N LYS J 97 -37.61 -6.64 59.68
CA LYS J 97 -36.90 -5.88 60.70
C LYS J 97 -36.77 -6.69 61.98
N LEU J 98 -35.53 -6.95 62.40
CA LEU J 98 -35.27 -7.61 63.67
C LEU J 98 -34.98 -6.62 64.79
N ALA J 99 -34.63 -5.39 64.48
CA ALA J 99 -34.31 -4.38 65.48
C ALA J 99 -34.50 -3.00 64.84
N ALA J 100 -33.98 -1.97 65.50
CA ALA J 100 -33.95 -0.66 64.89
C ALA J 100 -32.78 -0.51 63.91
N LYS J 101 -31.83 -1.43 63.94
CA LYS J 101 -30.67 -1.38 63.06
C LYS J 101 -30.31 -2.72 62.46
N GLU J 102 -31.29 -3.56 62.09
CA GLU J 102 -31.02 -4.87 61.54
C GLU J 102 -32.18 -5.29 60.64
N MET J 103 -31.86 -5.97 59.53
CA MET J 103 -32.85 -6.46 58.60
C MET J 103 -32.25 -7.63 57.83
N VAL J 104 -33.09 -8.61 57.49
CA VAL J 104 -32.66 -9.81 56.78
C VAL J 104 -33.37 -9.89 55.44
N HIS J 105 -32.77 -10.64 54.51
CA HIS J 105 -33.27 -10.78 53.15
C HIS J 105 -33.01 -12.20 52.67
N LEU J 106 -34.06 -12.87 52.22
CA LEU J 106 -34.04 -14.32 52.03
C LEU J 106 -34.46 -14.70 50.61
N VAL J 107 -33.69 -15.58 49.97
CA VAL J 107 -34.15 -16.32 48.80
C VAL J 107 -33.77 -17.78 48.96
N TYR J 108 -34.62 -18.64 48.44
CA TYR J 108 -34.31 -20.04 48.21
C TYR J 108 -34.25 -20.28 46.71
N ILE J 109 -33.09 -20.70 46.22
CA ILE J 109 -32.90 -20.84 44.79
C ILE J 109 -32.64 -22.31 44.46
N PRO J 110 -33.65 -23.05 44.04
CA PRO J 110 -33.41 -24.45 43.65
C PRO J 110 -32.72 -24.55 42.31
N PHE J 111 -32.31 -25.77 41.99
CA PHE J 111 -31.42 -26.00 40.85
C PHE J 111 -32.16 -25.83 39.53
N SER J 112 -33.48 -26.06 39.54
CA SER J 112 -34.29 -25.73 38.37
C SER J 112 -35.03 -24.41 38.55
N GLY J 113 -34.84 -23.75 39.69
CA GLY J 113 -35.51 -22.50 39.99
C GLY J 113 -36.96 -22.66 40.40
N ASN J 114 -37.45 -23.90 40.45
CA ASN J 114 -38.87 -24.17 40.65
C ASN J 114 -39.09 -24.65 42.09
N THR J 115 -39.72 -23.79 42.89
CA THR J 115 -40.05 -24.16 44.27
C THR J 115 -41.11 -25.24 44.33
N ASN J 116 -41.94 -25.37 43.29
CA ASN J 116 -43.04 -26.31 43.29
C ASN J 116 -42.68 -27.66 42.67
N TRP J 117 -41.56 -27.76 41.97
CA TRP J 117 -41.14 -29.01 41.33
C TRP J 117 -39.63 -29.00 41.11
N PRO J 118 -38.84 -29.37 42.12
CA PRO J 118 -37.39 -29.31 41.98
C PRO J 118 -36.78 -30.63 41.53
N ALA J 119 -35.46 -30.59 41.31
CA ALA J 119 -34.65 -31.77 41.13
C ALA J 119 -34.19 -32.27 42.50
N HIS J 120 -33.41 -33.37 42.52
CA HIS J 120 -32.82 -33.88 43.76
C HIS J 120 -31.46 -34.50 43.41
N ILE J 121 -30.41 -33.70 43.48
CA ILE J 121 -29.09 -34.16 43.03
C ILE J 121 -28.51 -35.14 44.05
N ASN J 122 -28.17 -36.33 43.57
CA ASN J 122 -27.51 -37.35 44.37
C ASN J 122 -25.99 -37.21 44.29
N LEU J 123 -25.34 -37.68 45.34
CA LEU J 123 -23.89 -37.64 45.43
C LEU J 123 -23.40 -38.98 45.96
N LYS J 124 -22.27 -39.43 45.42
CA LYS J 124 -21.69 -40.73 45.76
C LYS J 124 -20.24 -40.52 46.20
N ASP J 125 -19.51 -41.64 46.31
CA ASP J 125 -18.13 -41.63 46.79
C ASP J 125 -17.15 -41.00 45.81
N ASN J 126 -17.55 -40.76 44.57
CA ASN J 126 -16.65 -40.20 43.57
C ASN J 126 -16.94 -38.77 43.18
N ASP J 127 -18.21 -38.38 43.12
CA ASP J 127 -18.59 -37.03 42.72
C ASP J 127 -18.59 -36.09 43.93
N VAL J 128 -18.62 -34.79 43.64
CA VAL J 128 -18.66 -33.78 44.68
C VAL J 128 -19.33 -32.55 44.09
N LEU J 129 -20.20 -31.92 44.87
CA LEU J 129 -20.84 -30.68 44.48
C LEU J 129 -20.00 -29.53 45.00
N GLU J 130 -19.84 -28.49 44.18
CA GLU J 130 -19.06 -27.32 44.57
C GLU J 130 -19.92 -26.07 44.40
N VAL J 131 -19.76 -25.13 45.33
CA VAL J 131 -20.40 -23.81 45.25
C VAL J 131 -19.35 -22.77 45.59
N TYR J 132 -19.05 -21.89 44.64
CA TYR J 132 -18.04 -20.85 44.82
C TYR J 132 -18.72 -19.50 44.85
N VAL J 133 -18.63 -18.81 45.99
CA VAL J 133 -19.35 -17.56 46.21
C VAL J 133 -18.35 -16.43 46.39
N ASN J 134 -18.57 -15.32 45.70
CA ASN J 134 -17.79 -14.11 45.91
C ASN J 134 -18.69 -12.99 46.39
N VAL J 135 -18.10 -12.04 47.11
CA VAL J 135 -18.71 -10.75 47.40
C VAL J 135 -17.65 -9.69 47.09
N VAL J 136 -17.98 -8.75 46.22
CA VAL J 136 -16.99 -7.81 45.71
C VAL J 136 -17.35 -6.38 46.06
N ARG J 137 -16.55 -5.44 45.56
CA ARG J 137 -16.58 -4.04 45.97
C ARG J 137 -17.89 -3.37 45.58
N GLY J 138 -18.36 -2.48 46.44
CA GLY J 138 -19.59 -1.73 46.18
C GLY J 138 -20.84 -2.53 46.47
N ALA J 139 -20.81 -3.38 47.49
CA ALA J 139 -21.92 -4.30 47.75
C ALA J 139 -22.92 -3.78 48.76
N TYR J 140 -22.55 -2.84 49.62
CA TYR J 140 -23.44 -2.42 50.70
C TYR J 140 -23.66 -0.93 50.75
N GLY J 141 -22.92 -0.14 49.99
CA GLY J 141 -23.16 1.28 49.89
C GLY J 141 -22.75 2.08 51.11
N ALA J 142 -23.52 3.13 51.41
CA ALA J 142 -23.14 4.10 52.42
C ALA J 142 -23.58 3.72 53.83
N GLU J 143 -24.87 3.50 54.03
CA GLU J 143 -25.42 3.41 55.38
C GLU J 143 -25.38 2.00 55.97
N LEU J 144 -24.53 1.12 55.45
CA LEU J 144 -24.41 -0.22 55.98
C LEU J 144 -22.97 -0.49 56.42
N ASP J 145 -22.75 -1.68 56.96
CA ASP J 145 -21.44 -2.00 57.51
C ASP J 145 -20.80 -3.13 56.70
N ALA J 146 -19.49 -3.30 56.86
CA ALA J 146 -18.73 -4.30 56.12
C ALA J 146 -18.66 -5.65 56.82
N ASN J 147 -19.60 -5.96 57.70
CA ASN J 147 -19.59 -7.25 58.40
C ASN J 147 -20.90 -8.00 58.29
N ALA J 148 -21.46 -8.09 57.08
CA ALA J 148 -22.68 -8.83 56.85
C ALA J 148 -22.38 -10.33 56.75
N CYS J 149 -23.44 -11.14 56.79
CA CYS J 149 -23.32 -12.59 56.76
C CYS J 149 -24.38 -13.17 55.84
N ILE J 150 -23.96 -14.13 55.01
CA ILE J 150 -24.90 -14.83 54.12
C ILE J 150 -24.89 -16.31 54.45
N CYS J 151 -25.86 -17.04 53.90
CA CYS J 151 -26.03 -18.45 54.20
C CYS J 151 -25.37 -19.33 53.15
N ASP J 152 -25.68 -20.62 53.23
CA ASP J 152 -25.00 -21.68 52.51
C ASP J 152 -26.01 -22.54 51.75
N VAL J 153 -25.53 -23.69 51.27
CA VAL J 153 -26.35 -24.59 50.47
C VAL J 153 -27.39 -25.26 51.36
N ARG J 154 -28.61 -25.38 50.85
CA ARG J 154 -29.60 -26.23 51.48
C ARG J 154 -29.55 -27.64 50.91
N THR J 155 -29.94 -28.60 51.74
CA THR J 155 -30.17 -29.95 51.27
C THR J 155 -31.64 -30.12 50.96
N SER J 156 -32.03 -31.36 50.67
CA SER J 156 -33.40 -31.68 50.33
C SER J 156 -33.83 -32.89 51.14
N PRO J 157 -35.14 -33.15 51.22
CA PRO J 157 -35.57 -34.50 51.61
C PRO J 157 -35.11 -35.51 50.58
N SER J 158 -34.82 -36.73 51.05
CA SER J 158 -34.20 -37.72 50.18
C SER J 158 -35.24 -38.24 49.19
N ILE J 159 -35.45 -37.47 48.12
CA ILE J 159 -36.29 -37.86 47.01
C ILE J 159 -35.31 -37.95 45.85
N GLY J 160 -34.09 -38.38 46.17
CA GLY J 160 -33.00 -38.43 45.22
C GLY J 160 -33.08 -39.55 44.22
N VAL J 161 -34.12 -39.51 43.38
CA VAL J 161 -34.39 -40.53 42.39
C VAL J 161 -34.19 -39.88 41.04
N GLU J 162 -33.17 -39.02 40.99
CA GLU J 162 -33.01 -38.01 39.96
C GLU J 162 -32.81 -38.61 38.57
N LYS J 163 -33.42 -37.97 37.58
CA LYS J 163 -33.35 -38.41 36.19
C LYS J 163 -32.31 -37.66 35.38
N PHE J 164 -31.87 -36.49 35.84
CA PHE J 164 -31.13 -35.58 34.98
C PHE J 164 -30.12 -34.77 35.79
N ILE J 165 -29.61 -33.71 35.16
CA ILE J 165 -28.71 -32.72 35.75
C ILE J 165 -29.18 -31.34 35.29
N PRO J 166 -29.77 -30.54 36.17
CA PRO J 166 -30.36 -29.26 35.72
C PRO J 166 -29.32 -28.15 35.59
N PHE J 167 -29.41 -27.42 34.48
CA PHE J 167 -28.59 -26.24 34.23
C PHE J 167 -29.47 -24.99 34.25
N MET J 168 -28.80 -23.83 34.22
CA MET J 168 -29.50 -22.56 34.28
C MET J 168 -28.61 -21.48 33.69
N THR J 169 -29.20 -20.62 32.86
CA THR J 169 -28.42 -19.55 32.24
C THR J 169 -29.33 -18.38 31.89
N SER J 170 -28.71 -17.21 31.74
CA SER J 170 -29.38 -16.00 31.34
C SER J 170 -28.92 -15.60 29.94
N TYR J 171 -29.42 -14.46 29.46
CA TYR J 171 -28.94 -13.91 28.20
C TYR J 171 -28.49 -12.46 28.32
N SER J 172 -29.20 -11.64 29.12
CA SER J 172 -28.87 -10.23 29.38
C SER J 172 -28.83 -9.41 28.10
N ILE J 173 -29.99 -9.19 27.48
CA ILE J 173 -30.09 -8.52 26.18
C ILE J 173 -29.61 -7.06 26.29
N ARG J 174 -29.37 -6.45 25.13
CA ARG J 174 -28.70 -5.16 25.01
C ARG J 174 -29.55 -4.01 25.55
N ALA J 175 -29.00 -2.81 25.42
CA ALA J 175 -29.65 -1.62 25.95
C ALA J 175 -30.87 -1.24 25.11
N ASN J 176 -30.64 -0.95 23.84
CA ASN J 176 -31.71 -0.48 22.97
C ASN J 176 -31.89 -1.42 21.78
N GLN J 177 -31.84 -2.72 22.04
CA GLN J 177 -32.05 -3.70 20.99
C GLN J 177 -33.49 -4.16 20.95
N ALA J 178 -34.15 -3.95 19.82
CA ALA J 178 -35.52 -4.41 19.63
C ALA J 178 -35.58 -5.84 19.14
N THR J 179 -35.04 -6.11 17.96
CA THR J 179 -35.13 -7.42 17.33
C THR J 179 -34.02 -8.31 17.88
N ASP J 180 -34.39 -9.50 18.34
CA ASP J 180 -33.38 -10.46 18.75
C ASP J 180 -33.94 -11.87 18.64
N LEU J 181 -33.52 -12.59 17.61
CA LEU J 181 -33.78 -14.02 17.47
C LEU J 181 -32.80 -14.75 18.36
N VAL J 182 -33.26 -15.17 19.54
CA VAL J 182 -32.41 -15.85 20.50
C VAL J 182 -32.66 -17.34 20.34
N ASN J 183 -31.82 -17.99 19.52
CA ASN J 183 -31.87 -19.43 19.37
C ASN J 183 -31.24 -20.10 20.58
N LEU J 184 -31.97 -21.02 21.20
CA LEU J 184 -31.54 -21.55 22.49
C LEU J 184 -31.34 -23.06 22.41
N GLY J 185 -31.10 -23.68 23.57
CA GLY J 185 -30.59 -25.03 23.65
C GLY J 185 -31.58 -26.12 23.31
N ASN J 186 -31.23 -27.35 23.70
CA ASN J 186 -32.01 -28.50 23.26
C ASN J 186 -33.27 -28.66 24.09
N ASP J 187 -33.12 -28.96 25.38
CA ASP J 187 -34.26 -29.34 26.21
C ASP J 187 -34.34 -28.35 27.38
N VAL J 188 -35.16 -27.32 27.22
CA VAL J 188 -35.04 -26.10 28.01
C VAL J 188 -36.04 -26.07 29.18
N THR J 189 -37.30 -26.46 28.94
CA THR J 189 -38.35 -26.78 29.92
C THR J 189 -38.89 -25.57 30.68
N ARG J 190 -38.14 -24.46 30.73
CA ARG J 190 -38.54 -23.26 31.45
C ARG J 190 -37.82 -22.04 30.89
N ILE J 191 -38.59 -21.01 30.60
CA ILE J 191 -38.11 -19.75 30.04
C ILE J 191 -38.82 -18.62 30.77
N ALA J 192 -38.09 -17.56 31.11
CA ALA J 192 -38.75 -16.43 31.75
C ALA J 192 -38.14 -15.14 31.23
N LEU J 193 -38.96 -14.09 31.22
CA LEU J 193 -38.50 -12.75 30.89
C LEU J 193 -38.54 -11.90 32.15
N LEU J 194 -37.36 -11.60 32.69
CA LEU J 194 -37.21 -10.81 33.89
C LEU J 194 -36.97 -9.35 33.52
N SER J 195 -37.13 -8.49 34.52
CA SER J 195 -36.85 -7.07 34.39
C SER J 195 -36.58 -6.48 35.77
N MET J 196 -35.90 -5.33 35.78
CA MET J 196 -35.45 -4.70 37.01
C MET J 196 -35.69 -3.20 36.96
N THR J 197 -36.52 -2.73 36.04
CA THR J 197 -36.66 -1.29 35.85
C THR J 197 -38.07 -0.84 36.14
N ASN J 198 -38.16 0.29 36.86
CA ASN J 198 -39.41 1.04 37.10
C ASN J 198 -39.00 2.52 37.21
N ASP J 199 -39.08 3.25 36.09
CA ASP J 199 -38.79 4.67 36.16
C ASP J 199 -40.06 5.49 36.24
N VAL J 200 -41.16 4.94 35.76
CA VAL J 200 -42.45 5.63 35.69
C VAL J 200 -43.46 4.73 36.40
N SER J 201 -44.74 5.10 36.32
CA SER J 201 -45.82 4.25 36.76
C SER J 201 -45.78 2.91 36.03
N ASN J 202 -46.28 1.86 36.70
CA ASN J 202 -46.05 0.47 36.28
C ASN J 202 -46.84 0.17 35.02
N ILE J 203 -46.25 0.60 33.90
CA ILE J 203 -46.69 0.26 32.56
C ILE J 203 -45.60 -0.58 31.94
N PRO J 204 -45.92 -1.67 31.23
CA PRO J 204 -44.86 -2.56 30.71
C PRO J 204 -43.89 -1.93 29.71
N ASN J 205 -44.39 -1.29 28.65
CA ASN J 205 -43.66 -0.37 27.78
C ASN J 205 -42.52 -0.97 26.96
N ALA J 206 -42.22 -2.26 27.15
CA ALA J 206 -41.04 -2.87 26.56
C ALA J 206 -41.38 -4.06 25.67
N PHE J 207 -42.26 -4.93 26.14
CA PHE J 207 -42.64 -6.13 25.41
C PHE J 207 -43.66 -5.78 24.34
N THR J 208 -43.44 -6.24 23.11
CA THR J 208 -44.46 -6.11 22.08
C THR J 208 -44.66 -7.36 21.26
N ASP J 209 -43.68 -8.25 21.19
CA ASP J 209 -43.83 -9.45 20.37
C ASP J 209 -42.87 -10.50 20.87
N VAL J 210 -43.41 -11.62 21.34
CA VAL J 210 -42.59 -12.74 21.77
C VAL J 210 -43.01 -13.95 20.96
N THR J 211 -42.11 -14.45 20.12
CA THR J 211 -42.40 -15.60 19.28
C THR J 211 -41.67 -16.79 19.86
N LEU J 212 -42.39 -17.62 20.61
CA LEU J 212 -41.80 -18.84 21.15
C LEU J 212 -42.05 -19.96 20.17
N SER J 213 -41.03 -20.29 19.38
CA SER J 213 -41.13 -21.39 18.43
C SER J 213 -40.46 -22.62 19.01
N SER J 214 -41.14 -23.75 18.90
CA SER J 214 -40.63 -24.96 19.52
C SER J 214 -41.07 -26.16 18.69
N ASP J 215 -40.82 -27.36 19.22
CA ASP J 215 -41.34 -28.58 18.61
C ASP J 215 -42.73 -28.89 19.14
N ARG J 216 -42.97 -28.58 20.41
CA ARG J 216 -44.23 -28.92 21.08
C ARG J 216 -45.22 -27.78 21.07
N LEU J 217 -44.82 -26.58 20.66
CA LEU J 217 -45.73 -25.49 20.44
C LEU J 217 -45.11 -24.51 19.44
N ASP J 218 -45.92 -23.55 19.03
CA ASP J 218 -45.49 -22.40 18.25
C ASP J 218 -46.45 -21.27 18.56
N LYS J 219 -46.05 -20.39 19.49
CA LYS J 219 -46.98 -19.42 20.05
C LYS J 219 -46.45 -18.01 19.83
N ASN J 220 -47.30 -17.16 19.26
CA ASN J 220 -47.04 -15.73 19.14
C ASN J 220 -47.70 -15.02 20.32
N PHE J 221 -46.99 -14.07 20.90
CA PHE J 221 -47.43 -13.38 22.10
C PHE J 221 -47.46 -11.88 21.86
N ASN J 222 -48.63 -11.28 22.08
CA ASN J 222 -48.78 -9.84 22.06
C ASN J 222 -48.50 -9.29 23.46
N SER J 223 -48.46 -7.95 23.55
CA SER J 223 -48.15 -7.24 24.78
C SER J 223 -49.14 -7.55 25.89
N ASN J 224 -50.43 -7.69 25.53
CA ASN J 224 -51.42 -7.98 26.57
C ASN J 224 -51.45 -9.47 26.88
N GLN J 225 -51.15 -10.31 25.88
CA GLN J 225 -51.22 -11.75 26.09
C GLN J 225 -50.10 -12.24 26.99
N LEU J 226 -48.98 -11.51 27.04
CA LEU J 226 -47.97 -11.80 28.04
C LEU J 226 -48.47 -11.49 29.45
N ILE J 227 -49.22 -10.39 29.60
CA ILE J 227 -49.74 -10.00 30.89
C ILE J 227 -50.76 -11.02 31.38
N LEU J 228 -51.49 -11.66 30.46
CA LEU J 228 -52.29 -12.82 30.82
C LEU J 228 -51.40 -13.98 31.24
N GLU J 229 -50.30 -14.19 30.52
CA GLU J 229 -49.48 -15.38 30.71
C GLU J 229 -48.78 -15.38 32.07
N HIS J 230 -48.45 -14.20 32.59
CA HIS J 230 -47.69 -14.15 33.83
C HIS J 230 -48.57 -14.48 35.04
N SER J 231 -49.87 -14.26 34.94
CA SER J 231 -50.78 -14.61 36.03
C SER J 231 -51.41 -15.98 35.84
N LYS J 232 -50.84 -16.84 35.00
CA LYS J 232 -51.32 -18.22 34.86
C LYS J 232 -50.76 -19.15 35.93
N CYS J 233 -49.92 -18.66 36.82
CA CYS J 233 -49.39 -19.46 37.92
C CYS J 233 -49.60 -18.82 39.27
N ILE J 234 -49.69 -17.49 39.29
CA ILE J 234 -50.04 -16.72 40.47
C ILE J 234 -51.56 -16.65 40.57
N GLU J 235 -52.15 -17.34 41.55
CA GLU J 235 -53.59 -17.24 41.72
C GLU J 235 -53.97 -16.12 42.68
N ASP J 236 -53.00 -15.32 43.11
CA ASP J 236 -53.31 -14.12 43.88
C ASP J 236 -54.02 -13.11 42.99
N SER J 237 -54.75 -12.18 43.61
CA SER J 237 -55.51 -11.19 42.86
C SER J 237 -54.61 -10.21 42.12
N VAL J 238 -53.41 -9.97 42.65
CA VAL J 238 -52.41 -9.21 41.89
C VAL J 238 -51.88 -10.11 40.77
N ARG J 239 -51.49 -9.48 39.65
CA ARG J 239 -51.12 -10.27 38.48
C ARG J 239 -49.65 -10.63 38.45
N SER J 240 -48.87 -10.22 39.45
CA SER J 240 -47.43 -10.44 39.41
C SER J 240 -46.86 -10.43 40.82
N HIS J 241 -45.73 -11.09 41.00
CA HIS J 241 -45.01 -11.18 42.26
C HIS J 241 -43.60 -10.65 42.13
N ALA J 242 -43.43 -9.58 41.36
CA ALA J 242 -42.15 -8.91 41.14
C ALA J 242 -42.46 -7.50 40.65
N ASN J 243 -41.46 -6.85 40.05
CA ASN J 243 -41.71 -5.65 39.27
C ASN J 243 -42.62 -5.97 38.10
N GLU J 244 -43.77 -5.27 38.04
CA GLU J 244 -44.86 -5.66 37.14
C GLU J 244 -44.62 -5.24 35.69
N VAL J 245 -43.49 -5.70 35.16
CA VAL J 245 -43.14 -5.51 33.75
C VAL J 245 -42.65 -6.83 33.19
N ASP J 246 -42.94 -7.92 33.89
CA ASP J 246 -42.31 -9.20 33.60
C ASP J 246 -43.21 -10.10 32.75
N SER J 247 -42.69 -11.29 32.46
CA SER J 247 -43.51 -12.38 31.95
C SER J 247 -42.79 -13.69 32.29
N TYR J 248 -43.52 -14.78 32.18
CA TYR J 248 -43.05 -16.07 32.69
C TYR J 248 -43.63 -17.19 31.87
N LEU J 249 -42.85 -18.26 31.70
CA LEU J 249 -43.23 -19.40 30.85
C LEU J 249 -42.66 -20.69 31.45
N ILE J 250 -43.45 -21.35 32.29
CA ILE J 250 -43.06 -22.66 32.79
C ILE J 250 -43.67 -23.74 31.92
N HIS J 251 -42.89 -24.77 31.60
CA HIS J 251 -43.32 -25.76 30.64
C HIS J 251 -42.87 -27.13 31.13
N GLU J 252 -42.94 -28.12 30.23
CA GLU J 252 -42.57 -29.50 30.50
C GLU J 252 -41.85 -30.05 29.26
N ASP J 253 -40.52 -29.96 29.27
CA ASP J 253 -39.62 -30.59 28.30
C ASP J 253 -39.88 -30.11 26.86
N ILE J 254 -39.62 -28.82 26.66
CA ILE J 254 -39.61 -28.25 25.32
C ILE J 254 -38.43 -28.84 24.54
N GLU J 255 -38.71 -29.39 23.37
CA GLU J 255 -37.75 -30.26 22.71
C GLU J 255 -36.72 -29.51 21.87
N ILE J 256 -37.02 -28.28 21.45
CA ILE J 256 -36.04 -27.33 20.90
C ILE J 256 -36.71 -25.96 21.01
N ASP J 257 -35.93 -24.88 20.98
CA ASP J 257 -36.56 -23.58 21.06
C ASP J 257 -35.78 -22.52 20.30
N SER J 258 -36.53 -21.59 19.73
CA SER J 258 -36.00 -20.29 19.29
C SER J 258 -36.98 -19.25 19.79
N ALA J 259 -36.50 -18.36 20.66
CA ALA J 259 -37.30 -17.27 21.18
C ALA J 259 -37.01 -16.04 20.33
N LYS J 260 -37.83 -15.83 19.31
CA LYS J 260 -37.73 -14.61 18.51
C LYS J 260 -38.34 -13.49 19.34
N VAL J 261 -37.50 -12.88 20.16
CA VAL J 261 -37.95 -11.83 21.07
C VAL J 261 -37.89 -10.50 20.33
N HIS J 262 -38.92 -9.67 20.51
CA HIS J 262 -39.03 -8.42 19.76
C HIS J 262 -39.58 -7.35 20.70
N LEU J 263 -38.83 -6.26 20.84
CA LEU J 263 -39.06 -5.25 21.86
C LEU J 263 -39.46 -3.92 21.21
N LYS J 264 -39.87 -2.96 22.05
CA LYS J 264 -40.50 -1.77 21.50
C LYS J 264 -39.50 -0.71 21.06
N MET J 265 -38.80 -0.09 22.00
CA MET J 265 -38.44 1.29 21.75
C MET J 265 -37.41 1.78 22.77
N ASN J 266 -37.15 3.08 22.81
CA ASN J 266 -36.39 3.85 23.80
C ASN J 266 -36.62 3.50 25.28
N PRO J 267 -37.86 3.13 25.76
CA PRO J 267 -37.93 2.68 27.17
C PRO J 267 -37.23 1.37 27.49
N ALA J 268 -36.72 0.65 26.51
CA ALA J 268 -35.77 -0.43 26.79
C ALA J 268 -34.51 0.19 27.37
N LYS J 269 -34.29 -0.01 28.68
CA LYS J 269 -33.32 0.78 29.40
C LYS J 269 -31.89 0.34 29.13
N ILE J 270 -30.97 1.14 29.64
CA ILE J 270 -29.55 0.94 29.42
C ILE J 270 -28.92 0.52 30.74
N ARG J 271 -27.62 0.25 30.70
CA ARG J 271 -26.77 0.03 31.88
C ARG J 271 -27.20 -1.21 32.64
N GLU J 272 -27.63 -2.22 31.87
CA GLU J 272 -28.20 -3.49 32.37
C GLU J 272 -29.35 -3.26 33.35
N ASN J 273 -30.21 -2.28 33.05
CA ASN J 273 -31.48 -2.09 33.72
C ASN J 273 -32.60 -2.71 32.90
N THR J 274 -32.34 -3.85 32.28
CA THR J 274 -33.10 -4.25 31.12
C THR J 274 -33.59 -5.69 31.22
N ILE J 275 -34.19 -6.14 30.13
CA ILE J 275 -34.89 -7.40 30.04
C ILE J 275 -33.87 -8.54 30.06
N TYR J 276 -34.15 -9.57 30.85
CA TYR J 276 -33.24 -10.68 31.04
C TYR J 276 -33.97 -11.96 30.66
N LEU J 277 -33.62 -12.51 29.50
CA LEU J 277 -34.14 -13.80 29.06
C LEU J 277 -33.41 -14.89 29.80
N VAL J 278 -34.06 -15.49 30.81
CA VAL J 278 -33.42 -16.43 31.71
C VAL J 278 -34.12 -17.76 31.61
N ARG J 279 -33.37 -18.81 31.27
CA ARG J 279 -33.91 -20.14 31.08
C ARG J 279 -33.21 -21.12 32.00
N SER J 280 -33.82 -22.28 32.21
CA SER J 280 -33.24 -23.31 33.09
C SER J 280 -33.35 -24.69 32.44
N HIS J 281 -32.36 -25.05 31.63
CA HIS J 281 -32.40 -26.27 30.86
C HIS J 281 -31.82 -27.41 31.68
N PHE J 282 -31.53 -28.55 31.03
CA PHE J 282 -30.84 -29.64 31.71
C PHE J 282 -30.14 -30.51 30.68
N GLN J 283 -29.28 -31.39 31.19
CA GLN J 283 -28.76 -32.52 30.44
C GLN J 283 -29.08 -33.78 31.22
N THR J 284 -28.90 -34.94 30.60
CA THR J 284 -29.19 -36.21 31.26
C THR J 284 -28.47 -37.34 30.53
N SER J 285 -28.67 -38.55 31.04
CA SER J 285 -28.07 -39.73 30.43
C SER J 285 -28.84 -40.98 30.84
N LEU J 286 -28.58 -42.06 30.11
CA LEU J 286 -29.28 -43.33 30.34
C LEU J 286 -28.86 -43.99 31.64
N GLU J 287 -27.59 -43.84 32.02
CA GLU J 287 -27.15 -44.44 33.27
C GLU J 287 -27.70 -43.67 34.48
N ILE J 288 -27.95 -42.37 34.33
CA ILE J 288 -28.63 -41.63 35.38
C ILE J 288 -30.10 -42.05 35.45
N LEU J 289 -30.68 -42.43 34.31
CA LEU J 289 -31.99 -43.08 34.34
C LEU J 289 -31.95 -44.43 35.05
N GLN J 290 -30.83 -45.15 34.93
CA GLN J 290 -30.67 -46.41 35.67
C GLN J 290 -30.55 -46.16 37.16
N LYS J 291 -29.86 -45.09 37.55
CA LYS J 291 -29.77 -44.71 38.96
C LYS J 291 -31.13 -44.30 39.49
N ALA J 292 -31.96 -43.68 38.63
CA ALA J 292 -33.30 -43.30 39.03
C ALA J 292 -34.18 -44.51 39.29
N VAL J 293 -34.09 -45.53 38.41
CA VAL J 293 -34.87 -46.76 38.59
C VAL J 293 -34.42 -47.50 39.85
N ALA J 294 -33.10 -47.59 40.06
CA ALA J 294 -32.58 -48.32 41.21
C ALA J 294 -32.91 -47.63 42.53
N MET J 295 -32.82 -46.30 42.57
CA MET J 295 -33.09 -45.59 43.81
C MET J 295 -34.58 -45.57 44.13
N GLU J 296 -35.43 -45.49 43.10
CA GLU J 296 -36.86 -45.68 43.30
C GLU J 296 -37.16 -47.06 43.87
N GLU J 297 -36.45 -48.09 43.40
CA GLU J 297 -36.60 -49.42 43.98
C GLU J 297 -36.08 -49.48 45.42
N LYS J 298 -35.09 -48.65 45.75
CA LYS J 298 -34.55 -48.63 47.11
C LYS J 298 -35.57 -48.07 48.10
N HIS J 299 -36.14 -46.90 47.79
CA HIS J 299 -37.11 -46.30 48.71
C HIS J 299 -38.41 -47.08 48.73
N GLN J 300 -38.79 -47.68 47.59
CA GLN J 300 -39.99 -48.51 47.56
C GLN J 300 -39.83 -49.76 48.40
N SER J 301 -38.71 -50.47 48.25
CA SER J 301 -38.49 -51.68 49.04
C SER J 301 -38.31 -51.37 50.52
N ALA J 302 -37.79 -50.16 50.82
CA ALA J 302 -37.66 -49.75 52.21
C ALA J 302 -39.03 -49.55 52.88
N ASP J 303 -39.88 -48.71 52.29
CA ASP J 303 -41.15 -48.41 52.95
C ASP J 303 -42.20 -49.49 52.71
N ILE J 304 -41.88 -50.54 51.94
CA ILE J 304 -42.74 -51.70 51.92
C ILE J 304 -42.27 -52.76 52.92
N ALA J 305 -40.96 -52.89 53.12
CA ALA J 305 -40.47 -53.87 54.10
C ALA J 305 -40.67 -53.37 55.52
N LYS J 306 -40.77 -52.06 55.73
CA LYS J 306 -40.82 -51.49 57.08
C LYS J 306 -42.22 -51.08 57.52
N VAL J 307 -43.26 -51.80 57.08
CA VAL J 307 -44.63 -51.51 57.52
C VAL J 307 -45.31 -52.80 57.97
N PRO J 308 -45.00 -53.30 59.20
CA PRO J 308 -45.38 -54.67 59.56
C PRO J 308 -46.86 -54.99 59.71
N ALA J 309 -47.59 -54.28 60.59
CA ALA J 309 -48.95 -54.67 60.94
C ALA J 309 -49.62 -53.52 61.68
N THR J 310 -50.90 -53.75 62.02
CA THR J 310 -51.78 -52.82 62.73
C THR J 310 -51.87 -51.45 62.09
#